data_7OMI
#
_entry.id   7OMI
#
_cell.length_a   69.452
_cell.length_b   104.426
_cell.length_c   170.781
_cell.angle_alpha   92.292
_cell.angle_beta   97.351
_cell.angle_gamma   106.554
#
_symmetry.space_group_name_H-M   'P 1'
#
loop_
_entity.id
_entity.type
_entity.pdbx_description
1 polymer 'Glyco_hydro_42M domain-containing protein'
2 non-polymer 1,2-ETHANEDIOL
3 non-polymer 'CHLORIDE ION'
4 non-polymer 'L(+)-TARTARIC ACID'
5 non-polymer (1R,2S,4S,5R)-6-(hydroxymethyl)cyclohexane-1,2,3,4,5-pentol
6 water water
#
_entity_poly.entity_id   1
_entity_poly.type   'polypeptide(L)'
_entity_poly.pdbx_seq_one_letter_code
;MGSSHHHHHHSSGLEVLFQGPAERISKQSTPFVGAQIFIEPGQTQEQIEQWFKLLAESNMTTCRIRMFGKYMKTPSGTYD
FTLFDRAFKLADKYHIKVYATLFPDTEFTDVGGFKFPHSREHQKEVEDYIKNVVSHFSQYKNLAAWVLINEPGTPNLPFN
EPFTKERFSDWKKEHNFSEYNEKGYPVLNFEKENFIIDYHNWYLNWLANQVRLYDKQHDLHVNPHNVFKLSGLYDFPTWR
TFLNSLGGSAHASWHFGYFPRKAYTVAMSANAELIRSGAGELPWLMTELQGGNNLYSGANPLCPTAEEIIQWLWINFATE
AKGGIFWSFNARSTAAEAGEWAMINFKNKSSDRLIAAATIGKFITENVKMMSNIKTLNSGISILYNHESMWVEAAQTRGK
LNGNGRSIGAVMCSPLSYFEALSETGLQANFKEIKEFDFSLNDYTDQVIILSHQIALDNKVIKQLESFVEKGGTLIADGL
TGYYDYQAHSTVVSGFALENLFGSYPIEYKIKENLFSLDFEKDNYKLPAHLWKGTIETSKATPIMDKEGECIACINQYGK
GKVFWIPSPIALGARESKDFSELSKLTVSLLPNKILNDNPHFDKHYKDVMMKSFKSNGTMYSLIINKSASVQTVDIVGGK
GKAFILFANKNAHSTANKLTISPEETVIIKWKNN
;
_entity_poly.pdbx_strand_id   AAA,BBB,CCC,DDD,EEE,FFF
#
loop_
_chem_comp.id
_chem_comp.type
_chem_comp.name
_chem_comp.formula
CL non-polymer 'CHLORIDE ION' 'Cl -1'
EDO non-polymer 1,2-ETHANEDIOL 'C2 H6 O2'
TLA non-polymer 'L(+)-TARTARIC ACID' 'C4 H6 O6'
VKN saccharide (1R,2S,4S,5R)-6-(hydroxymethyl)cyclohexane-1,2,3,4,5-pentol 'C7 H14 O6'
#
# COMPACT_ATOMS: atom_id res chain seq x y z
N SER A 12 -22.25 -66.38 -43.59
CA SER A 12 -22.84 -67.12 -42.44
C SER A 12 -22.36 -68.58 -42.45
N GLY A 13 -23.11 -69.52 -43.06
CA GLY A 13 -22.70 -70.94 -43.31
C GLY A 13 -21.82 -71.07 -44.56
N LEU A 14 -21.74 -70.00 -45.37
CA LEU A 14 -20.82 -69.77 -46.52
C LEU A 14 -19.40 -69.44 -46.02
N GLU A 15 -19.29 -68.69 -44.90
CA GLU A 15 -18.00 -68.36 -44.23
C GLU A 15 -17.37 -69.64 -43.67
N VAL A 16 -18.18 -70.66 -43.33
CA VAL A 16 -17.71 -71.88 -42.60
C VAL A 16 -17.20 -72.91 -43.62
N LEU A 17 -17.75 -72.89 -44.87
CA LEU A 17 -17.24 -73.66 -46.04
C LEU A 17 -15.91 -73.05 -46.52
N PHE A 18 -15.84 -71.72 -46.60
CA PHE A 18 -14.58 -70.97 -46.86
C PHE A 18 -13.55 -71.32 -45.77
N GLN A 19 -13.96 -71.29 -44.50
CA GLN A 19 -13.08 -71.46 -43.32
C GLN A 19 -12.28 -72.76 -43.49
N GLY A 20 -12.95 -73.84 -43.91
CA GLY A 20 -12.32 -75.13 -44.24
C GLY A 20 -11.60 -75.73 -43.03
N PRO A 21 -10.40 -76.36 -43.21
CA PRO A 21 -9.68 -76.94 -42.09
C PRO A 21 -9.12 -75.88 -41.11
N ALA A 22 -8.79 -74.68 -41.62
CA ALA A 22 -8.08 -73.61 -40.89
C ALA A 22 -8.91 -73.15 -39.68
N GLU A 23 -8.28 -72.97 -38.51
CA GLU A 23 -8.91 -72.31 -37.34
C GLU A 23 -9.29 -70.87 -37.75
N ARG A 24 -10.48 -70.43 -37.35
CA ARG A 24 -10.93 -69.01 -37.47
C ARG A 24 -11.02 -68.49 -36.05
N ILE A 25 -10.25 -67.46 -35.70
CA ILE A 25 -10.26 -66.90 -34.33
C ILE A 25 -11.65 -66.29 -34.12
N SER A 26 -12.13 -66.32 -32.88
CA SER A 26 -13.41 -65.69 -32.48
C SER A 26 -13.27 -65.15 -31.06
N LYS A 27 -14.29 -64.44 -30.57
CA LYS A 27 -14.34 -63.90 -29.19
C LYS A 27 -14.46 -65.05 -28.16
N GLN A 28 -14.67 -66.30 -28.61
CA GLN A 28 -14.77 -67.51 -27.74
C GLN A 28 -13.51 -68.38 -27.83
N SER A 29 -12.49 -67.98 -28.60
CA SER A 29 -11.23 -68.77 -28.74
C SER A 29 -10.53 -68.85 -27.37
N THR A 30 -9.83 -69.95 -27.13
CA THR A 30 -8.93 -70.11 -25.96
C THR A 30 -7.73 -69.20 -26.20
N PRO A 31 -7.39 -68.28 -25.28
CA PRO A 31 -6.20 -67.46 -25.45
C PRO A 31 -4.93 -68.33 -25.42
N PHE A 32 -3.89 -67.91 -26.14
CA PHE A 32 -2.58 -68.58 -26.17
C PHE A 32 -1.48 -67.63 -25.69
N VAL A 33 -0.41 -68.22 -25.18
CA VAL A 33 0.91 -67.57 -25.01
C VAL A 33 1.82 -68.09 -26.13
N GLY A 34 2.58 -67.21 -26.77
CA GLY A 34 3.43 -67.56 -27.91
C GLY A 34 4.66 -66.69 -28.00
N ALA A 35 5.50 -66.94 -28.99
CA ALA A 35 6.75 -66.18 -29.19
C ALA A 35 7.18 -66.22 -30.65
N GLN A 36 7.85 -65.16 -31.10
CA GLN A 36 8.53 -65.13 -32.41
C GLN A 36 9.54 -66.28 -32.45
N ILE A 37 9.58 -67.01 -33.54
CA ILE A 37 10.72 -67.92 -33.86
C ILE A 37 11.49 -67.23 -34.99
N PHE A 38 12.70 -66.78 -34.68
CA PHE A 38 13.49 -65.97 -35.64
C PHE A 38 14.31 -66.94 -36.50
N ILE A 39 13.95 -66.98 -37.78
CA ILE A 39 14.57 -67.87 -38.79
C ILE A 39 15.42 -67.04 -39.74
N GLU A 40 16.70 -67.40 -39.83
CA GLU A 40 17.64 -66.81 -40.81
C GLU A 40 18.62 -67.91 -41.23
N PRO A 41 19.32 -67.74 -42.37
CA PRO A 41 20.29 -68.72 -42.82
C PRO A 41 21.41 -68.89 -41.79
N GLY A 42 21.97 -70.10 -41.71
CA GLY A 42 23.12 -70.44 -40.86
C GLY A 42 22.72 -71.22 -39.63
N GLN A 43 21.47 -71.12 -39.19
CA GLN A 43 20.92 -71.92 -38.08
C GLN A 43 20.91 -73.40 -38.47
N THR A 44 21.09 -74.32 -37.51
CA THR A 44 21.07 -75.78 -37.76
C THR A 44 19.66 -76.35 -37.46
N GLN A 45 19.33 -77.47 -38.11
CA GLN A 45 18.12 -78.28 -37.80
C GLN A 45 18.02 -78.53 -36.29
N GLU A 46 19.12 -78.92 -35.66
CA GLU A 46 19.18 -79.32 -34.23
C GLU A 46 18.80 -78.11 -33.36
N GLN A 47 19.36 -76.93 -33.65
CA GLN A 47 19.06 -75.69 -32.90
C GLN A 47 17.55 -75.40 -33.00
N ILE A 48 17.00 -75.45 -34.22
CA ILE A 48 15.58 -75.04 -34.49
C ILE A 48 14.66 -76.02 -33.75
N GLU A 49 14.97 -77.31 -33.81
CA GLU A 49 14.18 -78.34 -33.09
C GLU A 49 14.19 -78.05 -31.58
N GLN A 50 15.38 -77.78 -31.01
CA GLN A 50 15.53 -77.41 -29.57
C GLN A 50 14.58 -76.25 -29.23
N TRP A 51 14.45 -75.25 -30.11
CA TRP A 51 13.58 -74.06 -29.84
C TRP A 51 12.12 -74.53 -29.76
N PHE A 52 11.62 -75.26 -30.76
CA PHE A 52 10.22 -75.71 -30.82
C PHE A 52 9.91 -76.65 -29.65
N LYS A 53 10.86 -77.53 -29.31
CA LYS A 53 10.69 -78.46 -28.16
C LYS A 53 10.49 -77.65 -26.88
N LEU A 54 11.35 -76.67 -26.61
CA LEU A 54 11.27 -75.87 -25.36
C LEU A 54 10.02 -74.98 -25.38
N LEU A 55 9.68 -74.43 -26.54
CA LEU A 55 8.45 -73.60 -26.72
C LEU A 55 7.23 -74.44 -26.30
N ALA A 56 7.10 -75.67 -26.81
CA ALA A 56 5.98 -76.59 -26.47
C ALA A 56 6.00 -76.91 -24.98
N GLU A 57 7.17 -77.18 -24.41
CA GLU A 57 7.31 -77.53 -22.97
C GLU A 57 7.00 -76.31 -22.09
N SER A 58 7.03 -75.10 -22.66
CA SER A 58 6.75 -73.84 -21.90
C SER A 58 5.27 -73.47 -22.01
N ASN A 59 4.40 -74.39 -22.44
CA ASN A 59 2.92 -74.22 -22.51
C ASN A 59 2.57 -73.10 -23.52
N MET A 60 3.42 -72.90 -24.52
CA MET A 60 3.15 -72.01 -25.65
C MET A 60 2.65 -72.87 -26.81
N THR A 61 1.61 -72.42 -27.51
CA THR A 61 0.93 -73.19 -28.58
C THR A 61 1.21 -72.56 -29.93
N THR A 62 1.81 -71.37 -29.97
CA THR A 62 1.82 -70.49 -31.16
C THR A 62 3.18 -69.81 -31.29
N CYS A 63 3.64 -69.65 -32.53
CA CYS A 63 4.82 -68.85 -32.86
C CYS A 63 4.46 -67.87 -33.97
N ARG A 64 5.32 -66.88 -34.20
CA ARG A 64 5.24 -65.98 -35.36
C ARG A 64 6.57 -66.08 -36.09
N ILE A 65 6.52 -66.15 -37.42
CA ILE A 65 7.72 -66.30 -38.27
C ILE A 65 7.67 -65.23 -39.36
N ARG A 66 8.77 -64.49 -39.49
CA ARG A 66 8.98 -63.48 -40.54
C ARG A 66 9.39 -64.21 -41.81
N MET A 67 8.54 -64.16 -42.84
CA MET A 67 8.73 -64.93 -44.10
C MET A 67 9.64 -64.14 -45.04
N PHE A 68 10.88 -63.91 -44.62
CA PHE A 68 11.84 -63.01 -45.32
C PHE A 68 11.95 -63.39 -46.78
N GLY A 69 11.51 -62.51 -47.68
CA GLY A 69 11.76 -62.64 -49.13
C GLY A 69 13.24 -62.82 -49.40
N LYS A 70 14.09 -62.09 -48.68
CA LYS A 70 15.56 -62.12 -48.90
C LYS A 70 16.07 -63.56 -48.79
N TYR A 71 15.51 -64.38 -47.89
CA TYR A 71 16.05 -65.74 -47.58
C TYR A 71 15.29 -66.82 -48.37
N MET A 72 14.55 -66.43 -49.40
CA MET A 72 13.87 -67.35 -50.35
C MET A 72 14.25 -67.03 -51.80
N LYS A 73 14.71 -65.81 -52.13
CA LYS A 73 15.06 -65.42 -53.52
C LYS A 73 16.38 -66.12 -53.90
N THR A 74 16.44 -66.70 -55.10
CA THR A 74 17.62 -67.42 -55.65
C THR A 74 18.28 -66.55 -56.72
N PRO A 75 19.55 -66.82 -57.08
CA PRO A 75 20.21 -66.11 -58.18
C PRO A 75 19.34 -65.95 -59.45
N SER A 76 18.57 -66.99 -59.82
CA SER A 76 17.81 -67.05 -61.08
C SER A 76 16.45 -66.34 -60.95
N GLY A 77 16.03 -65.99 -59.73
CA GLY A 77 14.76 -65.27 -59.47
C GLY A 77 13.62 -66.20 -59.07
N THR A 78 13.83 -67.52 -59.01
CA THR A 78 12.85 -68.49 -58.47
C THR A 78 12.79 -68.37 -56.94
N TYR A 79 11.75 -68.88 -56.31
CA TYR A 79 11.56 -68.92 -54.84
C TYR A 79 11.99 -70.30 -54.33
N ASP A 80 12.97 -70.34 -53.43
CA ASP A 80 13.37 -71.54 -52.66
C ASP A 80 12.83 -71.39 -51.24
N PHE A 81 11.89 -72.27 -50.84
CA PHE A 81 11.10 -72.17 -49.60
C PHE A 81 11.77 -72.99 -48.48
N THR A 82 12.89 -73.65 -48.75
CA THR A 82 13.53 -74.69 -47.90
C THR A 82 13.66 -74.23 -46.44
N LEU A 83 14.20 -73.02 -46.25
CA LEU A 83 14.54 -72.52 -44.90
C LEU A 83 13.26 -72.46 -44.07
N PHE A 84 12.15 -72.03 -44.65
CA PHE A 84 10.85 -71.85 -43.95
C PHE A 84 10.10 -73.18 -43.88
N ASP A 85 10.21 -74.04 -44.90
CA ASP A 85 9.64 -75.43 -44.84
C ASP A 85 10.18 -76.13 -43.59
N ARG A 86 11.49 -76.06 -43.38
CA ARG A 86 12.17 -76.71 -42.23
C ARG A 86 11.51 -76.24 -40.93
N ALA A 87 11.25 -74.93 -40.80
CA ALA A 87 10.69 -74.33 -39.56
C ALA A 87 9.22 -74.73 -39.43
N PHE A 88 8.42 -74.61 -40.49
CA PHE A 88 6.97 -74.97 -40.44
C PHE A 88 6.81 -76.44 -40.05
N LYS A 89 7.66 -77.32 -40.58
CA LYS A 89 7.57 -78.80 -40.33
C LYS A 89 7.93 -79.08 -38.88
N LEU A 90 8.95 -78.43 -38.34
CA LEU A 90 9.33 -78.61 -36.92
C LEU A 90 8.24 -78.02 -36.02
N ALA A 91 7.63 -76.90 -36.40
CA ALA A 91 6.49 -76.34 -35.65
C ALA A 91 5.38 -77.42 -35.60
N ASP A 92 5.04 -77.97 -36.76
CA ASP A 92 3.92 -78.94 -36.91
C ASP A 92 4.22 -80.17 -36.03
N LYS A 93 5.44 -80.68 -36.07
CA LYS A 93 5.89 -81.85 -35.26
C LYS A 93 5.58 -81.61 -33.78
N TYR A 94 5.74 -80.38 -33.26
CA TYR A 94 5.54 -80.05 -31.83
C TYR A 94 4.17 -79.42 -31.60
N HIS A 95 3.27 -79.51 -32.59
CA HIS A 95 1.85 -79.06 -32.53
C HIS A 95 1.79 -77.54 -32.26
N ILE A 96 2.71 -76.78 -32.87
CA ILE A 96 2.80 -75.30 -32.75
C ILE A 96 2.20 -74.68 -34.02
N LYS A 97 1.23 -73.79 -33.85
CA LYS A 97 0.61 -73.07 -35.00
C LYS A 97 1.41 -71.78 -35.27
N VAL A 98 1.32 -71.28 -36.49
CA VAL A 98 2.24 -70.21 -37.01
C VAL A 98 1.41 -69.00 -37.45
N TYR A 99 1.74 -67.82 -36.91
CA TYR A 99 1.44 -66.51 -37.52
C TYR A 99 2.57 -66.21 -38.50
N ALA A 100 2.26 -66.10 -39.79
CA ALA A 100 3.26 -65.89 -40.84
C ALA A 100 3.22 -64.44 -41.31
N THR A 101 4.31 -63.70 -41.13
CA THR A 101 4.38 -62.27 -41.56
C THR A 101 4.86 -62.16 -42.99
N LEU A 102 4.07 -61.50 -43.83
CA LEU A 102 4.49 -61.10 -45.19
C LEU A 102 5.57 -60.02 -45.07
N PHE A 103 6.77 -60.36 -45.54
CA PHE A 103 7.98 -59.52 -45.39
C PHE A 103 8.82 -59.65 -46.64
N PRO A 104 8.48 -58.89 -47.70
CA PRO A 104 9.19 -58.98 -48.97
C PRO A 104 10.67 -58.62 -48.83
N ASP A 105 11.45 -58.95 -49.87
CA ASP A 105 12.89 -58.65 -49.95
C ASP A 105 13.06 -57.19 -49.54
N THR A 106 14.04 -56.93 -48.67
CA THR A 106 14.39 -55.57 -48.17
C THR A 106 15.81 -55.64 -47.61
N GLU A 107 16.43 -54.48 -47.45
CA GLU A 107 17.84 -54.37 -46.99
C GLU A 107 17.95 -55.11 -45.66
N PHE A 108 19.02 -55.86 -45.46
CA PHE A 108 19.35 -56.56 -44.20
C PHE A 108 19.22 -55.61 -43.01
N THR A 109 19.60 -54.34 -43.17
CA THR A 109 19.70 -53.33 -42.07
C THR A 109 18.30 -52.82 -41.67
N ASP A 110 17.25 -53.15 -42.43
CA ASP A 110 15.87 -52.68 -42.14
C ASP A 110 15.25 -53.63 -41.10
N VAL A 111 15.28 -53.23 -39.83
CA VAL A 111 14.86 -54.10 -38.69
C VAL A 111 13.34 -54.38 -38.75
N GLY A 112 12.54 -53.36 -39.06
CA GLY A 112 11.07 -53.38 -38.91
C GLY A 112 10.34 -53.68 -40.21
N GLY A 113 10.97 -53.40 -41.36
CA GLY A 113 10.41 -53.53 -42.72
C GLY A 113 9.89 -52.21 -43.27
N PHE A 114 9.82 -52.11 -44.60
CA PHE A 114 9.26 -50.94 -45.32
C PHE A 114 7.73 -50.90 -45.11
N LYS A 115 7.18 -49.69 -45.15
CA LYS A 115 5.77 -49.45 -44.73
C LYS A 115 4.87 -49.27 -45.95
N PHE A 116 5.44 -48.93 -47.10
CA PHE A 116 4.74 -48.73 -48.40
C PHE A 116 5.68 -49.09 -49.54
N PRO A 117 5.14 -49.42 -50.73
CA PRO A 117 5.99 -49.64 -51.90
C PRO A 117 6.77 -48.37 -52.24
N HIS A 118 8.01 -48.52 -52.72
CA HIS A 118 8.94 -47.42 -53.13
C HIS A 118 8.51 -46.88 -54.51
N SER A 119 7.94 -47.75 -55.36
CA SER A 119 7.69 -47.50 -56.81
C SER A 119 6.68 -48.53 -57.34
N ARG A 120 6.10 -48.26 -58.53
CA ARG A 120 5.15 -49.18 -59.20
C ARG A 120 5.85 -50.52 -59.43
N GLU A 121 7.13 -50.47 -59.81
CA GLU A 121 7.95 -51.67 -60.09
C GLU A 121 8.10 -52.48 -58.80
N HIS A 122 8.36 -51.79 -57.69
CA HIS A 122 8.47 -52.44 -56.36
C HIS A 122 7.11 -53.08 -56.02
N GLN A 123 6.00 -52.39 -56.28
CA GLN A 123 4.65 -52.95 -55.99
C GLN A 123 4.48 -54.30 -56.72
N LYS A 124 4.95 -54.39 -57.96
CA LYS A 124 4.86 -55.64 -58.76
C LYS A 124 5.73 -56.72 -58.14
N GLU A 125 6.90 -56.36 -57.59
CA GLU A 125 7.78 -57.35 -56.90
C GLU A 125 7.03 -57.88 -55.68
N VAL A 126 6.32 -57.01 -54.97
CA VAL A 126 5.57 -57.44 -53.75
C VAL A 126 4.45 -58.41 -54.17
N GLU A 127 3.74 -58.10 -55.27
CA GLU A 127 2.66 -58.97 -55.83
C GLU A 127 3.19 -60.39 -56.09
N ASP A 128 4.37 -60.47 -56.71
CA ASP A 128 5.07 -61.74 -57.04
C ASP A 128 5.41 -62.47 -55.74
N TYR A 129 5.96 -61.75 -54.75
CA TYR A 129 6.32 -62.31 -53.43
C TYR A 129 5.07 -62.92 -52.79
N ILE A 130 3.96 -62.18 -52.76
CA ILE A 130 2.73 -62.66 -52.07
C ILE A 130 2.21 -63.93 -52.77
N LYS A 131 2.13 -63.90 -54.10
CA LYS A 131 1.68 -65.07 -54.91
C LYS A 131 2.44 -66.32 -54.48
N ASN A 132 3.77 -66.25 -54.53
CA ASN A 132 4.68 -67.38 -54.27
C ASN A 132 4.53 -67.86 -52.83
N VAL A 133 4.61 -66.93 -51.84
CA VAL A 133 4.70 -67.33 -50.42
C VAL A 133 3.33 -67.82 -49.94
N VAL A 134 2.24 -67.12 -50.27
CA VAL A 134 0.89 -67.51 -49.79
C VAL A 134 0.48 -68.84 -50.47
N SER A 135 0.72 -68.98 -51.76
CA SER A 135 0.34 -70.22 -52.52
C SER A 135 1.01 -71.43 -51.86
N HIS A 136 2.28 -71.30 -51.46
CA HIS A 136 3.06 -72.41 -50.85
C HIS A 136 2.64 -72.62 -49.39
N PHE A 137 2.72 -71.62 -48.52
CA PHE A 137 2.64 -71.86 -47.06
C PHE A 137 1.19 -72.04 -46.61
N SER A 138 0.21 -71.62 -47.41
CA SER A 138 -1.24 -71.82 -47.12
C SER A 138 -1.56 -73.32 -46.99
N GLN A 139 -0.68 -74.19 -47.51
CA GLN A 139 -0.89 -75.66 -47.58
C GLN A 139 -0.51 -76.31 -46.26
N TYR A 140 0.19 -75.62 -45.35
CA TYR A 140 0.55 -76.18 -44.02
C TYR A 140 -0.68 -76.15 -43.12
N LYS A 141 -0.99 -77.27 -42.49
CA LYS A 141 -2.19 -77.39 -41.63
C LYS A 141 -1.97 -76.62 -40.32
N ASN A 142 -0.73 -76.26 -39.96
CA ASN A 142 -0.44 -75.54 -38.69
C ASN A 142 -0.32 -74.02 -38.93
N LEU A 143 -0.61 -73.51 -40.13
CA LEU A 143 -0.70 -72.05 -40.39
C LEU A 143 -1.97 -71.51 -39.71
N ALA A 144 -1.82 -70.54 -38.81
CA ALA A 144 -2.94 -69.95 -38.03
C ALA A 144 -3.37 -68.60 -38.62
N ALA A 145 -2.45 -67.84 -39.21
CA ALA A 145 -2.79 -66.47 -39.68
C ALA A 145 -1.70 -65.90 -40.58
N TRP A 146 -2.10 -65.00 -41.47
CA TRP A 146 -1.23 -64.12 -42.27
C TRP A 146 -1.16 -62.76 -41.55
N VAL A 147 0.04 -62.31 -41.22
CA VAL A 147 0.25 -60.90 -40.79
C VAL A 147 0.58 -60.12 -42.05
N LEU A 148 -0.32 -59.22 -42.46
CA LEU A 148 -0.30 -58.56 -43.80
C LEU A 148 0.98 -57.75 -43.99
N ILE A 149 1.43 -57.11 -42.90
CA ILE A 149 2.66 -56.28 -42.88
C ILE A 149 3.10 -56.17 -41.43
N ASN A 150 4.41 -56.20 -41.15
CA ASN A 150 4.89 -55.96 -39.76
C ASN A 150 4.80 -54.46 -39.46
N GLU A 151 4.08 -54.09 -38.41
CA GLU A 151 4.11 -52.72 -37.84
C GLU A 151 3.80 -51.70 -38.93
N PRO A 152 2.57 -51.68 -39.48
CA PRO A 152 2.19 -50.62 -40.42
C PRO A 152 2.34 -49.25 -39.72
N GLY A 153 2.73 -48.25 -40.51
CA GLY A 153 2.90 -46.87 -40.06
C GLY A 153 4.31 -46.57 -39.59
N THR A 154 4.70 -45.30 -39.68
CA THR A 154 6.05 -44.85 -39.24
C THR A 154 6.01 -43.36 -38.92
N PRO A 155 6.85 -42.87 -37.97
CA PRO A 155 7.01 -41.43 -37.76
C PRO A 155 7.65 -40.71 -38.96
N ASN A 156 8.39 -41.42 -39.82
CA ASN A 156 9.07 -40.82 -41.01
C ASN A 156 8.44 -41.35 -42.31
N LEU A 157 7.31 -40.79 -42.74
CA LEU A 157 6.57 -41.30 -43.92
C LEU A 157 7.32 -40.93 -45.20
N PRO A 158 7.43 -41.85 -46.19
CA PRO A 158 8.28 -41.61 -47.35
C PRO A 158 7.68 -40.71 -48.45
N PHE A 159 7.43 -39.43 -48.13
CA PHE A 159 6.88 -38.44 -49.10
C PHE A 159 7.89 -38.14 -50.20
N ASN A 160 9.17 -38.45 -49.97
CA ASN A 160 10.31 -38.28 -50.93
C ASN A 160 10.20 -39.28 -52.11
N GLU A 161 9.63 -40.47 -51.88
CA GLU A 161 9.66 -41.59 -52.86
C GLU A 161 8.56 -41.41 -53.92
N PRO A 162 8.81 -41.86 -55.17
CA PRO A 162 7.87 -41.64 -56.27
C PRO A 162 6.46 -42.23 -56.06
N PHE A 163 6.34 -43.45 -55.50
CA PHE A 163 5.03 -44.12 -55.32
C PHE A 163 4.15 -43.25 -54.39
N THR A 164 4.68 -42.86 -53.23
CA THR A 164 3.93 -42.05 -52.23
C THR A 164 3.65 -40.64 -52.80
N LYS A 165 4.65 -40.00 -53.40
CA LYS A 165 4.52 -38.65 -54.01
C LYS A 165 3.33 -38.65 -54.99
N GLU A 166 3.26 -39.65 -55.87
CA GLU A 166 2.20 -39.75 -56.90
C GLU A 166 0.84 -40.04 -56.25
N ARG A 167 0.78 -40.95 -55.29
CA ARG A 167 -0.48 -41.29 -54.59
C ARG A 167 -1.05 -40.03 -53.92
N PHE A 168 -0.17 -39.20 -53.32
CA PHE A 168 -0.59 -37.96 -52.62
C PHE A 168 -1.13 -36.96 -53.63
N SER A 169 -0.45 -36.77 -54.77
CA SER A 169 -0.87 -35.89 -55.89
C SER A 169 -2.27 -36.29 -56.38
N ASP A 170 -2.47 -37.58 -56.69
CA ASP A 170 -3.78 -38.13 -57.12
C ASP A 170 -4.86 -37.85 -56.07
N TRP A 171 -4.55 -38.15 -54.80
CA TRP A 171 -5.49 -37.96 -53.67
C TRP A 171 -5.95 -36.50 -53.65
N LYS A 172 -5.01 -35.55 -53.73
CA LYS A 172 -5.32 -34.09 -53.67
C LYS A 172 -6.24 -33.72 -54.84
N LYS A 173 -5.97 -34.21 -56.04
CA LYS A 173 -6.79 -33.92 -57.25
C LYS A 173 -8.21 -34.49 -57.07
N GLU A 174 -8.38 -35.61 -56.37
CA GLU A 174 -9.72 -36.24 -56.21
C GLU A 174 -10.46 -35.66 -55.00
N HIS A 175 -9.85 -34.72 -54.27
CA HIS A 175 -10.52 -34.00 -53.15
C HIS A 175 -10.65 -32.52 -53.52
N ASN A 176 -11.74 -31.88 -53.08
CA ASN A 176 -12.08 -30.50 -53.45
C ASN A 176 -12.17 -29.70 -52.15
N PHE A 177 -11.08 -29.03 -51.77
CA PHE A 177 -10.97 -28.25 -50.53
C PHE A 177 -11.02 -26.76 -50.88
N SER A 178 -11.70 -25.97 -50.06
CA SER A 178 -11.66 -24.48 -50.14
C SER A 178 -10.71 -23.93 -49.07
N GLU A 179 -10.13 -22.75 -49.32
CA GLU A 179 -9.23 -22.05 -48.36
C GLU A 179 -10.03 -21.28 -47.31
N TYR A 180 -11.37 -21.25 -47.43
CA TYR A 180 -12.28 -20.51 -46.51
C TYR A 180 -13.43 -21.44 -46.09
N ASN A 181 -13.96 -21.24 -44.89
CA ASN A 181 -15.11 -22.04 -44.40
C ASN A 181 -16.40 -21.34 -44.85
N GLU A 182 -17.54 -21.89 -44.45
CA GLU A 182 -18.87 -21.38 -44.87
C GLU A 182 -19.03 -19.93 -44.40
N LYS A 183 -18.58 -19.59 -43.18
CA LYS A 183 -18.72 -18.22 -42.64
C LYS A 183 -17.72 -17.26 -43.31
N GLY A 184 -16.71 -17.76 -44.03
CA GLY A 184 -15.75 -16.95 -44.79
C GLY A 184 -14.34 -16.90 -44.18
N TYR A 185 -14.14 -17.52 -43.02
CA TYR A 185 -12.84 -17.51 -42.29
C TYR A 185 -11.82 -18.40 -43.00
N PRO A 186 -10.52 -18.04 -42.96
CA PRO A 186 -9.45 -18.91 -43.42
C PRO A 186 -9.47 -20.25 -42.68
N VAL A 187 -9.03 -21.32 -43.35
CA VAL A 187 -9.01 -22.70 -42.80
C VAL A 187 -7.73 -23.40 -43.20
N LEU A 188 -7.30 -24.39 -42.41
CA LEU A 188 -6.35 -25.45 -42.84
C LEU A 188 -7.19 -26.69 -43.18
N ASN A 189 -6.76 -27.49 -44.16
CA ASN A 189 -7.52 -28.70 -44.58
C ASN A 189 -6.82 -30.01 -44.20
N PHE A 190 -5.59 -29.96 -43.69
CA PHE A 190 -4.86 -31.17 -43.21
C PHE A 190 -4.85 -32.25 -44.31
N GLU A 191 -4.52 -31.83 -45.52
CA GLU A 191 -4.49 -32.73 -46.70
C GLU A 191 -3.53 -33.90 -46.46
N LYS A 192 -2.31 -33.60 -45.99
CA LYS A 192 -1.28 -34.65 -45.71
C LYS A 192 -1.86 -35.70 -44.76
N GLU A 193 -2.47 -35.26 -43.66
CA GLU A 193 -2.90 -36.15 -42.56
C GLU A 193 -4.07 -37.04 -43.04
N ASN A 194 -5.01 -36.44 -43.76
CA ASN A 194 -6.19 -37.16 -44.29
C ASN A 194 -5.76 -38.15 -45.38
N PHE A 195 -4.83 -37.75 -46.25
CA PHE A 195 -4.20 -38.67 -47.24
C PHE A 195 -3.58 -39.86 -46.51
N ILE A 196 -2.80 -39.61 -45.45
CA ILE A 196 -2.03 -40.69 -44.76
C ILE A 196 -3.01 -41.72 -44.19
N ILE A 197 -4.12 -41.29 -43.61
CA ILE A 197 -5.19 -42.24 -43.15
C ILE A 197 -5.62 -43.12 -44.31
N ASP A 198 -5.97 -42.51 -45.44
CA ASP A 198 -6.54 -43.21 -46.62
C ASP A 198 -5.46 -44.10 -47.23
N TYR A 199 -4.19 -43.69 -47.17
CA TYR A 199 -3.03 -44.41 -47.76
C TYR A 199 -2.78 -45.69 -46.98
N HIS A 200 -2.81 -45.65 -45.65
CA HIS A 200 -2.71 -46.85 -44.78
C HIS A 200 -3.90 -47.77 -45.07
N ASN A 201 -5.11 -47.23 -45.10
CA ASN A 201 -6.34 -48.01 -45.43
C ASN A 201 -6.12 -48.71 -46.79
N TRP A 202 -5.65 -47.98 -47.78
CA TRP A 202 -5.47 -48.50 -49.16
C TRP A 202 -4.44 -49.64 -49.15
N TYR A 203 -3.24 -49.44 -48.59
CA TYR A 203 -2.14 -50.43 -48.74
C TYR A 203 -2.49 -51.70 -47.96
N LEU A 204 -3.03 -51.59 -46.74
CA LEU A 204 -3.38 -52.79 -45.94
C LEU A 204 -4.53 -53.54 -46.62
N ASN A 205 -5.53 -52.83 -47.16
CA ASN A 205 -6.67 -53.45 -47.89
C ASN A 205 -6.11 -54.16 -49.14
N TRP A 206 -5.16 -53.53 -49.84
CA TRP A 206 -4.52 -54.12 -51.05
C TRP A 206 -3.76 -55.40 -50.67
N LEU A 207 -3.00 -55.38 -49.58
CA LEU A 207 -2.27 -56.57 -49.10
C LEU A 207 -3.27 -57.67 -48.78
N ALA A 208 -4.37 -57.35 -48.10
CA ALA A 208 -5.43 -58.33 -47.75
C ALA A 208 -6.00 -58.95 -49.04
N ASN A 209 -6.30 -58.12 -50.04
CA ASN A 209 -6.86 -58.55 -51.34
C ASN A 209 -5.86 -59.48 -52.03
N GLN A 210 -4.55 -59.15 -51.99
CA GLN A 210 -3.50 -59.99 -52.63
C GLN A 210 -3.47 -61.36 -51.96
N VAL A 211 -3.40 -61.43 -50.64
CA VAL A 211 -3.44 -62.73 -49.90
C VAL A 211 -4.70 -63.51 -50.32
N ARG A 212 -5.85 -62.84 -50.37
CA ARG A 212 -7.18 -63.50 -50.61
C ARG A 212 -7.25 -64.04 -52.05
N LEU A 213 -6.39 -63.61 -52.97
CA LEU A 213 -6.30 -64.22 -54.33
C LEU A 213 -5.89 -65.70 -54.20
N TYR A 214 -5.09 -66.05 -53.19
CA TYR A 214 -4.46 -67.39 -53.08
C TYR A 214 -4.89 -68.12 -51.82
N ASP A 215 -5.49 -67.45 -50.84
CA ASP A 215 -5.88 -68.11 -49.57
C ASP A 215 -7.09 -67.37 -48.98
N LYS A 216 -8.25 -68.04 -48.97
CA LYS A 216 -9.51 -67.49 -48.40
C LYS A 216 -9.79 -68.20 -47.07
N GLN A 217 -8.88 -69.04 -46.60
CA GLN A 217 -9.12 -69.93 -45.44
C GLN A 217 -8.60 -69.31 -44.14
N HIS A 218 -7.44 -68.64 -44.19
CA HIS A 218 -6.68 -68.28 -42.96
C HIS A 218 -6.98 -66.83 -42.54
N ASP A 219 -7.00 -66.63 -41.23
CA ASP A 219 -7.18 -65.31 -40.59
C ASP A 219 -6.16 -64.31 -41.15
N LEU A 220 -6.59 -63.07 -41.38
CA LEU A 220 -5.72 -61.93 -41.70
C LEU A 220 -5.58 -61.04 -40.45
N HIS A 221 -4.34 -60.64 -40.18
CA HIS A 221 -3.92 -59.99 -38.93
C HIS A 221 -2.94 -58.85 -39.25
N VAL A 222 -2.88 -57.83 -38.40
CA VAL A 222 -1.83 -56.77 -38.52
C VAL A 222 -1.57 -56.19 -37.12
N ASN A 223 -0.35 -55.69 -36.88
CA ASN A 223 0.09 -55.19 -35.57
C ASN A 223 0.43 -53.70 -35.66
N PRO A 224 -0.55 -52.79 -35.49
CA PRO A 224 -0.25 -51.37 -35.31
C PRO A 224 0.64 -51.23 -34.06
N HIS A 225 1.47 -50.19 -34.04
CA HIS A 225 2.56 -50.07 -33.02
C HIS A 225 2.69 -48.63 -32.56
N ASN A 226 3.40 -48.42 -31.46
CA ASN A 226 3.72 -47.08 -30.93
C ASN A 226 2.43 -46.25 -30.90
N VAL A 227 1.34 -46.84 -30.39
CA VAL A 227 -0.04 -46.33 -30.59
C VAL A 227 -0.22 -44.97 -29.93
N PHE A 228 0.54 -44.63 -28.88
CA PHE A 228 0.36 -43.30 -28.21
C PHE A 228 0.95 -42.20 -29.09
N LYS A 229 1.76 -42.54 -30.09
CA LYS A 229 2.30 -41.57 -31.06
C LYS A 229 1.66 -41.74 -32.44
N LEU A 230 1.38 -42.95 -32.89
CA LEU A 230 1.01 -43.23 -34.31
C LEU A 230 -0.51 -43.45 -34.49
N SER A 231 -1.33 -43.28 -33.46
CA SER A 231 -2.81 -43.50 -33.56
C SER A 231 -3.42 -42.59 -34.61
N GLY A 232 -2.79 -41.45 -34.90
CA GLY A 232 -3.26 -40.49 -35.92
C GLY A 232 -3.05 -40.97 -37.34
N LEU A 233 -2.37 -42.10 -37.53
CA LEU A 233 -2.17 -42.80 -38.83
C LEU A 233 -3.26 -43.86 -39.04
N TYR A 234 -3.99 -44.24 -38.00
CA TYR A 234 -4.73 -45.53 -37.96
C TYR A 234 -6.24 -45.31 -37.94
N ASP A 235 -6.93 -45.83 -38.96
CA ASP A 235 -8.41 -45.85 -39.06
C ASP A 235 -8.90 -47.26 -38.79
N PHE A 236 -8.99 -47.66 -37.52
CA PHE A 236 -9.28 -49.06 -37.14
C PHE A 236 -10.66 -49.47 -37.65
N PRO A 237 -11.71 -48.63 -37.54
CA PRO A 237 -13.02 -49.00 -38.10
C PRO A 237 -12.94 -49.45 -39.56
N THR A 238 -12.17 -48.78 -40.41
CA THR A 238 -11.99 -49.23 -41.82
C THR A 238 -11.21 -50.55 -41.86
N TRP A 239 -10.18 -50.71 -41.03
CA TRP A 239 -9.33 -51.94 -41.08
C TRP A 239 -10.19 -53.17 -40.76
N ARG A 240 -11.22 -53.02 -39.92
CA ARG A 240 -12.14 -54.13 -39.55
C ARG A 240 -12.70 -54.80 -40.82
N THR A 241 -12.88 -54.03 -41.90
CA THR A 241 -13.56 -54.53 -43.12
C THR A 241 -12.68 -55.57 -43.84
N PHE A 242 -11.38 -55.70 -43.55
CA PHE A 242 -10.51 -56.67 -44.27
C PHE A 242 -9.69 -57.54 -43.31
N LEU A 243 -9.83 -57.37 -42.00
CA LEU A 243 -9.10 -58.21 -41.00
C LEU A 243 -10.05 -59.24 -40.39
N ASN A 244 -9.50 -60.34 -39.87
CA ASN A 244 -10.22 -61.29 -38.99
C ASN A 244 -9.88 -61.02 -37.53
N SER A 245 -8.70 -60.45 -37.26
CA SER A 245 -8.29 -60.03 -35.90
C SER A 245 -7.41 -58.79 -35.99
N LEU A 246 -7.50 -57.92 -34.99
CA LEU A 246 -6.55 -56.78 -34.84
C LEU A 246 -5.44 -57.19 -33.87
N GLY A 247 -4.21 -56.86 -34.21
CA GLY A 247 -3.05 -57.12 -33.34
C GLY A 247 -2.46 -55.83 -32.79
N GLY A 248 -1.22 -55.91 -32.33
CA GLY A 248 -0.51 -54.76 -31.78
C GLY A 248 0.90 -55.14 -31.39
N SER A 249 1.81 -54.17 -31.49
CA SER A 249 3.11 -54.15 -30.77
C SER A 249 2.95 -53.23 -29.56
N ALA A 250 3.37 -53.70 -28.40
CA ALA A 250 3.36 -52.95 -27.13
C ALA A 250 4.65 -53.31 -26.39
N HIS A 251 5.75 -52.67 -26.79
CA HIS A 251 7.10 -52.89 -26.24
C HIS A 251 7.45 -51.86 -25.19
N ALA A 252 7.85 -52.33 -24.01
CA ALA A 252 8.29 -51.49 -22.90
C ALA A 252 9.44 -50.57 -23.33
N SER A 253 10.33 -51.01 -24.25
CA SER A 253 11.52 -50.22 -24.63
C SER A 253 11.26 -49.24 -25.77
N TRP A 254 10.12 -49.33 -26.47
CA TRP A 254 9.84 -48.44 -27.63
C TRP A 254 8.61 -47.54 -27.41
N HIS A 255 7.57 -48.02 -26.73
CA HIS A 255 6.20 -47.44 -26.87
C HIS A 255 5.72 -46.74 -25.60
N PHE A 256 6.42 -46.88 -24.48
CA PHE A 256 5.92 -46.49 -23.14
C PHE A 256 6.71 -45.30 -22.58
N GLY A 257 7.38 -44.54 -23.44
CA GLY A 257 8.19 -43.37 -23.03
C GLY A 257 7.39 -42.32 -22.29
N TYR A 258 6.06 -42.25 -22.46
CA TYR A 258 5.21 -41.28 -21.72
C TYR A 258 5.06 -41.68 -20.25
N PHE A 259 5.57 -42.84 -19.84
CA PHE A 259 5.38 -43.39 -18.49
C PHE A 259 6.72 -43.75 -17.86
N PRO A 260 6.84 -43.69 -16.52
CA PRO A 260 7.93 -44.38 -15.82
C PRO A 260 7.67 -45.88 -15.81
N ARG A 261 8.74 -46.67 -15.64
CA ARG A 261 8.67 -48.15 -15.66
C ARG A 261 7.61 -48.66 -14.64
N LYS A 262 7.49 -48.02 -13.48
CA LYS A 262 6.55 -48.49 -12.44
C LYS A 262 5.09 -48.35 -12.92
N ALA A 263 4.84 -47.58 -13.98
CA ALA A 263 3.48 -47.41 -14.55
C ALA A 263 3.37 -48.09 -15.92
N TYR A 264 4.26 -49.00 -16.28
CA TYR A 264 4.12 -49.79 -17.53
C TYR A 264 2.88 -50.72 -17.44
N THR A 265 2.37 -50.97 -16.23
CA THR A 265 1.04 -51.61 -16.00
C THR A 265 -0.05 -50.77 -16.66
N VAL A 266 -0.09 -49.48 -16.31
CA VAL A 266 -1.09 -48.51 -16.85
C VAL A 266 -0.89 -48.37 -18.36
N ALA A 267 0.37 -48.28 -18.81
CA ALA A 267 0.71 -48.15 -20.25
C ALA A 267 0.15 -49.37 -21.01
N MET A 268 0.40 -50.57 -20.51
CA MET A 268 -0.07 -51.81 -21.18
C MET A 268 -1.61 -51.86 -21.14
N SER A 269 -2.23 -51.49 -20.01
CA SER A 269 -3.71 -51.46 -19.89
C SER A 269 -4.31 -50.51 -20.94
N ALA A 270 -3.77 -49.30 -21.07
CA ALA A 270 -4.23 -48.30 -22.04
C ALA A 270 -4.01 -48.79 -23.47
N ASN A 271 -2.84 -49.38 -23.74
CA ASN A 271 -2.50 -49.90 -25.09
C ASN A 271 -3.50 -51.02 -25.45
N ALA A 272 -3.79 -51.90 -24.50
CA ALA A 272 -4.77 -53.01 -24.70
C ALA A 272 -6.16 -52.40 -24.94
N GLU A 273 -6.55 -51.38 -24.18
CA GLU A 273 -7.89 -50.75 -24.32
C GLU A 273 -7.97 -50.08 -25.68
N LEU A 274 -6.88 -49.42 -26.13
CA LEU A 274 -6.88 -48.69 -27.43
C LEU A 274 -7.09 -49.71 -28.56
N ILE A 275 -6.41 -50.84 -28.53
CA ILE A 275 -6.51 -51.88 -29.59
C ILE A 275 -7.89 -52.55 -29.48
N ARG A 276 -8.34 -52.87 -28.27
CA ARG A 276 -9.69 -53.44 -28.03
C ARG A 276 -10.74 -52.55 -28.69
N SER A 277 -10.69 -51.24 -28.45
CA SER A 277 -11.62 -50.25 -29.08
C SER A 277 -11.48 -50.33 -30.60
N GLY A 278 -10.26 -50.36 -31.14
CA GLY A 278 -10.02 -50.42 -32.60
C GLY A 278 -10.62 -51.69 -33.20
N ALA A 279 -10.56 -52.79 -32.46
CA ALA A 279 -11.01 -54.11 -32.95
C ALA A 279 -12.54 -54.10 -33.12
N GLY A 280 -13.28 -53.37 -32.30
CA GLY A 280 -14.76 -53.39 -32.33
C GLY A 280 -15.27 -54.81 -32.13
N GLU A 281 -15.99 -55.36 -33.10
CA GLU A 281 -16.57 -56.72 -33.02
C GLU A 281 -15.51 -57.79 -33.34
N LEU A 282 -14.34 -57.43 -33.89
CA LEU A 282 -13.26 -58.42 -34.16
C LEU A 282 -12.57 -58.80 -32.86
N PRO A 283 -12.08 -60.05 -32.74
CA PRO A 283 -11.17 -60.39 -31.64
C PRO A 283 -9.85 -59.64 -31.86
N TRP A 284 -9.11 -59.44 -30.79
CA TRP A 284 -7.77 -58.82 -30.84
C TRP A 284 -6.78 -59.65 -30.01
N LEU A 285 -5.49 -59.50 -30.31
CA LEU A 285 -4.41 -60.11 -29.48
C LEU A 285 -3.16 -59.23 -29.61
N MET A 286 -2.24 -59.38 -28.67
CA MET A 286 -0.95 -58.63 -28.73
C MET A 286 0.08 -59.48 -29.49
N THR A 287 0.37 -59.06 -30.73
CA THR A 287 1.24 -59.77 -31.70
C THR A 287 2.71 -59.66 -31.28
N GLU A 288 3.09 -58.61 -30.53
CA GLU A 288 4.53 -58.31 -30.32
C GLU A 288 4.72 -57.60 -28.97
N LEU A 289 5.14 -58.38 -27.96
CA LEU A 289 5.49 -57.94 -26.59
C LEU A 289 7.00 -58.13 -26.40
N GLN A 290 7.61 -57.42 -25.45
CA GLN A 290 9.07 -57.49 -25.25
C GLN A 290 9.39 -58.75 -24.43
N GLY A 291 10.17 -59.67 -25.01
CA GLY A 291 10.48 -60.97 -24.39
C GLY A 291 11.84 -60.99 -23.69
N GLY A 292 12.65 -59.94 -23.81
CA GLY A 292 14.04 -59.99 -23.35
C GLY A 292 14.77 -58.66 -23.44
N ASN A 293 16.08 -58.76 -23.42
CA ASN A 293 17.00 -57.67 -23.01
C ASN A 293 17.32 -56.75 -24.19
N ASN A 294 17.40 -55.45 -23.93
CA ASN A 294 18.03 -54.45 -24.83
C ASN A 294 19.51 -54.33 -24.49
N LEU A 295 20.38 -54.61 -25.44
CA LEU A 295 21.84 -54.33 -25.30
C LEU A 295 22.09 -52.94 -25.89
N TYR A 296 22.07 -52.79 -27.22
CA TYR A 296 22.20 -51.50 -27.92
C TYR A 296 20.83 -50.96 -28.39
N SER A 297 19.78 -51.78 -28.47
CA SER A 297 18.48 -51.41 -29.10
C SER A 297 17.57 -50.71 -28.10
N GLY A 298 16.49 -50.13 -28.63
CA GLY A 298 15.38 -49.57 -27.83
C GLY A 298 15.63 -48.13 -27.44
N ALA A 299 14.56 -47.40 -27.11
CA ALA A 299 14.60 -46.00 -26.67
C ALA A 299 14.72 -45.94 -25.13
N ASN A 300 13.98 -46.79 -24.43
CA ASN A 300 13.93 -46.88 -22.96
C ASN A 300 14.36 -48.29 -22.59
N PRO A 301 15.65 -48.63 -22.72
CA PRO A 301 16.09 -50.02 -22.65
C PRO A 301 15.85 -50.67 -21.30
N LEU A 302 15.50 -51.95 -21.31
CA LEU A 302 15.34 -52.78 -20.09
C LEU A 302 15.49 -54.26 -20.45
N CYS A 303 15.56 -55.09 -19.42
CA CYS A 303 15.24 -56.52 -19.49
C CYS A 303 14.01 -56.75 -18.62
N PRO A 304 12.86 -57.14 -19.19
CA PRO A 304 11.66 -57.39 -18.40
C PRO A 304 11.97 -58.34 -17.24
N THR A 305 11.40 -58.06 -16.07
CA THR A 305 11.42 -59.01 -14.93
C THR A 305 10.42 -60.14 -15.19
N ALA A 306 10.60 -61.26 -14.52
CA ALA A 306 9.60 -62.35 -14.49
C ALA A 306 8.24 -61.75 -14.10
N GLU A 307 8.23 -60.85 -13.12
CA GLU A 307 7.00 -60.22 -12.57
C GLU A 307 6.29 -59.40 -13.66
N GLU A 308 7.06 -58.68 -14.48
CA GLU A 308 6.52 -57.84 -15.58
C GLU A 308 5.88 -58.72 -16.66
N ILE A 309 6.52 -59.86 -16.99
CA ILE A 309 5.95 -60.80 -18.00
C ILE A 309 4.54 -61.22 -17.56
N ILE A 310 4.38 -61.57 -16.29
CA ILE A 310 3.09 -62.04 -15.71
C ILE A 310 2.09 -60.88 -15.69
N GLN A 311 2.52 -59.70 -15.25
CA GLN A 311 1.69 -58.47 -15.23
C GLN A 311 1.14 -58.21 -16.65
N TRP A 312 1.98 -58.25 -17.68
CA TRP A 312 1.59 -57.88 -19.06
C TRP A 312 0.59 -58.91 -19.63
N LEU A 313 0.85 -60.21 -19.43
CA LEU A 313 -0.06 -61.26 -19.95
C LEU A 313 -1.44 -61.11 -19.30
N TRP A 314 -1.51 -60.93 -17.99
CA TRP A 314 -2.83 -60.85 -17.29
C TRP A 314 -3.56 -59.56 -17.70
N ILE A 315 -2.85 -58.43 -17.84
CA ILE A 315 -3.48 -57.14 -18.24
C ILE A 315 -4.14 -57.35 -19.61
N ASN A 316 -3.43 -57.95 -20.55
CA ASN A 316 -3.94 -58.12 -21.92
C ASN A 316 -5.15 -59.08 -21.89
N PHE A 317 -5.05 -60.21 -21.21
CA PHE A 317 -6.15 -61.22 -21.16
C PHE A 317 -7.39 -60.59 -20.50
N ALA A 318 -7.19 -59.79 -19.45
CA ALA A 318 -8.29 -59.12 -18.70
C ALA A 318 -8.95 -58.09 -19.61
N THR A 319 -8.27 -57.66 -20.68
CA THR A 319 -8.75 -56.66 -21.68
C THR A 319 -9.14 -57.37 -22.97
N GLU A 320 -9.46 -58.67 -22.90
CA GLU A 320 -10.09 -59.50 -23.97
C GLU A 320 -9.08 -60.03 -25.00
N ALA A 321 -7.78 -59.86 -24.77
CA ALA A 321 -6.75 -60.37 -25.70
C ALA A 321 -6.92 -61.89 -25.86
N LYS A 322 -6.82 -62.38 -27.08
CA LYS A 322 -6.90 -63.82 -27.43
C LYS A 322 -5.49 -64.40 -27.58
N GLY A 323 -4.46 -63.60 -27.27
CA GLY A 323 -3.07 -64.07 -27.33
C GLY A 323 -2.10 -63.01 -26.85
N GLY A 324 -0.93 -63.45 -26.36
CA GLY A 324 0.27 -62.63 -26.21
C GLY A 324 1.46 -63.33 -26.85
N ILE A 325 2.01 -62.73 -27.90
CA ILE A 325 3.24 -63.24 -28.59
C ILE A 325 4.42 -62.33 -28.24
N PHE A 326 5.48 -62.92 -27.67
CA PHE A 326 6.72 -62.21 -27.29
C PHE A 326 7.70 -62.18 -28.45
N TRP A 327 8.20 -60.99 -28.78
CA TRP A 327 9.44 -60.82 -29.58
C TRP A 327 10.61 -60.84 -28.59
N SER A 328 11.42 -61.91 -28.54
CA SER A 328 11.41 -63.06 -29.42
C SER A 328 11.74 -64.31 -28.59
N PHE A 329 11.46 -65.51 -29.10
CA PHE A 329 11.86 -66.76 -28.40
C PHE A 329 13.40 -66.84 -28.41
N ASN A 330 13.98 -66.80 -29.61
CA ASN A 330 15.45 -66.87 -29.88
C ASN A 330 15.88 -65.55 -30.49
N ALA A 331 17.19 -65.24 -30.50
CA ALA A 331 17.71 -63.93 -30.97
C ALA A 331 18.19 -64.01 -32.42
N ARG A 332 18.17 -62.87 -33.09
CA ARG A 332 18.98 -62.58 -34.29
C ARG A 332 20.46 -62.79 -33.94
N SER A 333 21.31 -63.11 -34.91
CA SER A 333 22.75 -63.39 -34.66
C SER A 333 23.69 -62.28 -35.16
N THR A 334 23.27 -61.41 -36.09
CA THR A 334 24.21 -60.44 -36.74
C THR A 334 23.70 -59.00 -36.63
N ALA A 335 24.59 -58.10 -36.16
CA ALA A 335 24.38 -56.64 -36.20
C ALA A 335 23.12 -56.29 -35.38
N ALA A 336 22.16 -55.54 -35.95
CA ALA A 336 21.04 -54.96 -35.17
C ALA A 336 20.34 -56.07 -34.38
N GLU A 337 20.28 -55.88 -33.07
CA GLU A 337 19.56 -56.71 -32.08
C GLU A 337 20.17 -58.10 -31.98
N ALA A 338 21.43 -58.30 -32.37
CA ALA A 338 22.12 -59.61 -32.23
C ALA A 338 22.19 -59.98 -30.75
N GLY A 339 21.60 -61.12 -30.38
CA GLY A 339 21.58 -61.62 -28.99
C GLY A 339 20.71 -60.78 -28.07
N GLU A 340 19.79 -59.99 -28.63
CA GLU A 340 18.86 -59.12 -27.87
C GLU A 340 17.43 -59.69 -27.97
N TRP A 341 16.56 -59.30 -27.03
CA TRP A 341 15.08 -59.49 -27.06
C TRP A 341 14.66 -60.95 -26.70
N ALA A 342 15.58 -61.91 -26.55
CA ALA A 342 15.22 -63.35 -26.53
C ALA A 342 14.75 -63.79 -25.14
N MET A 343 13.77 -64.72 -25.11
CA MET A 343 13.24 -65.33 -23.87
C MET A 343 14.16 -66.46 -23.40
N ILE A 344 14.83 -67.13 -24.33
CA ILE A 344 15.83 -68.17 -23.99
C ILE A 344 17.18 -67.45 -23.81
N ASN A 345 18.04 -68.06 -23.02
CA ASN A 345 19.42 -67.60 -22.72
C ASN A 345 20.36 -68.12 -23.82
N PHE A 346 21.64 -67.81 -23.74
CA PHE A 346 22.60 -68.14 -24.83
C PHE A 346 22.91 -69.65 -24.83
N LYS A 347 22.49 -70.41 -23.81
CA LYS A 347 22.52 -71.90 -23.83
C LYS A 347 21.20 -72.47 -24.35
N ASN A 348 20.29 -71.62 -24.87
CA ASN A 348 18.99 -72.05 -25.45
C ASN A 348 18.11 -72.70 -24.37
N LYS A 349 18.27 -72.30 -23.10
CA LYS A 349 17.40 -72.72 -21.98
C LYS A 349 16.56 -71.52 -21.50
N SER A 350 15.60 -71.80 -20.64
CA SER A 350 14.60 -70.84 -20.11
C SER A 350 15.29 -69.78 -19.25
N SER A 351 15.07 -68.50 -19.56
CA SER A 351 15.27 -67.37 -18.60
C SER A 351 14.09 -67.40 -17.62
N ASP A 352 14.14 -66.57 -16.59
CA ASP A 352 13.03 -66.43 -15.61
C ASP A 352 11.80 -65.87 -16.36
N ARG A 353 11.98 -65.21 -17.51
CA ARG A 353 10.86 -64.66 -18.31
C ARG A 353 10.09 -65.79 -18.97
N LEU A 354 10.77 -66.79 -19.54
CA LEU A 354 10.09 -67.95 -20.16
C LEU A 354 9.42 -68.80 -19.07
N ILE A 355 10.09 -69.02 -17.94
CA ILE A 355 9.52 -69.77 -16.78
C ILE A 355 8.21 -69.06 -16.35
N ALA A 356 8.24 -67.74 -16.21
CA ALA A 356 7.05 -66.93 -15.82
C ALA A 356 5.95 -67.09 -16.88
N ALA A 357 6.26 -66.91 -18.16
CA ALA A 357 5.25 -67.01 -19.24
C ALA A 357 4.62 -68.40 -19.22
N ALA A 358 5.41 -69.44 -18.95
CA ALA A 358 4.96 -70.85 -18.94
C ALA A 358 3.90 -71.05 -17.84
N THR A 359 4.00 -70.35 -16.69
CA THR A 359 3.00 -70.48 -15.60
C THR A 359 1.64 -69.98 -16.13
N ILE A 360 1.63 -69.03 -17.05
CA ILE A 360 0.35 -68.42 -17.55
C ILE A 360 -0.23 -69.35 -18.61
N GLY A 361 0.60 -69.91 -19.49
CA GLY A 361 0.18 -70.99 -20.41
C GLY A 361 -0.42 -72.15 -19.63
N LYS A 362 0.20 -72.55 -18.51
CA LYS A 362 -0.28 -73.66 -17.65
C LYS A 362 -1.64 -73.28 -17.05
N PHE A 363 -1.77 -72.07 -16.48
CA PHE A 363 -3.06 -71.59 -15.91
C PHE A 363 -4.17 -71.71 -16.95
N ILE A 364 -3.90 -71.30 -18.19
CA ILE A 364 -4.93 -71.34 -19.28
C ILE A 364 -5.38 -72.79 -19.48
N THR A 365 -4.45 -73.75 -19.62
CA THR A 365 -4.77 -75.18 -19.87
C THR A 365 -5.64 -75.73 -18.73
N GLU A 366 -5.44 -75.23 -17.49
CA GLU A 366 -6.15 -75.71 -16.26
C GLU A 366 -7.47 -74.95 -16.07
N ASN A 367 -7.73 -73.88 -16.83
CA ASN A 367 -8.90 -72.99 -16.62
C ASN A 367 -9.49 -72.59 -17.98
N VAL A 368 -9.64 -73.54 -18.90
CA VAL A 368 -9.95 -73.27 -20.33
C VAL A 368 -11.28 -72.50 -20.45
N LYS A 369 -12.32 -72.95 -19.76
CA LYS A 369 -13.67 -72.38 -19.99
C LYS A 369 -13.69 -70.92 -19.51
N MET A 370 -13.14 -70.65 -18.32
CA MET A 370 -12.99 -69.25 -17.81
C MET A 370 -12.20 -68.41 -18.82
N MET A 371 -11.04 -68.88 -19.26
CA MET A 371 -10.07 -68.03 -20.00
C MET A 371 -10.53 -67.81 -21.44
N SER A 372 -11.40 -68.67 -21.97
CA SER A 372 -11.89 -68.59 -23.37
C SER A 372 -13.05 -67.59 -23.52
N ASN A 373 -13.63 -67.11 -22.42
CA ASN A 373 -14.94 -66.37 -22.49
C ASN A 373 -14.83 -65.03 -21.77
N ILE A 374 -13.64 -64.48 -21.61
CA ILE A 374 -13.42 -63.19 -20.89
C ILE A 374 -14.10 -62.07 -21.68
N LYS A 375 -14.90 -61.28 -20.97
CA LYS A 375 -15.46 -59.99 -21.43
C LYS A 375 -15.05 -58.96 -20.38
N THR A 376 -14.39 -57.87 -20.81
CA THR A 376 -13.98 -56.81 -19.87
C THR A 376 -15.26 -56.27 -19.21
N LEU A 377 -15.24 -56.00 -17.91
CA LEU A 377 -16.37 -55.34 -17.21
C LEU A 377 -16.26 -53.83 -17.47
N ASN A 378 -17.01 -53.33 -18.46
CA ASN A 378 -17.03 -51.89 -18.82
C ASN A 378 -17.70 -51.12 -17.69
N SER A 379 -16.97 -50.19 -17.06
CA SER A 379 -17.50 -49.30 -16.01
C SER A 379 -18.61 -48.42 -16.60
N GLY A 380 -18.58 -48.16 -17.91
CA GLY A 380 -19.36 -47.08 -18.56
C GLY A 380 -18.57 -45.77 -18.69
N ILE A 381 -17.32 -45.74 -18.24
CA ILE A 381 -16.38 -44.60 -18.47
C ILE A 381 -15.62 -44.85 -19.76
N SER A 382 -15.71 -43.92 -20.72
CA SER A 382 -14.92 -43.95 -21.98
C SER A 382 -14.04 -42.67 -22.05
N ILE A 383 -12.73 -42.85 -22.14
CA ILE A 383 -11.77 -41.75 -22.39
C ILE A 383 -11.57 -41.69 -23.90
N LEU A 384 -11.94 -40.60 -24.54
CA LEU A 384 -11.93 -40.47 -26.02
C LEU A 384 -10.77 -39.58 -26.47
N TYR A 385 -10.07 -40.03 -27.51
CA TYR A 385 -9.07 -39.25 -28.26
C TYR A 385 -9.57 -39.13 -29.70
N ASN A 386 -9.09 -38.15 -30.44
CA ASN A 386 -9.40 -38.13 -31.89
C ASN A 386 -8.13 -37.80 -32.69
N HIS A 387 -8.08 -38.32 -33.91
CA HIS A 387 -7.00 -38.02 -34.88
C HIS A 387 -6.77 -36.50 -34.94
N GLU A 388 -7.86 -35.72 -35.01
CA GLU A 388 -7.80 -34.30 -35.40
C GLU A 388 -7.13 -33.48 -34.28
N SER A 389 -7.34 -33.82 -33.02
CA SER A 389 -6.65 -33.14 -31.89
C SER A 389 -5.12 -33.35 -32.03
N MET A 390 -4.72 -34.55 -32.42
CA MET A 390 -3.29 -34.85 -32.65
C MET A 390 -2.76 -34.03 -33.83
N TRP A 391 -3.52 -33.93 -34.91
CA TRP A 391 -3.10 -33.22 -36.15
C TRP A 391 -3.01 -31.72 -35.89
N VAL A 392 -4.01 -31.15 -35.22
CA VAL A 392 -4.02 -29.71 -34.90
C VAL A 392 -2.85 -29.42 -33.95
N GLU A 393 -2.62 -30.26 -32.95
CA GLU A 393 -1.49 -30.07 -32.01
C GLU A 393 -0.16 -30.04 -32.79
N ALA A 394 0.03 -30.95 -33.75
CA ALA A 394 1.28 -31.03 -34.53
C ALA A 394 1.46 -29.72 -35.31
N ALA A 395 0.40 -29.13 -35.84
CA ALA A 395 0.47 -27.84 -36.57
C ALA A 395 0.79 -26.70 -35.60
N GLN A 396 0.16 -26.65 -34.44
CA GLN A 396 0.26 -25.50 -33.49
C GLN A 396 1.60 -25.53 -32.74
N THR A 397 2.15 -26.71 -32.44
CA THR A 397 3.42 -26.83 -31.69
C THR A 397 4.60 -26.82 -32.65
N ARG A 398 4.34 -26.82 -33.96
CA ARG A 398 5.38 -26.86 -35.03
C ARG A 398 6.35 -28.03 -34.75
N GLY A 399 5.84 -29.14 -34.18
CA GLY A 399 6.60 -30.38 -33.94
C GLY A 399 7.60 -30.29 -32.79
N LYS A 400 7.50 -29.30 -31.87
CA LYS A 400 8.41 -29.19 -30.69
C LYS A 400 8.27 -30.41 -29.76
N LEU A 401 9.38 -30.85 -29.15
CA LEU A 401 9.48 -32.11 -28.36
C LEU A 401 10.02 -31.77 -26.97
N ASN A 402 9.45 -30.74 -26.33
CA ASN A 402 9.87 -30.18 -25.01
C ASN A 402 9.09 -30.85 -23.85
N GLY A 403 8.28 -31.88 -24.13
CA GLY A 403 7.52 -32.66 -23.12
C GLY A 403 6.44 -31.90 -22.35
N ASN A 404 5.99 -30.69 -22.75
CA ASN A 404 4.89 -29.94 -22.07
C ASN A 404 3.63 -29.83 -22.97
N GLY A 405 2.63 -29.05 -22.57
CA GLY A 405 1.42 -28.78 -23.38
C GLY A 405 1.75 -28.12 -24.72
N ARG A 406 2.88 -27.42 -24.79
CA ARG A 406 3.34 -26.72 -26.03
C ARG A 406 4.20 -27.65 -26.90
N SER A 407 4.09 -28.95 -26.72
CA SER A 407 4.88 -29.98 -27.46
C SER A 407 3.94 -31.09 -27.97
N ILE A 408 4.42 -31.84 -28.94
CA ILE A 408 3.76 -33.06 -29.46
C ILE A 408 3.55 -34.00 -28.28
N GLY A 409 2.33 -34.52 -28.11
CA GLY A 409 2.09 -35.61 -27.15
C GLY A 409 1.12 -35.23 -26.06
N ALA A 410 0.88 -33.94 -25.83
CA ALA A 410 0.02 -33.48 -24.71
C ALA A 410 -1.41 -34.03 -24.90
N VAL A 411 -1.89 -34.07 -26.15
CA VAL A 411 -3.27 -34.56 -26.44
C VAL A 411 -3.41 -36.07 -26.13
N MET A 412 -2.32 -36.84 -26.06
CA MET A 412 -2.41 -38.25 -25.61
C MET A 412 -2.03 -38.37 -24.13
N CYS A 413 -1.05 -37.61 -23.64
CA CYS A 413 -0.64 -37.69 -22.21
C CYS A 413 -1.79 -37.25 -21.29
N SER A 414 -2.63 -36.29 -21.72
CA SER A 414 -3.77 -35.79 -20.91
C SER A 414 -4.79 -36.92 -20.68
N PRO A 415 -5.38 -37.54 -21.72
CA PRO A 415 -6.29 -38.66 -21.49
C PRO A 415 -5.65 -39.87 -20.78
N LEU A 416 -4.38 -40.16 -21.07
CA LEU A 416 -3.64 -41.25 -20.36
C LEU A 416 -3.54 -40.94 -18.87
N SER A 417 -3.49 -39.66 -18.47
CA SER A 417 -3.40 -39.23 -17.06
C SER A 417 -4.73 -39.53 -16.34
N TYR A 418 -5.85 -39.22 -16.97
CA TYR A 418 -7.19 -39.63 -16.45
C TYR A 418 -7.24 -41.15 -16.33
N PHE A 419 -6.74 -41.83 -17.34
CA PHE A 419 -6.72 -43.32 -17.37
C PHE A 419 -5.96 -43.84 -16.16
N GLU A 420 -4.80 -43.25 -15.87
CA GLU A 420 -3.96 -43.65 -14.71
C GLU A 420 -4.69 -43.39 -13.41
N ALA A 421 -5.35 -42.22 -13.28
CA ALA A 421 -6.08 -41.84 -12.05
C ALA A 421 -7.15 -42.91 -11.76
N LEU A 422 -7.88 -43.32 -12.78
CA LEU A 422 -8.96 -44.34 -12.68
C LEU A 422 -8.35 -45.70 -12.39
N SER A 423 -7.22 -46.06 -13.02
CA SER A 423 -6.50 -47.34 -12.74
C SER A 423 -6.15 -47.40 -11.24
N GLU A 424 -5.71 -46.27 -10.68
CA GLU A 424 -5.27 -46.16 -9.26
C GLU A 424 -6.50 -46.07 -8.34
N THR A 425 -7.71 -46.02 -8.91
CA THR A 425 -8.99 -46.11 -8.18
C THR A 425 -9.58 -47.52 -8.34
N GLY A 426 -8.92 -48.39 -9.11
CA GLY A 426 -9.39 -49.75 -9.41
C GLY A 426 -10.60 -49.76 -10.35
N LEU A 427 -10.80 -48.70 -11.14
CA LEU A 427 -11.92 -48.60 -12.11
C LEU A 427 -11.40 -48.82 -13.53
N GLN A 428 -12.05 -49.71 -14.26
CA GLN A 428 -11.88 -49.88 -15.72
C GLN A 428 -12.32 -48.57 -16.42
N ALA A 429 -11.65 -48.24 -17.51
CA ALA A 429 -12.04 -47.18 -18.45
C ALA A 429 -11.68 -47.62 -19.86
N ASN A 430 -12.58 -47.35 -20.81
CA ASN A 430 -12.29 -47.52 -22.25
C ASN A 430 -11.31 -46.41 -22.67
N PHE A 431 -10.52 -46.70 -23.69
CA PHE A 431 -9.64 -45.72 -24.38
C PHE A 431 -9.89 -45.88 -25.87
N LYS A 432 -10.57 -44.90 -26.46
CA LYS A 432 -11.22 -45.06 -27.78
C LYS A 432 -11.00 -43.84 -28.66
N GLU A 433 -10.83 -44.05 -29.96
CA GLU A 433 -10.92 -42.96 -30.95
C GLU A 433 -12.40 -42.55 -31.02
N ILE A 434 -12.68 -41.27 -31.23
CA ILE A 434 -14.07 -40.74 -31.08
C ILE A 434 -15.01 -41.50 -32.03
N LYS A 435 -14.54 -41.90 -33.22
CA LYS A 435 -15.40 -42.60 -34.22
C LYS A 435 -15.71 -44.03 -33.76
N GLU A 436 -15.00 -44.56 -32.76
CA GLU A 436 -15.22 -45.94 -32.26
C GLU A 436 -16.29 -45.92 -31.16
N PHE A 437 -16.72 -44.75 -30.71
CA PHE A 437 -17.77 -44.60 -29.67
C PHE A 437 -19.14 -44.63 -30.38
N ASP A 438 -20.05 -45.44 -29.85
CA ASP A 438 -21.41 -45.59 -30.41
C ASP A 438 -22.29 -44.44 -29.88
N PHE A 439 -22.54 -43.44 -30.71
CA PHE A 439 -23.37 -42.25 -30.38
C PHE A 439 -24.84 -42.46 -30.80
N SER A 440 -25.25 -43.67 -31.20
CA SER A 440 -26.58 -43.95 -31.82
C SER A 440 -27.63 -44.40 -30.79
N LEU A 441 -27.30 -44.56 -29.51
CA LEU A 441 -28.22 -45.14 -28.50
C LEU A 441 -29.25 -44.10 -28.05
N ASN A 442 -30.29 -44.57 -27.34
CA ASN A 442 -31.44 -43.76 -26.87
C ASN A 442 -31.20 -43.31 -25.43
N ASP A 443 -30.34 -44.02 -24.71
CA ASP A 443 -30.16 -43.85 -23.25
C ASP A 443 -28.65 -43.92 -22.96
N TYR A 444 -28.14 -42.91 -22.25
CA TYR A 444 -26.71 -42.83 -21.83
C TYR A 444 -26.65 -42.56 -20.34
N THR A 445 -27.77 -42.78 -19.62
CA THR A 445 -27.78 -42.81 -18.13
C THR A 445 -26.59 -43.65 -17.68
N ASP A 446 -25.87 -43.22 -16.67
CA ASP A 446 -24.75 -44.04 -16.11
C ASP A 446 -23.59 -44.25 -17.13
N GLN A 447 -23.55 -43.59 -18.29
CA GLN A 447 -22.35 -43.56 -19.15
C GLN A 447 -21.59 -42.24 -18.91
N VAL A 448 -20.27 -42.27 -19.03
CA VAL A 448 -19.38 -41.09 -18.79
C VAL A 448 -18.39 -41.01 -19.94
N ILE A 449 -18.28 -39.84 -20.56
CA ILE A 449 -17.20 -39.53 -21.56
C ILE A 449 -16.26 -38.52 -20.91
N ILE A 450 -14.95 -38.80 -21.00
CA ILE A 450 -13.89 -37.84 -20.62
C ILE A 450 -13.22 -37.36 -21.91
N LEU A 451 -13.28 -36.04 -22.15
CA LEU A 451 -12.57 -35.35 -23.26
C LEU A 451 -11.52 -34.45 -22.60
N SER A 452 -10.30 -34.99 -22.49
CA SER A 452 -9.20 -34.34 -21.76
C SER A 452 -8.22 -33.76 -22.80
N HIS A 453 -8.22 -32.43 -22.94
CA HIS A 453 -7.31 -31.71 -23.85
C HIS A 453 -7.45 -32.28 -25.27
N GLN A 454 -8.67 -32.57 -25.70
CA GLN A 454 -8.95 -32.92 -27.12
C GLN A 454 -9.26 -31.61 -27.83
N ILE A 455 -8.19 -30.94 -28.28
CA ILE A 455 -8.20 -29.50 -28.67
C ILE A 455 -9.02 -29.26 -29.94
N ALA A 456 -9.30 -30.29 -30.75
CA ALA A 456 -10.07 -30.16 -32.01
C ALA A 456 -11.36 -30.99 -31.95
N LEU A 457 -12.51 -30.31 -32.09
CA LEU A 457 -13.84 -30.93 -32.19
C LEU A 457 -14.62 -30.18 -33.27
N ASP A 458 -15.36 -30.90 -34.13
CA ASP A 458 -16.18 -30.26 -35.21
C ASP A 458 -17.66 -30.24 -34.82
N ASN A 459 -18.47 -29.58 -35.64
CA ASN A 459 -19.92 -29.38 -35.39
C ASN A 459 -20.59 -30.75 -35.27
N LYS A 460 -20.22 -31.70 -36.12
CA LYS A 460 -20.84 -33.05 -36.15
C LYS A 460 -20.62 -33.74 -34.80
N VAL A 461 -19.40 -33.77 -34.30
CA VAL A 461 -19.08 -34.44 -33.00
C VAL A 461 -19.75 -33.68 -31.87
N ILE A 462 -19.81 -32.34 -31.92
CA ILE A 462 -20.49 -31.56 -30.84
C ILE A 462 -21.99 -31.95 -30.78
N LYS A 463 -22.66 -32.10 -31.92
CA LYS A 463 -24.09 -32.55 -31.96
C LYS A 463 -24.18 -33.94 -31.30
N GLN A 464 -23.23 -34.84 -31.60
CA GLN A 464 -23.22 -36.18 -30.98
C GLN A 464 -23.09 -36.07 -29.46
N LEU A 465 -22.21 -35.18 -28.98
CA LEU A 465 -21.99 -34.96 -27.54
C LEU A 465 -23.26 -34.37 -26.89
N GLU A 466 -23.92 -33.43 -27.58
CA GLU A 466 -25.19 -32.80 -27.10
C GLU A 466 -26.23 -33.93 -26.89
N SER A 467 -26.40 -34.78 -27.89
CA SER A 467 -27.34 -35.94 -27.86
C SER A 467 -26.95 -36.86 -26.70
N PHE A 468 -25.67 -37.20 -26.55
CA PHE A 468 -25.15 -38.07 -25.46
C PHE A 468 -25.57 -37.50 -24.11
N VAL A 469 -25.33 -36.21 -23.86
CA VAL A 469 -25.59 -35.59 -22.53
C VAL A 469 -27.11 -35.46 -22.33
N GLU A 470 -27.84 -34.98 -23.33
CA GLU A 470 -29.31 -34.82 -23.27
C GLU A 470 -29.95 -36.15 -22.82
N LYS A 471 -29.44 -37.26 -23.31
CA LYS A 471 -29.97 -38.62 -23.06
C LYS A 471 -29.36 -39.25 -21.80
N GLY A 472 -28.75 -38.46 -20.92
CA GLY A 472 -28.35 -38.92 -19.58
C GLY A 472 -26.85 -39.02 -19.36
N GLY A 473 -26.06 -38.83 -20.41
CA GLY A 473 -24.59 -38.90 -20.35
C GLY A 473 -23.97 -37.85 -19.46
N THR A 474 -22.86 -38.20 -18.80
CA THR A 474 -22.00 -37.28 -18.05
C THR A 474 -20.76 -36.99 -18.90
N LEU A 475 -20.49 -35.71 -19.18
CA LEU A 475 -19.32 -35.29 -19.98
C LEU A 475 -18.36 -34.53 -19.06
N ILE A 476 -17.11 -34.99 -18.96
CA ILE A 476 -16.02 -34.28 -18.22
C ILE A 476 -15.02 -33.78 -19.26
N ALA A 477 -14.78 -32.46 -19.27
CA ALA A 477 -13.88 -31.83 -20.25
C ALA A 477 -12.89 -30.94 -19.50
N ASP A 478 -11.59 -31.17 -19.70
CA ASP A 478 -10.55 -30.28 -19.12
C ASP A 478 -9.57 -29.86 -20.23
N GLY A 479 -8.61 -28.99 -19.87
CA GLY A 479 -7.60 -28.45 -20.80
C GLY A 479 -8.26 -27.70 -21.94
N LEU A 480 -7.64 -27.71 -23.12
CA LEU A 480 -8.10 -26.89 -24.26
C LEU A 480 -9.13 -27.67 -25.13
N THR A 481 -9.84 -28.65 -24.56
CA THR A 481 -10.89 -29.39 -25.31
C THR A 481 -11.80 -28.40 -26.07
N GLY A 482 -11.96 -28.60 -27.37
CA GLY A 482 -12.87 -27.82 -28.24
C GLY A 482 -12.40 -26.39 -28.55
N TYR A 483 -11.15 -26.05 -28.28
CA TYR A 483 -10.60 -24.71 -28.61
C TYR A 483 -10.61 -24.49 -30.14
N TYR A 484 -10.33 -25.53 -30.92
CA TYR A 484 -10.26 -25.51 -32.40
C TYR A 484 -11.30 -26.47 -32.98
N ASP A 485 -11.64 -26.24 -34.26
CA ASP A 485 -12.42 -27.22 -35.07
C ASP A 485 -11.43 -28.05 -35.90
N TYR A 486 -11.93 -28.85 -36.82
CA TYR A 486 -11.11 -29.82 -37.60
C TYR A 486 -10.31 -29.09 -38.69
N GLN A 487 -10.54 -27.78 -38.87
CA GLN A 487 -9.76 -26.93 -39.81
C GLN A 487 -8.82 -25.97 -39.05
N ALA A 488 -8.56 -26.23 -37.75
CA ALA A 488 -7.69 -25.40 -36.89
C ALA A 488 -8.28 -24.00 -36.74
N HIS A 489 -9.57 -23.84 -37.02
CA HIS A 489 -10.31 -22.57 -36.80
C HIS A 489 -10.85 -22.58 -35.38
N SER A 490 -10.53 -21.54 -34.59
CA SER A 490 -10.96 -21.46 -33.18
C SER A 490 -12.34 -20.83 -33.10
N THR A 491 -13.38 -21.60 -32.78
CA THR A 491 -14.75 -21.05 -32.57
C THR A 491 -14.74 -20.28 -31.25
N VAL A 492 -13.75 -20.47 -30.38
CA VAL A 492 -13.58 -19.63 -29.17
C VAL A 492 -13.46 -18.17 -29.63
N VAL A 493 -12.83 -17.92 -30.77
CA VAL A 493 -12.65 -16.56 -31.34
C VAL A 493 -13.92 -16.14 -32.10
N SER A 494 -14.45 -16.98 -33.00
CA SER A 494 -15.51 -16.59 -33.97
C SER A 494 -16.94 -16.77 -33.40
N GLY A 495 -17.14 -17.57 -32.36
CA GLY A 495 -18.48 -17.91 -31.83
C GLY A 495 -18.51 -19.36 -31.35
N PHE A 496 -18.37 -19.57 -30.04
CA PHE A 496 -17.96 -20.85 -29.41
C PHE A 496 -19.00 -21.92 -29.69
N ALA A 497 -18.60 -23.01 -30.36
CA ALA A 497 -19.51 -24.07 -30.82
C ALA A 497 -20.02 -24.89 -29.64
N LEU A 498 -19.29 -24.94 -28.52
CA LEU A 498 -19.72 -25.71 -27.33
C LEU A 498 -20.50 -24.82 -26.33
N GLU A 499 -20.86 -23.58 -26.68
CA GLU A 499 -21.54 -22.67 -25.70
C GLU A 499 -22.84 -23.32 -25.21
N ASN A 500 -23.65 -23.85 -26.12
N ASN A 500 -23.65 -23.85 -26.12
CA ASN A 500 -24.96 -24.49 -25.80
CA ASN A 500 -24.96 -24.48 -25.79
C ASN A 500 -24.72 -25.63 -24.81
C ASN A 500 -24.72 -25.63 -24.81
N LEU A 501 -23.84 -26.58 -25.13
CA LEU A 501 -23.61 -27.77 -24.27
C LEU A 501 -23.01 -27.37 -22.92
N PHE A 502 -22.08 -26.42 -22.90
CA PHE A 502 -21.31 -26.08 -21.68
C PHE A 502 -22.08 -25.07 -20.83
N GLY A 503 -23.09 -24.39 -21.41
CA GLY A 503 -23.86 -23.35 -20.70
C GLY A 503 -22.97 -22.23 -20.23
N SER A 504 -21.92 -21.92 -20.99
CA SER A 504 -20.81 -21.02 -20.57
C SER A 504 -19.93 -20.73 -21.78
N TYR A 505 -19.00 -19.79 -21.59
CA TYR A 505 -18.19 -19.19 -22.68
C TYR A 505 -16.79 -18.95 -22.11
N PRO A 506 -15.71 -19.29 -22.84
CA PRO A 506 -14.36 -18.96 -22.38
C PRO A 506 -14.18 -17.43 -22.33
N ILE A 507 -13.36 -16.97 -21.39
CA ILE A 507 -13.01 -15.53 -21.25
C ILE A 507 -11.54 -15.36 -21.65
N GLU A 508 -10.62 -16.01 -20.92
CA GLU A 508 -9.17 -15.93 -21.22
C GLU A 508 -8.48 -17.26 -20.93
N TYR A 509 -7.33 -17.44 -21.58
CA TYR A 509 -6.20 -18.25 -21.09
C TYR A 509 -5.04 -17.34 -20.71
N LYS A 510 -4.38 -17.66 -19.61
CA LYS A 510 -3.14 -16.97 -19.18
C LYS A 510 -2.13 -18.05 -18.85
N ILE A 511 -1.01 -18.02 -19.56
CA ILE A 511 0.09 -18.99 -19.35
C ILE A 511 0.71 -18.69 -17.98
N LYS A 512 1.00 -19.75 -17.22
CA LYS A 512 1.66 -19.76 -15.90
C LYS A 512 2.88 -20.69 -15.99
N GLU A 513 3.33 -21.24 -14.87
CA GLU A 513 4.46 -22.21 -14.86
C GLU A 513 3.97 -23.61 -15.27
N ASN A 514 4.91 -24.53 -15.45
CA ASN A 514 4.62 -25.94 -15.83
C ASN A 514 3.69 -26.57 -14.78
N LEU A 515 3.82 -26.17 -13.52
CA LEU A 515 2.93 -26.65 -12.44
C LEU A 515 2.46 -25.44 -11.63
N PHE A 516 1.15 -25.23 -11.56
CA PHE A 516 0.55 -24.22 -10.66
C PHE A 516 -0.65 -24.87 -9.98
N SER A 517 -1.19 -24.15 -9.00
CA SER A 517 -2.35 -24.56 -8.18
C SER A 517 -3.58 -23.77 -8.62
N LEU A 518 -4.69 -24.45 -8.88
CA LEU A 518 -6.03 -23.79 -8.92
C LEU A 518 -6.60 -23.80 -7.49
N ASP A 519 -6.75 -22.60 -6.90
CA ASP A 519 -7.16 -22.43 -5.49
C ASP A 519 -8.63 -22.00 -5.48
N PHE A 520 -9.52 -22.92 -5.20
CA PHE A 520 -10.99 -22.74 -5.28
C PHE A 520 -11.38 -21.83 -4.11
N GLU A 521 -12.42 -21.03 -4.31
CA GLU A 521 -13.05 -20.14 -3.30
C GLU A 521 -13.44 -20.94 -2.05
N LYS A 522 -14.02 -22.14 -2.21
CA LYS A 522 -14.66 -22.93 -1.13
C LYS A 522 -13.76 -24.08 -0.67
N ASP A 523 -13.85 -24.44 0.62
CA ASP A 523 -13.21 -25.63 1.24
C ASP A 523 -11.68 -25.53 1.24
N ASN A 524 -11.08 -24.41 0.81
CA ASN A 524 -9.60 -24.27 0.66
C ASN A 524 -9.04 -25.35 -0.28
N TYR A 525 -9.87 -25.80 -1.22
CA TYR A 525 -9.61 -26.91 -2.17
C TYR A 525 -8.64 -26.45 -3.25
N LYS A 526 -7.70 -27.30 -3.61
CA LYS A 526 -6.55 -27.06 -4.54
C LYS A 526 -6.48 -28.18 -5.58
N LEU A 527 -6.29 -27.86 -6.88
CA LEU A 527 -6.03 -28.81 -7.99
C LEU A 527 -4.71 -28.46 -8.69
N PRO A 528 -3.78 -29.41 -8.86
CA PRO A 528 -2.62 -29.19 -9.70
C PRO A 528 -3.10 -28.90 -11.13
N ALA A 529 -2.46 -27.95 -11.80
CA ALA A 529 -2.76 -27.59 -13.21
C ALA A 529 -1.45 -27.33 -13.97
N HIS A 530 -1.47 -27.61 -15.26
CA HIS A 530 -0.29 -27.49 -16.16
C HIS A 530 -0.46 -26.30 -17.11
N LEU A 531 0.48 -25.35 -17.04
CA LEU A 531 0.85 -24.38 -18.08
C LEU A 531 -0.16 -23.23 -18.26
N TRP A 532 -1.45 -23.51 -18.47
CA TRP A 532 -2.43 -22.45 -18.83
C TRP A 532 -3.58 -22.43 -17.82
N LYS A 533 -3.94 -21.24 -17.33
CA LYS A 533 -5.15 -21.06 -16.48
C LYS A 533 -6.29 -20.56 -17.37
N GLY A 534 -7.36 -21.34 -17.45
CA GLY A 534 -8.59 -20.99 -18.18
C GLY A 534 -9.60 -20.32 -17.28
N THR A 535 -10.20 -19.22 -17.74
CA THR A 535 -11.34 -18.55 -17.04
C THR A 535 -12.53 -18.51 -18.01
N ILE A 536 -13.74 -18.53 -17.47
CA ILE A 536 -14.99 -18.64 -18.25
C ILE A 536 -16.02 -17.68 -17.66
N GLU A 537 -17.12 -17.52 -18.38
CA GLU A 537 -18.35 -16.84 -17.90
C GLU A 537 -19.52 -17.80 -18.10
N THR A 538 -20.32 -18.02 -17.06
CA THR A 538 -21.50 -18.93 -17.10
C THR A 538 -22.73 -18.14 -17.54
N SER A 539 -23.61 -18.79 -18.31
CA SER A 539 -25.00 -18.35 -18.60
C SER A 539 -25.92 -19.35 -17.90
N LYS A 540 -26.15 -20.52 -18.49
CA LYS A 540 -27.01 -21.58 -17.91
C LYS A 540 -26.28 -22.41 -16.85
N ALA A 541 -24.96 -22.53 -16.90
CA ALA A 541 -24.19 -23.42 -16.00
C ALA A 541 -24.05 -22.76 -14.63
N THR A 542 -23.79 -23.57 -13.60
CA THR A 542 -23.44 -23.12 -12.23
C THR A 542 -21.94 -22.83 -12.16
N PRO A 543 -21.52 -21.58 -11.86
CA PRO A 543 -20.11 -21.25 -11.81
C PRO A 543 -19.40 -21.81 -10.56
N ILE A 544 -18.11 -22.11 -10.70
CA ILE A 544 -17.17 -22.46 -9.61
C ILE A 544 -16.04 -21.42 -9.62
N MET A 545 -15.81 -20.72 -8.50
CA MET A 545 -14.91 -19.53 -8.47
C MET A 545 -13.61 -19.91 -7.75
N ASP A 546 -12.52 -19.17 -7.99
CA ASP A 546 -11.22 -19.33 -7.29
C ASP A 546 -11.06 -18.19 -6.30
N LYS A 547 -9.98 -18.18 -5.51
CA LYS A 547 -9.71 -17.19 -4.44
C LYS A 547 -9.49 -15.79 -5.03
N GLU A 548 -9.21 -15.69 -6.33
CA GLU A 548 -9.02 -14.36 -6.98
C GLU A 548 -10.34 -13.86 -7.53
N GLY A 549 -11.44 -14.57 -7.29
CA GLY A 549 -12.78 -14.18 -7.76
C GLY A 549 -12.97 -14.40 -9.25
N GLU A 550 -12.19 -15.31 -9.87
CA GLU A 550 -12.33 -15.64 -11.32
C GLU A 550 -13.13 -16.95 -11.44
N CYS A 551 -13.90 -17.11 -12.49
CA CYS A 551 -14.65 -18.37 -12.74
C CYS A 551 -13.76 -19.38 -13.48
N ILE A 552 -13.40 -20.50 -12.85
CA ILE A 552 -12.41 -21.50 -13.39
C ILE A 552 -13.09 -22.82 -13.78
N ALA A 553 -14.37 -23.02 -13.47
CA ALA A 553 -15.07 -24.26 -13.85
C ALA A 553 -16.59 -24.09 -13.73
N CYS A 554 -17.34 -25.08 -14.22
CA CYS A 554 -18.82 -25.03 -14.10
C CYS A 554 -19.40 -26.43 -14.30
N ILE A 555 -20.64 -26.59 -13.81
CA ILE A 555 -21.49 -27.78 -14.06
C ILE A 555 -22.73 -27.30 -14.79
N ASN A 556 -22.96 -27.85 -15.97
CA ASN A 556 -24.18 -27.55 -16.75
C ASN A 556 -25.09 -28.77 -16.73
N GLN A 557 -26.34 -28.57 -16.32
CA GLN A 557 -27.37 -29.64 -16.35
C GLN A 557 -28.03 -29.51 -17.71
N TYR A 558 -27.97 -30.53 -18.54
CA TYR A 558 -28.38 -30.44 -19.95
C TYR A 558 -29.24 -31.67 -20.24
N GLY A 559 -30.55 -31.47 -20.37
CA GLY A 559 -31.53 -32.57 -20.39
C GLY A 559 -31.33 -33.46 -19.18
N LYS A 560 -31.17 -34.77 -19.36
CA LYS A 560 -31.02 -35.73 -18.23
C LYS A 560 -29.54 -35.87 -17.82
N GLY A 561 -28.60 -35.25 -18.54
CA GLY A 561 -27.17 -35.43 -18.27
C GLY A 561 -26.53 -34.22 -17.61
N LYS A 562 -25.21 -34.25 -17.45
CA LYS A 562 -24.45 -33.10 -16.90
C LYS A 562 -23.09 -32.99 -17.59
N VAL A 563 -22.56 -31.77 -17.57
CA VAL A 563 -21.23 -31.42 -18.09
C VAL A 563 -20.46 -30.80 -16.94
N PHE A 564 -19.25 -31.30 -16.70
CA PHE A 564 -18.24 -30.62 -15.87
C PHE A 564 -17.14 -30.12 -16.80
N TRP A 565 -16.93 -28.81 -16.82
CA TRP A 565 -15.93 -28.14 -17.68
C TRP A 565 -14.97 -27.36 -16.82
N ILE A 566 -13.68 -27.66 -16.96
CA ILE A 566 -12.59 -26.92 -16.28
C ILE A 566 -11.50 -26.71 -17.34
N PRO A 567 -11.46 -25.54 -18.01
CA PRO A 567 -10.55 -25.34 -19.14
C PRO A 567 -9.06 -25.19 -18.81
N SER A 568 -8.64 -25.40 -17.57
CA SER A 568 -7.19 -25.55 -17.23
C SER A 568 -6.82 -27.03 -17.37
N PRO A 569 -5.57 -27.39 -17.77
CA PRO A 569 -5.20 -28.79 -17.85
C PRO A 569 -4.93 -29.44 -16.48
N ILE A 570 -5.95 -30.05 -15.90
CA ILE A 570 -5.82 -30.65 -14.54
C ILE A 570 -5.30 -32.09 -14.65
N ALA A 571 -5.64 -32.83 -15.70
CA ALA A 571 -5.01 -34.16 -15.96
C ALA A 571 -3.50 -33.98 -16.14
N LEU A 572 -3.07 -33.01 -16.95
CA LEU A 572 -1.62 -32.74 -17.15
C LEU A 572 -1.00 -32.19 -15.85
N GLY A 573 -1.77 -31.47 -15.03
CA GLY A 573 -1.30 -30.98 -13.71
C GLY A 573 -0.99 -32.18 -12.78
N ALA A 574 -1.88 -33.17 -12.75
CA ALA A 574 -1.68 -34.44 -12.02
C ALA A 574 -0.40 -35.13 -12.55
N ARG A 575 -0.24 -35.23 -13.86
CA ARG A 575 0.97 -35.83 -14.49
C ARG A 575 2.23 -35.08 -14.03
N GLU A 576 2.22 -33.77 -14.10
CA GLU A 576 3.41 -32.94 -13.79
C GLU A 576 3.74 -33.07 -12.30
N SER A 577 2.74 -33.13 -11.43
CA SER A 577 2.93 -33.22 -9.96
C SER A 577 3.23 -34.69 -9.56
N LYS A 578 3.11 -35.64 -10.49
CA LYS A 578 3.30 -37.10 -10.25
C LYS A 578 2.35 -37.57 -9.14
N ASP A 579 1.15 -37.02 -9.11
CA ASP A 579 0.15 -37.32 -8.06
C ASP A 579 -1.24 -37.29 -8.68
N PHE A 580 -1.86 -38.46 -8.83
CA PHE A 580 -3.19 -38.62 -9.46
C PHE A 580 -4.31 -38.69 -8.40
N SER A 581 -4.00 -38.49 -7.12
CA SER A 581 -4.96 -38.68 -6.00
C SER A 581 -6.12 -37.68 -6.12
N GLU A 582 -5.84 -36.38 -6.33
CA GLU A 582 -6.91 -35.36 -6.43
C GLU A 582 -7.75 -35.59 -7.69
N LEU A 583 -7.12 -35.93 -8.80
CA LEU A 583 -7.84 -36.20 -10.07
C LEU A 583 -8.76 -37.41 -9.86
N SER A 584 -8.30 -38.46 -9.17
CA SER A 584 -9.11 -39.63 -8.77
C SER A 584 -10.35 -39.18 -7.99
N LYS A 585 -10.14 -38.45 -6.90
CA LYS A 585 -11.23 -38.01 -5.97
C LYS A 585 -12.25 -37.19 -6.76
N LEU A 586 -11.80 -36.18 -7.52
CA LEU A 586 -12.70 -35.31 -8.31
C LEU A 586 -13.52 -36.16 -9.28
N THR A 587 -12.87 -37.07 -10.01
CA THR A 587 -13.54 -37.86 -11.07
C THR A 587 -14.61 -38.76 -10.41
N VAL A 588 -14.26 -39.41 -9.30
CA VAL A 588 -15.20 -40.32 -8.56
C VAL A 588 -16.45 -39.51 -8.17
N SER A 589 -16.27 -38.28 -7.68
CA SER A 589 -17.36 -37.40 -7.19
C SER A 589 -18.30 -37.07 -8.34
N LEU A 590 -17.86 -37.17 -9.61
CA LEU A 590 -18.68 -36.82 -10.80
C LEU A 590 -19.34 -38.05 -11.42
N LEU A 591 -19.00 -39.26 -10.99
CA LEU A 591 -19.53 -40.50 -11.60
C LEU A 591 -20.96 -40.74 -11.13
N PRO A 592 -21.86 -41.21 -12.00
CA PRO A 592 -23.17 -41.73 -11.56
C PRO A 592 -23.01 -42.82 -10.50
N ASN A 593 -23.87 -42.82 -9.48
CA ASN A 593 -23.82 -43.78 -8.35
C ASN A 593 -23.82 -45.21 -8.88
N LYS A 594 -24.58 -45.51 -9.94
CA LYS A 594 -24.71 -46.90 -10.45
C LYS A 594 -23.32 -47.47 -10.77
N ILE A 595 -22.40 -46.64 -11.28
CA ILE A 595 -21.04 -47.12 -11.66
C ILE A 595 -20.33 -47.59 -10.38
N LEU A 596 -20.35 -46.79 -9.32
CA LEU A 596 -19.66 -47.14 -8.05
C LEU A 596 -20.38 -48.30 -7.34
N ASN A 597 -21.70 -48.43 -7.50
CA ASN A 597 -22.49 -49.51 -6.82
C ASN A 597 -22.22 -50.86 -7.50
N ASP A 598 -22.14 -50.90 -8.84
CA ASP A 598 -22.11 -52.17 -9.63
C ASP A 598 -20.69 -52.66 -9.95
N ASN A 599 -19.67 -51.81 -9.87
CA ASN A 599 -18.28 -52.15 -10.31
C ASN A 599 -17.37 -52.29 -9.11
N PRO A 600 -16.65 -53.42 -8.94
CA PRO A 600 -15.59 -53.48 -7.96
C PRO A 600 -14.58 -52.36 -8.26
N HIS A 601 -14.12 -51.69 -7.21
CA HIS A 601 -13.15 -50.58 -7.25
C HIS A 601 -12.52 -50.47 -5.86
N PHE A 602 -11.54 -49.59 -5.69
CA PHE A 602 -10.87 -49.36 -4.39
C PHE A 602 -11.74 -48.40 -3.58
N ASP A 603 -11.76 -48.58 -2.26
CA ASP A 603 -12.50 -47.71 -1.29
C ASP A 603 -11.93 -46.29 -1.35
N LYS A 604 -10.69 -46.14 -1.81
CA LYS A 604 -10.01 -44.84 -1.97
C LYS A 604 -8.89 -44.97 -3.01
N HIS A 605 -8.22 -43.88 -3.32
CA HIS A 605 -7.09 -43.85 -4.27
C HIS A 605 -5.90 -44.60 -3.67
N TYR A 606 -5.24 -45.46 -4.46
CA TYR A 606 -3.96 -46.14 -4.09
C TYR A 606 -2.91 -45.84 -5.16
N LYS A 607 -1.89 -45.07 -4.79
CA LYS A 607 -0.73 -44.76 -5.65
C LYS A 607 -0.06 -46.07 -6.05
N ASP A 608 0.18 -46.27 -7.36
CA ASP A 608 1.00 -47.37 -7.92
C ASP A 608 0.34 -48.72 -7.66
N VAL A 609 -0.99 -48.75 -7.59
CA VAL A 609 -1.76 -50.02 -7.61
C VAL A 609 -2.76 -49.90 -8.74
N MET A 610 -3.03 -50.99 -9.44
CA MET A 610 -4.10 -51.00 -10.45
C MET A 610 -5.05 -52.17 -10.17
N MET A 611 -6.30 -51.98 -10.59
CA MET A 611 -7.28 -53.07 -10.70
C MET A 611 -8.16 -52.81 -11.91
N LYS A 612 -8.47 -53.89 -12.60
CA LYS A 612 -9.46 -53.95 -13.69
C LYS A 612 -10.28 -55.22 -13.48
N SER A 613 -11.58 -55.18 -13.75
CA SER A 613 -12.47 -56.34 -13.55
C SER A 613 -12.96 -56.86 -14.88
N PHE A 614 -13.33 -58.15 -14.92
CA PHE A 614 -13.84 -58.83 -16.13
C PHE A 614 -14.82 -59.94 -15.70
N LYS A 615 -15.55 -60.45 -16.67
CA LYS A 615 -16.58 -61.51 -16.47
C LYS A 615 -16.29 -62.63 -17.46
N SER A 616 -16.59 -63.87 -17.05
CA SER A 616 -16.54 -65.04 -17.96
C SER A 616 -17.65 -66.01 -17.53
N ASN A 617 -18.59 -66.27 -18.43
CA ASN A 617 -19.70 -67.24 -18.22
C ASN A 617 -20.48 -66.85 -16.96
N GLY A 618 -20.77 -65.56 -16.77
CA GLY A 618 -21.58 -65.05 -15.66
C GLY A 618 -20.78 -64.77 -14.39
N THR A 619 -19.57 -65.31 -14.22
CA THR A 619 -18.74 -65.09 -13.00
C THR A 619 -17.86 -63.83 -13.18
N MET A 620 -17.77 -63.01 -12.14
CA MET A 620 -16.96 -61.77 -12.15
C MET A 620 -15.59 -62.08 -11.52
N TYR A 621 -14.55 -61.44 -12.07
CA TYR A 621 -13.15 -61.56 -11.61
C TYR A 621 -12.54 -60.17 -11.53
N SER A 622 -11.51 -60.00 -10.70
CA SER A 622 -10.71 -58.76 -10.65
C SER A 622 -9.21 -59.10 -10.76
N LEU A 623 -8.50 -58.28 -11.54
CA LEU A 623 -7.02 -58.30 -11.65
C LEU A 623 -6.48 -57.15 -10.80
N ILE A 624 -5.55 -57.43 -9.91
CA ILE A 624 -4.91 -56.41 -9.04
C ILE A 624 -3.39 -56.58 -9.20
N ILE A 625 -2.69 -55.47 -9.42
CA ILE A 625 -1.21 -55.44 -9.47
C ILE A 625 -0.73 -54.31 -8.55
N ASN A 626 0.26 -54.62 -7.72
CA ASN A 626 0.94 -53.69 -6.81
C ASN A 626 2.29 -53.31 -7.44
N LYS A 627 2.47 -52.04 -7.79
CA LYS A 627 3.74 -51.51 -8.37
C LYS A 627 4.41 -50.57 -7.37
N SER A 628 3.87 -50.47 -6.16
CA SER A 628 4.46 -49.67 -5.07
C SER A 628 5.64 -50.45 -4.49
N ALA A 629 6.45 -49.77 -3.68
CA ALA A 629 7.62 -50.37 -2.99
C ALA A 629 7.17 -51.15 -1.74
N SER A 630 5.90 -51.12 -1.35
CA SER A 630 5.43 -51.67 -0.06
C SER A 630 4.26 -52.64 -0.26
N VAL A 631 4.13 -53.59 0.68
CA VAL A 631 2.91 -54.45 0.78
C VAL A 631 1.72 -53.48 0.93
N GLN A 632 0.63 -53.73 0.23
CA GLN A 632 -0.56 -52.86 0.29
C GLN A 632 -1.73 -53.71 0.75
N THR A 633 -2.61 -53.13 1.56
CA THR A 633 -3.94 -53.74 1.84
C THR A 633 -4.98 -52.88 1.14
N VAL A 634 -5.61 -53.43 0.12
CA VAL A 634 -6.58 -52.68 -0.72
C VAL A 634 -7.99 -53.17 -0.35
N ASP A 635 -8.83 -52.24 0.10
CA ASP A 635 -10.26 -52.51 0.43
C ASP A 635 -11.07 -52.40 -0.86
N ILE A 636 -11.57 -53.52 -1.35
CA ILE A 636 -12.39 -53.57 -2.60
C ILE A 636 -13.86 -53.45 -2.22
N VAL A 637 -14.58 -52.55 -2.88
CA VAL A 637 -16.03 -52.29 -2.66
C VAL A 637 -16.70 -52.18 -4.03
N GLY A 638 -18.02 -52.36 -4.06
CA GLY A 638 -18.83 -52.31 -5.29
C GLY A 638 -18.99 -53.69 -5.87
N GLY A 639 -20.02 -53.88 -6.70
CA GLY A 639 -20.49 -55.20 -7.17
C GLY A 639 -20.87 -56.08 -5.99
N LYS A 640 -20.85 -57.40 -6.19
CA LYS A 640 -21.28 -58.41 -5.19
C LYS A 640 -20.25 -59.55 -5.17
N GLY A 641 -20.17 -60.27 -4.06
CA GLY A 641 -19.46 -61.55 -3.96
C GLY A 641 -18.39 -61.49 -2.90
N LYS A 642 -17.79 -62.64 -2.60
CA LYS A 642 -16.68 -62.80 -1.63
C LYS A 642 -15.42 -63.18 -2.41
N ALA A 643 -14.30 -62.56 -2.06
CA ALA A 643 -12.99 -62.75 -2.74
C ALA A 643 -12.48 -64.17 -2.53
N PHE A 644 -12.24 -64.90 -3.61
CA PHE A 644 -11.39 -66.12 -3.62
C PHE A 644 -10.19 -65.84 -4.52
N ILE A 645 -8.97 -65.91 -3.97
CA ILE A 645 -7.71 -65.73 -4.74
C ILE A 645 -7.46 -66.94 -5.64
N LEU A 646 -7.62 -66.77 -6.95
CA LEU A 646 -7.50 -67.84 -7.95
C LEU A 646 -6.07 -67.86 -8.51
N PHE A 647 -5.41 -66.70 -8.58
CA PHE A 647 -4.01 -66.56 -9.06
C PHE A 647 -3.31 -65.54 -8.16
N ALA A 648 -2.10 -65.86 -7.69
CA ALA A 648 -1.22 -64.98 -6.90
C ALA A 648 0.21 -65.54 -7.00
N ASN A 649 1.18 -64.73 -7.42
CA ASN A 649 2.56 -65.23 -7.63
C ASN A 649 3.42 -64.93 -6.41
N LYS A 650 2.93 -64.24 -5.39
CA LYS A 650 3.71 -63.97 -4.15
C LYS A 650 2.86 -64.20 -2.89
N ASN A 651 1.93 -65.17 -2.89
CA ASN A 651 1.18 -65.59 -1.66
C ASN A 651 0.30 -64.47 -1.11
N ALA A 652 -0.33 -63.67 -1.96
CA ALA A 652 -1.39 -62.73 -1.53
C ALA A 652 -2.41 -63.47 -0.64
N HIS A 653 -3.08 -62.77 0.26
CA HIS A 653 -4.20 -63.30 1.09
C HIS A 653 -5.26 -62.21 1.23
N SER A 654 -6.53 -62.60 1.36
CA SER A 654 -7.66 -61.66 1.58
C SER A 654 -8.38 -62.00 2.89
N THR A 655 -8.93 -60.98 3.54
CA THR A 655 -9.92 -61.09 4.64
C THR A 655 -11.12 -60.25 4.23
N ALA A 656 -12.22 -60.88 3.81
CA ALA A 656 -13.50 -60.24 3.48
C ALA A 656 -13.29 -59.02 2.55
N ASN A 657 -12.70 -59.23 1.38
CA ASN A 657 -12.61 -58.22 0.28
C ASN A 657 -11.55 -57.15 0.60
N LYS A 658 -10.66 -57.39 1.58
CA LYS A 658 -9.45 -56.57 1.83
C LYS A 658 -8.27 -57.44 1.41
N LEU A 659 -7.59 -57.06 0.31
CA LEU A 659 -6.52 -57.87 -0.32
C LEU A 659 -5.16 -57.33 0.11
N THR A 660 -4.34 -58.21 0.68
CA THR A 660 -2.93 -57.93 1.02
C THR A 660 -2.09 -58.45 -0.14
N ILE A 661 -1.45 -57.53 -0.87
CA ILE A 661 -0.72 -57.84 -2.14
C ILE A 661 0.70 -57.28 -2.04
N SER A 662 1.68 -58.08 -2.43
CA SER A 662 3.13 -57.75 -2.28
C SER A 662 3.59 -56.90 -3.48
N PRO A 663 4.71 -56.18 -3.33
CA PRO A 663 5.32 -55.45 -4.45
C PRO A 663 5.55 -56.36 -5.66
N GLU A 664 5.06 -55.96 -6.83
CA GLU A 664 5.24 -56.59 -8.17
C GLU A 664 4.35 -57.82 -8.32
N GLU A 665 3.53 -58.11 -7.31
CA GLU A 665 2.61 -59.29 -7.36
C GLU A 665 1.44 -58.99 -8.30
N THR A 666 1.02 -60.00 -9.05
CA THR A 666 -0.22 -60.03 -9.85
C THR A 666 -1.22 -60.97 -9.17
N VAL A 667 -2.45 -60.52 -8.94
CA VAL A 667 -3.53 -61.32 -8.26
C VAL A 667 -4.77 -61.34 -9.14
N ILE A 668 -5.37 -62.52 -9.32
CA ILE A 668 -6.75 -62.67 -9.84
C ILE A 668 -7.66 -63.14 -8.71
N ILE A 669 -8.68 -62.34 -8.39
CA ILE A 669 -9.78 -62.70 -7.46
C ILE A 669 -10.96 -63.19 -8.31
N LYS A 670 -11.48 -64.36 -7.94
CA LYS A 670 -12.80 -64.87 -8.38
C LYS A 670 -13.82 -64.46 -7.32
N TRP A 671 -14.90 -63.79 -7.73
CA TRP A 671 -15.98 -63.31 -6.83
C TRP A 671 -17.04 -64.43 -6.72
N LYS A 672 -17.18 -65.01 -5.52
CA LYS A 672 -18.08 -66.15 -5.23
C LYS A 672 -19.55 -65.72 -5.34
N LEU B 14 -19.04 -32.02 -4.12
CA LEU B 14 -18.53 -31.05 -5.16
C LEU B 14 -19.56 -29.94 -5.43
N GLU B 15 -20.79 -30.07 -4.94
CA GLU B 15 -21.75 -28.94 -4.74
C GLU B 15 -21.15 -27.86 -3.82
N VAL B 16 -20.20 -28.23 -2.95
CA VAL B 16 -19.54 -27.39 -1.91
C VAL B 16 -18.66 -26.29 -2.57
N LEU B 17 -18.27 -26.51 -3.82
CA LEU B 17 -17.41 -25.62 -4.63
C LEU B 17 -18.23 -24.45 -5.16
N PHE B 18 -19.52 -24.65 -5.47
CA PHE B 18 -20.40 -23.57 -6.03
C PHE B 18 -20.48 -22.38 -5.08
N GLN B 19 -20.38 -21.16 -5.61
CA GLN B 19 -20.43 -19.93 -4.77
C GLN B 19 -21.82 -19.90 -4.12
N GLY B 20 -21.89 -19.84 -2.78
CA GLY B 20 -23.15 -19.70 -2.04
C GLY B 20 -23.79 -18.34 -2.31
N PRO B 21 -25.13 -18.19 -2.11
CA PRO B 21 -25.71 -16.85 -2.01
C PRO B 21 -25.36 -16.26 -0.63
N ALA B 22 -25.23 -14.94 -0.53
CA ALA B 22 -24.96 -14.19 0.73
C ALA B 22 -26.06 -14.48 1.76
N GLU B 23 -25.71 -14.72 3.03
CA GLU B 23 -26.69 -14.79 4.15
C GLU B 23 -27.37 -13.42 4.29
N ARG B 24 -28.70 -13.42 4.50
CA ARG B 24 -29.56 -12.21 4.59
C ARG B 24 -30.06 -12.15 6.03
N ILE B 25 -29.91 -11.01 6.70
CA ILE B 25 -30.37 -10.84 8.10
C ILE B 25 -31.91 -10.94 8.11
N SER B 26 -32.47 -11.50 9.17
CA SER B 26 -33.93 -11.58 9.40
C SER B 26 -34.21 -11.45 10.90
N LYS B 27 -35.49 -11.39 11.28
CA LYS B 27 -35.92 -11.33 12.71
C LYS B 27 -35.62 -12.66 13.43
N GLN B 28 -35.20 -13.70 12.71
CA GLN B 28 -34.83 -15.03 13.27
C GLN B 28 -33.31 -15.23 13.28
N SER B 29 -32.51 -14.24 12.85
CA SER B 29 -31.03 -14.39 12.84
C SER B 29 -30.51 -14.55 14.28
N THR B 30 -29.42 -15.27 14.43
CA THR B 30 -28.67 -15.38 15.70
C THR B 30 -27.97 -14.04 15.91
N PRO B 31 -28.20 -13.36 17.06
CA PRO B 31 -27.49 -12.11 17.33
C PRO B 31 -25.98 -12.36 17.46
N PHE B 32 -25.18 -11.35 17.10
CA PHE B 32 -23.71 -11.39 17.20
C PHE B 32 -23.19 -10.25 18.07
N VAL B 33 -22.03 -10.47 18.66
CA VAL B 33 -21.17 -9.42 19.26
C VAL B 33 -20.03 -9.18 18.27
N GLY B 34 -19.70 -7.92 18.00
CA GLY B 34 -18.67 -7.55 17.03
C GLY B 34 -17.96 -6.27 17.40
N ALA B 35 -16.99 -5.88 16.59
CA ALA B 35 -16.20 -4.65 16.82
C ALA B 35 -15.70 -4.09 15.49
N GLN B 36 -15.51 -2.77 15.45
CA GLN B 36 -14.80 -2.11 14.35
C GLN B 36 -13.38 -2.68 14.27
N ILE B 37 -12.92 -2.99 13.08
CA ILE B 37 -11.47 -3.22 12.82
C ILE B 37 -10.99 -1.98 12.07
N PHE B 38 -10.15 -1.18 12.72
CA PHE B 38 -9.69 0.11 12.16
C PHE B 38 -8.45 -0.16 11.29
N ILE B 39 -8.62 0.01 9.99
CA ILE B 39 -7.58 -0.23 8.95
C ILE B 39 -7.11 1.12 8.39
N GLU B 40 -5.81 1.36 8.49
CA GLU B 40 -5.14 2.55 7.91
C GLU B 40 -3.75 2.10 7.46
N PRO B 41 -3.10 2.86 6.56
CA PRO B 41 -1.74 2.56 6.13
C PRO B 41 -0.78 2.61 7.33
N GLY B 42 0.27 1.79 7.28
CA GLY B 42 1.34 1.73 8.28
C GLY B 42 1.25 0.48 9.12
N GLN B 43 0.06 -0.08 9.27
CA GLN B 43 -0.18 -1.31 10.07
C GLN B 43 0.56 -2.50 9.41
N THR B 44 1.03 -3.47 10.20
CA THR B 44 1.68 -4.70 9.65
C THR B 44 0.66 -5.84 9.51
N GLN B 45 0.91 -6.75 8.57
CA GLN B 45 0.17 -8.04 8.42
C GLN B 45 0.03 -8.72 9.79
N GLU B 46 1.12 -8.79 10.55
CA GLU B 46 1.20 -9.53 11.84
C GLU B 46 0.24 -8.88 12.85
N GLN B 47 0.24 -7.55 12.94
CA GLN B 47 -0.66 -6.79 13.85
C GLN B 47 -2.11 -7.12 13.48
N ILE B 48 -2.46 -7.04 12.19
CA ILE B 48 -3.88 -7.21 11.73
C ILE B 48 -4.32 -8.65 12.01
N GLU B 49 -3.45 -9.62 11.75
CA GLU B 49 -3.77 -11.04 12.06
C GLU B 49 -4.01 -11.22 13.56
N GLN B 50 -3.16 -10.67 14.42
CA GLN B 50 -3.32 -10.66 15.90
C GLN B 50 -4.73 -10.17 16.26
N TRP B 51 -5.23 -9.11 15.58
CA TRP B 51 -6.55 -8.51 15.92
C TRP B 51 -7.65 -9.53 15.59
N PHE B 52 -7.66 -10.07 14.38
CA PHE B 52 -8.70 -11.03 13.93
C PHE B 52 -8.66 -12.31 14.78
N LYS B 53 -7.45 -12.77 15.13
CA LYS B 53 -7.29 -13.98 15.97
C LYS B 53 -7.96 -13.73 17.33
N LEU B 54 -7.65 -12.60 17.98
CA LEU B 54 -8.21 -12.29 19.33
C LEU B 54 -9.72 -12.01 19.23
N LEU B 55 -10.16 -11.35 18.16
CA LEU B 55 -11.60 -11.08 17.91
C LEU B 55 -12.35 -12.43 17.87
N ALA B 56 -11.86 -13.39 17.08
CA ALA B 56 -12.47 -14.75 16.97
C ALA B 56 -12.45 -15.44 18.33
N GLU B 57 -11.35 -15.37 19.07
CA GLU B 57 -11.21 -16.02 20.39
C GLU B 57 -12.11 -15.35 21.43
N SER B 58 -12.59 -14.14 21.16
CA SER B 58 -13.45 -13.37 22.10
C SER B 58 -14.93 -13.63 21.75
N ASN B 59 -15.24 -14.66 20.97
CA ASN B 59 -16.63 -15.09 20.63
C ASN B 59 -17.34 -13.99 19.83
N MET B 60 -16.59 -13.18 19.10
CA MET B 60 -17.15 -12.18 18.15
C MET B 60 -17.11 -12.81 16.75
N THR B 61 -18.17 -12.64 15.97
CA THR B 61 -18.32 -13.26 14.64
C THR B 61 -18.21 -12.21 13.54
N THR B 62 -18.23 -10.92 13.91
CA THR B 62 -18.51 -9.83 12.95
C THR B 62 -17.61 -8.63 13.25
N CYS B 63 -17.14 -7.97 12.20
CA CYS B 63 -16.40 -6.70 12.31
C CYS B 63 -17.07 -5.69 11.37
N ARG B 64 -16.73 -4.43 11.59
CA ARG B 64 -17.07 -3.36 10.64
C ARG B 64 -15.77 -2.70 10.21
N ILE B 65 -15.65 -2.45 8.91
CA ILE B 65 -14.43 -1.83 8.32
C ILE B 65 -14.87 -0.62 7.51
N ARG B 66 -14.24 0.52 7.81
CA ARG B 66 -14.38 1.78 7.05
C ARG B 66 -13.56 1.67 5.76
N MET B 67 -14.22 1.65 4.61
CA MET B 67 -13.58 1.40 3.29
C MET B 67 -13.02 2.73 2.75
N PHE B 68 -12.09 3.31 3.47
CA PHE B 68 -11.57 4.68 3.20
C PHE B 68 -11.17 4.82 1.73
N GLY B 69 -11.89 5.66 0.97
CA GLY B 69 -11.46 6.04 -0.38
C GLY B 69 -10.06 6.61 -0.38
N LYS B 70 -9.71 7.37 0.67
CA LYS B 70 -8.39 8.01 0.78
C LYS B 70 -7.29 6.96 0.66
N TYR B 71 -7.48 5.75 1.20
CA TYR B 71 -6.42 4.72 1.32
C TYR B 71 -6.52 3.70 0.19
N MET B 72 -7.27 4.02 -0.88
CA MET B 72 -7.38 3.14 -2.08
C MET B 72 -7.09 3.95 -3.36
N LYS B 73 -7.65 5.14 -3.47
CA LYS B 73 -7.56 5.98 -4.70
C LYS B 73 -6.11 6.47 -4.83
N THR B 74 -5.54 6.41 -6.03
CA THR B 74 -4.14 6.78 -6.39
C THR B 74 -4.13 8.18 -6.99
N PRO B 75 -2.95 8.83 -7.12
CA PRO B 75 -2.89 10.15 -7.75
C PRO B 75 -3.66 10.27 -9.08
N SER B 76 -3.70 9.23 -9.91
CA SER B 76 -4.32 9.25 -11.25
C SER B 76 -5.83 8.98 -11.18
N GLY B 77 -6.34 8.56 -10.04
CA GLY B 77 -7.79 8.30 -9.82
C GLY B 77 -8.15 6.84 -9.91
N THR B 78 -7.22 5.93 -10.22
CA THR B 78 -7.46 4.47 -10.21
C THR B 78 -7.49 3.98 -8.74
N TYR B 79 -8.09 2.83 -8.49
CA TYR B 79 -8.29 2.26 -7.14
C TYR B 79 -7.30 1.11 -6.99
N ASP B 80 -6.45 1.15 -5.98
CA ASP B 80 -5.68 -0.03 -5.49
C ASP B 80 -6.34 -0.53 -4.20
N PHE B 81 -6.86 -1.76 -4.21
CA PHE B 81 -7.72 -2.33 -3.13
C PHE B 81 -6.87 -3.07 -2.07
N THR B 82 -5.54 -3.15 -2.26
CA THR B 82 -4.60 -4.02 -1.51
C THR B 82 -4.81 -3.92 0.01
N LEU B 83 -4.88 -2.70 0.54
CA LEU B 83 -4.93 -2.49 2.01
C LEU B 83 -6.17 -3.19 2.57
N PHE B 84 -7.30 -3.11 1.87
CA PHE B 84 -8.58 -3.69 2.35
C PHE B 84 -8.68 -5.18 1.97
N ASP B 85 -8.11 -5.60 0.83
CA ASP B 85 -8.00 -7.04 0.50
C ASP B 85 -7.31 -7.76 1.66
N ARG B 86 -6.20 -7.23 2.15
CA ARG B 86 -5.41 -7.83 3.25
C ARG B 86 -6.31 -8.07 4.46
N ALA B 87 -7.14 -7.08 4.81
CA ALA B 87 -8.03 -7.15 5.98
C ALA B 87 -9.18 -8.13 5.72
N PHE B 88 -9.84 -8.05 4.56
CA PHE B 88 -10.96 -8.95 4.23
C PHE B 88 -10.48 -10.42 4.25
N LYS B 89 -9.29 -10.68 3.74
CA LYS B 89 -8.74 -12.07 3.65
C LYS B 89 -8.41 -12.58 5.04
N LEU B 90 -7.85 -11.75 5.91
CA LEU B 90 -7.57 -12.16 7.32
C LEU B 90 -8.91 -12.35 8.06
N ALA B 91 -9.91 -11.52 7.82
CA ALA B 91 -11.25 -11.72 8.40
C ALA B 91 -11.76 -13.11 7.98
N ASP B 92 -11.69 -13.41 6.68
CA ASP B 92 -12.23 -14.66 6.10
C ASP B 92 -11.50 -15.87 6.74
N LYS B 93 -10.17 -15.79 6.86
CA LYS B 93 -9.34 -16.84 7.47
C LYS B 93 -9.87 -17.19 8.87
N TYR B 94 -10.32 -16.20 9.64
CA TYR B 94 -10.79 -16.40 11.04
C TYR B 94 -12.33 -16.47 11.10
N HIS B 95 -12.98 -16.64 9.94
CA HIS B 95 -14.45 -16.84 9.80
C HIS B 95 -15.20 -15.62 10.37
N ILE B 96 -14.68 -14.42 10.14
CA ILE B 96 -15.28 -13.14 10.60
C ILE B 96 -15.97 -12.49 9.40
N LYS B 97 -17.26 -12.17 9.53
CA LYS B 97 -18.02 -11.48 8.47
C LYS B 97 -17.86 -9.97 8.64
N VAL B 98 -18.06 -9.22 7.56
CA VAL B 98 -17.68 -7.78 7.48
C VAL B 98 -18.92 -6.95 7.14
N TYR B 99 -19.18 -5.94 7.98
CA TYR B 99 -19.98 -4.75 7.64
C TYR B 99 -19.01 -3.75 7.00
N ALA B 100 -19.21 -3.44 5.73
CA ALA B 100 -18.32 -2.53 4.97
C ALA B 100 -18.97 -1.17 4.84
N THR B 101 -18.34 -0.14 5.39
CA THR B 101 -18.89 1.23 5.34
C THR B 101 -18.38 1.94 4.11
N LEU B 102 -19.31 2.43 3.28
CA LEU B 102 -19.00 3.31 2.15
C LEU B 102 -18.54 4.65 2.72
N PHE B 103 -17.28 5.00 2.45
CA PHE B 103 -16.59 6.16 3.05
C PHE B 103 -15.65 6.73 2.00
N PRO B 104 -16.19 7.54 1.06
CA PRO B 104 -15.40 8.13 0.00
C PRO B 104 -14.26 9.00 0.52
N ASP B 105 -13.33 9.34 -0.36
CA ASP B 105 -12.17 10.20 -0.06
C ASP B 105 -12.68 11.41 0.72
N THR B 106 -12.00 11.74 1.81
CA THR B 106 -12.37 12.87 2.71
C THR B 106 -11.12 13.33 3.45
N GLU B 107 -11.13 14.55 3.97
CA GLU B 107 -10.02 15.11 4.78
C GLU B 107 -9.72 14.10 5.90
N PHE B 108 -8.44 13.88 6.18
CA PHE B 108 -7.97 13.02 7.28
C PHE B 108 -8.63 13.45 8.61
N THR B 109 -8.85 14.76 8.80
CA THR B 109 -9.36 15.33 10.08
C THR B 109 -10.87 15.05 10.25
N ASP B 110 -11.55 14.54 9.23
CA ASP B 110 -13.01 14.29 9.30
C ASP B 110 -13.24 12.94 9.98
N VAL B 111 -13.52 12.95 11.29
CA VAL B 111 -13.61 11.70 12.10
C VAL B 111 -14.84 10.87 11.70
N GLY B 112 -15.97 11.54 11.45
CA GLY B 112 -17.27 10.86 11.23
C GLY B 112 -17.65 10.68 9.77
N GLY B 113 -17.11 11.51 8.87
CA GLY B 113 -17.41 11.54 7.43
C GLY B 113 -18.41 12.63 7.06
N PHE B 114 -18.39 13.05 5.80
CA PHE B 114 -19.35 14.03 5.25
C PHE B 114 -20.73 13.36 5.12
N LYS B 115 -21.77 14.17 5.23
CA LYS B 115 -23.17 13.70 5.37
C LYS B 115 -23.94 13.83 4.05
N PHE B 116 -23.47 14.69 3.16
CA PHE B 116 -24.05 14.94 1.81
C PHE B 116 -22.93 15.37 0.86
N PRO B 117 -23.09 15.16 -0.47
CA PRO B 117 -22.11 15.65 -1.43
C PRO B 117 -21.97 17.18 -1.31
N HIS B 118 -20.75 17.69 -1.51
CA HIS B 118 -20.39 19.14 -1.48
C HIS B 118 -20.86 19.83 -2.76
N SER B 119 -20.91 19.11 -3.88
CA SER B 119 -21.10 19.62 -5.26
C SER B 119 -21.52 18.50 -6.21
N ARG B 120 -22.04 18.85 -7.39
CA ARG B 120 -22.39 17.87 -8.46
C ARG B 120 -21.14 17.05 -8.80
N GLU B 121 -19.98 17.71 -8.87
CA GLU B 121 -18.69 17.08 -9.23
C GLU B 121 -18.35 16.07 -8.13
N HIS B 122 -18.53 16.45 -6.86
CA HIS B 122 -18.28 15.54 -5.73
C HIS B 122 -19.26 14.34 -5.84
N GLN B 123 -20.52 14.57 -6.18
CA GLN B 123 -21.50 13.46 -6.33
C GLN B 123 -20.96 12.46 -7.36
N LYS B 124 -20.39 12.93 -8.46
CA LYS B 124 -19.82 12.05 -9.52
C LYS B 124 -18.62 11.29 -8.97
N GLU B 125 -17.79 11.91 -8.13
CA GLU B 125 -16.64 11.21 -7.48
C GLU B 125 -17.19 10.09 -6.60
N VAL B 126 -18.28 10.33 -5.88
CA VAL B 126 -18.88 9.30 -4.98
C VAL B 126 -19.42 8.15 -5.85
N GLU B 127 -20.06 8.44 -6.98
CA GLU B 127 -20.56 7.42 -7.95
C GLU B 127 -19.40 6.49 -8.37
N ASP B 128 -18.26 7.09 -8.71
CA ASP B 128 -17.04 6.38 -9.15
C ASP B 128 -16.52 5.52 -7.99
N TYR B 129 -16.47 6.08 -6.77
CA TYR B 129 -16.02 5.37 -5.54
C TYR B 129 -16.91 4.13 -5.36
N ILE B 130 -18.24 4.30 -5.42
CA ILE B 130 -19.18 3.16 -5.17
C ILE B 130 -18.96 2.08 -6.23
N LYS B 131 -18.90 2.46 -7.50
CA LYS B 131 -18.68 1.51 -8.64
C LYS B 131 -17.46 0.63 -8.33
N ASN B 132 -16.33 1.27 -8.05
CA ASN B 132 -15.02 0.59 -7.82
C ASN B 132 -15.12 -0.31 -6.58
N VAL B 133 -15.56 0.24 -5.45
CA VAL B 133 -15.47 -0.47 -4.14
C VAL B 133 -16.51 -1.59 -4.09
N VAL B 134 -17.74 -1.34 -4.50
CA VAL B 134 -18.82 -2.36 -4.44
C VAL B 134 -18.51 -3.48 -5.46
N SER B 135 -18.10 -3.14 -6.67
CA SER B 135 -17.79 -4.14 -7.73
C SER B 135 -16.72 -5.11 -7.21
N HIS B 136 -15.71 -4.59 -6.53
CA HIS B 136 -14.59 -5.42 -6.00
C HIS B 136 -15.02 -6.20 -4.75
N PHE B 137 -15.48 -5.53 -3.69
CA PHE B 137 -15.60 -6.19 -2.36
C PHE B 137 -16.87 -7.05 -2.29
N SER B 138 -17.84 -6.86 -3.17
CA SER B 138 -19.06 -7.70 -3.26
C SER B 138 -18.69 -9.17 -3.54
N GLN B 139 -17.47 -9.41 -4.03
CA GLN B 139 -16.99 -10.76 -4.44
C GLN B 139 -16.52 -11.56 -3.22
N TYR B 140 -16.26 -10.92 -2.07
CA TYR B 140 -15.82 -11.62 -0.85
C TYR B 140 -17.00 -12.36 -0.22
N LYS B 141 -16.80 -13.63 0.08
CA LYS B 141 -17.88 -14.50 0.62
C LYS B 141 -18.15 -14.13 2.08
N ASN B 142 -17.26 -13.42 2.77
CA ASN B 142 -17.45 -13.03 4.20
C ASN B 142 -18.05 -11.60 4.31
N LEU B 143 -18.43 -10.96 3.20
CA LEU B 143 -19.13 -9.63 3.25
C LEU B 143 -20.56 -9.88 3.75
N ALA B 144 -20.95 -9.23 4.85
CA ALA B 144 -22.29 -9.38 5.47
C ALA B 144 -23.22 -8.23 5.05
N ALA B 145 -22.69 -7.01 4.90
CA ALA B 145 -23.56 -5.84 4.68
C ALA B 145 -22.76 -4.65 4.17
N TRP B 146 -23.44 -3.80 3.41
CA TRP B 146 -22.97 -2.44 3.04
C TRP B 146 -23.61 -1.45 4.02
N VAL B 147 -22.78 -0.68 4.72
CA VAL B 147 -23.26 0.49 5.49
C VAL B 147 -23.20 1.67 4.53
N LEU B 148 -24.36 2.18 4.12
CA LEU B 148 -24.53 3.15 3.00
C LEU B 148 -23.72 4.43 3.27
N ILE B 149 -23.70 4.84 4.54
CA ILE B 149 -22.99 6.06 5.01
C ILE B 149 -22.81 5.91 6.51
N ASN B 150 -21.67 6.36 7.05
CA ASN B 150 -21.49 6.36 8.52
C ASN B 150 -22.28 7.53 9.10
N GLU B 151 -23.18 7.25 10.05
CA GLU B 151 -23.83 8.29 10.88
C GLU B 151 -24.46 9.36 9.99
N PRO B 152 -25.51 9.03 9.21
CA PRO B 152 -26.26 10.05 8.48
C PRO B 152 -26.81 11.08 9.45
N GLY B 153 -26.89 12.33 9.00
CA GLY B 153 -27.39 13.46 9.78
C GLY B 153 -26.28 14.17 10.54
N THR B 154 -26.46 15.45 10.82
CA THR B 154 -25.52 16.25 11.62
C THR B 154 -26.25 17.44 12.23
N PRO B 155 -25.82 17.93 13.42
CA PRO B 155 -26.36 19.17 13.98
C PRO B 155 -25.96 20.41 13.15
N ASN B 156 -24.90 20.32 12.33
CA ASN B 156 -24.39 21.44 11.48
C ASN B 156 -24.61 21.12 10.00
N LEU B 157 -25.83 21.29 9.48
CA LEU B 157 -26.15 20.90 8.07
C LEU B 157 -25.48 21.88 7.11
N PRO B 158 -24.89 21.40 5.98
CA PRO B 158 -24.12 22.27 5.09
C PRO B 158 -24.96 23.13 4.12
N PHE B 159 -25.78 24.04 4.64
CA PHE B 159 -26.62 24.97 3.83
C PHE B 159 -25.73 25.96 3.07
N ASN B 160 -24.48 26.13 3.52
CA ASN B 160 -23.44 27.00 2.88
C ASN B 160 -22.96 26.43 1.54
N GLU B 161 -22.97 25.10 1.36
CA GLU B 161 -22.33 24.40 0.19
C GLU B 161 -23.27 24.42 -1.01
N PRO B 162 -22.71 24.49 -2.26
CA PRO B 162 -23.53 24.57 -3.47
C PRO B 162 -24.55 23.43 -3.69
N PHE B 163 -24.20 22.18 -3.42
CA PHE B 163 -25.10 21.01 -3.70
C PHE B 163 -26.34 21.15 -2.81
N THR B 164 -26.15 21.38 -1.50
CA THR B 164 -27.29 21.53 -0.55
C THR B 164 -28.10 22.78 -0.86
N LYS B 165 -27.43 23.91 -1.09
CA LYS B 165 -28.08 25.21 -1.43
C LYS B 165 -29.03 25.01 -2.63
N GLU B 166 -28.56 24.35 -3.68
CA GLU B 166 -29.34 24.12 -4.93
C GLU B 166 -30.50 23.16 -4.65
N ARG B 167 -30.26 22.07 -3.93
CA ARG B 167 -31.32 21.08 -3.63
C ARG B 167 -32.44 21.77 -2.85
N PHE B 168 -32.10 22.67 -1.92
CA PHE B 168 -33.09 23.37 -1.08
C PHE B 168 -33.92 24.33 -1.95
N SER B 169 -33.27 25.08 -2.84
CA SER B 169 -33.92 26.00 -3.81
C SER B 169 -34.92 25.22 -4.66
N ASP B 170 -34.49 24.12 -5.27
CA ASP B 170 -35.34 23.24 -6.12
C ASP B 170 -36.54 22.72 -5.31
N TRP B 171 -36.28 22.23 -4.10
CA TRP B 171 -37.33 21.69 -3.19
C TRP B 171 -38.40 22.77 -2.97
N LYS B 172 -37.99 24.00 -2.64
CA LYS B 172 -38.91 25.13 -2.36
C LYS B 172 -39.76 25.43 -3.60
N LYS B 173 -39.17 25.44 -4.79
CA LYS B 173 -39.88 25.69 -6.06
C LYS B 173 -40.91 24.59 -6.32
N GLU B 174 -40.65 23.34 -5.93
CA GLU B 174 -41.58 22.20 -6.18
C GLU B 174 -42.63 22.10 -5.08
N HIS B 175 -42.59 22.96 -4.05
CA HIS B 175 -43.61 23.00 -2.97
C HIS B 175 -44.35 24.34 -3.04
N ASN B 176 -45.63 24.34 -2.73
CA ASN B 176 -46.50 25.53 -2.85
C ASN B 176 -47.11 25.76 -1.47
N PHE B 177 -46.49 26.64 -0.67
CA PHE B 177 -46.94 26.98 0.71
C PHE B 177 -47.62 28.35 0.69
N SER B 178 -48.68 28.53 1.49
CA SER B 178 -49.26 29.88 1.75
C SER B 178 -48.77 30.40 3.10
N GLU B 179 -48.72 31.72 3.24
CA GLU B 179 -48.36 32.44 4.47
C GLU B 179 -49.54 32.49 5.46
N TYR B 180 -50.73 32.00 5.08
CA TYR B 180 -51.94 32.01 5.95
C TYR B 180 -52.60 30.63 5.93
N ASN B 181 -53.25 30.24 7.02
CA ASN B 181 -53.95 28.92 7.09
C ASN B 181 -55.38 29.11 6.55
N GLU B 182 -56.18 28.05 6.61
CA GLU B 182 -57.57 27.99 6.11
C GLU B 182 -58.37 29.14 6.75
N LYS B 183 -58.24 29.34 8.07
CA LYS B 183 -59.05 30.35 8.80
C LYS B 183 -58.52 31.76 8.52
N GLY B 184 -57.32 31.92 7.95
CA GLY B 184 -56.73 33.23 7.60
C GLY B 184 -55.60 33.68 8.53
N TYR B 185 -55.26 32.91 9.54
CA TYR B 185 -54.17 33.23 10.51
C TYR B 185 -52.80 33.08 9.85
N PRO B 186 -51.80 33.91 10.22
CA PRO B 186 -50.41 33.70 9.81
C PRO B 186 -49.91 32.32 10.21
N VAL B 187 -48.98 31.75 9.43
CA VAL B 187 -48.40 30.39 9.67
C VAL B 187 -46.90 30.42 9.42
N LEU B 188 -46.17 29.50 10.06
CA LEU B 188 -44.82 29.06 9.63
C LEU B 188 -45.00 27.74 8.87
N ASN B 189 -44.16 27.49 7.87
CA ASN B 189 -44.27 26.26 7.04
C ASN B 189 -43.10 25.29 7.26
N PHE B 190 -42.07 25.69 8.01
CA PHE B 190 -40.92 24.82 8.37
C PHE B 190 -40.34 24.20 7.09
N GLU B 191 -40.11 25.05 6.09
CA GLU B 191 -39.57 24.61 4.78
C GLU B 191 -38.23 23.89 4.97
N LYS B 192 -37.32 24.49 5.73
CA LYS B 192 -35.96 23.94 5.99
C LYS B 192 -36.09 22.54 6.57
N GLU B 193 -36.95 22.37 7.58
CA GLU B 193 -37.06 21.11 8.35
C GLU B 193 -37.64 20.01 7.46
N ASN B 194 -38.66 20.33 6.69
CA ASN B 194 -39.34 19.37 5.78
C ASN B 194 -38.39 19.01 4.61
N PHE B 195 -37.64 19.98 4.08
CA PHE B 195 -36.59 19.72 3.08
C PHE B 195 -35.57 18.74 3.66
N ILE B 196 -35.10 18.97 4.89
CA ILE B 196 -34.00 18.15 5.48
C ILE B 196 -34.48 16.69 5.60
N ILE B 197 -35.72 16.46 6.00
CA ILE B 197 -36.32 15.08 6.00
C ILE B 197 -36.18 14.47 4.60
N ASP B 198 -36.64 15.19 3.58
CA ASP B 198 -36.72 14.68 2.18
C ASP B 198 -35.29 14.49 1.65
N TYR B 199 -34.37 15.36 2.06
CA TYR B 199 -32.95 15.37 1.61
C TYR B 199 -32.24 14.11 2.14
N HIS B 200 -32.40 13.78 3.42
CA HIS B 200 -31.87 12.53 4.03
C HIS B 200 -32.48 11.33 3.30
N ASN B 201 -33.79 11.31 3.12
CA ASN B 201 -34.48 10.22 2.39
C ASN B 201 -33.84 10.08 1.00
N TRP B 202 -33.67 11.18 0.28
CA TRP B 202 -33.14 11.19 -1.10
C TRP B 202 -31.72 10.64 -1.12
N TYR B 203 -30.80 11.13 -0.29
CA TYR B 203 -29.35 10.78 -0.41
C TYR B 203 -29.17 9.32 -0.03
N LEU B 204 -29.81 8.86 1.06
CA LEU B 204 -29.67 7.43 1.50
C LEU B 204 -30.29 6.51 0.43
N ASN B 205 -31.44 6.87 -0.14
CA ASN B 205 -32.10 6.07 -1.20
C ASN B 205 -31.18 6.05 -2.45
N TRP B 206 -30.54 7.17 -2.77
CA TRP B 206 -29.60 7.28 -3.91
C TRP B 206 -28.38 6.38 -3.67
N LEU B 207 -27.81 6.40 -2.46
CA LEU B 207 -26.68 5.52 -2.09
C LEU B 207 -27.11 4.07 -2.25
N ALA B 208 -28.31 3.70 -1.78
CA ALA B 208 -28.82 2.31 -1.89
C ALA B 208 -28.91 1.93 -3.38
N ASN B 209 -29.46 2.81 -4.21
CA ASN B 209 -29.63 2.60 -5.67
C ASN B 209 -28.26 2.41 -6.32
N GLN B 210 -27.25 3.21 -5.92
CA GLN B 210 -25.89 3.12 -6.49
C GLN B 210 -25.28 1.76 -6.15
N VAL B 211 -25.33 1.33 -4.89
CA VAL B 211 -24.84 -0.01 -4.49
C VAL B 211 -25.55 -1.06 -5.35
N ARG B 212 -26.87 -0.95 -5.51
CA ARG B 212 -27.71 -1.99 -6.19
C ARG B 212 -27.38 -2.07 -7.70
N LEU B 213 -26.72 -1.06 -8.28
CA LEU B 213 -26.21 -1.14 -9.68
C LEU B 213 -25.18 -2.27 -9.79
N TYR B 214 -24.43 -2.57 -8.72
CA TYR B 214 -23.26 -3.48 -8.79
C TYR B 214 -23.43 -4.67 -7.84
N ASP B 215 -24.36 -4.62 -6.88
CA ASP B 215 -24.53 -5.73 -5.90
C ASP B 215 -25.99 -5.78 -5.49
N LYS B 216 -26.70 -6.85 -5.85
CA LYS B 216 -28.11 -7.07 -5.46
C LYS B 216 -28.18 -8.14 -4.38
N GLN B 217 -27.05 -8.61 -3.87
CA GLN B 217 -26.97 -9.80 -2.99
C GLN B 217 -26.90 -9.40 -1.52
N HIS B 218 -26.26 -8.29 -1.16
CA HIS B 218 -25.87 -8.04 0.25
C HIS B 218 -26.84 -7.07 0.92
N ASP B 219 -27.09 -7.29 2.19
CA ASP B 219 -27.89 -6.40 3.09
C ASP B 219 -27.38 -4.95 2.98
N LEU B 220 -28.30 -3.99 2.93
CA LEU B 220 -28.02 -2.54 3.07
C LEU B 220 -28.39 -2.10 4.49
N HIS B 221 -27.51 -1.32 5.10
CA HIS B 221 -27.53 -0.96 6.54
C HIS B 221 -27.17 0.52 6.68
N VAL B 222 -27.67 1.19 7.74
CA VAL B 222 -27.21 2.57 8.07
C VAL B 222 -27.37 2.79 9.58
N ASN B 223 -26.53 3.66 10.18
CA ASN B 223 -26.51 3.89 11.65
C ASN B 223 -26.87 5.35 11.95
N PRO B 224 -28.17 5.68 12.09
CA PRO B 224 -28.56 6.99 12.64
C PRO B 224 -28.00 7.11 14.06
N HIS B 225 -27.71 8.33 14.48
CA HIS B 225 -26.89 8.60 15.69
C HIS B 225 -27.45 9.78 16.46
N ASN B 226 -26.99 9.94 17.72
CA ASN B 226 -27.35 11.09 18.58
C ASN B 226 -28.86 11.27 18.51
N VAL B 227 -29.63 10.17 18.66
CA VAL B 227 -31.05 10.13 18.27
C VAL B 227 -31.89 11.06 19.16
N PHE B 228 -31.47 11.38 20.38
CA PHE B 228 -32.26 12.27 21.26
C PHE B 228 -32.14 13.72 20.78
N LYS B 229 -31.18 14.02 19.91
CA LYS B 229 -31.05 15.36 19.28
C LYS B 229 -31.42 15.33 17.80
N LEU B 230 -31.10 14.27 17.06
CA LEU B 230 -31.18 14.27 15.57
C LEU B 230 -32.40 13.51 15.04
N SER B 231 -33.30 13.03 15.90
CA SER B 231 -34.51 12.27 15.46
C SER B 231 -35.37 13.13 14.52
N GLY B 232 -35.28 14.46 14.62
CA GLY B 232 -36.05 15.38 13.75
C GLY B 232 -35.51 15.44 12.32
N LEU B 233 -34.37 14.79 12.05
CA LEU B 233 -33.76 14.61 10.71
C LEU B 233 -34.24 13.32 10.04
N TYR B 234 -34.83 12.40 10.80
CA TYR B 234 -34.92 10.96 10.41
C TYR B 234 -36.37 10.53 10.16
N ASP B 235 -36.65 10.09 8.94
CA ASP B 235 -37.96 9.52 8.51
C ASP B 235 -37.77 8.00 8.36
N PHE B 236 -37.80 7.27 9.47
CA PHE B 236 -37.45 5.82 9.47
C PHE B 236 -38.45 5.05 8.59
N PRO B 237 -39.77 5.30 8.66
CA PRO B 237 -40.70 4.60 7.78
C PRO B 237 -40.27 4.65 6.30
N THR B 238 -39.83 5.79 5.79
CA THR B 238 -39.33 5.87 4.39
C THR B 238 -38.04 5.04 4.24
N TRP B 239 -37.13 5.11 5.22
CA TRP B 239 -35.82 4.40 5.09
C TRP B 239 -36.04 2.89 4.96
N ARG B 240 -37.11 2.36 5.57
CA ARG B 240 -37.44 0.91 5.51
C ARG B 240 -37.52 0.45 4.05
N THR B 241 -37.93 1.35 3.13
CA THR B 241 -38.20 0.97 1.72
C THR B 241 -36.89 0.63 0.99
N PHE B 242 -35.71 0.99 1.50
CA PHE B 242 -34.44 0.70 0.78
C PHE B 242 -33.39 0.03 1.68
N LEU B 243 -33.70 -0.23 2.96
CA LEU B 243 -32.77 -0.93 3.88
C LEU B 243 -33.19 -2.39 4.03
N ASN B 244 -32.25 -3.25 4.39
CA ASN B 244 -32.53 -4.63 4.87
C ASN B 244 -32.47 -4.66 6.40
N SER B 245 -31.72 -3.75 7.02
CA SER B 245 -31.67 -3.63 8.50
C SER B 245 -31.45 -2.16 8.88
N LEU B 246 -32.01 -1.75 10.01
CA LEU B 246 -31.73 -0.42 10.60
C LEU B 246 -30.66 -0.59 11.67
N GLY B 247 -29.68 0.31 11.69
CA GLY B 247 -28.60 0.33 12.69
C GLY B 247 -28.73 1.52 13.61
N GLY B 248 -27.65 1.83 14.30
CA GLY B 248 -27.59 2.94 15.25
C GLY B 248 -26.21 3.09 15.84
N SER B 249 -25.84 4.34 16.14
CA SER B 249 -24.76 4.68 17.10
C SER B 249 -25.44 5.05 18.42
N ALA B 250 -24.95 4.50 19.52
CA ALA B 250 -25.39 4.80 20.90
C ALA B 250 -24.16 4.81 21.78
N HIS B 251 -23.43 5.93 21.77
CA HIS B 251 -22.18 6.14 22.54
C HIS B 251 -22.43 6.89 23.84
N ALA B 252 -21.98 6.31 24.95
CA ALA B 252 -22.08 6.92 26.29
C ALA B 252 -21.43 8.30 26.30
N SER B 253 -20.35 8.54 25.53
CA SER B 253 -19.59 9.81 25.60
C SER B 253 -20.16 10.88 24.64
N TRP B 254 -21.06 10.54 23.73
CA TRP B 254 -21.60 11.50 22.72
C TRP B 254 -23.10 11.74 22.86
N HIS B 255 -23.89 10.70 23.17
CA HIS B 255 -25.33 10.69 22.85
C HIS B 255 -26.21 10.76 24.12
N PHE B 256 -25.62 10.62 25.31
CA PHE B 256 -26.39 10.38 26.56
C PHE B 256 -26.27 11.58 27.51
N GLY B 257 -25.92 12.78 26.99
CA GLY B 257 -25.75 13.99 27.80
C GLY B 257 -27.01 14.39 28.55
N TYR B 258 -28.21 13.95 28.14
CA TYR B 258 -29.47 14.26 28.87
C TYR B 258 -29.57 13.42 30.16
N PHE B 259 -28.64 12.50 30.40
CA PHE B 259 -28.68 11.56 31.56
C PHE B 259 -27.39 11.63 32.36
N PRO B 260 -27.43 11.37 33.69
CA PRO B 260 -26.22 11.04 34.43
C PRO B 260 -25.77 9.61 34.07
N ARG B 261 -24.50 9.30 34.31
CA ARG B 261 -23.90 7.99 33.96
C ARG B 261 -24.71 6.84 34.60
N LYS B 262 -25.22 7.01 35.83
CA LYS B 262 -25.98 5.92 36.51
C LYS B 262 -27.28 5.60 35.76
N ALA B 263 -27.75 6.46 34.85
CA ALA B 263 -28.97 6.23 34.07
C ALA B 263 -28.65 5.98 32.59
N TYR B 264 -27.41 5.63 32.25
CA TYR B 264 -27.06 5.22 30.86
C TYR B 264 -27.77 3.90 30.50
N THR B 265 -28.22 3.13 31.50
CA THR B 265 -29.13 1.98 31.30
C THR B 265 -30.42 2.44 30.61
N VAL B 266 -31.07 3.45 31.20
CA VAL B 266 -32.33 4.04 30.69
C VAL B 266 -32.07 4.66 29.31
N ALA B 267 -30.95 5.38 29.16
CA ALA B 267 -30.56 6.02 27.88
C ALA B 267 -30.44 4.95 26.79
N MET B 268 -29.72 3.87 27.07
CA MET B 268 -29.51 2.77 26.08
C MET B 268 -30.85 2.09 25.78
N SER B 269 -31.70 1.86 26.78
CA SER B 269 -33.03 1.23 26.59
C SER B 269 -33.90 2.10 25.69
N ALA B 270 -33.94 3.41 25.93
CA ALA B 270 -34.73 4.35 25.12
C ALA B 270 -34.16 4.41 23.70
N ASN B 271 -32.84 4.46 23.56
CA ASN B 271 -32.18 4.52 22.23
C ASN B 271 -32.53 3.24 21.45
N ALA B 272 -32.47 2.08 22.11
CA ALA B 272 -32.83 0.78 21.49
C ALA B 272 -34.31 0.81 21.09
N GLU B 273 -35.18 1.31 21.96
CA GLU B 273 -36.64 1.36 21.67
C GLU B 273 -36.89 2.28 20.49
N LEU B 274 -36.18 3.42 20.42
CA LEU B 274 -36.40 4.43 19.36
C LEU B 274 -36.02 3.80 18.00
N ILE B 275 -34.89 3.08 17.95
CA ILE B 275 -34.42 2.43 16.68
C ILE B 275 -35.36 1.26 16.36
N ARG B 276 -35.72 0.45 17.36
CA ARG B 276 -36.67 -0.67 17.16
C ARG B 276 -37.96 -0.14 16.50
N SER B 277 -38.52 0.95 17.02
CA SER B 277 -39.73 1.59 16.43
C SER B 277 -39.44 2.00 14.99
N GLY B 278 -38.31 2.63 14.72
CA GLY B 278 -37.93 3.07 13.36
C GLY B 278 -37.82 1.90 12.40
N ALA B 279 -37.33 0.77 12.89
CA ALA B 279 -37.10 -0.43 12.05
C ALA B 279 -38.43 -1.01 11.56
N GLY B 280 -39.51 -0.90 12.34
CA GLY B 280 -40.80 -1.53 11.99
C GLY B 280 -40.64 -3.03 11.76
N GLU B 281 -40.91 -3.52 10.55
CA GLU B 281 -40.80 -4.98 10.26
C GLU B 281 -39.35 -5.38 9.93
N LEU B 282 -38.43 -4.44 9.74
CA LEU B 282 -37.00 -4.77 9.49
C LEU B 282 -36.33 -5.18 10.79
N PRO B 283 -35.34 -6.09 10.74
CA PRO B 283 -34.46 -6.31 11.87
C PRO B 283 -33.61 -5.05 12.12
N TRP B 284 -33.18 -4.87 13.36
CA TRP B 284 -32.26 -3.77 13.75
C TRP B 284 -31.11 -4.32 14.56
N LEU B 285 -30.01 -3.57 14.60
CA LEU B 285 -28.86 -3.88 15.49
C LEU B 285 -28.13 -2.57 15.81
N MET B 286 -27.32 -2.58 16.86
CA MET B 286 -26.50 -1.41 17.24
C MET B 286 -25.14 -1.52 16.54
N THR B 287 -24.95 -0.69 15.52
CA THR B 287 -23.76 -0.66 14.63
C THR B 287 -22.55 -0.10 15.37
N GLU B 288 -22.76 0.77 16.36
CA GLU B 288 -21.65 1.56 16.93
C GLU B 288 -21.92 1.88 18.42
N LEU B 289 -21.29 1.09 19.30
CA LEU B 289 -21.31 1.23 20.78
C LEU B 289 -19.91 1.64 21.24
N GLN B 290 -19.78 2.23 22.42
CA GLN B 290 -18.47 2.69 22.92
C GLN B 290 -17.68 1.51 23.50
N GLY B 291 -16.53 1.18 22.91
CA GLY B 291 -15.72 0.01 23.31
C GLY B 291 -14.57 0.35 24.24
N GLY B 292 -14.32 1.62 24.51
CA GLY B 292 -13.10 2.02 25.22
C GLY B 292 -13.03 3.49 25.60
N ASN B 293 -11.82 3.92 25.91
CA ASN B 293 -11.52 5.12 26.72
C ASN B 293 -11.53 6.39 25.86
N ASN B 294 -12.07 7.48 26.41
CA ASN B 294 -11.88 8.86 25.90
C ASN B 294 -10.65 9.45 26.57
N LEU B 295 -9.65 9.83 25.78
CA LEU B 295 -8.50 10.60 26.28
C LEU B 295 -8.84 12.07 26.07
N TYR B 296 -8.78 12.57 24.83
CA TYR B 296 -9.17 13.96 24.46
C TYR B 296 -10.56 14.01 23.83
N SER B 297 -11.13 12.90 23.37
CA SER B 297 -12.39 12.88 22.57
C SER B 297 -13.64 12.84 23.45
N GLY B 298 -14.80 13.04 22.83
CA GLY B 298 -16.12 12.86 23.46
C GLY B 298 -16.60 14.10 24.18
N ALA B 299 -17.91 14.20 24.40
CA ALA B 299 -18.53 15.32 25.15
C ALA B 299 -18.59 14.98 26.64
N ASN B 300 -18.96 13.74 26.98
CA ASN B 300 -19.10 13.26 28.38
C ASN B 300 -18.13 12.09 28.52
N PRO B 301 -16.82 12.36 28.66
CA PRO B 301 -15.82 11.32 28.47
C PRO B 301 -15.88 10.26 29.58
N LEU B 302 -15.63 9.01 29.20
CA LEU B 302 -15.52 7.87 30.15
C LEU B 302 -14.66 6.77 29.55
N CYS B 303 -14.33 5.79 30.38
CA CYS B 303 -13.96 4.43 29.93
C CYS B 303 -15.06 3.50 30.45
N PRO B 304 -15.85 2.86 29.58
CA PRO B 304 -16.88 1.93 30.03
C PRO B 304 -16.28 0.90 31.00
N THR B 305 -17.02 0.56 32.04
CA THR B 305 -16.66 -0.58 32.94
C THR B 305 -17.04 -1.88 32.24
N ALA B 306 -16.43 -2.98 32.67
CA ALA B 306 -16.84 -4.35 32.25
C ALA B 306 -18.35 -4.48 32.46
N GLU B 307 -18.85 -3.98 33.60
CA GLU B 307 -20.28 -4.10 34.00
C GLU B 307 -21.17 -3.36 32.98
N GLU B 308 -20.74 -2.18 32.52
CA GLU B 308 -21.51 -1.35 31.54
C GLU B 308 -21.57 -2.08 30.19
N ILE B 309 -20.47 -2.72 29.76
CA ILE B 309 -20.45 -3.47 28.48
C ILE B 309 -21.58 -4.54 28.52
N ILE B 310 -21.67 -5.27 29.62
CA ILE B 310 -22.67 -6.36 29.81
C ILE B 310 -24.09 -5.76 29.87
N GLN B 311 -24.27 -4.68 30.62
CA GLN B 311 -25.56 -3.95 30.71
C GLN B 311 -26.03 -3.56 29.31
N TRP B 312 -25.16 -2.95 28.50
CA TRP B 312 -25.54 -2.40 27.18
C TRP B 312 -25.90 -3.54 26.21
N LEU B 313 -25.10 -4.62 26.18
CA LEU B 313 -25.39 -5.76 25.27
C LEU B 313 -26.75 -6.37 25.62
N TRP B 314 -27.02 -6.62 26.90
CA TRP B 314 -28.30 -7.29 27.30
C TRP B 314 -29.48 -6.35 27.04
N ILE B 315 -29.34 -5.05 27.29
CA ILE B 315 -30.44 -4.09 27.03
C ILE B 315 -30.81 -4.16 25.55
N ASN B 316 -29.83 -4.13 24.67
CA ASN B 316 -30.06 -4.10 23.20
C ASN B 316 -30.71 -5.44 22.80
N PHE B 317 -30.17 -6.57 23.24
CA PHE B 317 -30.69 -7.91 22.83
C PHE B 317 -32.13 -8.06 23.34
N ALA B 318 -32.41 -7.60 24.57
CA ALA B 318 -33.77 -7.66 25.18
C ALA B 318 -34.74 -6.79 24.38
N THR B 319 -34.22 -5.84 23.58
CA THR B 319 -35.02 -4.89 22.76
C THR B 319 -34.91 -5.30 21.29
N GLU B 320 -34.59 -6.58 21.02
CA GLU B 320 -34.69 -7.26 19.69
C GLU B 320 -33.45 -7.01 18.81
N ALA B 321 -32.40 -6.39 19.33
CA ALA B 321 -31.17 -6.14 18.53
C ALA B 321 -30.62 -7.48 18.01
N LYS B 322 -30.19 -7.51 16.76
CA LYS B 322 -29.58 -8.69 16.10
C LYS B 322 -28.05 -8.56 16.14
N GLY B 323 -27.53 -7.55 16.84
CA GLY B 323 -26.07 -7.36 16.96
C GLY B 323 -25.73 -6.18 17.84
N GLY B 324 -24.54 -6.23 18.44
CA GLY B 324 -23.85 -5.08 19.06
C GLY B 324 -22.42 -5.01 18.55
N ILE B 325 -22.10 -3.98 17.77
CA ILE B 325 -20.72 -3.71 17.26
C ILE B 325 -20.10 -2.54 18.03
N PHE B 326 -18.97 -2.77 18.67
CA PHE B 326 -18.22 -1.76 19.46
C PHE B 326 -17.26 -1.00 18.55
N TRP B 327 -17.31 0.33 18.62
CA TRP B 327 -16.21 1.21 18.17
C TRP B 327 -15.26 1.36 19.35
N SER B 328 -14.05 0.77 19.33
CA SER B 328 -13.47 0.01 18.23
C SER B 328 -12.68 -1.17 18.82
N PHE B 329 -12.36 -2.19 18.03
CA PHE B 329 -11.48 -3.29 18.51
C PHE B 329 -10.10 -2.74 18.82
N ASN B 330 -9.47 -2.14 17.79
CA ASN B 330 -8.11 -1.53 17.84
C ASN B 330 -8.25 -0.02 17.65
N ALA B 331 -7.23 0.76 18.00
CA ALA B 331 -7.29 2.24 17.95
C ALA B 331 -6.67 2.79 16.65
N ARG B 332 -7.16 3.96 16.25
CA ARG B 332 -6.45 4.87 15.32
C ARG B 332 -5.09 5.21 15.94
N SER B 333 -4.07 5.56 15.13
CA SER B 333 -2.70 5.82 15.62
C SER B 333 -2.32 7.31 15.59
N THR B 334 -2.97 8.15 14.81
CA THR B 334 -2.53 9.56 14.60
C THR B 334 -3.65 10.57 14.89
N ALA B 335 -3.33 11.57 15.70
CA ALA B 335 -4.16 12.78 15.95
C ALA B 335 -5.52 12.37 16.53
N ALA B 336 -6.64 12.76 15.93
CA ALA B 336 -7.98 12.59 16.55
C ALA B 336 -8.19 11.12 16.94
N GLU B 337 -8.46 10.89 18.23
CA GLU B 337 -8.82 9.59 18.83
C GLU B 337 -7.65 8.59 18.74
N ALA B 338 -6.41 9.06 18.59
CA ALA B 338 -5.22 8.17 18.59
C ALA B 338 -5.12 7.44 19.94
N GLY B 339 -5.16 6.11 19.92
CA GLY B 339 -5.10 5.24 21.12
C GLY B 339 -6.34 5.36 21.99
N GLU B 340 -7.45 5.82 21.42
CA GLU B 340 -8.74 5.99 22.14
C GLU B 340 -9.75 4.97 21.62
N TRP B 341 -10.78 4.68 22.44
CA TRP B 341 -12.02 3.92 22.05
C TRP B 341 -11.78 2.40 21.97
N ALA B 342 -10.54 1.89 22.11
CA ALA B 342 -10.21 0.49 21.74
C ALA B 342 -10.57 -0.49 22.87
N MET B 343 -11.02 -1.69 22.48
CA MET B 343 -11.36 -2.81 23.41
C MET B 343 -10.10 -3.56 23.83
N ILE B 344 -9.09 -3.59 22.95
CA ILE B 344 -7.76 -4.17 23.27
C ILE B 344 -6.89 -3.07 23.89
N ASN B 345 -5.92 -3.49 24.70
CA ASN B 345 -4.93 -2.61 25.36
C ASN B 345 -3.77 -2.37 24.39
N PHE B 346 -2.76 -1.63 24.83
CA PHE B 346 -1.65 -1.20 23.95
C PHE B 346 -0.70 -2.39 23.67
N LYS B 347 -0.84 -3.52 24.37
CA LYS B 347 -0.13 -4.79 24.03
C LYS B 347 -1.02 -5.66 23.12
N ASN B 348 -2.15 -5.14 22.63
CA ASN B 348 -3.06 -5.86 21.70
C ASN B 348 -3.67 -7.08 22.42
N LYS B 349 -3.83 -7.03 23.73
CA LYS B 349 -4.52 -8.08 24.53
C LYS B 349 -5.84 -7.52 25.09
N SER B 350 -6.65 -8.41 25.65
CA SER B 350 -8.03 -8.11 26.14
C SER B 350 -7.98 -7.14 27.33
N SER B 351 -8.72 -6.03 27.24
CA SER B 351 -9.15 -5.24 28.43
C SER B 351 -10.28 -6.01 29.11
N ASP B 352 -10.70 -5.56 30.29
CA ASP B 352 -11.86 -6.17 31.00
C ASP B 352 -13.13 -5.97 30.15
N ARG B 353 -13.15 -5.00 29.24
CA ARG B 353 -14.33 -4.73 28.36
C ARG B 353 -14.45 -5.83 27.31
N LEU B 354 -13.34 -6.26 26.72
CA LEU B 354 -13.36 -7.36 25.72
C LEU B 354 -13.68 -8.68 26.43
N ILE B 355 -13.10 -8.93 27.60
CA ILE B 355 -13.39 -10.15 28.43
C ILE B 355 -14.90 -10.18 28.71
N ALA B 356 -15.49 -9.04 29.12
CA ALA B 356 -16.94 -8.93 29.39
C ALA B 356 -17.75 -9.23 28.13
N ALA B 357 -17.43 -8.59 27.01
CA ALA B 357 -18.16 -8.80 25.74
C ALA B 357 -18.09 -10.27 25.34
N ALA B 358 -16.93 -10.91 25.54
CA ALA B 358 -16.68 -12.33 25.18
C ALA B 358 -17.64 -13.26 25.96
N THR B 359 -17.98 -12.94 27.21
CA THR B 359 -18.94 -13.75 28.00
C THR B 359 -20.29 -13.73 27.32
N ILE B 360 -20.65 -12.65 26.64
CA ILE B 360 -22.00 -12.50 26.03
C ILE B 360 -22.00 -13.24 24.69
N GLY B 361 -20.93 -13.14 23.92
CA GLY B 361 -20.73 -13.98 22.72
C GLY B 361 -20.83 -15.46 23.10
N LYS B 362 -20.20 -15.87 24.20
CA LYS B 362 -20.20 -17.28 24.68
C LYS B 362 -21.65 -17.66 25.03
N PHE B 363 -22.35 -16.84 25.81
CA PHE B 363 -23.75 -17.11 26.19
C PHE B 363 -24.61 -17.36 24.94
N ILE B 364 -24.44 -16.54 23.91
CA ILE B 364 -25.24 -16.65 22.65
C ILE B 364 -24.98 -18.03 22.02
N THR B 365 -23.71 -18.44 21.88
CA THR B 365 -23.36 -19.73 21.22
C THR B 365 -23.95 -20.90 22.01
N GLU B 366 -24.10 -20.76 23.34
CA GLU B 366 -24.65 -21.81 24.25
C GLU B 366 -26.17 -21.74 24.34
N ASN B 367 -26.81 -20.69 23.81
CA ASN B 367 -28.27 -20.45 23.97
C ASN B 367 -28.84 -19.95 22.64
N VAL B 368 -28.46 -20.58 21.53
CA VAL B 368 -28.74 -20.09 20.14
C VAL B 368 -30.25 -19.96 19.95
N LYS B 369 -31.04 -20.98 20.29
CA LYS B 369 -32.47 -20.97 19.92
C LYS B 369 -33.19 -19.84 20.68
N MET B 370 -32.93 -19.70 21.97
CA MET B 370 -33.47 -18.57 22.79
C MET B 370 -33.06 -17.24 22.16
N MET B 371 -31.78 -17.05 21.90
CA MET B 371 -31.22 -15.70 21.59
C MET B 371 -31.58 -15.29 20.16
N SER B 372 -31.92 -16.24 19.29
CA SER B 372 -32.24 -15.99 17.87
C SER B 372 -33.69 -15.55 17.68
N ASN B 373 -34.55 -15.67 18.70
CA ASN B 373 -36.02 -15.52 18.53
C ASN B 373 -36.60 -14.53 19.54
N ILE B 374 -35.79 -13.61 20.07
CA ILE B 374 -36.26 -12.62 21.08
C ILE B 374 -37.31 -11.69 20.46
N LYS B 375 -38.44 -11.56 21.14
CA LYS B 375 -39.50 -10.55 20.88
C LYS B 375 -39.70 -9.78 22.19
N THR B 376 -39.57 -8.45 22.15
CA THR B 376 -39.78 -7.63 23.37
C THR B 376 -41.22 -7.86 23.83
N LEU B 377 -41.44 -7.99 25.14
CA LEU B 377 -42.80 -8.07 25.72
C LEU B 377 -43.36 -6.65 25.81
N ASN B 378 -44.17 -6.24 24.83
CA ASN B 378 -44.78 -4.88 24.81
C ASN B 378 -45.81 -4.81 25.94
N SER B 379 -45.62 -3.90 26.90
CA SER B 379 -46.60 -3.61 27.97
C SER B 379 -47.93 -3.13 27.37
N GLY B 380 -47.89 -2.53 26.17
CA GLY B 380 -49.02 -1.76 25.59
C GLY B 380 -48.91 -0.25 25.91
N ILE B 381 -47.86 0.18 26.61
CA ILE B 381 -47.54 1.61 26.81
C ILE B 381 -46.61 2.06 25.67
N SER B 382 -47.00 3.10 24.95
CA SER B 382 -46.17 3.76 23.92
C SER B 382 -45.96 5.24 24.31
N ILE B 383 -44.70 5.64 24.47
CA ILE B 383 -44.32 7.07 24.64
C ILE B 383 -44.03 7.62 23.25
N LEU B 384 -44.82 8.59 22.78
CA LEU B 384 -44.71 9.11 21.41
C LEU B 384 -44.03 10.48 21.41
N TYR B 385 -43.10 10.65 20.47
CA TYR B 385 -42.49 11.97 20.12
C TYR B 385 -42.87 12.26 18.66
N ASN B 386 -42.81 13.52 18.25
CA ASN B 386 -42.96 13.82 16.82
C ASN B 386 -41.91 14.83 16.37
N HIS B 387 -41.52 14.75 15.10
CA HIS B 387 -40.61 15.72 14.46
C HIS B 387 -41.08 17.14 14.78
N GLU B 388 -42.38 17.40 14.63
CA GLU B 388 -42.94 18.78 14.58
C GLU B 388 -42.83 19.46 15.94
N SER B 389 -42.95 18.72 17.06
CA SER B 389 -42.74 19.28 18.41
C SER B 389 -41.30 19.76 18.52
N MET B 390 -40.35 18.98 18.00
CA MET B 390 -38.92 19.36 18.02
C MET B 390 -38.70 20.62 17.17
N TRP B 391 -39.31 20.68 16.00
CA TRP B 391 -39.16 21.81 15.06
C TRP B 391 -39.77 23.09 15.65
N VAL B 392 -40.98 23.00 16.18
CA VAL B 392 -41.66 24.17 16.80
C VAL B 392 -40.83 24.63 18.01
N GLU B 393 -40.36 23.71 18.84
CA GLU B 393 -39.50 24.07 20.01
C GLU B 393 -38.28 24.87 19.54
N ALA B 394 -37.60 24.42 18.48
CA ALA B 394 -36.38 25.09 17.98
C ALA B 394 -36.73 26.52 17.55
N ALA B 395 -37.89 26.74 16.94
CA ALA B 395 -38.34 28.09 16.53
C ALA B 395 -38.67 28.95 17.77
N GLN B 396 -39.36 28.39 18.76
CA GLN B 396 -39.86 29.18 19.94
C GLN B 396 -38.72 29.50 20.91
N THR B 397 -37.73 28.61 21.06
CA THR B 397 -36.61 28.82 22.00
C THR B 397 -35.48 29.57 21.33
N ARG B 398 -35.60 29.82 20.02
CA ARG B 398 -34.54 30.51 19.20
C ARG B 398 -33.19 29.82 19.43
N GLY B 399 -33.19 28.50 19.63
CA GLY B 399 -31.97 27.67 19.77
C GLY B 399 -31.23 27.84 21.09
N LYS B 400 -31.86 28.37 22.15
CA LYS B 400 -31.20 28.57 23.47
C LYS B 400 -30.88 27.22 24.12
N LEU B 401 -29.76 27.14 24.84
CA LEU B 401 -29.17 25.89 25.40
C LEU B 401 -28.99 26.05 26.91
N ASN B 402 -30.04 26.54 27.59
CA ASN B 402 -30.06 26.86 29.05
C ASN B 402 -30.55 25.66 29.87
N GLY B 403 -30.74 24.48 29.25
CA GLY B 403 -31.12 23.20 29.90
C GLY B 403 -32.50 23.18 30.56
N ASN B 404 -33.42 24.13 30.29
CA ASN B 404 -34.80 24.12 30.87
C ASN B 404 -35.87 23.91 29.77
N GLY B 405 -37.15 24.08 30.09
CA GLY B 405 -38.25 24.03 29.11
C GLY B 405 -38.15 25.10 28.05
N ARG B 406 -37.44 26.20 28.34
CA ARG B 406 -37.25 27.34 27.40
C ARG B 406 -35.98 27.13 26.56
N SER B 407 -35.50 25.88 26.46
CA SER B 407 -34.29 25.52 25.69
C SER B 407 -34.58 24.32 24.78
N ILE B 408 -33.71 24.15 23.79
CA ILE B 408 -33.70 22.95 22.90
C ILE B 408 -33.60 21.72 23.80
N GLY B 409 -34.45 20.72 23.59
CA GLY B 409 -34.26 19.41 24.22
C GLY B 409 -35.40 19.02 25.16
N ALA B 410 -36.22 19.99 25.60
CA ALA B 410 -37.30 19.72 26.58
C ALA B 410 -38.31 18.72 25.98
N VAL B 411 -38.60 18.83 24.68
CA VAL B 411 -39.58 17.93 24.00
C VAL B 411 -39.06 16.49 23.95
N MET B 412 -37.75 16.23 24.09
CA MET B 412 -37.23 14.85 24.20
C MET B 412 -36.98 14.50 25.67
N CYS B 413 -36.49 15.42 26.50
CA CYS B 413 -36.23 15.14 27.93
C CYS B 413 -37.55 14.79 28.67
N SER B 414 -38.66 15.38 28.28
CA SER B 414 -39.98 15.13 28.93
C SER B 414 -40.41 13.67 28.71
N PRO B 415 -40.54 13.17 27.46
CA PRO B 415 -40.89 11.76 27.25
C PRO B 415 -39.84 10.79 27.81
N LEU B 416 -38.56 11.13 27.75
CA LEU B 416 -37.49 10.29 28.33
C LEU B 416 -37.66 10.18 29.86
N SER B 417 -38.22 11.21 30.51
CA SER B 417 -38.47 11.22 31.97
C SER B 417 -39.60 10.24 32.31
N TYR B 418 -40.67 10.21 31.53
CA TYR B 418 -41.74 9.17 31.68
C TYR B 418 -41.12 7.80 31.46
N PHE B 419 -40.26 7.69 30.44
CA PHE B 419 -39.60 6.40 30.12
C PHE B 419 -38.81 5.92 31.34
N GLU B 420 -38.05 6.83 31.97
CA GLU B 420 -37.24 6.50 33.16
C GLU B 420 -38.15 6.07 34.32
N ALA B 421 -39.26 6.78 34.55
CA ALA B 421 -40.19 6.48 35.67
C ALA B 421 -40.71 5.05 35.51
N LEU B 422 -41.08 4.67 34.28
CA LEU B 422 -41.61 3.34 33.95
C LEU B 422 -40.49 2.30 34.08
N SER B 423 -39.26 2.62 33.64
CA SER B 423 -38.09 1.71 33.78
C SER B 423 -37.88 1.40 35.27
N GLU B 424 -38.03 2.41 36.13
CA GLU B 424 -37.83 2.29 37.60
C GLU B 424 -39.06 1.61 38.24
N THR B 425 -40.10 1.33 37.45
CA THR B 425 -41.27 0.51 37.87
C THR B 425 -41.16 -0.91 37.29
N GLY B 426 -40.10 -1.18 36.52
CA GLY B 426 -39.87 -2.47 35.83
C GLY B 426 -40.85 -2.72 34.70
N LEU B 427 -41.43 -1.67 34.12
CA LEU B 427 -42.37 -1.76 32.98
C LEU B 427 -41.66 -1.37 31.69
N GLN B 428 -41.78 -2.23 30.68
CA GLN B 428 -41.41 -1.90 29.28
C GLN B 428 -42.30 -0.76 28.78
N ALA B 429 -41.74 0.11 27.96
CA ALA B 429 -42.49 1.14 27.20
C ALA B 429 -41.84 1.29 25.82
N ASN B 430 -42.66 1.41 24.79
CA ASN B 430 -42.20 1.79 23.44
C ASN B 430 -41.80 3.27 23.47
N PHE B 431 -40.86 3.63 22.59
CA PHE B 431 -40.45 5.02 22.33
C PHE B 431 -40.48 5.19 20.82
N LYS B 432 -41.46 5.93 20.32
CA LYS B 432 -41.84 5.88 18.89
C LYS B 432 -42.11 7.30 18.36
N GLU B 433 -41.74 7.54 17.11
CA GLU B 433 -42.22 8.73 16.38
C GLU B 433 -43.72 8.50 16.12
N ILE B 434 -44.52 9.55 16.13
CA ILE B 434 -46.01 9.41 16.08
C ILE B 434 -46.41 8.64 14.81
N LYS B 435 -45.71 8.81 13.69
CA LYS B 435 -46.08 8.14 12.41
C LYS B 435 -45.74 6.64 12.47
N GLU B 436 -44.95 6.19 13.44
CA GLU B 436 -44.58 4.76 13.59
C GLU B 436 -45.64 4.02 14.41
N PHE B 437 -46.60 4.74 15.02
CA PHE B 437 -47.70 4.14 15.79
C PHE B 437 -48.83 3.74 14.83
N ASP B 438 -49.34 2.53 14.98
CA ASP B 438 -50.44 2.02 14.13
C ASP B 438 -51.78 2.51 14.70
N PHE B 439 -52.37 3.53 14.07
CA PHE B 439 -53.68 4.13 14.49
C PHE B 439 -54.86 3.51 13.75
N SER B 440 -54.67 2.41 13.01
CA SER B 440 -55.69 1.84 12.08
C SER B 440 -56.52 0.74 12.74
N LEU B 441 -56.26 0.35 13.99
CA LEU B 441 -56.91 -0.84 14.62
C LEU B 441 -58.33 -0.49 15.08
N ASN B 442 -59.12 -1.52 15.41
CA ASN B 442 -60.56 -1.42 15.78
C ASN B 442 -60.73 -1.34 17.29
N ASP B 443 -59.72 -1.79 18.04
CA ASP B 443 -59.80 -1.93 19.50
C ASP B 443 -58.45 -1.50 20.09
N TYR B 444 -58.46 -0.61 21.09
CA TYR B 444 -57.25 -0.13 21.82
C TYR B 444 -57.45 -0.29 23.33
N THR B 445 -58.41 -1.13 23.72
CA THR B 445 -58.59 -1.57 25.13
C THR B 445 -57.22 -1.94 25.67
N ASP B 446 -56.90 -1.49 26.88
CA ASP B 446 -55.63 -1.88 27.56
C ASP B 446 -54.38 -1.38 26.79
N GLN B 447 -54.49 -0.47 25.83
CA GLN B 447 -53.30 0.24 25.25
C GLN B 447 -53.21 1.65 25.88
N VAL B 448 -51.99 2.18 26.00
CA VAL B 448 -51.73 3.50 26.64
C VAL B 448 -50.79 4.30 25.74
N ILE B 449 -51.15 5.54 25.42
CA ILE B 449 -50.24 6.52 24.76
C ILE B 449 -49.92 7.61 25.78
N ILE B 450 -48.64 7.92 25.92
CA ILE B 450 -48.15 9.08 26.71
C ILE B 450 -47.62 10.13 25.72
N LEU B 451 -48.24 11.32 25.73
CA LEU B 451 -47.79 12.52 24.99
C LEU B 451 -47.30 13.54 26.01
N SER B 452 -46.00 13.54 26.27
CA SER B 452 -45.36 14.37 27.32
C SER B 452 -44.67 15.56 26.66
N HIS B 453 -45.25 16.75 26.78
CA HIS B 453 -44.67 18.02 26.26
C HIS B 453 -44.40 17.86 24.76
N GLN B 454 -45.32 17.22 24.04
CA GLN B 454 -45.30 17.20 22.56
C GLN B 454 -46.10 18.42 22.10
N ILE B 455 -45.40 19.56 22.03
CA ILE B 455 -46.02 20.92 21.95
C ILE B 455 -46.74 21.13 20.62
N ALA B 456 -46.46 20.35 19.58
CA ALA B 456 -47.10 20.50 18.24
C ALA B 456 -47.90 19.24 17.88
N LEU B 457 -49.19 19.41 17.65
CA LEU B 457 -50.11 18.36 17.14
C LEU B 457 -51.04 19.00 16.12
N ASP B 458 -51.29 18.35 15.00
CA ASP B 458 -52.21 18.88 13.94
C ASP B 458 -53.57 18.16 14.01
N ASN B 459 -54.52 18.65 13.21
CA ASN B 459 -55.91 18.14 13.18
C ASN B 459 -55.90 16.64 12.86
N LYS B 460 -55.07 16.20 11.92
CA LYS B 460 -55.01 14.79 11.46
C LYS B 460 -54.64 13.90 12.64
N VAL B 461 -53.58 14.23 13.38
CA VAL B 461 -53.11 13.39 14.53
C VAL B 461 -54.16 13.47 15.63
N ILE B 462 -54.80 14.61 15.86
CA ILE B 462 -55.87 14.73 16.90
C ILE B 462 -57.03 13.77 16.56
N LYS B 463 -57.45 13.67 15.29
CA LYS B 463 -58.50 12.69 14.87
C LYS B 463 -58.02 11.28 15.19
N GLN B 464 -56.75 10.96 14.92
CA GLN B 464 -56.20 9.62 15.20
C GLN B 464 -56.26 9.36 16.72
N LEU B 465 -55.94 10.36 17.54
CA LEU B 465 -55.95 10.22 19.01
C LEU B 465 -57.40 10.06 19.49
N GLU B 466 -58.35 10.79 18.91
CA GLU B 466 -59.80 10.67 19.21
C GLU B 466 -60.23 9.21 18.96
N SER B 467 -59.89 8.67 17.79
CA SER B 467 -60.20 7.28 17.39
C SER B 467 -59.57 6.30 18.40
N PHE B 468 -58.30 6.52 18.75
CA PHE B 468 -57.56 5.66 19.71
C PHE B 468 -58.31 5.61 21.03
N VAL B 469 -58.69 6.77 21.58
CA VAL B 469 -59.33 6.84 22.93
C VAL B 469 -60.76 6.28 22.83
N GLU B 470 -61.52 6.68 21.82
CA GLU B 470 -62.92 6.20 21.59
C GLU B 470 -62.95 4.67 21.63
N LYS B 471 -61.93 4.03 21.05
CA LYS B 471 -61.85 2.56 20.88
C LYS B 471 -61.19 1.92 22.11
N GLY B 472 -61.08 2.62 23.24
CA GLY B 472 -60.65 2.01 24.52
C GLY B 472 -59.25 2.45 25.00
N GLY B 473 -58.53 3.22 24.18
CA GLY B 473 -57.19 3.72 24.54
C GLY B 473 -57.22 4.66 25.74
N THR B 474 -56.14 4.64 26.53
CA THR B 474 -55.85 5.60 27.61
C THR B 474 -54.79 6.58 27.09
N LEU B 475 -55.10 7.87 27.12
CA LEU B 475 -54.16 8.95 26.70
C LEU B 475 -53.74 9.74 27.94
N ILE B 476 -52.43 9.81 28.20
CA ILE B 476 -51.85 10.66 29.27
C ILE B 476 -51.08 11.79 28.60
N ALA B 477 -51.44 13.04 28.90
CA ALA B 477 -50.80 14.23 28.31
C ALA B 477 -50.37 15.16 29.45
N ASP B 478 -49.09 15.57 29.47
CA ASP B 478 -48.63 16.63 30.39
C ASP B 478 -47.85 17.70 29.63
N GLY B 479 -47.43 18.75 30.35
CA GLY B 479 -46.70 19.90 29.78
C GLY B 479 -47.51 20.59 28.72
N LEU B 480 -46.86 21.16 27.72
CA LEU B 480 -47.52 22.01 26.71
C LEU B 480 -47.98 21.14 25.52
N THR B 481 -48.24 19.85 25.71
CA THR B 481 -48.78 18.97 24.63
C THR B 481 -49.94 19.67 23.94
N GLY B 482 -49.89 19.81 22.61
CA GLY B 482 -50.97 20.35 21.77
C GLY B 482 -51.17 21.86 21.87
N TYR B 483 -50.23 22.60 22.44
CA TYR B 483 -50.30 24.09 22.51
C TYR B 483 -50.28 24.69 21.12
N TYR B 484 -49.50 24.12 20.20
CA TYR B 484 -49.32 24.59 18.81
C TYR B 484 -49.74 23.49 17.84
N ASP B 485 -50.03 23.89 16.60
CA ASP B 485 -50.22 22.96 15.46
C ASP B 485 -48.88 22.87 14.71
N TYR B 486 -48.88 22.22 13.55
CA TYR B 486 -47.65 21.92 12.77
C TYR B 486 -47.16 23.18 12.06
N GLN B 487 -47.93 24.29 12.11
CA GLN B 487 -47.51 25.60 11.55
C GLN B 487 -47.17 26.61 12.67
N ALA B 488 -46.96 26.13 13.89
CA ALA B 488 -46.64 26.95 15.10
C ALA B 488 -47.80 27.92 15.39
N HIS B 489 -48.98 27.61 14.89
CA HIS B 489 -50.23 28.35 15.23
C HIS B 489 -50.84 27.72 16.49
N SER B 490 -51.09 28.53 17.51
CA SER B 490 -51.64 28.05 18.79
C SER B 490 -53.18 28.03 18.71
N THR B 491 -53.78 26.83 18.64
CA THR B 491 -55.26 26.71 18.70
C THR B 491 -55.72 27.02 20.12
N VAL B 492 -54.82 27.02 21.11
CA VAL B 492 -55.15 27.48 22.49
C VAL B 492 -55.64 28.94 22.38
N VAL B 493 -55.08 29.72 21.47
CA VAL B 493 -55.47 31.14 21.23
C VAL B 493 -56.72 31.20 20.32
N SER B 494 -56.74 30.49 19.20
CA SER B 494 -57.77 30.66 18.13
C SER B 494 -59.03 29.80 18.35
N GLY B 495 -58.95 28.74 19.16
CA GLY B 495 -60.04 27.73 19.30
C GLY B 495 -59.47 26.34 19.45
N PHE B 496 -59.39 25.84 20.68
CA PHE B 496 -58.52 24.70 21.10
C PHE B 496 -58.95 23.42 20.40
N ALA B 497 -58.06 22.84 19.59
CA ALA B 497 -58.34 21.66 18.75
C ALA B 497 -58.56 20.42 19.61
N LEU B 498 -57.99 20.36 20.82
CA LEU B 498 -58.11 19.17 21.71
C LEU B 498 -59.29 19.34 22.70
N GLU B 499 -60.14 20.36 22.55
CA GLU B 499 -61.25 20.60 23.53
C GLU B 499 -62.15 19.36 23.59
N ASN B 500 -62.54 18.83 22.42
CA ASN B 500 -63.43 17.66 22.30
C ASN B 500 -62.81 16.47 23.07
N LEU B 501 -61.57 16.10 22.75
CA LEU B 501 -60.93 14.91 23.36
C LEU B 501 -60.70 15.12 24.86
N PHE B 502 -60.31 16.32 25.29
CA PHE B 502 -59.90 16.59 26.69
C PHE B 502 -61.12 16.93 27.55
N GLY B 503 -62.26 17.26 26.94
CA GLY B 503 -63.49 17.65 27.68
C GLY B 503 -63.24 18.86 28.57
N SER B 504 -62.39 19.77 28.11
CA SER B 504 -61.83 20.88 28.92
C SER B 504 -61.07 21.84 28.01
N TYR B 505 -60.68 22.98 28.57
CA TYR B 505 -60.13 24.14 27.82
C TYR B 505 -59.05 24.78 28.69
N PRO B 506 -57.87 25.15 28.14
CA PRO B 506 -56.87 25.86 28.92
C PRO B 506 -57.40 27.24 29.34
N ILE B 507 -56.97 27.72 30.51
CA ILE B 507 -57.30 29.08 31.01
C ILE B 507 -56.04 29.94 30.98
N GLU B 508 -55.00 29.55 31.70
CA GLU B 508 -53.73 30.32 31.76
C GLU B 508 -52.55 29.37 31.91
N TYR B 509 -51.39 29.85 31.48
CA TYR B 509 -50.06 29.47 31.99
C TYR B 509 -49.46 30.63 32.77
N LYS B 510 -48.82 30.31 33.87
CA LYS B 510 -48.06 31.29 34.68
C LYS B 510 -46.70 30.67 34.96
N ILE B 511 -45.64 31.36 34.55
CA ILE B 511 -44.25 30.87 34.76
C ILE B 511 -43.97 30.97 36.27
N LYS B 512 -43.30 29.95 36.82
CA LYS B 512 -42.84 29.83 38.23
C LYS B 512 -41.33 29.57 38.21
N GLU B 513 -40.78 28.95 39.25
CA GLU B 513 -39.34 28.60 39.28
C GLU B 513 -39.09 27.32 38.45
N ASN B 514 -37.82 26.95 38.27
CA ASN B 514 -37.43 25.70 37.57
C ASN B 514 -38.07 24.49 38.25
N LEU B 515 -38.25 24.54 39.57
CA LEU B 515 -38.91 23.44 40.32
C LEU B 515 -39.96 24.05 41.26
N PHE B 516 -41.20 23.65 41.11
CA PHE B 516 -42.29 24.01 42.07
C PHE B 516 -43.11 22.74 42.32
N SER B 517 -44.04 22.84 43.27
CA SER B 517 -44.93 21.76 43.72
C SER B 517 -46.36 22.05 43.25
N LEU B 518 -47.01 21.08 42.60
CA LEU B 518 -48.48 21.07 42.44
C LEU B 518 -49.07 20.32 43.64
N ASP B 519 -49.83 21.03 44.49
CA ASP B 519 -50.37 20.50 45.77
C ASP B 519 -51.87 20.21 45.56
N PHE B 520 -52.25 18.94 45.36
CA PHE B 520 -53.66 18.55 45.11
C PHE B 520 -54.48 18.79 46.37
N LYS B 522 -56.65 17.09 48.15
CA LYS B 522 -56.27 15.72 48.57
C LYS B 522 -55.23 15.77 49.73
N ASP B 523 -54.46 14.70 49.90
CA ASP B 523 -53.83 14.29 51.19
C ASP B 523 -52.50 15.03 51.38
N ASN B 524 -52.48 16.34 51.19
CA ASN B 524 -51.23 17.17 51.26
C ASN B 524 -50.20 16.67 50.21
N TYR B 525 -50.65 15.99 49.15
CA TYR B 525 -49.84 15.23 48.16
C TYR B 525 -49.30 16.22 47.14
N LYS B 526 -48.08 15.98 46.64
CA LYS B 526 -47.24 16.99 45.95
C LYS B 526 -46.58 16.41 44.68
N LEU B 527 -46.96 16.89 43.48
CA LEU B 527 -46.25 16.58 42.22
C LEU B 527 -45.17 17.63 41.96
N PRO B 528 -43.90 17.22 41.78
CA PRO B 528 -42.88 18.11 41.24
C PRO B 528 -43.31 18.57 39.84
N ALA B 529 -43.13 19.87 39.54
CA ALA B 529 -43.45 20.46 38.24
C ALA B 529 -42.35 21.45 37.83
N HIS B 530 -42.13 21.58 36.52
CA HIS B 530 -41.07 22.44 35.94
C HIS B 530 -41.66 23.67 35.26
N LEU B 531 -41.26 24.84 35.71
CA LEU B 531 -41.27 26.14 34.97
C LEU B 531 -42.67 26.77 34.86
N TRP B 532 -43.67 26.08 34.32
CA TRP B 532 -44.98 26.70 34.00
C TRP B 532 -46.13 25.97 34.75
N LYS B 533 -47.02 26.72 35.39
CA LYS B 533 -48.26 26.14 35.97
C LYS B 533 -49.42 26.38 34.99
N GLY B 534 -50.02 25.29 34.52
CA GLY B 534 -51.20 25.30 33.64
C GLY B 534 -52.49 25.21 34.46
N THR B 535 -53.48 26.03 34.16
CA THR B 535 -54.84 25.95 34.72
C THR B 535 -55.83 25.78 33.57
N ILE B 536 -56.94 25.09 33.84
CA ILE B 536 -57.93 24.69 32.82
C ILE B 536 -59.34 24.96 33.37
N GLU B 537 -60.32 24.84 32.48
CA GLU B 537 -61.77 24.79 32.81
C GLU B 537 -62.34 23.52 32.21
N THR B 538 -63.01 22.70 33.02
CA THR B 538 -63.65 21.44 32.57
C THR B 538 -65.08 21.72 32.09
N SER B 539 -65.51 21.02 31.05
CA SER B 539 -66.93 20.91 30.62
C SER B 539 -67.35 19.47 30.91
N LYS B 540 -66.98 18.52 30.04
CA LYS B 540 -67.36 17.09 30.21
C LYS B 540 -66.40 16.37 31.14
N ALA B 541 -65.16 16.84 31.30
CA ALA B 541 -64.15 16.15 32.13
C ALA B 541 -64.42 16.39 33.61
N THR B 542 -63.90 15.51 34.47
CA THR B 542 -63.91 15.64 35.94
C THR B 542 -62.73 16.51 36.37
N PRO B 543 -62.95 17.68 37.00
CA PRO B 543 -61.85 18.55 37.39
C PRO B 543 -61.07 18.01 38.60
N ILE B 544 -59.76 18.29 38.62
CA ILE B 544 -58.85 18.00 39.76
C ILE B 544 -58.27 19.34 40.22
N MET B 545 -58.49 19.69 41.48
CA MET B 545 -58.21 21.05 42.02
C MET B 545 -56.97 20.97 42.89
N ASP B 546 -56.25 22.09 43.03
CA ASP B 546 -55.08 22.21 43.92
C ASP B 546 -55.53 22.98 45.17
N LYS B 547 -54.64 23.14 46.15
CA LYS B 547 -54.93 23.78 47.46
C LYS B 547 -55.18 25.28 47.27
N GLU B 548 -54.87 25.86 46.11
CA GLU B 548 -55.15 27.29 45.84
C GLU B 548 -56.53 27.42 45.18
N GLY B 549 -57.27 26.31 45.03
CA GLY B 549 -58.61 26.30 44.42
C GLY B 549 -58.57 26.47 42.92
N GLU B 550 -57.45 26.17 42.25
CA GLU B 550 -57.32 26.27 40.78
C GLU B 550 -57.47 24.87 40.18
N CYS B 551 -58.03 24.78 38.99
CA CYS B 551 -58.16 23.48 38.27
C CYS B 551 -56.86 23.20 37.49
N ILE B 552 -56.11 22.16 37.88
CA ILE B 552 -54.74 21.90 37.33
C ILE B 552 -54.71 20.60 36.51
N ALA B 553 -55.80 19.84 36.47
CA ALA B 553 -55.84 18.57 35.73
C ALA B 553 -57.27 18.07 35.58
N CYS B 554 -57.47 17.02 34.79
CA CYS B 554 -58.80 16.41 34.62
C CYS B 554 -58.68 15.01 34.03
N ILE B 555 -59.76 14.22 34.22
CA ILE B 555 -59.96 12.90 33.56
C ILE B 555 -61.22 13.01 32.71
N ASN B 556 -61.07 12.78 31.41
CA ASN B 556 -62.22 12.78 30.50
C ASN B 556 -62.50 11.33 30.08
N GLN B 557 -63.75 10.88 30.22
CA GLN B 557 -64.21 9.59 29.67
C GLN B 557 -64.65 9.88 28.25
N TYR B 558 -64.03 9.24 27.26
CA TYR B 558 -64.29 9.54 25.83
C TYR B 558 -64.51 8.21 25.11
N GLY B 559 -65.76 7.93 24.72
CA GLY B 559 -66.14 6.58 24.28
C GLY B 559 -65.73 5.55 25.32
N LYS B 560 -65.00 4.50 24.93
CA LYS B 560 -64.59 3.41 25.85
C LYS B 560 -63.27 3.75 26.53
N GLY B 561 -62.60 4.85 26.17
CA GLY B 561 -61.26 5.16 26.71
C GLY B 561 -61.27 6.30 27.71
N LYS B 562 -60.09 6.71 28.19
CA LYS B 562 -59.98 7.88 29.08
C LYS B 562 -58.76 8.74 28.73
N VAL B 563 -58.84 10.01 29.11
CA VAL B 563 -57.76 11.01 28.96
C VAL B 563 -57.44 11.52 30.36
N PHE B 564 -56.16 11.48 30.74
CA PHE B 564 -55.62 12.24 31.88
C PHE B 564 -54.79 13.39 31.33
N TRP B 565 -55.18 14.63 31.64
CA TRP B 565 -54.53 15.86 31.13
C TRP B 565 -54.09 16.70 32.32
N ILE B 566 -52.79 17.02 32.36
CA ILE B 566 -52.21 17.91 33.39
C ILE B 566 -51.25 18.85 32.66
N PRO B 567 -51.69 20.07 32.28
CA PRO B 567 -50.87 20.93 31.42
C PRO B 567 -49.64 21.59 32.06
N SER B 568 -49.27 21.24 33.28
CA SER B 568 -47.96 21.62 33.87
C SER B 568 -46.95 20.52 33.52
N PRO B 569 -45.64 20.84 33.31
CA PRO B 569 -44.67 19.80 33.00
C PRO B 569 -44.26 18.97 34.23
N ILE B 570 -44.96 17.85 34.48
CA ILE B 570 -44.69 17.02 35.68
C ILE B 570 -43.57 16.01 35.38
N ALA B 571 -43.46 15.50 34.16
CA ALA B 571 -42.30 14.66 33.76
C ALA B 571 -41.00 15.50 33.88
N LEU B 572 -41.00 16.74 33.40
CA LEU B 572 -39.81 17.62 33.54
C LEU B 572 -39.61 18.00 35.03
N GLY B 573 -40.69 18.07 35.82
CA GLY B 573 -40.61 18.30 37.27
C GLY B 573 -39.88 17.16 37.97
N ALA B 574 -40.23 15.92 37.61
CA ALA B 574 -39.54 14.70 38.07
C ALA B 574 -38.04 14.78 37.69
N ARG B 575 -37.74 15.13 36.45
CA ARG B 575 -36.34 15.28 35.96
C ARG B 575 -35.60 16.31 36.81
N GLU B 576 -36.19 17.49 37.02
CA GLU B 576 -35.52 18.61 37.73
C GLU B 576 -35.31 18.22 39.19
N SER B 577 -36.27 17.53 39.81
CA SER B 577 -36.18 17.10 41.24
C SER B 577 -35.31 15.85 41.38
N LYS B 578 -34.90 15.23 40.27
CA LYS B 578 -34.11 13.97 40.24
C LYS B 578 -34.85 12.87 41.02
N ASP B 579 -36.17 12.86 40.92
CA ASP B 579 -37.03 11.91 41.67
C ASP B 579 -38.22 11.53 40.79
N PHE B 580 -38.23 10.30 40.31
CA PHE B 580 -39.30 9.78 39.40
C PHE B 580 -40.35 8.98 40.18
N SER B 581 -40.29 8.93 41.51
CA SER B 581 -41.16 8.07 42.36
C SER B 581 -42.63 8.49 42.22
N GLU B 582 -42.93 9.78 42.32
CA GLU B 582 -44.34 10.27 42.24
C GLU B 582 -44.86 10.08 40.81
N LEU B 583 -44.04 10.35 39.80
CA LEU B 583 -44.46 10.14 38.39
C LEU B 583 -44.77 8.65 38.16
N SER B 584 -43.95 7.75 38.70
CA SER B 584 -44.19 6.27 38.68
C SER B 584 -45.58 5.97 39.27
N LYS B 585 -45.81 6.41 40.51
CA LYS B 585 -47.06 6.11 41.27
C LYS B 585 -48.26 6.61 40.46
N LEU B 586 -48.24 7.87 40.03
CA LEU B 586 -49.37 8.49 39.26
C LEU B 586 -49.62 7.65 38.00
N THR B 587 -48.57 7.32 37.25
CA THR B 587 -48.71 6.64 35.94
C THR B 587 -49.33 5.24 36.17
N VAL B 588 -48.83 4.51 37.17
CA VAL B 588 -49.31 3.15 37.51
C VAL B 588 -50.82 3.22 37.82
N SER B 589 -51.25 4.23 38.58
CA SER B 589 -52.67 4.41 38.99
C SER B 589 -53.55 4.61 37.76
N LEU B 590 -52.99 5.03 36.61
CA LEU B 590 -53.78 5.33 35.39
C LEU B 590 -53.75 4.14 34.41
N LEU B 591 -52.93 3.12 34.64
CA LEU B 591 -52.75 2.00 33.68
C LEU B 591 -53.94 1.06 33.78
N PRO B 592 -54.47 0.54 32.65
CA PRO B 592 -55.44 -0.54 32.68
C PRO B 592 -54.92 -1.74 33.47
N ASN B 593 -55.81 -2.39 34.24
CA ASN B 593 -55.47 -3.54 35.11
C ASN B 593 -54.75 -4.63 34.31
N LYS B 594 -55.18 -4.88 33.06
CA LYS B 594 -54.62 -6.01 32.26
C LYS B 594 -53.09 -5.82 32.11
N ILE B 595 -52.62 -4.58 31.99
CA ILE B 595 -51.15 -4.34 31.82
C ILE B 595 -50.43 -4.81 33.10
N LEU B 596 -50.91 -4.43 34.27
CA LEU B 596 -50.28 -4.80 35.56
C LEU B 596 -50.46 -6.31 35.84
N ASN B 597 -51.55 -6.91 35.39
CA ASN B 597 -51.83 -8.36 35.65
C ASN B 597 -50.93 -9.23 34.77
N ASP B 598 -50.70 -8.86 33.51
CA ASP B 598 -50.05 -9.74 32.50
C ASP B 598 -48.54 -9.49 32.36
N ASN B 599 -48.02 -8.36 32.84
CA ASN B 599 -46.59 -7.97 32.63
C ASN B 599 -45.85 -8.06 33.95
N PRO B 600 -44.71 -8.77 34.01
CA PRO B 600 -43.81 -8.67 35.16
C PRO B 600 -43.42 -7.20 35.32
N HIS B 601 -43.41 -6.72 36.56
CA HIS B 601 -43.04 -5.33 36.96
C HIS B 601 -42.66 -5.37 38.44
N PHE B 602 -42.20 -4.26 38.98
CA PHE B 602 -41.83 -4.14 40.41
C PHE B 602 -43.12 -3.87 41.21
N ASP B 603 -43.19 -4.41 42.44
CA ASP B 603 -44.31 -4.23 43.39
C ASP B 603 -44.42 -2.75 43.76
N LYS B 604 -43.34 -1.98 43.61
CA LYS B 604 -43.30 -0.53 43.86
C LYS B 604 -42.16 0.11 43.07
N HIS B 605 -42.03 1.42 43.13
CA HIS B 605 -40.94 2.18 42.48
C HIS B 605 -39.61 1.85 43.13
N TYR B 606 -38.57 1.59 42.33
CA TYR B 606 -37.16 1.42 42.81
C TYR B 606 -36.26 2.40 42.06
N LYS B 607 -35.73 3.39 42.79
CA LYS B 607 -34.75 4.37 42.27
C LYS B 607 -33.53 3.61 41.74
N ASP B 608 -33.11 3.92 40.53
CA ASP B 608 -31.84 3.45 39.91
C ASP B 608 -31.86 1.92 39.74
N VAL B 609 -33.02 1.33 39.51
CA VAL B 609 -33.14 -0.09 39.09
C VAL B 609 -33.99 -0.09 37.83
N MET B 610 -33.68 -0.95 36.87
CA MET B 610 -34.55 -1.13 35.68
C MET B 610 -34.89 -2.60 35.49
N MET B 611 -36.03 -2.85 34.87
CA MET B 611 -36.39 -4.17 34.33
C MET B 611 -37.21 -3.98 33.06
N LYS B 612 -36.94 -4.86 32.10
CA LYS B 612 -37.68 -5.00 30.83
C LYS B 612 -37.81 -6.50 30.57
N SER B 613 -38.94 -6.92 30.03
CA SER B 613 -39.23 -8.35 29.81
C SER B 613 -39.31 -8.64 28.31
N PHE B 614 -39.04 -9.89 27.93
CA PHE B 614 -39.11 -10.37 26.54
C PHE B 614 -39.54 -11.84 26.51
N LYS B 615 -39.86 -12.32 25.31
CA LYS B 615 -40.27 -13.72 25.04
C LYS B 615 -39.38 -14.28 23.93
N SER B 616 -39.14 -15.58 23.95
CA SER B 616 -38.51 -16.32 22.85
C SER B 616 -39.10 -17.73 22.81
N ASN B 617 -39.74 -18.08 21.69
CA ASN B 617 -40.31 -19.43 21.43
C ASN B 617 -41.27 -19.78 22.57
N GLY B 618 -42.14 -18.85 22.98
CA GLY B 618 -43.18 -19.09 23.99
C GLY B 618 -42.72 -18.88 25.43
N THR B 619 -41.41 -18.89 25.72
CA THR B 619 -40.90 -18.68 27.11
C THR B 619 -40.69 -17.18 27.39
N MET B 620 -41.09 -16.71 28.57
CA MET B 620 -40.94 -15.31 29.01
C MET B 620 -39.65 -15.19 29.84
N TYR B 621 -38.96 -14.06 29.68
CA TYR B 621 -37.71 -13.70 30.40
C TYR B 621 -37.79 -12.27 30.90
N SER B 622 -37.02 -11.93 31.92
CA SER B 622 -36.87 -10.54 32.41
C SER B 622 -35.39 -10.18 32.54
N LEU B 623 -35.04 -8.95 32.14
CA LEU B 623 -33.72 -8.33 32.33
C LEU B 623 -33.84 -7.35 33.51
N ILE B 624 -32.96 -7.46 34.49
CA ILE B 624 -32.94 -6.56 35.67
C ILE B 624 -31.51 -6.04 35.81
N ILE B 625 -31.37 -4.73 35.97
CA ILE B 625 -30.05 -4.07 36.23
C ILE B 625 -30.22 -3.15 37.44
N ASN B 626 -29.28 -3.24 38.36
CA ASN B 626 -29.18 -2.41 39.58
C ASN B 626 -28.09 -1.36 39.34
N LYS B 627 -28.46 -0.08 39.32
CA LYS B 627 -27.51 1.05 39.13
C LYS B 627 -27.41 1.86 40.43
N SER B 628 -28.06 1.39 41.50
CA SER B 628 -27.97 2.02 42.84
C SER B 628 -26.63 1.65 43.47
N ALA B 629 -26.28 2.33 44.56
CA ALA B 629 -25.05 2.11 45.33
C ALA B 629 -25.20 0.89 46.26
N SER B 630 -26.39 0.29 46.40
CA SER B 630 -26.62 -0.79 47.40
C SER B 630 -27.26 -2.01 46.76
N VAL B 631 -27.04 -3.17 47.39
CA VAL B 631 -27.76 -4.43 47.06
C VAL B 631 -29.25 -4.11 47.19
N GLN B 632 -30.05 -4.57 46.24
CA GLN B 632 -31.51 -4.31 46.25
C GLN B 632 -32.21 -5.68 46.27
N THR B 633 -33.33 -5.78 46.98
CA THR B 633 -34.26 -6.91 46.83
C THR B 633 -35.51 -6.38 46.14
N VAL B 634 -35.74 -6.84 44.91
CA VAL B 634 -36.86 -6.34 44.08
C VAL B 634 -37.94 -7.42 44.04
N ASP B 635 -39.14 -7.06 44.47
CA ASP B 635 -40.32 -7.96 44.46
C ASP B 635 -40.99 -7.84 43.09
N ILE B 636 -40.90 -8.89 42.28
CA ILE B 636 -41.47 -8.91 40.91
C ILE B 636 -42.88 -9.52 41.01
N VAL B 637 -43.86 -8.85 40.42
CA VAL B 637 -45.29 -9.26 40.38
C VAL B 637 -45.80 -9.08 38.96
N GLY B 638 -46.87 -9.78 38.62
CA GLY B 638 -47.50 -9.74 37.29
C GLY B 638 -46.95 -10.84 36.41
N GLY B 639 -47.70 -11.19 35.35
CA GLY B 639 -47.43 -12.36 34.52
C GLY B 639 -47.48 -13.63 35.35
N LYS B 640 -46.82 -14.70 34.89
CA LYS B 640 -46.94 -16.07 35.47
C LYS B 640 -45.55 -16.68 35.54
N GLY B 641 -45.30 -17.54 36.52
CA GLY B 641 -44.14 -18.44 36.55
C GLY B 641 -43.25 -18.18 37.74
N LYS B 642 -42.22 -19.02 37.89
CA LYS B 642 -41.23 -18.94 38.99
C LYS B 642 -39.86 -18.56 38.39
N ALA B 643 -39.16 -17.65 39.06
CA ALA B 643 -37.86 -17.11 38.64
C ALA B 643 -36.80 -18.22 38.65
N PHE B 644 -36.16 -18.44 37.51
CA PHE B 644 -34.88 -19.18 37.41
C PHE B 644 -33.83 -18.20 36.85
N ILE B 645 -32.76 -17.97 37.60
CA ILE B 645 -31.64 -17.08 37.17
C ILE B 645 -30.82 -17.78 36.07
N LEU B 646 -30.92 -17.30 34.84
CA LEU B 646 -30.23 -17.84 33.65
C LEU B 646 -28.88 -17.12 33.44
N PHE B 647 -28.80 -15.85 33.81
CA PHE B 647 -27.57 -15.02 33.69
C PHE B 647 -27.49 -14.09 34.90
N ALA B 648 -26.31 -14.01 35.52
CA ALA B 648 -26.01 -13.10 36.65
C ALA B 648 -24.48 -12.98 36.75
N ASN B 649 -23.94 -11.76 36.73
CA ASN B 649 -22.47 -11.57 36.71
C ASN B 649 -21.96 -11.28 38.12
N LYS B 650 -22.82 -11.17 39.14
CA LYS B 650 -22.36 -10.94 40.54
C LYS B 650 -23.13 -11.84 41.53
N ASN B 651 -23.50 -13.06 41.12
CA ASN B 651 -24.10 -14.10 42.03
C ASN B 651 -25.43 -13.64 42.63
N ALA B 652 -26.29 -12.97 41.83
CA ALA B 652 -27.69 -12.72 42.21
C ALA B 652 -28.33 -14.04 42.68
N HIS B 653 -29.33 -13.96 43.54
CA HIS B 653 -30.18 -15.10 43.99
C HIS B 653 -31.62 -14.63 44.13
N SER B 654 -32.59 -15.51 43.91
CA SER B 654 -34.04 -15.21 44.09
C SER B 654 -34.65 -16.17 45.11
N THR B 655 -35.66 -15.70 45.83
CA THR B 655 -36.58 -16.50 46.67
C THR B 655 -37.99 -16.14 46.23
N ALA B 656 -38.66 -17.01 45.50
CA ALA B 656 -40.07 -16.86 45.07
C ALA B 656 -40.36 -15.48 44.49
N ASN B 657 -39.62 -15.07 43.44
CA ASN B 657 -39.90 -13.84 42.65
C ASN B 657 -39.48 -12.57 43.41
N LYS B 658 -38.65 -12.70 44.45
CA LYS B 658 -37.92 -11.58 45.09
C LYS B 658 -36.45 -11.75 44.71
N LEU B 659 -35.92 -10.83 43.89
CA LEU B 659 -34.55 -10.92 43.33
C LEU B 659 -33.61 -10.04 44.15
N THR B 660 -32.54 -10.62 44.69
CA THR B 660 -31.44 -9.91 45.35
C THR B 660 -30.35 -9.68 44.30
N ILE B 661 -30.12 -8.41 43.95
CA ILE B 661 -29.23 -8.02 42.83
C ILE B 661 -28.23 -6.98 43.33
N SER B 662 -26.95 -7.16 43.01
CA SER B 662 -25.83 -6.33 43.50
C SER B 662 -25.69 -5.07 42.64
N PRO B 663 -25.01 -4.04 43.17
CA PRO B 663 -24.69 -2.84 42.38
C PRO B 663 -23.97 -3.20 41.08
N GLU B 664 -24.49 -2.71 39.94
CA GLU B 664 -23.89 -2.81 38.57
C GLU B 664 -24.12 -4.21 37.99
N GLU B 665 -24.84 -5.08 38.71
CA GLU B 665 -25.13 -6.47 38.24
C GLU B 665 -26.21 -6.41 37.17
N THR B 666 -26.08 -7.26 36.15
CA THR B 666 -27.10 -7.56 35.13
C THR B 666 -27.62 -8.98 35.36
N VAL B 667 -28.94 -9.15 35.39
CA VAL B 667 -29.60 -10.47 35.64
C VAL B 667 -30.59 -10.76 34.52
N ILE B 668 -30.58 -11.99 34.00
CA ILE B 668 -31.68 -12.54 33.17
C ILE B 668 -32.39 -13.63 33.97
N ILE B 669 -33.68 -13.43 34.22
CA ILE B 669 -34.59 -14.45 34.81
C ILE B 669 -35.33 -15.13 33.66
N LYS B 670 -35.31 -16.46 33.65
CA LYS B 670 -36.22 -17.32 32.84
C LYS B 670 -37.41 -17.68 33.74
N TRP B 671 -38.63 -17.42 33.27
CA TRP B 671 -39.90 -17.71 34.02
C TRP B 671 -40.37 -19.12 33.66
N LYS B 672 -40.42 -20.07 34.62
CA LYS B 672 -40.78 -21.50 34.37
C LYS B 672 -42.24 -21.79 34.74
N GLU C 23 71.17 -34.49 -39.87
CA GLU C 23 71.15 -35.69 -38.99
C GLU C 23 69.84 -36.46 -39.23
N ARG C 24 69.88 -37.77 -39.02
CA ARG C 24 68.77 -38.73 -39.20
C ARG C 24 68.36 -39.21 -37.81
N ILE C 25 67.08 -39.12 -37.50
CA ILE C 25 66.59 -39.42 -36.12
C ILE C 25 66.78 -40.91 -35.89
N SER C 26 67.08 -41.29 -34.65
CA SER C 26 67.19 -42.69 -34.21
C SER C 26 66.71 -42.79 -32.77
N LYS C 27 66.63 -44.02 -32.25
CA LYS C 27 66.24 -44.30 -30.85
C LYS C 27 67.32 -43.81 -29.87
N GLN C 28 68.48 -43.36 -30.36
CA GLN C 28 69.61 -42.82 -29.55
C GLN C 28 69.71 -41.30 -29.69
N SER C 29 68.83 -40.64 -30.44
CA SER C 29 68.88 -39.17 -30.63
C SER C 29 68.64 -38.48 -29.27
N THR C 30 69.25 -37.32 -29.09
CA THR C 30 68.98 -36.42 -27.93
C THR C 30 67.59 -35.83 -28.14
N PRO C 31 66.66 -35.98 -27.18
CA PRO C 31 65.35 -35.34 -27.28
C PRO C 31 65.47 -33.82 -27.29
N PHE C 32 64.53 -33.17 -27.99
CA PHE C 32 64.44 -31.70 -28.07
C PHE C 32 63.08 -31.22 -27.57
N VAL C 33 63.06 -29.97 -27.11
CA VAL C 33 61.84 -29.14 -26.92
C VAL C 33 61.80 -28.15 -28.08
N GLY C 34 60.65 -27.95 -28.68
CA GLY C 34 60.50 -27.07 -29.86
C GLY C 34 59.12 -26.45 -29.94
N ALA C 35 58.89 -25.64 -30.97
CA ALA C 35 57.59 -24.94 -31.13
C ALA C 35 57.36 -24.62 -32.60
N GLN C 36 56.09 -24.55 -32.99
CA GLN C 36 55.69 -24.03 -34.31
C GLN C 36 56.17 -22.59 -34.40
N ILE C 37 56.78 -22.22 -35.53
CA ILE C 37 56.96 -20.79 -35.89
C ILE C 37 55.95 -20.50 -36.99
N PHE C 38 54.95 -19.68 -36.68
CA PHE C 38 53.82 -19.39 -37.59
C PHE C 38 54.22 -18.23 -38.51
N ILE C 39 54.39 -18.56 -39.79
CA ILE C 39 54.84 -17.61 -40.84
C ILE C 39 53.66 -17.31 -41.76
N GLU C 40 53.32 -16.03 -41.88
CA GLU C 40 52.29 -15.53 -42.81
C GLU C 40 52.73 -14.15 -43.29
N PRO C 41 52.19 -13.67 -44.43
CA PRO C 41 52.52 -12.34 -44.93
C PRO C 41 52.13 -11.26 -43.91
N GLY C 42 52.87 -10.16 -43.91
CA GLY C 42 52.63 -8.98 -43.05
C GLY C 42 53.64 -8.89 -41.93
N GLN C 43 54.19 -10.02 -41.48
CA GLN C 43 55.20 -10.06 -40.38
C GLN C 43 56.47 -9.32 -40.82
N THR C 44 57.20 -8.69 -39.89
CA THR C 44 58.48 -8.00 -40.19
C THR C 44 59.68 -8.93 -39.92
N GLN C 45 60.79 -8.70 -40.63
CA GLN C 45 62.11 -9.35 -40.37
C GLN C 45 62.44 -9.27 -38.87
N GLU C 46 62.25 -8.11 -38.25
CA GLU C 46 62.63 -7.81 -36.84
C GLU C 46 61.80 -8.71 -35.92
N GLN C 47 60.50 -8.82 -36.15
CA GLN C 47 59.57 -9.69 -35.34
C GLN C 47 60.07 -11.13 -35.44
N ILE C 48 60.34 -11.62 -36.65
CA ILE C 48 60.69 -13.05 -36.88
C ILE C 48 62.03 -13.34 -36.19
N GLU C 49 62.99 -12.44 -36.31
CA GLU C 49 64.29 -12.60 -35.63
C GLU C 49 64.09 -12.67 -34.11
N GLN C 50 63.29 -11.77 -33.54
CA GLN C 50 62.93 -11.78 -32.09
C GLN C 50 62.43 -13.17 -31.68
N TRP C 51 61.60 -13.81 -32.53
CA TRP C 51 61.01 -15.15 -32.20
C TRP C 51 62.15 -16.17 -32.12
N PHE C 52 62.99 -16.27 -33.15
CA PHE C 52 64.08 -17.28 -33.22
C PHE C 52 65.08 -17.03 -32.09
N LYS C 53 65.38 -15.77 -31.79
CA LYS C 53 66.32 -15.41 -30.69
C LYS C 53 65.76 -15.94 -29.37
N LEU C 54 64.49 -15.66 -29.08
CA LEU C 54 63.87 -16.10 -27.79
C LEU C 54 63.73 -17.63 -27.76
N LEU C 55 63.38 -18.24 -28.89
CA LEU C 55 63.28 -19.72 -29.02
C LEU C 55 64.64 -20.34 -28.63
N ALA C 56 65.74 -19.86 -29.20
CA ALA C 56 67.12 -20.34 -28.90
C ALA C 56 67.45 -20.12 -27.42
N GLU C 57 67.11 -18.96 -26.87
CA GLU C 57 67.38 -18.62 -25.45
C GLU C 57 66.52 -19.47 -24.51
N SER C 58 65.44 -20.07 -25.03
CA SER C 58 64.51 -20.91 -24.23
C SER C 58 64.91 -22.38 -24.30
N ASN C 59 66.14 -22.68 -24.77
CA ASN C 59 66.72 -24.05 -24.81
C ASN C 59 65.91 -24.94 -25.75
N MET C 60 65.28 -24.35 -26.76
CA MET C 60 64.56 -25.07 -27.83
C MET C 60 65.52 -25.15 -29.03
N THR C 61 65.63 -26.31 -29.68
CA THR C 61 66.58 -26.54 -30.79
C THR C 61 65.85 -26.64 -32.13
N THR C 62 64.52 -26.71 -32.10
CA THR C 62 63.72 -27.18 -33.25
C THR C 62 62.44 -26.36 -33.38
N CYS C 63 62.04 -26.06 -34.61
CA CYS C 63 60.75 -25.43 -34.91
C CYS C 63 60.05 -26.27 -35.99
N ARG C 64 58.76 -26.03 -36.15
CA ARG C 64 57.99 -26.56 -37.28
C ARG C 64 57.38 -25.38 -38.02
N ILE C 65 57.46 -25.42 -39.35
CA ILE C 65 56.94 -24.30 -40.20
C ILE C 65 56.01 -24.93 -41.24
N ARG C 66 54.80 -24.37 -41.32
CA ARG C 66 53.79 -24.73 -42.34
C ARG C 66 54.18 -24.04 -43.65
N MET C 67 54.54 -24.83 -44.67
CA MET C 67 55.07 -24.30 -45.96
C MET C 67 53.89 -23.93 -46.87
N PHE C 68 53.07 -22.97 -46.44
CA PHE C 68 51.81 -22.59 -47.11
C PHE C 68 52.03 -22.35 -48.61
N GLY C 69 51.47 -23.22 -49.46
CA GLY C 69 51.44 -22.97 -50.92
C GLY C 69 50.81 -21.62 -51.23
N LYS C 70 49.79 -21.21 -50.47
CA LYS C 70 49.09 -19.92 -50.72
C LYS C 70 50.09 -18.77 -50.66
N TYR C 71 51.10 -18.83 -49.80
CA TYR C 71 52.03 -17.69 -49.54
C TYR C 71 53.32 -17.85 -50.35
N MET C 72 53.30 -18.72 -51.38
CA MET C 72 54.39 -18.88 -52.37
C MET C 72 53.87 -18.72 -53.81
N LYS C 73 52.57 -18.91 -54.06
CA LYS C 73 51.98 -18.83 -55.42
C LYS C 73 51.97 -17.36 -55.86
N THR C 74 52.38 -17.09 -57.10
CA THR C 74 52.40 -15.74 -57.74
C THR C 74 51.28 -15.66 -58.75
N PRO C 75 50.85 -14.44 -59.17
CA PRO C 75 49.85 -14.29 -60.22
C PRO C 75 50.07 -15.20 -61.44
N SER C 76 51.33 -15.35 -61.88
CA SER C 76 51.72 -16.03 -63.14
C SER C 76 51.81 -17.55 -62.93
N GLY C 77 51.77 -18.05 -61.69
CA GLY C 77 51.82 -19.49 -61.39
C GLY C 77 53.22 -19.98 -61.05
N THR C 78 54.25 -19.12 -61.04
CA THR C 78 55.62 -19.42 -60.52
C THR C 78 55.54 -19.57 -58.99
N TYR C 79 56.55 -20.22 -58.39
CA TYR C 79 56.73 -20.29 -56.92
C TYR C 79 57.73 -19.20 -56.50
N ASP C 80 57.31 -18.30 -55.62
CA ASP C 80 58.20 -17.32 -54.94
C ASP C 80 58.39 -17.82 -53.51
N PHE C 81 59.63 -18.17 -53.14
CA PHE C 81 59.97 -18.87 -51.87
C PHE C 81 60.36 -17.84 -50.79
N THR C 82 60.36 -16.55 -51.11
CA THR C 82 60.95 -15.44 -50.30
C THR C 82 60.52 -15.51 -48.83
N LEU C 83 59.20 -15.66 -48.60
CA LEU C 83 58.64 -15.55 -47.23
C LEU C 83 59.26 -16.67 -46.37
N PHE C 84 59.43 -17.86 -46.93
CA PHE C 84 59.94 -19.05 -46.20
C PHE C 84 61.48 -19.05 -46.18
N ASP C 85 62.13 -18.55 -47.23
CA ASP C 85 63.61 -18.35 -47.22
C ASP C 85 63.97 -17.49 -46.00
N ARG C 86 63.26 -16.38 -45.81
CA ARG C 86 63.53 -15.42 -44.69
C ARG C 86 63.49 -16.17 -43.35
N ALA C 87 62.50 -17.05 -43.17
CA ALA C 87 62.31 -17.80 -41.92
C ALA C 87 63.38 -18.88 -41.78
N PHE C 88 63.65 -19.66 -42.83
CA PHE C 88 64.68 -20.73 -42.79
C PHE C 88 66.05 -20.12 -42.47
N LYS C 89 66.36 -18.95 -43.04
CA LYS C 89 67.69 -18.28 -42.87
C LYS C 89 67.82 -17.78 -41.44
N LEU C 90 66.75 -17.22 -40.88
CA LEU C 90 66.77 -16.78 -39.46
C LEU C 90 66.85 -18.00 -38.54
N ALA C 91 66.17 -19.08 -38.85
CA ALA C 91 66.29 -20.33 -38.07
C ALA C 91 67.76 -20.76 -38.08
N ASP C 92 68.38 -20.81 -39.26
CA ASP C 92 69.78 -21.30 -39.44
C ASP C 92 70.73 -20.41 -38.62
N LYS C 93 70.56 -19.10 -38.70
CA LYS C 93 71.37 -18.11 -37.94
C LYS C 93 71.38 -18.45 -36.45
N TYR C 94 70.24 -18.91 -35.89
CA TYR C 94 70.11 -19.22 -34.44
C TYR C 94 70.26 -20.72 -34.18
N HIS C 95 70.76 -21.48 -35.16
CA HIS C 95 71.08 -22.93 -35.07
C HIS C 95 69.79 -23.72 -34.76
N ILE C 96 68.65 -23.31 -35.30
CA ILE C 96 67.32 -23.97 -35.10
C ILE C 96 67.02 -24.84 -36.33
N LYS C 97 66.75 -26.12 -36.11
CA LYS C 97 66.41 -27.06 -37.20
C LYS C 97 64.89 -27.02 -37.43
N VAL C 98 64.47 -27.38 -38.63
CA VAL C 98 63.08 -27.12 -39.12
C VAL C 98 62.43 -28.45 -39.51
N TYR C 99 61.27 -28.73 -38.92
CA TYR C 99 60.26 -29.68 -39.45
C TYR C 99 59.41 -28.86 -40.42
N ALA C 100 59.43 -29.23 -41.71
CA ALA C 100 58.74 -28.47 -42.78
C ALA C 100 57.48 -29.22 -43.19
N THR C 101 56.30 -28.64 -42.97
CA THR C 101 55.02 -29.31 -43.28
C THR C 101 54.62 -29.00 -44.72
N LEU C 102 54.42 -30.05 -45.52
CA LEU C 102 53.84 -29.93 -46.88
C LEU C 102 52.37 -29.53 -46.72
N PHE C 103 52.03 -28.35 -47.21
CA PHE C 103 50.71 -27.70 -47.01
C PHE C 103 50.38 -26.93 -48.28
N PRO C 104 49.87 -27.62 -49.32
CA PRO C 104 49.57 -27.00 -50.61
C PRO C 104 48.51 -25.89 -50.46
N ASP C 105 48.38 -25.10 -51.52
CA ASP C 105 47.40 -23.98 -51.59
C ASP C 105 46.05 -24.51 -51.10
N THR C 106 45.39 -23.76 -50.22
CA THR C 106 44.06 -24.12 -49.68
C THR C 106 43.41 -22.85 -49.13
N GLU C 107 42.10 -22.88 -48.94
CA GLU C 107 41.31 -21.75 -48.43
C GLU C 107 41.95 -21.24 -47.13
N PHE C 108 42.03 -19.92 -46.98
CA PHE C 108 42.55 -19.26 -45.77
C PHE C 108 41.82 -19.80 -44.52
N THR C 109 40.52 -20.12 -44.62
CA THR C 109 39.67 -20.55 -43.48
C THR C 109 39.98 -22.00 -43.05
N ASP C 110 40.77 -22.75 -43.83
CA ASP C 110 41.09 -24.15 -43.51
C ASP C 110 42.23 -24.19 -42.49
N VAL C 111 41.91 -24.34 -41.21
CA VAL C 111 42.90 -24.24 -40.08
C VAL C 111 43.85 -25.45 -40.13
N GLY C 112 43.35 -26.65 -40.41
CA GLY C 112 44.10 -27.91 -40.27
C GLY C 112 44.71 -28.42 -41.59
N GLY C 113 44.12 -28.02 -42.73
CA GLY C 113 44.50 -28.51 -44.07
C GLY C 113 43.58 -29.61 -44.59
N PHE C 114 43.49 -29.75 -45.91
CA PHE C 114 42.72 -30.83 -46.58
C PHE C 114 43.45 -32.16 -46.36
N LYS C 115 42.68 -33.24 -46.34
CA LYS C 115 43.19 -34.57 -45.93
C LYS C 115 43.45 -35.47 -47.14
N PHE C 116 42.82 -35.17 -48.28
CA PHE C 116 42.98 -35.91 -49.57
C PHE C 116 42.80 -34.95 -50.73
N PRO C 117 43.35 -35.26 -51.93
CA PRO C 117 43.07 -34.44 -53.11
C PRO C 117 41.57 -34.40 -53.40
N HIS C 118 41.07 -33.27 -53.90
CA HIS C 118 39.66 -33.02 -54.29
C HIS C 118 39.35 -33.70 -55.63
N SER C 119 40.35 -33.80 -56.52
CA SER C 119 40.21 -34.18 -57.96
C SER C 119 41.57 -34.56 -58.54
N ARG C 120 41.59 -35.22 -59.70
CA ARG C 120 42.84 -35.60 -60.42
C ARG C 120 43.64 -34.33 -60.70
N GLU C 121 42.95 -33.24 -61.07
CA GLU C 121 43.59 -31.94 -61.39
C GLU C 121 44.26 -31.41 -60.13
N HIS C 122 43.57 -31.50 -59.00
CA HIS C 122 44.12 -31.07 -57.68
C HIS C 122 45.34 -31.94 -57.35
N GLN C 123 45.29 -33.25 -57.61
CA GLN C 123 46.43 -34.16 -57.35
C GLN C 123 47.66 -33.65 -58.12
N LYS C 124 47.48 -33.21 -59.37
CA LYS C 124 48.59 -32.69 -60.21
C LYS C 124 49.11 -31.39 -59.60
N GLU C 125 48.25 -30.53 -59.06
CA GLU C 125 48.69 -29.27 -58.40
C GLU C 125 49.56 -29.65 -57.19
N VAL C 126 49.18 -30.69 -56.45
CA VAL C 126 49.95 -31.11 -55.25
C VAL C 126 51.33 -31.62 -55.71
N GLU C 127 51.38 -32.42 -56.79
CA GLU C 127 52.64 -32.95 -57.38
C GLU C 127 53.60 -31.79 -57.68
N ASP C 128 53.09 -30.74 -58.31
CA ASP C 128 53.83 -29.52 -58.71
C ASP C 128 54.33 -28.81 -57.44
N TYR C 129 53.46 -28.66 -56.44
CA TYR C 129 53.80 -28.02 -55.14
C TYR C 129 54.96 -28.79 -54.50
N ILE C 130 54.88 -30.10 -54.43
CA ILE C 130 55.93 -30.93 -53.76
C ILE C 130 57.25 -30.78 -54.53
N LYS C 131 57.22 -30.91 -55.87
CA LYS C 131 58.42 -30.75 -56.73
C LYS C 131 59.14 -29.46 -56.36
N ASN C 132 58.41 -28.34 -56.40
CA ASN C 132 58.96 -26.98 -56.21
C ASN C 132 59.48 -26.83 -54.78
N VAL C 133 58.67 -27.17 -53.78
CA VAL C 133 59.00 -26.87 -52.35
C VAL C 133 60.13 -27.80 -51.88
N VAL C 134 60.04 -29.09 -52.18
CA VAL C 134 61.08 -30.06 -51.71
C VAL C 134 62.40 -29.78 -52.43
N SER C 135 62.37 -29.54 -53.75
CA SER C 135 63.60 -29.28 -54.55
C SER C 135 64.35 -28.08 -53.96
N HIS C 136 63.62 -27.03 -53.57
CA HIS C 136 64.21 -25.78 -53.03
C HIS C 136 64.65 -25.99 -51.57
N PHE C 137 63.76 -26.38 -50.65
CA PHE C 137 64.07 -26.28 -49.20
C PHE C 137 64.96 -27.44 -48.75
N SER C 138 65.05 -28.53 -49.53
CA SER C 138 65.96 -29.67 -49.22
C SER C 138 67.42 -29.19 -49.14
N GLN C 139 67.72 -28.03 -49.73
CA GLN C 139 69.09 -27.47 -49.85
C GLN C 139 69.51 -26.76 -48.55
N TYR C 140 68.59 -26.44 -47.64
CA TYR C 140 68.92 -25.80 -46.35
C TYR C 140 69.52 -26.86 -45.42
N LYS C 141 70.66 -26.54 -44.81
CA LYS C 141 71.37 -27.50 -43.94
C LYS C 141 70.63 -27.66 -42.59
N ASN C 142 69.72 -26.74 -42.24
CA ASN C 142 68.96 -26.82 -40.95
C ASN C 142 67.58 -27.50 -41.15
N LEU C 143 67.28 -28.05 -42.34
CA LEU C 143 66.05 -28.87 -42.52
C LEU C 143 66.23 -30.21 -41.82
N ALA C 144 65.33 -30.54 -40.86
CA ALA C 144 65.40 -31.78 -40.06
C ALA C 144 64.43 -32.83 -40.60
N ALA C 145 63.30 -32.44 -41.16
CA ALA C 145 62.24 -33.42 -41.52
C ALA C 145 61.20 -32.79 -42.43
N TRP C 146 60.63 -33.62 -43.30
CA TRP C 146 59.39 -33.32 -44.05
C TRP C 146 58.21 -33.91 -43.28
N VAL C 147 57.24 -33.06 -42.91
CA VAL C 147 55.94 -33.57 -42.40
C VAL C 147 55.03 -33.70 -43.63
N LEU C 148 54.71 -34.94 -44.01
CA LEU C 148 54.09 -35.29 -45.31
C LEU C 148 52.74 -34.57 -45.46
N ILE C 149 52.01 -34.46 -44.35
CA ILE C 149 50.67 -33.81 -44.29
C ILE C 149 50.42 -33.47 -42.82
N ASN C 150 49.81 -32.33 -42.55
CA ASN C 150 49.41 -31.99 -41.16
C ASN C 150 48.16 -32.80 -40.80
N GLU C 151 48.23 -33.57 -39.71
CA GLU C 151 47.05 -34.21 -39.10
C GLU C 151 46.29 -35.03 -40.15
N PRO C 152 46.88 -36.11 -40.68
CA PRO C 152 46.12 -37.01 -41.56
C PRO C 152 44.90 -37.54 -40.80
N GLY C 153 43.81 -37.77 -41.54
CA GLY C 153 42.56 -38.28 -40.98
C GLY C 153 41.58 -37.17 -40.64
N THR C 154 40.29 -37.46 -40.81
CA THR C 154 39.20 -36.57 -40.37
C THR C 154 37.97 -37.40 -40.02
N PRO C 155 37.13 -36.95 -39.05
CA PRO C 155 35.83 -37.57 -38.81
C PRO C 155 34.85 -37.42 -40.00
N ASN C 156 35.04 -36.41 -40.87
CA ASN C 156 34.15 -36.12 -42.02
C ASN C 156 34.89 -36.37 -43.34
N LEU C 157 34.95 -37.62 -43.79
CA LEU C 157 35.73 -37.99 -45.01
C LEU C 157 34.96 -37.49 -46.24
N PRO C 158 35.65 -36.93 -47.26
CA PRO C 158 34.97 -36.33 -48.41
C PRO C 158 34.47 -37.32 -49.49
N PHE C 159 33.51 -38.19 -49.13
CA PHE C 159 32.90 -39.20 -50.03
C PHE C 159 32.15 -38.51 -51.18
N ASN C 160 31.76 -37.24 -51.00
CA ASN C 160 31.02 -36.41 -52.00
C ASN C 160 31.92 -36.02 -53.18
N GLU C 161 33.24 -35.87 -52.96
CA GLU C 161 34.19 -35.27 -53.96
C GLU C 161 34.61 -36.32 -54.98
N PRO C 162 34.88 -35.92 -56.25
CA PRO C 162 35.21 -36.85 -57.32
C PRO C 162 36.41 -37.79 -57.08
N PHE C 163 37.50 -37.29 -56.51
CA PHE C 163 38.73 -38.11 -56.32
C PHE C 163 38.41 -39.29 -55.38
N THR C 164 37.81 -39.00 -54.22
CA THR C 164 37.47 -40.02 -53.19
C THR C 164 36.37 -40.94 -53.73
N LYS C 165 35.33 -40.39 -54.36
CA LYS C 165 34.21 -41.17 -54.96
C LYS C 165 34.78 -42.23 -55.90
N GLU C 166 35.70 -41.84 -56.78
CA GLU C 166 36.31 -42.76 -57.78
C GLU C 166 37.18 -43.80 -57.09
N ARG C 167 38.01 -43.38 -56.14
CA ARG C 167 38.90 -44.31 -55.39
C ARG C 167 38.06 -45.39 -54.69
N PHE C 168 36.93 -45.00 -54.09
CA PHE C 168 36.06 -45.94 -53.32
C PHE C 168 35.41 -46.92 -54.30
N SER C 169 34.90 -46.44 -55.45
CA SER C 169 34.32 -47.29 -56.53
C SER C 169 35.33 -48.34 -56.99
N ASP C 170 36.55 -47.91 -57.34
CA ASP C 170 37.65 -48.80 -57.79
C ASP C 170 37.96 -49.82 -56.69
N TRP C 171 38.10 -49.37 -55.45
CA TRP C 171 38.39 -50.25 -54.28
C TRP C 171 37.34 -51.35 -54.20
N LYS C 172 36.06 -51.01 -54.28
CA LYS C 172 34.93 -51.98 -54.15
C LYS C 172 35.02 -52.99 -55.30
N LYS C 173 35.31 -52.56 -56.52
CA LYS C 173 35.45 -53.46 -57.70
C LYS C 173 36.61 -54.44 -57.48
N GLU C 174 37.69 -54.03 -56.81
CA GLU C 174 38.89 -54.88 -56.60
C GLU C 174 38.71 -55.78 -55.37
N HIS C 175 37.61 -55.66 -54.63
CA HIS C 175 37.33 -56.53 -53.44
C HIS C 175 36.07 -57.36 -53.71
N ASN C 176 36.02 -58.56 -53.17
CA ASN C 176 34.94 -59.54 -53.47
C ASN C 176 34.35 -59.95 -52.12
N PHE C 177 33.27 -59.32 -51.70
CA PHE C 177 32.61 -59.58 -50.39
C PHE C 177 31.32 -60.37 -50.61
N SER C 178 31.06 -61.36 -49.77
CA SER C 178 29.79 -62.12 -49.74
C SER C 178 28.89 -61.56 -48.61
N GLU C 179 27.58 -61.69 -48.78
CA GLU C 179 26.57 -61.23 -47.79
C GLU C 179 26.37 -62.28 -46.71
N TYR C 180 27.01 -63.45 -46.80
CA TYR C 180 26.88 -64.57 -45.82
C TYR C 180 28.27 -65.09 -45.46
N ASN C 181 28.43 -65.59 -44.23
CA ASN C 181 29.74 -66.17 -43.79
C ASN C 181 29.76 -67.65 -44.22
N GLU C 182 30.83 -68.34 -43.86
CA GLU C 182 31.06 -69.76 -44.25
C GLU C 182 29.91 -70.61 -43.71
N LYS C 183 29.44 -70.36 -42.48
CA LYS C 183 28.35 -71.20 -41.88
C LYS C 183 26.99 -70.83 -42.49
N GLY C 184 26.88 -69.71 -43.21
CA GLY C 184 25.64 -69.30 -43.92
C GLY C 184 24.93 -68.11 -43.27
N TYR C 185 25.41 -67.61 -42.13
CA TYR C 185 24.80 -66.45 -41.41
C TYR C 185 24.99 -65.16 -42.18
N PRO C 186 24.02 -64.21 -42.13
CA PRO C 186 24.24 -62.88 -42.68
C PRO C 186 25.44 -62.18 -42.03
N VAL C 187 26.11 -61.30 -42.76
CA VAL C 187 27.33 -60.57 -42.27
C VAL C 187 27.28 -59.10 -42.70
N LEU C 188 27.96 -58.24 -41.95
CA LEU C 188 28.40 -56.91 -42.43
C LEU C 188 29.87 -57.03 -42.84
N ASN C 189 30.31 -56.27 -43.85
CA ASN C 189 31.69 -56.36 -44.38
C ASN C 189 32.49 -55.07 -44.14
N PHE C 190 31.86 -54.00 -43.66
CA PHE C 190 32.56 -52.75 -43.25
C PHE C 190 33.43 -52.26 -44.42
N GLU C 191 32.84 -52.20 -45.61
CA GLU C 191 33.57 -51.79 -46.85
C GLU C 191 34.12 -50.38 -46.69
N LYS C 192 33.31 -49.44 -46.22
CA LYS C 192 33.70 -48.02 -46.03
C LYS C 192 34.94 -47.95 -45.11
N GLU C 193 34.90 -48.68 -43.98
CA GLU C 193 35.96 -48.61 -42.93
C GLU C 193 37.27 -49.19 -43.49
N ASN C 194 37.18 -50.30 -44.19
CA ASN C 194 38.37 -51.00 -44.78
C ASN C 194 38.94 -50.14 -45.91
N PHE C 195 38.10 -49.54 -46.75
CA PHE C 195 38.55 -48.59 -47.79
C PHE C 195 39.32 -47.43 -47.13
N ILE C 196 38.76 -46.85 -46.07
CA ILE C 196 39.36 -45.65 -45.43
C ILE C 196 40.76 -45.98 -44.91
N ILE C 197 40.96 -47.15 -44.29
CA ILE C 197 42.32 -47.60 -43.87
C ILE C 197 43.25 -47.57 -45.08
N ASP C 198 42.82 -48.21 -46.19
CA ASP C 198 43.68 -48.40 -47.40
C ASP C 198 43.93 -47.03 -48.04
N TYR C 199 42.95 -46.13 -47.98
CA TYR C 199 42.98 -44.80 -48.62
C TYR C 199 44.03 -43.92 -47.90
N HIS C 200 44.04 -43.92 -46.56
CA HIS C 200 45.06 -43.21 -45.74
C HIS C 200 46.44 -43.79 -46.05
N ASN C 201 46.57 -45.13 -46.03
CA ASN C 201 47.83 -45.81 -46.38
C ASN C 201 48.30 -45.31 -47.76
N TRP C 202 47.40 -45.31 -48.74
CA TRP C 202 47.75 -44.95 -50.14
C TRP C 202 48.24 -43.49 -50.21
N TYR C 203 47.49 -42.53 -49.65
CA TYR C 203 47.81 -41.10 -49.85
C TYR C 203 49.13 -40.76 -49.14
N LEU C 204 49.33 -41.23 -47.92
CA LEU C 204 50.58 -40.95 -47.14
C LEU C 204 51.78 -41.59 -47.85
N ASN C 205 51.62 -42.82 -48.34
CA ASN C 205 52.70 -43.54 -49.10
C ASN C 205 52.99 -42.74 -50.38
N TRP C 206 51.95 -42.24 -51.06
CA TRP C 206 52.10 -41.45 -52.31
C TRP C 206 52.86 -40.14 -52.01
N LEU C 207 52.49 -39.44 -50.93
CA LEU C 207 53.20 -38.21 -50.52
C LEU C 207 54.68 -38.55 -50.25
N ALA C 208 54.96 -39.65 -49.55
CA ALA C 208 56.35 -40.07 -49.23
C ALA C 208 57.12 -40.31 -50.55
N ASN C 209 56.50 -41.01 -51.51
CA ASN C 209 57.09 -41.33 -52.84
C ASN C 209 57.36 -40.02 -53.59
N GLN C 210 56.45 -39.05 -53.52
CA GLN C 210 56.61 -37.74 -54.21
C GLN C 210 57.82 -37.00 -53.63
N VAL C 211 57.91 -36.90 -52.30
CA VAL C 211 59.07 -36.24 -51.65
C VAL C 211 60.35 -36.95 -52.10
N ARG C 212 60.34 -38.30 -52.12
N ARG C 212 60.34 -38.30 -52.12
CA ARG C 212 61.55 -39.12 -52.39
CA ARG C 212 61.55 -39.13 -52.39
C ARG C 212 62.01 -38.96 -53.85
C ARG C 212 62.01 -38.96 -53.85
N LEU C 213 61.15 -38.47 -54.76
CA LEU C 213 61.57 -38.11 -56.15
C LEU C 213 62.66 -37.04 -56.10
N TYR C 214 62.63 -36.14 -55.11
CA TYR C 214 63.48 -34.93 -55.08
C TYR C 214 64.41 -34.92 -53.86
N ASP C 215 64.13 -35.69 -52.81
CA ASP C 215 64.94 -35.66 -51.56
C ASP C 215 64.93 -37.04 -50.92
N LYS C 216 66.07 -37.73 -50.91
CA LYS C 216 66.24 -39.04 -50.25
C LYS C 216 67.00 -38.87 -48.94
N GLN C 217 67.29 -37.63 -48.54
CA GLN C 217 68.24 -37.33 -47.43
C GLN C 217 67.49 -37.08 -46.11
N HIS C 218 66.27 -36.53 -46.15
CA HIS C 218 65.63 -36.00 -44.92
C HIS C 218 64.58 -36.98 -44.41
N ASP C 219 64.48 -37.06 -43.08
CA ASP C 219 63.44 -37.83 -42.35
C ASP C 219 62.04 -37.46 -42.88
N LEU C 220 61.18 -38.46 -43.04
CA LEU C 220 59.73 -38.28 -43.33
C LEU C 220 58.93 -38.56 -42.04
N HIS C 221 57.98 -37.68 -41.78
CA HIS C 221 57.25 -37.58 -40.48
C HIS C 221 55.78 -37.32 -40.76
N VAL C 222 54.90 -37.74 -39.86
CA VAL C 222 53.46 -37.37 -39.92
C VAL C 222 52.89 -37.36 -38.49
N ASN C 223 51.85 -36.54 -38.24
CA ASN C 223 51.24 -36.39 -36.89
C ASN C 223 49.77 -36.84 -36.92
N PRO C 224 49.47 -38.13 -36.71
CA PRO C 224 48.10 -38.57 -36.45
C PRO C 224 47.59 -37.85 -35.20
N HIS C 225 46.28 -37.62 -35.14
CA HIS C 225 45.67 -36.70 -34.15
C HIS C 225 44.36 -37.29 -33.63
N ASN C 226 43.86 -36.74 -32.53
CA ASN C 226 42.55 -37.10 -31.96
C ASN C 226 42.48 -38.62 -31.85
N VAL C 227 43.53 -39.24 -31.33
CA VAL C 227 43.78 -40.70 -31.50
C VAL C 227 42.71 -41.52 -30.78
N PHE C 228 42.06 -41.01 -29.73
CA PHE C 228 41.04 -41.81 -29.00
C PHE C 228 39.75 -41.88 -29.85
N LYS C 229 39.63 -41.03 -30.86
CA LYS C 229 38.47 -41.08 -31.80
C LYS C 229 38.89 -41.60 -33.18
N LEU C 230 40.08 -41.27 -33.67
CA LEU C 230 40.48 -41.51 -35.09
C LEU C 230 41.41 -42.71 -35.27
N SER C 231 41.71 -43.47 -34.22
CA SER C 231 42.63 -44.64 -34.30
C SER C 231 42.09 -45.65 -35.31
N GLY C 232 40.78 -45.69 -35.55
CA GLY C 232 40.15 -46.61 -36.52
C GLY C 232 40.40 -46.24 -37.97
N LEU C 233 41.03 -45.08 -38.22
CA LEU C 233 41.51 -44.60 -39.55
C LEU C 233 42.96 -45.03 -39.81
N TYR C 234 43.68 -45.46 -38.77
CA TYR C 234 45.17 -45.46 -38.77
C TYR C 234 45.72 -46.88 -38.73
N ASP C 235 46.51 -47.22 -39.75
CA ASP C 235 47.23 -48.51 -39.86
C ASP C 235 48.72 -48.22 -39.64
N PHE C 236 49.15 -48.06 -38.40
CA PHE C 236 50.53 -47.58 -38.08
C PHE C 236 51.55 -48.60 -38.61
N PRO C 237 51.35 -49.93 -38.45
CA PRO C 237 52.30 -50.89 -39.00
C PRO C 237 52.61 -50.64 -40.48
N THR C 238 51.61 -50.34 -41.31
CA THR C 238 51.85 -50.01 -42.74
C THR C 238 52.62 -48.70 -42.85
N TRP C 239 52.28 -47.68 -42.04
CA TRP C 239 52.93 -46.35 -42.15
C TRP C 239 54.44 -46.47 -41.89
N ARG C 240 54.85 -47.40 -41.05
CA ARG C 240 56.28 -47.62 -40.70
C ARG C 240 57.09 -47.86 -41.98
N THR C 241 56.48 -48.44 -43.03
CA THR C 241 57.21 -48.83 -44.25
C THR C 241 57.66 -47.58 -45.03
N PHE C 242 57.13 -46.39 -44.78
CA PHE C 242 57.51 -45.18 -45.55
C PHE C 242 57.89 -43.99 -44.65
N LEU C 243 57.84 -44.13 -43.33
CA LEU C 243 58.24 -43.04 -42.40
C LEU C 243 59.63 -43.32 -41.82
N ASN C 244 60.32 -42.29 -41.38
CA ASN C 244 61.53 -42.40 -40.53
C ASN C 244 61.17 -42.17 -39.06
N SER C 245 60.08 -41.44 -38.80
CA SER C 245 59.58 -41.23 -37.41
C SER C 245 58.07 -41.08 -37.41
N LEU C 246 57.40 -41.57 -36.37
CA LEU C 246 55.95 -41.31 -36.16
C LEU C 246 55.78 -40.11 -35.23
N GLY C 247 54.85 -39.21 -35.58
CA GLY C 247 54.52 -38.05 -34.75
C GLY C 247 53.14 -38.17 -34.14
N GLY C 248 52.62 -37.05 -33.70
CA GLY C 248 51.28 -36.98 -33.06
C GLY C 248 50.92 -35.57 -32.69
N SER C 249 49.62 -35.26 -32.77
CA SER C 249 48.97 -34.14 -32.07
C SER C 249 48.30 -34.70 -30.83
N ALA C 250 48.52 -34.05 -29.69
CA ALA C 250 47.92 -34.39 -28.39
C ALA C 250 47.60 -33.07 -27.69
N HIS C 251 46.50 -32.44 -28.09
CA HIS C 251 46.02 -31.13 -27.57
C HIS C 251 44.99 -31.30 -26.46
N ALA C 252 45.25 -30.70 -25.32
CA ALA C 252 44.33 -30.69 -24.16
C ALA C 252 42.94 -30.19 -24.58
N SER C 253 42.83 -29.24 -25.51
CA SER C 253 41.54 -28.58 -25.84
C SER C 253 40.79 -29.33 -26.98
N TRP C 254 41.43 -30.30 -27.66
CA TRP C 254 40.77 -31.02 -28.79
C TRP C 254 40.62 -32.50 -28.50
N HIS C 255 41.56 -33.16 -27.86
CA HIS C 255 41.75 -34.63 -27.95
C HIS C 255 41.45 -35.35 -26.64
N PHE C 256 41.24 -34.64 -25.53
CA PHE C 256 41.20 -35.26 -24.18
C PHE C 256 39.79 -35.14 -23.57
N GLY C 257 38.78 -34.95 -24.41
CA GLY C 257 37.35 -34.84 -24.02
C GLY C 257 36.83 -36.00 -23.19
N TYR C 258 37.45 -37.18 -23.29
CA TYR C 258 37.01 -38.36 -22.50
C TYR C 258 37.50 -38.23 -21.04
N PHE C 259 38.27 -37.21 -20.72
CA PHE C 259 38.88 -37.05 -19.37
C PHE C 259 38.55 -35.68 -18.78
N PRO C 260 38.49 -35.57 -17.44
CA PRO C 260 38.54 -34.26 -16.79
C PRO C 260 39.98 -33.73 -16.85
N ARG C 261 40.15 -32.42 -16.72
CA ARG C 261 41.47 -31.76 -16.79
C ARG C 261 42.45 -32.39 -15.79
N LYS C 262 42.00 -32.77 -14.60
CA LYS C 262 42.92 -33.33 -13.57
C LYS C 262 43.49 -34.69 -14.02
N ALA C 263 42.90 -35.33 -15.05
CA ALA C 263 43.42 -36.60 -15.59
C ALA C 263 44.03 -36.42 -16.99
N TYR C 264 44.38 -35.20 -17.38
CA TYR C 264 45.11 -34.97 -18.66
C TYR C 264 46.51 -35.60 -18.60
N THR C 265 47.03 -35.87 -17.41
CA THR C 265 48.26 -36.70 -17.20
C THR C 265 48.05 -38.08 -17.81
N VAL C 266 46.97 -38.76 -17.41
CA VAL C 266 46.61 -40.11 -17.88
C VAL C 266 46.33 -40.05 -19.40
N ALA C 267 45.63 -39.02 -19.86
CA ALA C 267 45.30 -38.81 -21.30
C ALA C 267 46.61 -38.73 -22.10
N MET C 268 47.54 -37.88 -21.66
CA MET C 268 48.83 -37.70 -22.36
C MET C 268 49.66 -39.00 -22.31
N SER C 269 49.67 -39.70 -21.19
CA SER C 269 50.40 -40.98 -21.03
C SER C 269 49.84 -42.03 -22.02
N ALA C 270 48.53 -42.15 -22.09
CA ALA C 270 47.85 -43.10 -23.01
C ALA C 270 48.12 -42.69 -24.47
N ASN C 271 48.05 -41.41 -24.77
CA ASN C 271 48.28 -40.88 -26.15
C ASN C 271 49.74 -41.21 -26.54
N ALA C 272 50.69 -40.99 -25.63
CA ALA C 272 52.11 -41.29 -25.87
C ALA C 272 52.29 -42.79 -26.08
N GLU C 273 51.65 -43.62 -25.27
CA GLU C 273 51.76 -45.07 -25.37
C GLU C 273 51.17 -45.54 -26.71
N LEU C 274 50.06 -44.95 -27.14
CA LEU C 274 49.35 -45.36 -28.39
C LEU C 274 50.29 -45.07 -29.58
N ILE C 275 50.92 -43.90 -29.61
CA ILE C 275 51.86 -43.50 -30.69
C ILE C 275 53.13 -44.37 -30.61
N ARG C 276 53.67 -44.57 -29.41
CA ARG C 276 54.85 -45.43 -29.21
C ARG C 276 54.57 -46.82 -29.80
N SER C 277 53.42 -47.42 -29.50
CA SER C 277 53.01 -48.72 -30.07
C SER C 277 52.97 -48.64 -31.60
N GLY C 278 52.36 -47.59 -32.16
CA GLY C 278 52.25 -47.40 -33.61
C GLY C 278 53.63 -47.31 -34.26
N ALA C 279 54.58 -46.67 -33.58
CA ALA C 279 55.93 -46.43 -34.13
C ALA C 279 56.67 -47.76 -34.30
N GLY C 280 56.44 -48.75 -33.44
CA GLY C 280 57.20 -50.01 -33.45
C GLY C 280 58.69 -49.72 -33.31
N GLU C 281 59.50 -50.08 -34.30
CA GLU C 281 60.97 -49.90 -34.22
C GLU C 281 61.36 -48.47 -34.62
N LEU C 282 60.45 -47.65 -35.18
CA LEU C 282 60.76 -46.24 -35.50
C LEU C 282 60.79 -45.41 -34.22
N PRO C 283 61.63 -44.37 -34.16
CA PRO C 283 61.52 -43.36 -33.12
C PRO C 283 60.19 -42.59 -33.31
N TRP C 284 59.67 -42.04 -32.22
CA TRP C 284 58.46 -41.19 -32.25
C TRP C 284 58.71 -39.89 -31.47
N LEU C 285 57.92 -38.88 -31.75
CA LEU C 285 57.92 -37.62 -30.97
C LEU C 285 56.53 -36.99 -31.07
N MET C 286 56.22 -36.08 -30.17
CA MET C 286 54.93 -35.34 -30.22
C MET C 286 55.13 -34.06 -31.03
N THR C 287 54.58 -34.05 -32.23
CA THR C 287 54.72 -32.98 -33.23
C THR C 287 53.91 -31.75 -32.83
N GLU C 288 52.85 -31.93 -32.03
CA GLU C 288 51.87 -30.82 -31.85
C GLU C 288 51.21 -30.96 -30.47
N LEU C 289 51.71 -30.17 -29.51
CA LEU C 289 51.19 -30.03 -28.13
C LEU C 289 50.60 -28.64 -27.97
N GLN C 290 49.69 -28.45 -27.01
CA GLN C 290 49.03 -27.13 -26.80
C GLN C 290 49.99 -26.20 -26.05
N GLY C 291 50.38 -25.09 -26.67
CA GLY C 291 51.36 -24.15 -26.11
C GLY C 291 50.74 -22.94 -25.42
N GLY C 292 49.43 -22.77 -25.52
CA GLY C 292 48.79 -21.53 -25.08
C GLY C 292 47.27 -21.55 -25.10
N ASN C 293 46.71 -20.36 -25.07
CA ASN C 293 45.34 -20.08 -24.63
C ASN C 293 44.33 -20.31 -25.77
N ASN C 294 43.17 -20.88 -25.43
CA ASN C 294 41.95 -20.85 -26.28
C ASN C 294 41.14 -19.60 -25.94
N LEU C 295 40.92 -18.74 -26.93
CA LEU C 295 39.99 -17.60 -26.78
C LEU C 295 38.63 -18.10 -27.30
N TYR C 296 38.46 -18.21 -28.62
CA TYR C 296 37.23 -18.74 -29.26
C TYR C 296 37.41 -20.21 -29.73
N SER C 297 38.63 -20.73 -29.82
CA SER C 297 38.92 -22.06 -30.42
C SER C 297 38.81 -23.18 -29.38
N GLY C 298 38.84 -24.43 -29.86
CA GLY C 298 38.92 -25.65 -29.05
C GLY C 298 37.56 -26.14 -28.63
N ALA C 299 37.50 -27.42 -28.26
CA ALA C 299 36.26 -28.06 -27.75
C ALA C 299 36.23 -27.94 -26.20
N ASN C 300 37.36 -28.17 -25.54
CA ASN C 300 37.51 -28.14 -24.06
C ASN C 300 38.53 -27.05 -23.74
N PRO C 301 38.15 -25.76 -23.85
CA PRO C 301 39.15 -24.69 -23.91
C PRO C 301 39.90 -24.54 -22.57
N LEU C 302 41.19 -24.24 -22.67
CA LEU C 302 42.04 -23.93 -21.50
C LEU C 302 43.21 -23.04 -21.93
N CYS C 303 43.93 -22.54 -20.93
CA CYS C 303 45.33 -22.09 -21.06
C CYS C 303 46.16 -23.02 -20.20
N PRO C 304 47.05 -23.86 -20.77
CA PRO C 304 47.87 -24.76 -19.97
C PRO C 304 48.60 -23.94 -18.87
N THR C 305 48.70 -24.51 -17.68
CA THR C 305 49.55 -23.96 -16.60
C THR C 305 51.02 -24.29 -16.89
N ALA C 306 51.94 -23.56 -16.27
CA ALA C 306 53.38 -23.89 -16.28
C ALA C 306 53.54 -25.33 -15.86
N GLU C 307 52.80 -25.77 -14.86
CA GLU C 307 52.88 -27.13 -14.25
C GLU C 307 52.48 -28.18 -15.31
N GLU C 308 51.44 -27.90 -16.09
CA GLU C 308 50.93 -28.82 -17.16
C GLU C 308 52.00 -28.98 -18.25
N ILE C 309 52.67 -27.88 -18.64
CA ILE C 309 53.75 -27.93 -19.66
C ILE C 309 54.81 -28.93 -19.23
N ILE C 310 55.24 -28.85 -17.98
CA ILE C 310 56.30 -29.72 -17.40
C ILE C 310 55.80 -31.17 -17.34
N GLN C 311 54.58 -31.37 -16.85
CA GLN C 311 53.93 -32.70 -16.78
C GLN C 311 53.94 -33.35 -18.17
N TRP C 312 53.51 -32.63 -19.20
CA TRP C 312 53.34 -33.22 -20.56
C TRP C 312 54.71 -33.56 -21.16
N LEU C 313 55.71 -32.68 -21.02
CA LEU C 313 57.07 -32.97 -21.57
C LEU C 313 57.65 -34.22 -20.91
N TRP C 314 57.58 -34.34 -19.59
CA TRP C 314 58.19 -35.48 -18.87
C TRP C 314 57.41 -36.77 -19.20
N ILE C 315 56.09 -36.72 -19.31
CA ILE C 315 55.27 -37.93 -19.63
C ILE C 315 55.74 -38.46 -20.99
N ASN C 316 55.90 -37.57 -21.96
CA ASN C 316 56.26 -37.97 -23.34
C ASN C 316 57.68 -38.54 -23.32
N PHE C 317 58.64 -37.86 -22.68
CA PHE C 317 60.06 -38.30 -22.69
C PHE C 317 60.16 -39.65 -21.96
N ALA C 318 59.41 -39.85 -20.88
CA ALA C 318 59.38 -41.11 -20.10
C ALA C 318 58.80 -42.24 -20.95
N THR C 319 58.06 -41.90 -22.02
CA THR C 319 57.40 -42.85 -22.95
C THR C 319 58.19 -42.85 -24.29
N GLU C 320 59.46 -42.45 -24.27
CA GLU C 320 60.47 -42.62 -25.36
C GLU C 320 60.38 -41.53 -26.43
N ALA C 321 59.57 -40.48 -26.23
CA ALA C 321 59.46 -39.38 -27.20
C ALA C 321 60.86 -38.78 -27.43
N LYS C 322 61.18 -38.47 -28.70
CA LYS C 322 62.45 -37.84 -29.12
C LYS C 322 62.24 -36.33 -29.27
N GLY C 323 61.04 -35.83 -28.96
CA GLY C 323 60.74 -34.41 -29.01
C GLY C 323 59.35 -34.08 -28.49
N GLY C 324 59.16 -32.84 -28.09
CA GLY C 324 57.86 -32.19 -27.89
C GLY C 324 57.85 -30.85 -28.59
N ILE C 325 57.01 -30.70 -29.61
CA ILE C 325 56.83 -29.42 -30.37
C ILE C 325 55.47 -28.82 -29.99
N PHE C 326 55.46 -27.60 -29.46
CA PHE C 326 54.24 -26.87 -29.07
C PHE C 326 53.68 -26.09 -30.25
N TRP C 327 52.38 -26.26 -30.51
CA TRP C 327 51.59 -25.28 -31.29
C TRP C 327 51.08 -24.24 -30.30
N SER C 328 51.57 -23.00 -30.31
CA SER C 328 52.55 -22.46 -31.25
C SER C 328 53.49 -21.52 -30.49
N PHE C 329 54.66 -21.19 -31.05
CA PHE C 329 55.56 -20.19 -30.42
C PHE C 329 54.87 -18.83 -30.43
N ASN C 330 54.51 -18.37 -31.63
CA ASN C 330 53.81 -17.09 -31.92
C ASN C 330 52.42 -17.40 -32.48
N ALA C 331 51.51 -16.43 -32.48
CA ALA C 331 50.09 -16.62 -32.89
C ALA C 331 49.88 -16.18 -34.35
N ARG C 332 48.88 -16.80 -34.97
CA ARG C 332 48.16 -16.28 -36.15
C ARG C 332 47.61 -14.90 -35.80
N SER C 333 47.42 -14.03 -36.80
CA SER C 333 46.97 -12.63 -36.57
C SER C 333 45.50 -12.41 -36.99
N THR C 334 44.91 -13.23 -37.85
CA THR C 334 43.59 -12.91 -38.47
C THR C 334 42.62 -14.08 -38.33
N ALA C 335 41.41 -13.78 -37.82
CA ALA C 335 40.24 -14.70 -37.82
C ALA C 335 40.59 -15.92 -36.96
N ALA C 336 40.43 -17.14 -37.49
CA ALA C 336 40.51 -18.35 -36.66
C ALA C 336 41.85 -18.40 -35.91
N GLU C 337 41.76 -18.50 -34.60
CA GLU C 337 42.88 -18.67 -33.63
C GLU C 337 43.78 -17.43 -33.62
N ALA C 338 43.29 -16.26 -34.04
CA ALA C 338 44.07 -15.00 -33.96
C ALA C 338 44.42 -14.68 -32.50
N GLY C 339 45.72 -14.62 -32.18
CA GLY C 339 46.23 -14.35 -30.82
C GLY C 339 45.98 -15.49 -29.86
N GLU C 340 45.73 -16.69 -30.38
CA GLU C 340 45.49 -17.90 -29.57
C GLU C 340 46.68 -18.87 -29.68
N TRP C 341 46.82 -19.77 -28.72
CA TRP C 341 47.72 -20.97 -28.75
C TRP C 341 49.19 -20.61 -28.46
N ALA C 342 49.58 -19.34 -28.38
CA ALA C 342 51.00 -18.91 -28.41
C ALA C 342 51.68 -19.06 -27.03
N MET C 343 52.96 -19.46 -27.05
CA MET C 343 53.80 -19.59 -25.84
C MET C 343 54.36 -18.22 -25.41
N ILE C 344 54.58 -17.33 -26.37
CA ILE C 344 54.99 -15.93 -26.08
C ILE C 344 53.71 -15.12 -25.88
N ASN C 345 53.84 -14.03 -25.13
CA ASN C 345 52.75 -13.07 -24.83
C ASN C 345 52.68 -12.05 -25.96
N PHE C 346 51.77 -11.08 -25.88
CA PHE C 346 51.52 -10.13 -27.00
C PHE C 346 52.67 -9.10 -27.09
N LYS C 347 53.58 -9.05 -26.09
CA LYS C 347 54.84 -8.25 -26.21
C LYS C 347 55.98 -9.14 -26.73
N ASN C 348 55.69 -10.37 -27.18
CA ASN C 348 56.71 -11.30 -27.76
C ASN C 348 57.75 -11.68 -26.71
N LYS C 349 57.36 -11.72 -25.44
CA LYS C 349 58.21 -12.21 -24.32
C LYS C 349 57.63 -13.51 -23.77
N SER C 350 58.38 -14.18 -22.92
CA SER C 350 58.05 -15.51 -22.34
C SER C 350 56.80 -15.42 -21.45
N SER C 351 55.79 -16.25 -21.71
CA SER C 351 54.76 -16.61 -20.70
C SER C 351 55.38 -17.59 -19.72
N ASP C 352 54.66 -17.93 -18.64
CA ASP C 352 55.14 -18.93 -17.66
C ASP C 352 55.25 -20.29 -18.35
N ARG C 353 54.54 -20.51 -19.47
CA ARG C 353 54.59 -21.79 -20.23
C ARG C 353 55.95 -21.93 -20.94
N LEU C 354 56.45 -20.86 -21.55
CA LEU C 354 57.77 -20.89 -22.22
C LEU C 354 58.89 -20.99 -21.17
N ILE C 355 58.77 -20.25 -20.05
CA ILE C 355 59.73 -20.37 -18.91
C ILE C 355 59.79 -21.83 -18.44
N ALA C 356 58.63 -22.46 -18.25
CA ALA C 356 58.56 -23.89 -17.84
C ALA C 356 59.22 -24.80 -18.88
N ALA C 357 58.86 -24.65 -20.17
CA ALA C 357 59.42 -25.50 -21.24
C ALA C 357 60.96 -25.35 -21.26
N ALA C 358 61.45 -24.12 -21.06
CA ALA C 358 62.91 -23.80 -21.09
C ALA C 358 63.64 -24.59 -19.99
N THR C 359 63.03 -24.83 -18.83
CA THR C 359 63.68 -25.60 -17.74
C THR C 359 63.93 -27.04 -18.23
N ILE C 360 63.07 -27.56 -19.10
CA ILE C 360 63.17 -28.98 -19.55
C ILE C 360 64.23 -29.05 -20.65
N GLY C 361 64.27 -28.08 -21.55
CA GLY C 361 65.37 -27.94 -22.52
C GLY C 361 66.71 -27.86 -21.79
N LYS C 362 66.77 -27.08 -20.70
CA LYS C 362 68.01 -26.92 -19.89
C LYS C 362 68.39 -28.26 -19.27
N PHE C 363 67.43 -28.96 -18.65
CA PHE C 363 67.69 -30.27 -18.03
C PHE C 363 68.30 -31.23 -19.07
N ILE C 364 67.75 -31.26 -20.29
CA ILE C 364 68.24 -32.16 -21.36
C ILE C 364 69.72 -31.84 -21.67
N THR C 365 70.07 -30.57 -21.87
CA THR C 365 71.46 -30.15 -22.20
C THR C 365 72.43 -30.56 -21.08
N GLU C 366 71.96 -30.60 -19.82
CA GLU C 366 72.79 -30.94 -18.63
C GLU C 366 72.80 -32.45 -18.37
N ASN C 367 71.95 -33.22 -19.06
CA ASN C 367 71.77 -34.67 -18.79
C ASN C 367 71.66 -35.41 -20.13
N VAL C 368 72.54 -35.11 -21.07
CA VAL C 368 72.40 -35.59 -22.49
C VAL C 368 72.42 -37.12 -22.53
N LYS C 369 73.35 -37.77 -21.84
CA LYS C 369 73.53 -39.23 -21.99
C LYS C 369 72.28 -39.95 -21.45
N MET C 370 71.79 -39.56 -20.26
CA MET C 370 70.54 -40.11 -19.69
C MET C 370 69.38 -39.89 -20.69
N MET C 371 69.20 -38.66 -21.16
CA MET C 371 67.95 -38.27 -21.85
C MET C 371 67.94 -38.82 -23.29
N SER C 372 69.11 -39.16 -23.85
CA SER C 372 69.24 -39.66 -25.25
C SER C 372 68.92 -41.16 -25.34
N ASN C 373 68.83 -41.88 -24.22
CA ASN C 373 68.83 -43.36 -24.23
C ASN C 373 67.66 -43.91 -23.42
N ILE C 374 66.58 -43.14 -23.26
CA ILE C 374 65.39 -43.58 -22.49
C ILE C 374 64.73 -44.77 -23.19
N LYS C 375 64.48 -45.83 -22.42
CA LYS C 375 63.65 -46.98 -22.79
C LYS C 375 62.58 -47.12 -21.71
N THR C 376 61.30 -47.08 -22.09
CA THR C 376 60.21 -47.22 -21.11
C THR C 376 60.38 -48.59 -20.43
N LEU C 377 60.16 -48.65 -19.12
CA LEU C 377 60.19 -49.93 -18.38
C LEU C 377 58.83 -50.58 -18.57
N ASN C 378 58.74 -51.53 -19.50
CA ASN C 378 57.47 -52.25 -19.80
C ASN C 378 57.18 -53.16 -18.61
N SER C 379 56.04 -52.94 -17.95
CA SER C 379 55.57 -53.78 -16.83
C SER C 379 55.34 -55.21 -17.31
N GLY C 380 55.05 -55.38 -18.60
CA GLY C 380 54.52 -56.64 -19.17
C GLY C 380 53.01 -56.59 -19.33
N ILE C 381 52.36 -55.50 -18.90
CA ILE C 381 50.90 -55.29 -19.10
C ILE C 381 50.71 -54.54 -20.42
N SER C 382 49.90 -55.11 -21.32
CA SER C 382 49.46 -54.45 -22.56
C SER C 382 47.94 -54.34 -22.59
N ILE C 383 47.44 -53.11 -22.72
CA ILE C 383 45.98 -52.83 -22.94
C ILE C 383 45.78 -52.76 -24.45
N LEU C 384 45.00 -53.68 -25.02
CA LEU C 384 44.83 -53.76 -26.49
C LEU C 384 43.46 -53.20 -26.90
N TYR C 385 43.47 -52.40 -27.96
CA TYR C 385 42.25 -51.97 -28.69
C TYR C 385 42.34 -52.50 -30.11
N ASN C 386 41.20 -52.60 -30.80
CA ASN C 386 41.28 -52.93 -32.25
C ASN C 386 40.34 -52.02 -33.06
N HIS C 387 40.71 -51.76 -34.30
CA HIS C 387 39.88 -51.03 -35.28
C HIS C 387 38.46 -51.61 -35.25
N GLU C 388 38.33 -52.94 -35.27
CA GLU C 388 37.05 -53.63 -35.58
C GLU C 388 36.03 -53.41 -34.43
N SER C 389 36.47 -53.36 -33.18
CA SER C 389 35.58 -53.03 -32.03
C SER C 389 35.00 -51.64 -32.23
N MET C 390 35.82 -50.69 -32.68
CA MET C 390 35.35 -49.31 -32.95
C MET C 390 34.33 -49.32 -34.10
N TRP C 391 34.60 -50.05 -35.17
CA TRP C 391 33.73 -50.09 -36.37
C TRP C 391 32.39 -50.77 -36.03
N VAL C 392 32.42 -51.89 -35.31
CA VAL C 392 31.19 -52.62 -34.92
C VAL C 392 30.39 -51.70 -33.96
N GLU C 393 31.06 -51.04 -33.00
CA GLU C 393 30.35 -50.13 -32.06
C GLU C 393 29.63 -49.04 -32.86
N ALA C 394 30.26 -48.44 -33.87
CA ALA C 394 29.65 -47.37 -34.66
C ALA C 394 28.39 -47.90 -35.35
N ALA C 395 28.39 -49.16 -35.83
CA ALA C 395 27.19 -49.78 -36.46
C ALA C 395 26.09 -50.03 -35.40
N GLN C 396 26.46 -50.54 -34.22
CA GLN C 396 25.48 -50.97 -33.18
C GLN C 396 24.87 -49.76 -32.46
N THR C 397 25.62 -48.67 -32.26
CA THR C 397 25.11 -47.48 -31.54
C THR C 397 24.45 -46.51 -32.52
N ARG C 398 24.53 -46.79 -33.83
CA ARG C 398 24.02 -45.90 -34.91
C ARG C 398 24.54 -44.47 -34.71
N GLY C 399 25.76 -44.32 -34.19
CA GLY C 399 26.41 -43.00 -34.00
C GLY C 399 25.87 -42.17 -32.84
N LYS C 400 25.15 -42.75 -31.88
CA LYS C 400 24.60 -42.01 -30.71
C LYS C 400 25.75 -41.52 -29.80
N LEU C 401 25.57 -40.33 -29.21
CA LEU C 401 26.61 -39.58 -28.45
C LEU C 401 26.03 -39.24 -27.07
N ASN C 402 25.49 -40.26 -26.37
CA ASN C 402 24.83 -40.16 -25.05
C ASN C 402 25.84 -40.41 -23.91
N GLY C 403 27.14 -40.54 -24.22
CA GLY C 403 28.23 -40.70 -23.23
C GLY C 403 28.20 -42.00 -22.42
N ASN C 404 27.44 -43.05 -22.79
CA ASN C 404 27.35 -44.33 -22.04
C ASN C 404 27.91 -45.49 -22.91
N GLY C 405 27.76 -46.74 -22.46
CA GLY C 405 28.13 -47.93 -23.22
C GLY C 405 27.35 -48.05 -24.52
N ARG C 406 26.18 -47.41 -24.62
CA ARG C 406 25.32 -47.45 -25.84
C ARG C 406 25.66 -46.29 -26.78
N SER C 407 26.85 -45.72 -26.65
CA SER C 407 27.30 -44.55 -27.44
C SER C 407 28.68 -44.78 -28.05
N ILE C 408 29.00 -44.05 -29.11
CA ILE C 408 30.35 -44.01 -29.73
C ILE C 408 31.34 -43.65 -28.63
N GLY C 409 32.41 -44.43 -28.50
CA GLY C 409 33.53 -44.07 -27.60
C GLY C 409 33.72 -45.05 -26.46
N ALA C 410 32.72 -45.88 -26.12
CA ALA C 410 32.83 -46.81 -24.98
C ALA C 410 33.98 -47.81 -25.22
N VAL C 411 34.20 -48.26 -26.45
CA VAL C 411 35.30 -49.23 -26.76
C VAL C 411 36.68 -48.60 -26.55
N MET C 412 36.81 -47.25 -26.55
CA MET C 412 38.09 -46.60 -26.19
C MET C 412 38.07 -46.15 -24.72
N CYS C 413 36.95 -45.66 -24.19
CA CYS C 413 36.85 -45.21 -22.78
C CYS C 413 37.08 -46.38 -21.83
N SER C 414 36.67 -47.61 -22.20
CA SER C 414 36.83 -48.81 -21.33
C SER C 414 38.33 -49.12 -21.15
N PRO C 415 39.13 -49.34 -22.22
CA PRO C 415 40.57 -49.58 -22.02
C PRO C 415 41.31 -48.40 -21.39
N LEU C 416 40.92 -47.17 -21.70
CA LEU C 416 41.50 -45.96 -21.05
C LEU C 416 41.24 -45.98 -19.55
N SER C 417 40.11 -46.55 -19.11
CA SER C 417 39.73 -46.62 -17.68
C SER C 417 40.64 -47.63 -16.96
N TYR C 418 40.91 -48.80 -17.57
CA TYR C 418 41.92 -49.73 -17.02
C TYR C 418 43.29 -49.03 -16.95
N PHE C 419 43.61 -48.29 -18.00
CA PHE C 419 44.90 -47.57 -18.09
C PHE C 419 45.01 -46.61 -16.90
N GLU C 420 43.93 -45.88 -16.60
CA GLU C 420 43.90 -44.93 -15.47
C GLU C 420 44.06 -45.68 -14.14
N ALA C 421 43.38 -46.80 -13.96
CA ALA C 421 43.46 -47.59 -12.72
C ALA C 421 44.91 -48.01 -12.47
N LEU C 422 45.59 -48.47 -13.51
CA LEU C 422 47.01 -48.90 -13.43
C LEU C 422 47.90 -47.68 -13.18
N SER C 423 47.65 -46.54 -13.83
CA SER C 423 48.41 -45.29 -13.62
C SER C 423 48.33 -44.91 -12.13
N GLU C 424 47.14 -45.07 -11.53
CA GLU C 424 46.87 -44.70 -10.13
C GLU C 424 47.44 -45.78 -9.19
N THR C 425 47.98 -46.88 -9.75
CA THR C 425 48.73 -47.91 -8.99
C THR C 425 50.24 -47.72 -9.21
N GLY C 426 50.63 -46.73 -10.02
CA GLY C 426 52.03 -46.46 -10.41
C GLY C 426 52.61 -47.53 -11.30
N LEU C 427 51.78 -48.25 -12.06
CA LEU C 427 52.22 -49.28 -13.02
C LEU C 427 52.11 -48.74 -14.45
N GLN C 428 53.20 -48.84 -15.21
CA GLN C 428 53.25 -48.68 -16.67
C GLN C 428 52.31 -49.72 -17.33
N ALA C 429 51.66 -49.31 -18.41
CA ALA C 429 50.91 -50.22 -19.31
C ALA C 429 51.09 -49.76 -20.74
N ASN C 430 51.29 -50.71 -21.66
CA ASN C 430 51.24 -50.43 -23.10
C ASN C 430 49.79 -50.14 -23.49
N PHE C 431 49.59 -49.36 -24.54
CA PHE C 431 48.29 -49.08 -25.18
C PHE C 431 48.50 -49.29 -26.67
N LYS C 432 47.95 -50.38 -27.20
CA LYS C 432 48.39 -50.92 -28.51
C LYS C 432 47.18 -51.37 -29.32
N GLU C 433 47.22 -51.13 -30.64
CA GLU C 433 46.28 -51.81 -31.57
C GLU C 433 46.65 -53.29 -31.59
N ILE C 434 45.68 -54.18 -31.73
CA ILE C 434 45.91 -55.64 -31.54
C ILE C 434 47.01 -56.12 -32.52
N LYS C 435 47.09 -55.57 -33.72
CA LYS C 435 48.07 -56.02 -34.75
C LYS C 435 49.46 -55.50 -34.40
N GLU C 436 49.60 -54.57 -33.46
CA GLU C 436 50.93 -54.07 -33.02
C GLU C 436 51.51 -54.95 -31.92
N PHE C 437 50.74 -55.90 -31.39
CA PHE C 437 51.21 -56.84 -30.34
C PHE C 437 51.90 -58.02 -31.04
N ASP C 438 53.08 -58.38 -30.56
CA ASP C 438 53.86 -59.52 -31.12
C ASP C 438 53.32 -60.83 -30.52
N PHE C 439 52.53 -61.58 -31.28
CA PHE C 439 51.93 -62.86 -30.85
C PHE C 439 52.78 -64.06 -31.29
N SER C 440 54.01 -63.83 -31.79
CA SER C 440 54.85 -64.88 -32.43
C SER C 440 55.83 -65.52 -31.44
N LEU C 441 55.91 -65.09 -30.18
CA LEU C 441 56.92 -65.55 -29.21
C LEU C 441 56.56 -66.94 -28.66
N ASN C 442 57.53 -67.59 -27.99
CA ASN C 442 57.43 -68.99 -27.49
C ASN C 442 57.01 -69.01 -26.03
N ASP C 443 57.18 -67.90 -25.33
CA ASP C 443 56.98 -67.81 -23.87
C ASP C 443 56.35 -66.45 -23.55
N TYR C 444 55.25 -66.42 -22.78
CA TYR C 444 54.53 -65.19 -22.34
C TYR C 444 54.34 -65.22 -20.83
N THR C 445 55.13 -66.04 -20.13
CA THR C 445 55.25 -66.04 -18.66
C THR C 445 55.33 -64.60 -18.19
N ASP C 446 54.57 -64.23 -17.16
CA ASP C 446 54.63 -62.88 -16.56
C ASP C 446 54.25 -61.75 -17.55
N GLN C 447 53.62 -62.05 -18.70
CA GLN C 447 53.01 -60.99 -19.57
C GLN C 447 51.49 -60.98 -19.32
N VAL C 448 50.86 -59.82 -19.47
CA VAL C 448 49.40 -59.60 -19.22
C VAL C 448 48.81 -58.86 -20.40
N ILE C 449 47.71 -59.37 -20.97
CA ILE C 449 46.88 -58.64 -21.95
C ILE C 449 45.54 -58.31 -21.27
N ILE C 450 45.11 -57.05 -21.38
CA ILE C 450 43.76 -56.61 -20.95
C ILE C 450 42.97 -56.26 -22.22
N LEU C 451 41.86 -56.98 -22.42
CA LEU C 451 40.86 -56.72 -23.48
C LEU C 451 39.57 -56.23 -22.80
N SER C 452 39.43 -54.91 -22.72
CA SER C 452 38.33 -54.24 -21.96
C SER C 452 37.29 -53.74 -22.95
N HIS C 453 36.14 -54.42 -23.03
CA HIS C 453 35.01 -54.04 -23.90
C HIS C 453 35.52 -53.90 -25.35
N GLN C 454 36.38 -54.83 -25.77
CA GLN C 454 36.76 -54.96 -27.21
C GLN C 454 35.75 -55.90 -27.84
N ILE C 455 34.61 -55.31 -28.26
CA ILE C 455 33.37 -56.06 -28.57
C ILE C 455 33.52 -56.92 -29.84
N ALA C 456 34.52 -56.69 -30.70
CA ALA C 456 34.75 -57.49 -31.91
C ALA C 456 36.12 -58.21 -31.86
N LEU C 457 36.11 -59.54 -31.94
CA LEU C 457 37.31 -60.39 -32.07
C LEU C 457 37.00 -61.48 -33.10
N ASP C 458 37.95 -61.79 -33.98
CA ASP C 458 37.76 -62.86 -35.01
C ASP C 458 38.51 -64.13 -34.60
N ASN C 459 38.28 -65.20 -35.36
CA ASN C 459 38.86 -66.54 -35.06
C ASN C 459 40.39 -66.43 -35.02
N LYS C 460 40.98 -65.66 -35.93
CA LYS C 460 42.46 -65.52 -36.03
C LYS C 460 43.01 -64.95 -34.72
N VAL C 461 42.44 -63.85 -34.23
CA VAL C 461 42.94 -63.19 -32.98
C VAL C 461 42.65 -64.12 -31.80
N ILE C 462 41.52 -64.83 -31.78
CA ILE C 462 41.23 -65.79 -30.67
C ILE C 462 42.31 -66.87 -30.61
N LYS C 463 42.73 -67.42 -31.75
CA LYS C 463 43.84 -68.43 -31.80
C LYS C 463 45.11 -67.79 -31.23
N GLN C 464 45.41 -66.54 -31.57
CA GLN C 464 46.61 -65.83 -31.04
C GLN C 464 46.50 -65.69 -29.52
N LEU C 465 45.31 -65.38 -29.01
CA LEU C 465 45.09 -65.24 -27.55
C LEU C 465 45.22 -66.60 -26.86
N GLU C 466 44.71 -67.67 -27.48
CA GLU C 466 44.86 -69.07 -26.97
C GLU C 466 46.36 -69.40 -26.83
N SER C 467 47.14 -69.13 -27.87
CA SER C 467 48.61 -69.34 -27.90
C SER C 467 49.27 -68.53 -26.78
N PHE C 468 48.89 -67.25 -26.65
CA PHE C 468 49.45 -66.32 -25.65
C PHE C 468 49.23 -66.91 -24.25
N VAL C 469 48.01 -67.33 -23.94
CA VAL C 469 47.65 -67.84 -22.59
C VAL C 469 48.34 -69.20 -22.37
N GLU C 470 48.24 -70.11 -23.33
CA GLU C 470 48.86 -71.47 -23.26
C GLU C 470 50.35 -71.32 -22.87
N LYS C 471 51.02 -70.33 -23.43
CA LYS C 471 52.48 -70.11 -23.26
C LYS C 471 52.77 -69.25 -22.02
N GLY C 472 51.81 -69.08 -21.10
CA GLY C 472 52.05 -68.46 -19.77
C GLY C 472 51.40 -67.09 -19.60
N GLY C 473 50.80 -66.54 -20.64
CA GLY C 473 50.12 -65.23 -20.60
C GLY C 473 48.92 -65.22 -19.66
N THR C 474 48.66 -64.08 -19.04
CA THR C 474 47.45 -63.76 -18.25
C THR C 474 46.56 -62.85 -19.10
N LEU C 475 45.32 -63.29 -19.34
CA LEU C 475 44.32 -62.51 -20.12
C LEU C 475 43.23 -62.03 -19.16
N ILE C 476 43.00 -60.72 -19.12
CA ILE C 476 41.87 -60.09 -18.38
C ILE C 476 40.90 -59.53 -19.42
N ALA C 477 39.64 -59.98 -19.36
CA ALA C 477 38.58 -59.52 -20.27
C ALA C 477 37.39 -59.04 -19.44
N ASP C 478 36.91 -57.82 -19.69
CA ASP C 478 35.63 -57.34 -19.09
C ASP C 478 34.71 -56.75 -20.18
N GLY C 479 33.51 -56.35 -19.77
CA GLY C 479 32.48 -55.78 -20.66
C GLY C 479 32.13 -56.78 -21.75
N LEU C 480 31.78 -56.30 -22.93
CA LEU C 480 31.25 -57.16 -24.03
C LEU C 480 32.41 -57.66 -24.91
N THR C 481 33.63 -57.80 -24.38
CA THR C 481 34.77 -58.33 -25.17
C THR C 481 34.34 -59.63 -25.87
N GLY C 482 34.53 -59.71 -27.18
CA GLY C 482 34.31 -60.93 -28.00
C GLY C 482 32.83 -61.26 -28.22
N TYR C 483 31.93 -60.32 -27.98
CA TYR C 483 30.48 -60.55 -28.20
C TYR C 483 30.21 -60.74 -29.70
N TYR C 484 30.95 -60.01 -30.55
CA TYR C 484 30.83 -60.01 -32.02
C TYR C 484 32.15 -60.43 -32.66
N ASP C 485 32.09 -60.88 -33.91
CA ASP C 485 33.28 -61.10 -34.76
C ASP C 485 33.47 -59.86 -35.63
N TYR C 486 34.36 -59.94 -36.62
CA TYR C 486 34.78 -58.78 -37.44
C TYR C 486 33.70 -58.47 -38.49
N GLN C 487 32.66 -59.31 -38.61
CA GLN C 487 31.50 -59.06 -39.50
C GLN C 487 30.24 -58.72 -38.69
N ALA C 488 30.40 -58.32 -37.42
CA ALA C 488 29.30 -57.95 -36.49
C ALA C 488 28.38 -59.15 -36.26
N HIS C 489 28.84 -60.36 -36.53
CA HIS C 489 28.12 -61.62 -36.24
C HIS C 489 28.46 -62.05 -34.81
N SER C 490 27.45 -62.25 -33.97
CA SER C 490 27.65 -62.64 -32.55
C SER C 490 27.78 -64.14 -32.42
N THR C 491 28.98 -64.64 -32.13
CA THR C 491 29.19 -66.08 -31.84
C THR C 491 28.57 -66.40 -30.48
N VAL C 492 28.29 -65.40 -29.64
CA VAL C 492 27.53 -65.63 -28.37
C VAL C 492 26.18 -66.27 -28.74
N VAL C 493 25.61 -65.88 -29.87
CA VAL C 493 24.31 -66.43 -30.37
C VAL C 493 24.55 -67.78 -31.09
N SER C 494 25.50 -67.85 -32.04
CA SER C 494 25.65 -68.99 -32.97
C SER C 494 26.53 -70.13 -32.41
N GLY C 495 27.36 -69.89 -31.39
CA GLY C 495 28.33 -70.86 -30.86
C GLY C 495 29.63 -70.14 -30.48
N PHE C 496 29.78 -69.87 -29.18
CA PHE C 496 30.74 -68.86 -28.63
C PHE C 496 32.19 -69.26 -28.96
N ALA C 497 32.89 -68.40 -29.69
CA ALA C 497 34.25 -68.67 -30.19
C ALA C 497 35.26 -68.67 -29.04
N LEU C 498 34.98 -68.00 -27.93
CA LEU C 498 35.91 -67.93 -26.77
C LEU C 498 35.55 -68.98 -25.71
N GLU C 499 34.64 -69.94 -26.00
CA GLU C 499 34.26 -70.96 -24.98
C GLU C 499 35.51 -71.74 -24.54
N ASN C 500 36.32 -72.17 -25.51
CA ASN C 500 37.56 -72.97 -25.24
C ASN C 500 38.47 -72.18 -24.29
N LEU C 501 38.82 -70.94 -24.66
CA LEU C 501 39.80 -70.15 -23.87
C LEU C 501 39.22 -69.79 -22.49
N PHE C 502 37.94 -69.47 -22.42
CA PHE C 502 37.32 -68.93 -21.17
C PHE C 502 36.87 -70.09 -20.26
N GLY C 503 36.76 -71.31 -20.79
CA GLY C 503 36.29 -72.48 -20.01
C GLY C 503 34.90 -72.25 -19.45
N SER C 504 34.07 -71.53 -20.20
CA SER C 504 32.76 -70.99 -19.73
C SER C 504 32.01 -70.42 -20.93
N TYR C 505 30.74 -70.08 -20.71
CA TYR C 505 29.76 -69.71 -21.76
C TYR C 505 28.87 -68.61 -21.18
N PRO C 506 28.57 -67.53 -21.94
CA PRO C 506 27.63 -66.52 -21.46
C PRO C 506 26.22 -67.14 -21.32
N ILE C 507 25.45 -66.64 -20.37
CA ILE C 507 24.04 -67.06 -20.15
C ILE C 507 23.13 -65.89 -20.56
N GLU C 508 23.26 -64.74 -19.90
CA GLU C 508 22.44 -63.54 -20.19
C GLU C 508 23.25 -62.26 -19.97
N TYR C 509 22.82 -61.21 -20.66
CA TYR C 509 23.00 -59.81 -20.24
C TYR C 509 21.64 -59.22 -19.84
N LYS C 510 21.65 -58.47 -18.76
CA LYS C 510 20.46 -57.74 -18.28
C LYS C 510 20.89 -56.30 -18.04
N ILE C 511 20.22 -55.38 -18.72
CA ILE C 511 20.51 -53.94 -18.57
C ILE C 511 20.01 -53.53 -17.18
N LYS C 512 20.82 -52.73 -16.49
CA LYS C 512 20.60 -52.14 -15.13
C LYS C 512 20.75 -50.63 -15.28
N GLU C 513 21.06 -49.93 -14.21
CA GLU C 513 21.26 -48.46 -14.25
C GLU C 513 22.66 -48.16 -14.78
N ASN C 514 22.96 -46.88 -15.04
CA ASN C 514 24.29 -46.42 -15.50
C ASN C 514 25.36 -46.86 -14.50
N LEU C 515 25.04 -46.94 -13.21
CA LEU C 515 25.99 -47.40 -12.17
C LEU C 515 25.30 -48.41 -11.25
N PHE C 516 25.87 -49.60 -11.11
CA PHE C 516 25.44 -50.61 -10.11
C PHE C 516 26.70 -51.23 -9.51
N SER C 517 26.54 -52.08 -8.50
CA SER C 517 27.65 -52.71 -7.73
C SER C 517 27.66 -54.21 -8.01
N LEU C 518 28.78 -54.80 -8.41
CA LEU C 518 28.96 -56.27 -8.43
C LEU C 518 29.63 -56.68 -7.14
N ASP C 519 28.92 -57.33 -6.23
CA ASP C 519 29.41 -57.67 -4.86
C ASP C 519 29.74 -59.17 -4.84
N PHE C 520 31.03 -59.49 -4.83
CA PHE C 520 31.53 -60.89 -4.78
C PHE C 520 31.11 -61.56 -3.48
N GLU C 521 30.77 -62.85 -3.57
CA GLU C 521 30.37 -63.69 -2.41
C GLU C 521 31.52 -63.74 -1.40
N LYS C 522 32.76 -63.87 -1.86
CA LYS C 522 33.91 -64.28 -1.01
C LYS C 522 34.79 -63.07 -0.69
N ASP C 523 35.56 -62.54 -1.66
CA ASP C 523 36.74 -61.66 -1.40
C ASP C 523 36.31 -60.27 -0.93
N ASN C 524 35.01 -60.00 -0.84
CA ASN C 524 34.41 -58.68 -0.51
C ASN C 524 35.01 -57.58 -1.41
N TYR C 525 35.34 -57.94 -2.68
CA TYR C 525 35.35 -56.97 -3.81
C TYR C 525 33.91 -56.53 -4.07
N LYS C 526 33.73 -55.21 -4.19
CA LYS C 526 32.45 -54.55 -4.54
C LYS C 526 32.80 -53.63 -5.70
N LEU C 527 32.63 -54.13 -6.92
CA LEU C 527 33.14 -53.50 -8.16
C LEU C 527 32.04 -52.63 -8.73
N PRO C 528 32.28 -51.31 -8.93
CA PRO C 528 31.38 -50.49 -9.73
C PRO C 528 31.26 -51.10 -11.14
N ALA C 529 30.05 -51.13 -11.68
CA ALA C 529 29.76 -51.70 -13.01
C ALA C 529 28.78 -50.78 -13.74
N HIS C 530 28.95 -50.70 -15.05
CA HIS C 530 28.16 -49.80 -15.95
C HIS C 530 27.18 -50.60 -16.80
N LEU C 531 25.88 -50.30 -16.65
CA LEU C 531 24.82 -50.51 -17.66
C LEU C 531 24.35 -51.97 -17.75
N TRP C 532 25.24 -52.95 -17.99
CA TRP C 532 24.83 -54.34 -18.28
C TRP C 532 25.43 -55.30 -17.26
N LYS C 533 24.63 -56.19 -16.68
CA LYS C 533 25.13 -57.30 -15.83
C LYS C 533 25.22 -58.57 -16.67
N GLY C 534 26.42 -59.13 -16.80
CA GLY C 534 26.67 -60.40 -17.51
C GLY C 534 26.66 -61.56 -16.53
N THR C 535 25.95 -62.64 -16.87
CA THR C 535 25.98 -63.92 -16.12
C THR C 535 26.49 -65.01 -17.07
N ILE C 536 27.19 -65.99 -16.50
CA ILE C 536 27.88 -67.05 -17.29
C ILE C 536 27.61 -68.40 -16.64
N GLU C 537 28.00 -69.46 -17.35
CA GLU C 537 28.06 -70.84 -16.82
C GLU C 537 29.48 -71.37 -17.07
N THR C 538 30.10 -71.91 -16.02
CA THR C 538 31.47 -72.47 -16.10
C THR C 538 31.40 -73.95 -16.47
N SER C 539 32.36 -74.42 -17.25
CA SER C 539 32.66 -75.87 -17.48
C SER C 539 34.02 -76.12 -16.82
N LYS C 540 35.12 -75.76 -17.48
CA LYS C 540 36.48 -75.97 -16.93
C LYS C 540 36.87 -74.86 -15.95
N ALA C 541 36.32 -73.64 -16.08
CA ALA C 541 36.77 -72.49 -15.25
C ALA C 541 36.21 -72.62 -13.82
N THR C 542 36.85 -71.96 -12.86
CA THR C 542 36.37 -71.79 -11.47
C THR C 542 35.37 -70.63 -11.43
N PRO C 543 34.10 -70.87 -11.04
CA PRO C 543 33.11 -69.79 -11.02
C PRO C 543 33.35 -68.83 -9.85
N ILE C 544 33.00 -67.56 -10.07
CA ILE C 544 32.97 -66.49 -9.05
C ILE C 544 31.51 -66.01 -8.96
N MET C 545 30.96 -66.12 -7.76
CA MET C 545 29.53 -65.86 -7.51
C MET C 545 29.42 -64.49 -6.83
N ASP C 546 28.30 -63.82 -7.05
CA ASP C 546 27.99 -62.54 -6.37
C ASP C 546 27.02 -62.84 -5.22
N LYS C 547 26.69 -61.84 -4.43
CA LYS C 547 25.85 -61.99 -3.21
C LYS C 547 24.40 -62.28 -3.61
N GLU C 548 24.02 -62.16 -4.88
CA GLU C 548 22.67 -62.56 -5.35
C GLU C 548 22.68 -64.01 -5.81
N GLY C 549 23.80 -64.72 -5.64
CA GLY C 549 23.94 -66.14 -6.04
C GLY C 549 24.04 -66.35 -7.55
N GLU C 550 24.46 -65.33 -8.30
CA GLU C 550 24.62 -65.43 -9.79
C GLU C 550 26.11 -65.62 -10.12
N CYS C 551 26.42 -66.34 -11.20
CA CYS C 551 27.82 -66.49 -11.64
C CYS C 551 28.20 -65.30 -12.54
N ILE C 552 29.09 -64.42 -12.06
CA ILE C 552 29.38 -63.11 -12.74
C ILE C 552 30.81 -63.08 -13.30
N ALA C 553 31.63 -64.08 -13.02
CA ALA C 553 33.04 -64.07 -13.43
C ALA C 553 33.64 -65.47 -13.30
N CYS C 554 34.84 -65.66 -13.82
CA CYS C 554 35.56 -66.94 -13.64
C CYS C 554 37.05 -66.75 -13.89
N ILE C 555 37.83 -67.70 -13.38
CA ILE C 555 39.27 -67.86 -13.67
C ILE C 555 39.46 -69.23 -14.33
N ASN C 556 40.00 -69.23 -15.54
CA ASN C 556 40.29 -70.48 -16.29
C ASN C 556 41.80 -70.67 -16.32
N GLN C 557 42.28 -71.84 -15.92
CA GLN C 557 43.70 -72.25 -16.10
C GLN C 557 43.79 -72.83 -17.50
N TYR C 558 44.63 -72.25 -18.36
CA TYR C 558 44.72 -72.70 -19.77
C TYR C 558 46.20 -72.84 -20.11
N GLY C 559 46.68 -74.08 -20.24
CA GLY C 559 48.12 -74.36 -20.31
C GLY C 559 48.83 -73.73 -19.12
N LYS C 560 49.88 -72.95 -19.35
CA LYS C 560 50.67 -72.33 -18.27
C LYS C 560 50.06 -70.97 -17.86
N GLY C 561 49.04 -70.47 -18.56
CA GLY C 561 48.50 -69.14 -18.29
C GLY C 561 47.16 -69.17 -17.59
N LYS C 562 46.54 -68.00 -17.41
CA LYS C 562 45.19 -67.91 -16.80
C LYS C 562 44.37 -66.83 -17.51
N VAL C 563 43.05 -67.03 -17.43
CA VAL C 563 42.05 -66.06 -17.95
C VAL C 563 41.19 -65.62 -16.76
N PHE C 564 41.06 -64.32 -16.57
CA PHE C 564 40.00 -63.72 -15.73
C PHE C 564 38.98 -63.07 -16.65
N TRP C 565 37.72 -63.54 -16.60
CA TRP C 565 36.61 -63.04 -17.44
C TRP C 565 35.50 -62.53 -16.53
N ILE C 566 35.10 -61.28 -16.73
CA ILE C 566 33.94 -60.67 -16.02
C ILE C 566 33.14 -59.89 -17.07
N PRO C 567 32.09 -60.49 -17.66
CA PRO C 567 31.39 -59.86 -18.78
C PRO C 567 30.51 -58.63 -18.47
N SER C 568 30.56 -58.08 -17.26
CA SER C 568 29.96 -56.76 -16.95
C SER C 568 31.02 -55.69 -17.16
N PRO C 569 30.67 -54.46 -17.58
CA PRO C 569 31.68 -53.42 -17.78
C PRO C 569 32.17 -52.81 -16.45
N ILE C 570 33.26 -53.34 -15.90
CA ILE C 570 33.82 -52.86 -14.60
C ILE C 570 34.77 -51.69 -14.84
N ALA C 571 35.51 -51.66 -15.94
CA ALA C 571 36.31 -50.48 -16.30
C ALA C 571 35.38 -49.27 -16.53
N LEU C 572 34.28 -49.45 -17.26
CA LEU C 572 33.31 -48.35 -17.47
C LEU C 572 32.59 -48.02 -16.16
N GLY C 573 32.43 -48.99 -15.26
CA GLY C 573 31.86 -48.76 -13.93
C GLY C 573 32.75 -47.87 -13.11
N ALA C 574 34.05 -48.12 -13.14
CA ALA C 574 35.07 -47.27 -12.48
C ALA C 574 34.95 -45.84 -13.05
N ARG C 575 34.88 -45.70 -14.38
CA ARG C 575 34.74 -44.39 -15.06
C ARG C 575 33.46 -43.68 -14.54
N GLU C 576 32.34 -44.37 -14.54
CA GLU C 576 31.03 -43.76 -14.21
C GLU C 576 31.02 -43.36 -12.72
N SER C 577 31.62 -44.17 -11.83
CA SER C 577 31.67 -43.91 -10.37
C SER C 577 32.77 -42.91 -10.05
N LYS C 578 33.62 -42.55 -11.01
CA LYS C 578 34.82 -41.69 -10.80
C LYS C 578 35.71 -42.27 -9.69
N ASP C 579 35.80 -43.59 -9.62
CA ASP C 579 36.57 -44.30 -8.58
C ASP C 579 37.20 -45.54 -9.19
N PHE C 580 38.52 -45.53 -9.34
CA PHE C 580 39.32 -46.61 -9.96
C PHE C 580 39.94 -47.53 -8.89
N SER C 581 39.63 -47.32 -7.60
CA SER C 581 40.32 -47.99 -6.46
C SER C 581 40.06 -49.49 -6.51
N GLU C 582 38.80 -49.91 -6.68
CA GLU C 582 38.46 -51.35 -6.69
C GLU C 582 39.04 -52.02 -7.93
N LEU C 583 38.98 -51.37 -9.09
CA LEU C 583 39.55 -51.93 -10.34
C LEU C 583 41.07 -52.10 -10.15
N SER C 584 41.75 -51.13 -9.53
CA SER C 584 43.19 -51.24 -9.16
C SER C 584 43.43 -52.49 -8.32
N LYS C 585 42.73 -52.62 -7.21
CA LYS C 585 42.93 -53.73 -6.23
C LYS C 585 42.72 -55.07 -6.93
N LEU C 586 41.59 -55.23 -7.65
CA LEU C 586 41.28 -56.49 -8.35
C LEU C 586 42.40 -56.81 -9.35
N THR C 587 42.83 -55.83 -10.15
CA THR C 587 43.82 -56.06 -11.23
C THR C 587 45.16 -56.49 -10.59
N VAL C 588 45.59 -55.82 -9.53
CA VAL C 588 46.86 -56.13 -8.82
C VAL C 588 46.82 -57.59 -8.36
N SER C 589 45.69 -58.04 -7.80
CA SER C 589 45.50 -59.42 -7.29
C SER C 589 45.66 -60.44 -8.40
N LEU C 590 45.49 -60.06 -9.67
CA LEU C 590 45.56 -60.99 -10.83
C LEU C 590 46.93 -60.94 -11.52
N LEU C 591 47.80 -59.99 -11.17
CA LEU C 591 49.09 -59.81 -11.90
C LEU C 591 50.06 -60.89 -11.43
N PRO C 592 50.90 -61.43 -12.34
CA PRO C 592 52.01 -62.30 -11.96
C PRO C 592 52.91 -61.61 -10.92
N ASN C 593 53.40 -62.36 -9.94
CA ASN C 593 54.27 -61.84 -8.85
C ASN C 593 55.46 -61.10 -9.44
N LYS C 594 56.04 -61.61 -10.52
CA LYS C 594 57.29 -61.03 -11.10
C LYS C 594 57.04 -59.56 -11.45
N ILE C 595 55.84 -59.21 -11.93
CA ILE C 595 55.56 -57.81 -12.34
C ILE C 595 55.65 -56.92 -11.09
N LEU C 596 55.03 -57.32 -9.98
CA LEU C 596 55.00 -56.53 -8.74
C LEU C 596 56.39 -56.53 -8.08
N ASN C 597 57.17 -57.60 -8.22
CA ASN C 597 58.52 -57.71 -7.59
C ASN C 597 59.53 -56.82 -8.33
N ASP C 598 59.47 -56.75 -9.67
CA ASP C 598 60.54 -56.15 -10.51
C ASP C 598 60.23 -54.70 -10.89
N ASN C 599 58.98 -54.25 -10.79
CA ASN C 599 58.58 -52.89 -11.28
C ASN C 599 58.28 -52.00 -10.08
N PRO C 600 58.87 -50.80 -10.01
CA PRO C 600 58.43 -49.82 -9.03
C PRO C 600 56.93 -49.54 -9.29
N HIS C 601 56.16 -49.45 -8.22
CA HIS C 601 54.70 -49.18 -8.22
C HIS C 601 54.34 -48.65 -6.83
N PHE C 602 53.09 -48.23 -6.64
CA PHE C 602 52.61 -47.72 -5.33
C PHE C 602 52.24 -48.93 -4.46
N ASP C 603 52.45 -48.80 -3.14
CA ASP C 603 52.11 -49.83 -2.13
C ASP C 603 50.59 -50.05 -2.12
N LYS C 604 49.82 -49.06 -2.59
CA LYS C 604 48.35 -49.16 -2.70
C LYS C 604 47.87 -48.18 -3.78
N HIS C 605 46.58 -48.17 -4.05
CA HIS C 605 45.94 -47.22 -5.00
C HIS C 605 46.02 -45.79 -4.46
N TYR C 606 46.42 -44.82 -5.29
CA TYR C 606 46.37 -43.37 -4.99
C TYR C 606 45.55 -42.66 -6.06
N LYS C 607 44.38 -42.14 -5.65
CA LYS C 607 43.52 -41.31 -6.53
C LYS C 607 44.32 -40.09 -7.00
N ASP C 608 44.31 -39.83 -8.32
CA ASP C 608 44.84 -38.60 -8.96
C ASP C 608 46.36 -38.51 -8.75
N VAL C 609 47.05 -39.63 -8.64
CA VAL C 609 48.53 -39.66 -8.70
C VAL C 609 48.90 -40.65 -9.81
N MET C 610 49.95 -40.35 -10.55
CA MET C 610 50.47 -41.32 -11.56
C MET C 610 51.96 -41.53 -11.35
N MET C 611 52.41 -42.71 -11.75
CA MET C 611 53.84 -43.02 -11.89
C MET C 611 54.03 -43.98 -13.06
N LYS C 612 55.11 -43.73 -13.80
CA LYS C 612 55.62 -44.61 -14.87
C LYS C 612 57.14 -44.63 -14.72
N SER C 613 57.76 -45.76 -14.99
CA SER C 613 59.23 -45.92 -14.81
C SER C 613 59.88 -46.14 -16.17
N PHE C 614 61.18 -45.82 -16.24
CA PHE C 614 62.00 -45.99 -17.47
C PHE C 614 63.45 -46.29 -17.07
N LYS C 615 64.24 -46.71 -18.06
CA LYS C 615 65.68 -47.01 -17.91
C LYS C 615 66.45 -46.20 -18.94
N SER C 616 67.68 -45.82 -18.61
CA SER C 616 68.65 -45.24 -19.57
C SER C 616 70.05 -45.74 -19.18
N ASN C 617 70.69 -46.47 -20.09
CA ASN C 617 72.10 -46.95 -19.93
C ASN C 617 72.21 -47.73 -18.62
N GLY C 618 71.27 -48.62 -18.36
CA GLY C 618 71.30 -49.52 -17.18
C GLY C 618 70.70 -48.90 -15.91
N THR C 619 70.54 -47.59 -15.80
CA THR C 619 69.97 -46.93 -14.60
C THR C 619 68.43 -46.83 -14.72
N MET C 620 67.72 -47.14 -13.65
CA MET C 620 66.23 -47.07 -13.59
C MET C 620 65.81 -45.72 -13.00
N TYR C 621 64.72 -45.16 -13.53
CA TYR C 621 64.13 -43.88 -13.09
C TYR C 621 62.61 -44.04 -12.96
N SER C 622 62.00 -43.20 -12.15
CA SER C 622 60.51 -43.10 -12.06
C SER C 622 60.06 -41.65 -12.23
N LEU C 623 58.97 -41.47 -12.98
CA LEU C 623 58.22 -40.19 -13.09
C LEU C 623 56.99 -40.29 -12.20
N ILE C 624 56.79 -39.30 -11.34
CA ILE C 624 55.61 -39.23 -10.43
C ILE C 624 54.99 -37.85 -10.61
N ILE C 625 53.67 -37.79 -10.78
CA ILE C 625 52.90 -36.54 -10.87
C ILE C 625 51.71 -36.65 -9.92
N ASN C 626 51.51 -35.61 -9.11
CA ASN C 626 50.38 -35.47 -8.16
C ASN C 626 49.37 -34.51 -8.79
N LYS C 627 48.16 -34.99 -9.08
CA LYS C 627 47.07 -34.16 -9.67
C LYS C 627 45.94 -34.01 -8.63
N SER C 628 46.15 -34.51 -7.41
CA SER C 628 45.19 -34.34 -6.29
C SER C 628 45.28 -32.90 -5.79
N ALA C 629 44.30 -32.51 -4.96
CA ALA C 629 44.23 -31.15 -4.38
C ALA C 629 45.23 -31.01 -3.20
N SER C 630 45.83 -32.10 -2.73
CA SER C 630 46.63 -32.11 -1.47
C SER C 630 48.00 -32.73 -1.67
N VAL C 631 48.94 -32.34 -0.81
CA VAL C 631 50.27 -33.00 -0.71
C VAL C 631 50.02 -34.48 -0.46
N GLN C 632 50.74 -35.35 -1.13
CA GLN C 632 50.58 -36.80 -0.96
C GLN C 632 51.93 -37.40 -0.55
N THR C 633 51.93 -38.43 0.29
CA THR C 633 53.12 -39.26 0.55
C THR C 633 52.86 -40.63 -0.07
N VAL C 634 53.63 -40.94 -1.10
CA VAL C 634 53.44 -42.19 -1.89
C VAL C 634 54.57 -43.15 -1.50
N ASP C 635 54.22 -44.33 -1.02
CA ASP C 635 55.16 -45.42 -0.67
C ASP C 635 55.44 -46.22 -1.94
N ILE C 636 56.64 -46.12 -2.48
CA ILE C 636 57.04 -46.85 -3.72
C ILE C 636 57.69 -48.18 -3.31
N VAL C 637 57.26 -49.28 -3.92
CA VAL C 637 57.71 -50.66 -3.67
C VAL C 637 57.97 -51.33 -5.03
N GLY C 638 58.78 -52.37 -5.04
CA GLY C 638 59.14 -53.12 -6.26
C GLY C 638 60.40 -52.58 -6.90
N GLY C 639 61.05 -53.40 -7.72
CA GLY C 639 62.39 -53.15 -8.27
C GLY C 639 63.39 -53.06 -7.14
N LYS C 640 64.52 -52.38 -7.39
CA LYS C 640 65.67 -52.32 -6.46
C LYS C 640 66.17 -50.86 -6.43
N GLY C 641 66.75 -50.46 -5.30
CA GLY C 641 67.52 -49.21 -5.21
C GLY C 641 66.89 -48.24 -4.23
N LYS C 642 67.58 -47.13 -3.99
CA LYS C 642 67.16 -46.03 -3.11
C LYS C 642 66.88 -44.78 -3.95
N ALA C 643 65.79 -44.09 -3.64
CA ALA C 643 65.30 -42.89 -4.33
C ALA C 643 66.30 -41.74 -4.16
N PHE C 644 66.76 -41.18 -5.28
CA PHE C 644 67.42 -39.86 -5.34
C PHE C 644 66.55 -38.96 -6.23
N ILE C 645 66.08 -37.82 -5.72
CA ILE C 645 65.27 -36.85 -6.51
C ILE C 645 66.18 -36.10 -7.49
N LEU C 646 66.02 -36.37 -8.78
CA LEU C 646 66.85 -35.75 -9.86
C LEU C 646 66.15 -34.51 -10.40
N PHE C 647 64.81 -34.51 -10.41
CA PHE C 647 63.98 -33.38 -10.90
C PHE C 647 62.77 -33.25 -9.98
N ALA C 648 62.44 -32.02 -9.57
CA ALA C 648 61.26 -31.67 -8.75
C ALA C 648 61.03 -30.17 -8.88
N ASN C 649 59.83 -29.74 -9.29
CA ASN C 649 59.56 -28.30 -9.52
C ASN C 649 58.89 -27.67 -8.29
N LYS C 650 58.57 -28.43 -7.24
CA LYS C 650 57.96 -27.84 -6.01
C LYS C 650 58.61 -28.40 -4.74
N ASN C 651 59.91 -28.70 -4.78
CA ASN C 651 60.74 -29.06 -3.60
C ASN C 651 60.26 -30.37 -2.96
N ALA C 652 59.83 -31.36 -3.76
CA ALA C 652 59.53 -32.71 -3.24
C ALA C 652 60.71 -33.19 -2.37
N HIS C 653 60.46 -34.11 -1.45
CA HIS C 653 61.50 -34.83 -0.67
C HIS C 653 61.10 -36.30 -0.54
N SER C 654 62.07 -37.20 -0.43
CA SER C 654 61.84 -38.64 -0.13
C SER C 654 62.56 -39.04 1.16
N THR C 655 61.99 -39.99 1.88
CA THR C 655 62.53 -40.62 3.11
C THR C 655 62.40 -42.12 2.85
N ALA C 656 63.54 -42.83 2.72
CA ALA C 656 63.58 -44.20 2.18
C ALA C 656 62.87 -44.08 0.81
N ASN C 657 61.92 -44.93 0.51
CA ASN C 657 61.28 -44.84 -0.83
C ASN C 657 59.87 -44.26 -0.70
N LYS C 658 59.70 -43.30 0.21
CA LYS C 658 58.39 -42.64 0.46
C LYS C 658 58.52 -41.21 -0.06
N LEU C 659 57.78 -40.86 -1.12
CA LEU C 659 57.92 -39.56 -1.81
C LEU C 659 56.78 -38.63 -1.36
N THR C 660 57.15 -37.46 -0.86
CA THR C 660 56.22 -36.37 -0.51
C THR C 660 56.20 -35.42 -1.70
N ILE C 661 55.05 -35.35 -2.37
CA ILE C 661 54.92 -34.63 -3.67
C ILE C 661 53.73 -33.67 -3.58
N SER C 662 53.93 -32.44 -4.02
CA SER C 662 52.93 -31.34 -3.91
C SER C 662 51.94 -31.41 -5.07
N PRO C 663 50.76 -30.79 -4.92
CA PRO C 663 49.79 -30.67 -6.01
C PRO C 663 50.45 -30.07 -7.26
N GLU C 664 50.30 -30.74 -8.41
CA GLU C 664 50.70 -30.30 -9.77
C GLU C 664 52.23 -30.47 -9.95
N GLU C 665 52.92 -31.03 -8.96
CA GLU C 665 54.39 -31.22 -9.01
C GLU C 665 54.69 -32.42 -9.92
N THR C 666 55.77 -32.31 -10.69
CA THR C 666 56.39 -33.40 -11.47
C THR C 666 57.73 -33.78 -10.81
N VAL C 667 57.95 -35.05 -10.53
CA VAL C 667 59.20 -35.56 -9.89
C VAL C 667 59.82 -36.65 -10.76
N ILE C 668 61.13 -36.59 -10.97
CA ILE C 668 61.94 -37.72 -11.49
C ILE C 668 62.82 -38.23 -10.34
N ILE C 669 62.64 -39.51 -9.97
CA ILE C 669 63.53 -40.26 -9.04
C ILE C 669 64.51 -41.06 -9.89
N LYS C 670 65.79 -40.93 -9.57
CA LYS C 670 66.89 -41.84 -10.01
C LYS C 670 67.06 -42.91 -8.92
N TRP C 671 67.01 -44.19 -9.29
CA TRP C 671 67.16 -45.33 -8.36
C TRP C 671 68.65 -45.70 -8.29
N LYS C 672 69.28 -45.47 -7.13
CA LYS C 672 70.74 -45.77 -6.94
C LYS C 672 70.89 -47.12 -6.23
N ASN C 673 71.84 -47.97 -6.66
CA ASN C 673 72.37 -49.10 -5.83
C ASN C 673 73.74 -49.53 -6.33
N ALA D 22 -3.50 15.92 -44.18
CA ALA D 22 -3.05 14.85 -43.26
C ALA D 22 -2.18 15.45 -42.15
N GLU D 23 -2.48 15.15 -40.88
CA GLU D 23 -1.59 15.50 -39.73
C GLU D 23 -0.26 14.74 -39.90
N ARG D 24 0.86 15.39 -39.63
CA ARG D 24 2.25 14.86 -39.77
C ARG D 24 2.83 14.75 -38.37
N ILE D 25 3.42 13.60 -38.02
CA ILE D 25 3.99 13.39 -36.67
C ILE D 25 5.18 14.33 -36.51
N SER D 26 5.42 14.82 -35.30
CA SER D 26 6.60 15.64 -34.94
C SER D 26 7.03 15.30 -33.51
N LYS D 27 8.14 15.86 -33.05
CA LYS D 27 8.68 15.72 -31.67
C LYS D 27 7.76 16.42 -30.67
N GLN D 28 6.77 17.20 -31.13
CA GLN D 28 5.78 17.91 -30.27
C GLN D 28 4.41 17.22 -30.30
N SER D 29 4.24 16.12 -31.02
CA SER D 29 2.92 15.44 -31.12
C SER D 29 2.54 14.91 -29.73
N THR D 30 1.25 14.85 -29.48
CA THR D 30 0.66 14.20 -28.30
C THR D 30 0.84 12.69 -28.47
N PRO D 31 1.47 12.00 -27.51
CA PRO D 31 1.60 10.54 -27.62
C PRO D 31 0.23 9.86 -27.54
N PHE D 32 0.09 8.72 -28.21
CA PHE D 32 -1.15 7.90 -28.22
C PHE D 32 -0.87 6.49 -27.70
N VAL D 33 -1.91 5.88 -27.16
CA VAL D 33 -2.02 4.42 -26.95
C VAL D 33 -2.91 3.86 -28.06
N GLY D 34 -2.49 2.76 -28.67
CA GLY D 34 -3.25 2.14 -29.77
C GLY D 34 -3.10 0.63 -29.79
N ALA D 35 -3.70 -0.01 -30.77
CA ALA D 35 -3.69 -1.48 -30.90
C ALA D 35 -3.91 -1.87 -32.37
N GLN D 36 -3.34 -3.01 -32.74
CA GLN D 36 -3.65 -3.66 -34.01
C GLN D 36 -5.14 -3.97 -34.04
N ILE D 37 -5.80 -3.68 -35.15
CA ILE D 37 -7.14 -4.25 -35.44
C ILE D 37 -6.92 -5.31 -36.52
N PHE D 38 -7.10 -6.57 -36.15
CA PHE D 38 -6.81 -7.72 -37.04
C PHE D 38 -8.05 -7.99 -37.89
N ILE D 39 -7.92 -7.70 -39.19
CA ILE D 39 -9.01 -7.82 -40.20
C ILE D 39 -8.71 -9.01 -41.10
N GLU D 40 -9.64 -9.96 -41.16
CA GLU D 40 -9.59 -11.13 -42.06
C GLU D 40 -11.03 -11.44 -42.48
N PRO D 41 -11.22 -12.18 -43.59
CA PRO D 41 -12.56 -12.56 -44.04
C PRO D 41 -13.26 -13.41 -42.97
N GLY D 42 -14.59 -13.31 -42.91
CA GLY D 42 -15.44 -14.10 -42.01
C GLY D 42 -15.95 -13.28 -40.84
N GLN D 43 -15.25 -12.21 -40.47
CA GLN D 43 -15.68 -11.30 -39.39
C GLN D 43 -16.98 -10.59 -39.80
N THR D 44 -17.85 -10.27 -38.85
CA THR D 44 -19.11 -9.52 -39.12
C THR D 44 -18.91 -8.02 -38.89
N GLN D 45 -19.71 -7.21 -39.58
CA GLN D 45 -19.84 -5.75 -39.35
C GLN D 45 -19.99 -5.47 -37.84
N GLU D 46 -20.87 -6.21 -37.18
CA GLU D 46 -21.25 -6.01 -35.76
C GLU D 46 -20.00 -6.24 -34.88
N GLN D 47 -19.24 -7.30 -35.13
CA GLN D 47 -18.01 -7.63 -34.36
C GLN D 47 -17.02 -6.47 -34.52
N ILE D 48 -16.80 -6.02 -35.76
CA ILE D 48 -15.75 -5.00 -36.05
C ILE D 48 -16.15 -3.68 -35.38
N GLU D 49 -17.42 -3.31 -35.47
CA GLU D 49 -17.92 -2.09 -34.81
C GLU D 49 -17.68 -2.19 -33.28
N GLN D 50 -18.03 -3.32 -32.65
CA GLN D 50 -17.78 -3.59 -31.21
C GLN D 50 -16.30 -3.30 -30.88
N TRP D 51 -15.36 -3.71 -31.74
CA TRP D 51 -13.91 -3.53 -31.47
C TRP D 51 -13.58 -2.02 -31.46
N PHE D 52 -13.97 -1.29 -32.50
CA PHE D 52 -13.67 0.16 -32.64
C PHE D 52 -14.36 0.94 -31.51
N LYS D 53 -15.57 0.56 -31.14
CA LYS D 53 -16.32 1.22 -30.05
C LYS D 53 -15.52 1.06 -28.74
N LEU D 54 -15.09 -0.17 -28.42
CA LEU D 54 -14.37 -0.44 -27.14
C LEU D 54 -12.97 0.21 -27.19
N LEU D 55 -12.31 0.18 -28.36
CA LEU D 55 -11.00 0.83 -28.56
C LEU D 55 -11.12 2.33 -28.21
N ALA D 56 -12.12 3.04 -28.76
CA ALA D 56 -12.37 4.47 -28.48
C ALA D 56 -12.66 4.66 -26.99
N GLU D 57 -13.48 3.81 -26.38
CA GLU D 57 -13.84 3.91 -24.95
C GLU D 57 -12.64 3.62 -24.05
N SER D 58 -11.59 2.97 -24.59
CA SER D 58 -10.36 2.62 -23.83
C SER D 58 -9.30 3.72 -24.00
N ASN D 59 -9.68 4.92 -24.47
CA ASN D 59 -8.80 6.11 -24.59
C ASN D 59 -7.65 5.83 -25.58
N MET D 60 -7.90 4.95 -26.55
CA MET D 60 -6.96 4.68 -27.66
C MET D 60 -7.45 5.51 -28.85
N THR D 61 -6.55 6.17 -29.57
CA THR D 61 -6.86 7.08 -30.69
C THR D 61 -6.45 6.45 -32.01
N THR D 62 -5.72 5.34 -31.98
CA THR D 62 -4.94 4.86 -33.16
C THR D 62 -5.01 3.33 -33.25
N CYS D 63 -5.14 2.82 -34.48
CA CYS D 63 -5.03 1.37 -34.75
C CYS D 63 -3.99 1.16 -35.86
N ARG D 64 -3.54 -0.07 -35.99
CA ARG D 64 -2.74 -0.51 -37.13
C ARG D 64 -3.50 -1.65 -37.81
N ILE D 65 -3.55 -1.62 -39.14
CA ILE D 65 -4.28 -2.63 -39.95
C ILE D 65 -3.31 -3.16 -41.02
N ARG D 66 -3.17 -4.48 -41.05
CA ARG D 66 -2.40 -5.22 -42.08
C ARG D 66 -3.25 -5.29 -43.34
N MET D 67 -2.80 -4.63 -44.42
CA MET D 67 -3.56 -4.46 -45.68
C MET D 67 -3.32 -5.69 -46.57
N PHE D 68 -3.73 -6.86 -46.09
CA PHE D 68 -3.41 -8.17 -46.73
C PHE D 68 -3.80 -8.15 -48.21
N GLY D 69 -2.81 -8.22 -49.10
CA GLY D 69 -3.05 -8.43 -50.55
C GLY D 69 -3.95 -9.65 -50.78
N LYS D 70 -3.74 -10.70 -50.00
CA LYS D 70 -4.50 -11.98 -50.14
C LYS D 70 -6.01 -11.70 -50.05
N TYR D 71 -6.44 -10.76 -49.21
CA TYR D 71 -7.87 -10.54 -48.90
C TYR D 71 -8.44 -9.39 -49.74
N MET D 72 -7.73 -8.98 -50.78
CA MET D 72 -8.21 -7.98 -51.78
C MET D 72 -8.15 -8.53 -53.21
N LYS D 73 -7.36 -9.57 -53.49
CA LYS D 73 -7.29 -10.18 -54.84
C LYS D 73 -8.58 -10.95 -55.12
N THR D 74 -9.15 -10.79 -56.31
CA THR D 74 -10.40 -11.43 -56.79
C THR D 74 -10.04 -12.52 -57.79
N PRO D 75 -10.95 -13.49 -58.08
CA PRO D 75 -10.72 -14.48 -59.13
C PRO D 75 -10.15 -13.91 -60.44
N SER D 76 -10.64 -12.74 -60.88
CA SER D 76 -10.30 -12.13 -62.19
C SER D 76 -8.98 -11.36 -62.14
N GLY D 77 -8.43 -11.12 -60.95
CA GLY D 77 -7.15 -10.40 -60.77
C GLY D 77 -7.32 -8.91 -60.47
N THR D 78 -8.55 -8.40 -60.39
CA THR D 78 -8.84 -7.00 -59.95
C THR D 78 -8.64 -6.92 -58.43
N TYR D 79 -8.54 -5.72 -57.89
CA TYR D 79 -8.48 -5.42 -56.44
C TYR D 79 -9.89 -5.08 -55.93
N ASP D 80 -10.39 -5.85 -54.97
CA ASP D 80 -11.64 -5.57 -54.24
C ASP D 80 -11.24 -5.11 -52.83
N PHE D 81 -11.52 -3.85 -52.51
CA PHE D 81 -11.04 -3.17 -51.29
C PHE D 81 -12.07 -3.30 -50.15
N THR D 82 -13.22 -3.95 -50.39
CA THR D 82 -14.43 -3.84 -49.52
C THR D 82 -14.11 -4.26 -48.08
N LEU D 83 -13.33 -5.32 -47.85
CA LEU D 83 -13.04 -5.80 -46.48
C LEU D 83 -12.35 -4.68 -45.68
N PHE D 84 -11.42 -3.96 -46.30
CA PHE D 84 -10.63 -2.91 -45.63
C PHE D 84 -11.40 -1.58 -45.64
N ASP D 85 -12.21 -1.29 -46.67
CA ASP D 85 -13.12 -0.12 -46.66
C ASP D 85 -13.99 -0.19 -45.40
N ARG D 86 -14.58 -1.35 -45.14
CA ARG D 86 -15.48 -1.57 -43.97
C ARG D 86 -14.73 -1.18 -42.68
N ALA D 87 -13.47 -1.59 -42.54
CA ALA D 87 -12.66 -1.34 -41.33
C ALA D 87 -12.29 0.15 -41.26
N PHE D 88 -11.80 0.73 -42.35
CA PHE D 88 -11.39 2.17 -42.36
C PHE D 88 -12.60 3.05 -42.00
N LYS D 89 -13.80 2.70 -42.51
CA LYS D 89 -15.02 3.53 -42.30
C LYS D 89 -15.46 3.42 -40.84
N LEU D 90 -15.38 2.24 -40.24
CA LEU D 90 -15.71 2.07 -38.82
C LEU D 90 -14.66 2.78 -37.96
N ALA D 91 -13.39 2.74 -38.33
CA ALA D 91 -12.34 3.50 -37.61
C ALA D 91 -12.73 4.98 -37.65
N ASP D 92 -13.06 5.50 -38.83
CA ASP D 92 -13.36 6.94 -39.05
C ASP D 92 -14.56 7.33 -38.19
N LYS D 93 -15.60 6.50 -38.17
CA LYS D 93 -16.84 6.73 -37.39
C LYS D 93 -16.47 6.97 -35.92
N TYR D 94 -15.49 6.24 -35.38
CA TYR D 94 -15.09 6.33 -33.94
C TYR D 94 -13.86 7.23 -33.76
N HIS D 95 -13.50 8.00 -34.80
CA HIS D 95 -12.40 9.01 -34.78
C HIS D 95 -11.07 8.32 -34.48
N ILE D 96 -10.86 7.12 -35.01
CA ILE D 96 -9.62 6.31 -34.84
C ILE D 96 -8.78 6.46 -36.12
N LYS D 97 -7.53 6.89 -35.98
CA LYS D 97 -6.60 7.04 -37.12
C LYS D 97 -5.87 5.70 -37.35
N VAL D 98 -5.41 5.47 -38.56
CA VAL D 98 -4.93 4.14 -39.01
C VAL D 98 -3.46 4.24 -39.46
N TYR D 99 -2.61 3.39 -38.89
CA TYR D 99 -1.33 2.96 -39.47
C TYR D 99 -1.65 1.78 -40.39
N ALA D 100 -1.40 1.95 -41.70
CA ALA D 100 -1.71 0.92 -42.72
C ALA D 100 -0.42 0.21 -43.13
N THR D 101 -0.32 -1.09 -42.89
CA THR D 101 0.88 -1.88 -43.25
C THR D 101 0.74 -2.42 -44.67
N LEU D 102 1.70 -2.08 -45.52
CA LEU D 102 1.85 -2.69 -46.86
C LEU D 102 2.26 -4.16 -46.67
N PHE D 103 1.39 -5.06 -47.10
CA PHE D 103 1.51 -6.51 -46.85
C PHE D 103 0.99 -7.23 -48.09
N PRO D 104 1.83 -7.36 -49.14
CA PRO D 104 1.42 -7.99 -50.38
C PRO D 104 0.98 -9.44 -50.18
N ASP D 105 0.31 -10.00 -51.19
CA ASP D 105 -0.16 -11.40 -51.17
C ASP D 105 1.02 -12.26 -50.73
N THR D 106 0.77 -13.19 -49.81
CA THR D 106 1.77 -14.15 -49.27
C THR D 106 1.01 -15.33 -48.66
N GLU D 107 1.72 -16.43 -48.43
CA GLU D 107 1.12 -17.68 -47.89
C GLU D 107 0.40 -17.31 -46.58
N PHE D 108 -0.76 -17.89 -46.36
CA PHE D 108 -1.55 -17.74 -45.12
C PHE D 108 -0.66 -18.04 -43.90
N THR D 109 0.26 -19.01 -44.00
CA THR D 109 1.09 -19.53 -42.87
C THR D 109 2.21 -18.53 -42.52
N ASP D 110 2.42 -17.50 -43.33
CA ASP D 110 3.49 -16.50 -43.08
C ASP D 110 2.99 -15.47 -42.07
N VAL D 111 3.34 -15.64 -40.80
CA VAL D 111 2.81 -14.80 -39.68
C VAL D 111 3.36 -13.36 -39.79
N GLY D 112 4.62 -13.20 -40.14
CA GLY D 112 5.32 -11.88 -40.09
C GLY D 112 5.40 -11.18 -41.42
N GLY D 113 5.31 -11.92 -42.54
CA GLY D 113 5.49 -11.40 -43.92
C GLY D 113 6.88 -11.66 -44.47
N PHE D 114 7.01 -11.70 -45.80
CA PHE D 114 8.31 -11.84 -46.50
C PHE D 114 9.09 -10.53 -46.37
N LYS D 115 10.41 -10.63 -46.40
CA LYS D 115 11.32 -9.52 -46.05
C LYS D 115 11.93 -8.90 -47.30
N PHE D 116 11.95 -9.63 -48.42
CA PHE D 116 12.46 -9.16 -49.73
C PHE D 116 11.68 -9.85 -50.85
N PRO D 117 11.62 -9.25 -52.06
CA PRO D 117 11.02 -9.93 -53.22
C PRO D 117 11.75 -11.26 -53.50
N HIS D 118 11.01 -12.29 -53.93
CA HIS D 118 11.51 -13.64 -54.26
C HIS D 118 12.22 -13.64 -55.63
N SER D 119 11.80 -12.75 -56.53
CA SER D 119 12.12 -12.74 -57.98
C SER D 119 11.74 -11.39 -58.59
N ARG D 120 12.26 -11.09 -59.78
CA ARG D 120 11.95 -9.83 -60.53
C ARG D 120 10.45 -9.79 -60.77
N GLU D 121 9.85 -10.94 -61.09
CA GLU D 121 8.39 -11.05 -61.39
C GLU D 121 7.63 -10.69 -60.10
N HIS D 122 8.08 -11.22 -58.96
CA HIS D 122 7.45 -10.92 -57.64
C HIS D 122 7.59 -9.42 -57.38
N GLN D 123 8.74 -8.82 -57.67
CA GLN D 123 8.93 -7.35 -57.45
C GLN D 123 7.85 -6.58 -58.22
N LYS D 124 7.56 -6.99 -59.46
CA LYS D 124 6.52 -6.33 -60.29
C LYS D 124 5.14 -6.52 -59.65
N GLU D 125 4.86 -7.69 -59.07
CA GLU D 125 3.57 -7.92 -58.37
C GLU D 125 3.47 -6.95 -57.19
N VAL D 126 4.57 -6.74 -56.46
CA VAL D 126 4.57 -5.82 -55.29
C VAL D 126 4.31 -4.40 -55.77
N GLU D 127 4.93 -3.99 -56.90
CA GLU D 127 4.71 -2.64 -57.52
C GLU D 127 3.22 -2.41 -57.78
N ASP D 128 2.56 -3.42 -58.36
CA ASP D 128 1.12 -3.40 -58.70
C ASP D 128 0.30 -3.30 -57.41
N TYR D 129 0.65 -4.09 -56.39
CA TYR D 129 -0.03 -4.07 -55.06
C TYR D 129 0.06 -2.65 -54.48
N ILE D 130 1.25 -2.05 -54.46
CA ILE D 130 1.43 -0.70 -53.86
C ILE D 130 0.58 0.32 -54.61
N LYS D 131 0.66 0.32 -55.95
CA LYS D 131 -0.13 1.24 -56.81
C LYS D 131 -1.60 1.21 -56.39
N ASN D 132 -2.18 0.02 -56.37
CA ASN D 132 -3.63 -0.19 -56.11
C ASN D 132 -3.97 0.23 -54.67
N VAL D 133 -3.22 -0.24 -53.68
CA VAL D 133 -3.60 -0.07 -52.25
C VAL D 133 -3.35 1.39 -51.83
N VAL D 134 -2.20 1.97 -52.21
CA VAL D 134 -1.88 3.36 -51.77
C VAL D 134 -2.82 4.33 -52.51
N SER D 135 -3.06 4.13 -53.81
CA SER D 135 -3.96 5.02 -54.61
C SER D 135 -5.34 5.07 -53.94
N HIS D 136 -5.86 3.93 -53.50
CA HIS D 136 -7.21 3.83 -52.88
C HIS D 136 -7.19 4.38 -51.44
N PHE D 137 -6.35 3.85 -50.54
CA PHE D 137 -6.54 4.11 -49.08
C PHE D 137 -5.95 5.47 -48.69
N SER D 138 -5.10 6.08 -49.53
CA SER D 138 -4.56 7.45 -49.30
C SER D 138 -5.69 8.46 -49.20
N GLN D 139 -6.89 8.12 -49.72
CA GLN D 139 -8.05 9.03 -49.83
C GLN D 139 -8.83 9.06 -48.51
N TYR D 140 -8.58 8.15 -47.56
CA TYR D 140 -9.26 8.17 -46.24
C TYR D 140 -8.64 9.26 -45.37
N LYS D 141 -9.47 10.10 -44.78
CA LYS D 141 -8.98 11.26 -43.98
C LYS D 141 -8.42 10.77 -42.63
N ASN D 142 -8.72 9.54 -42.20
CA ASN D 142 -8.24 8.98 -40.90
C ASN D 142 -6.97 8.13 -41.12
N LEU D 143 -6.39 8.08 -42.31
CA LEU D 143 -5.06 7.43 -42.54
C LEU D 143 -3.97 8.29 -41.90
N ALA D 144 -3.20 7.73 -40.96
CA ALA D 144 -2.13 8.43 -40.23
C ALA D 144 -0.75 8.10 -40.79
N ALA D 145 -0.53 6.90 -41.33
CA ALA D 145 0.83 6.49 -41.77
C ALA D 145 0.77 5.24 -42.62
N TRP D 146 1.76 5.11 -43.51
CA TRP D 146 2.10 3.87 -44.24
C TRP D 146 3.24 3.18 -43.49
N VAL D 147 3.02 1.93 -43.07
CA VAL D 147 4.12 1.07 -42.58
C VAL D 147 4.65 0.31 -43.81
N LEU D 148 5.87 0.66 -44.25
CA LEU D 148 6.43 0.27 -45.59
C LEU D 148 6.48 -1.25 -45.72
N ILE D 149 6.80 -1.93 -44.62
CA ILE D 149 6.93 -3.40 -44.50
C ILE D 149 6.80 -3.74 -43.01
N ASN D 150 6.14 -4.84 -42.69
CA ASN D 150 6.12 -5.31 -41.28
C ASN D 150 7.46 -5.97 -40.95
N GLU D 151 8.13 -5.48 -39.90
CA GLU D 151 9.30 -6.16 -39.31
C GLU D 151 10.34 -6.46 -40.39
N PRO D 152 10.98 -5.43 -40.99
CA PRO D 152 12.09 -5.67 -41.90
C PRO D 152 13.21 -6.43 -41.17
N GLY D 153 13.90 -7.29 -41.93
CA GLY D 153 15.01 -8.12 -41.42
C GLY D 153 14.55 -9.46 -40.92
N THR D 154 15.42 -10.45 -40.96
CA THR D 154 15.14 -11.82 -40.46
C THR D 154 16.46 -12.50 -40.11
N PRO D 155 16.46 -13.43 -39.11
CA PRO D 155 17.62 -14.27 -38.85
C PRO D 155 17.92 -15.27 -40.01
N ASN D 156 16.92 -15.58 -40.86
CA ASN D 156 17.07 -16.52 -42.00
C ASN D 156 16.95 -15.76 -43.33
N LEU D 157 18.01 -15.08 -43.78
CA LEU D 157 17.95 -14.24 -45.00
C LEU D 157 17.89 -15.14 -46.24
N PRO D 158 17.06 -14.82 -47.25
CA PRO D 158 16.86 -15.71 -48.39
C PRO D 158 17.96 -15.71 -49.46
N PHE D 159 19.17 -16.14 -49.10
CA PHE D 159 20.33 -16.26 -50.02
C PHE D 159 20.08 -17.35 -51.07
N ASN D 160 19.16 -18.27 -50.79
CA ASN D 160 18.73 -19.37 -51.72
C ASN D 160 17.94 -18.81 -52.92
N GLU D 161 17.24 -17.69 -52.78
CA GLU D 161 16.27 -17.17 -53.78
C GLU D 161 17.00 -16.40 -54.88
N PRO D 162 16.49 -16.44 -56.13
CA PRO D 162 17.18 -15.81 -57.27
C PRO D 162 17.41 -14.28 -57.15
N PHE D 163 16.44 -13.53 -56.64
CA PHE D 163 16.48 -12.06 -56.54
C PHE D 163 17.69 -11.68 -55.65
N THR D 164 17.76 -12.27 -54.45
CA THR D 164 18.81 -11.97 -53.44
C THR D 164 20.17 -12.48 -53.97
N LYS D 165 20.22 -13.71 -54.50
CA LYS D 165 21.46 -14.32 -55.04
C LYS D 165 22.08 -13.38 -56.08
N GLU D 166 21.27 -12.86 -57.01
CA GLU D 166 21.75 -11.97 -58.10
C GLU D 166 22.24 -10.64 -57.52
N ARG D 167 21.46 -10.04 -56.61
CA ARG D 167 21.82 -8.74 -56.02
C ARG D 167 23.16 -8.87 -55.28
N PHE D 168 23.39 -9.98 -54.59
CA PHE D 168 24.64 -10.22 -53.83
C PHE D 168 25.83 -10.33 -54.79
N SER D 169 25.67 -11.11 -55.89
CA SER D 169 26.70 -11.26 -56.95
C SER D 169 27.10 -9.88 -57.51
N ASP D 170 26.10 -9.08 -57.91
CA ASP D 170 26.31 -7.71 -58.45
C ASP D 170 27.06 -6.85 -57.42
N TRP D 171 26.57 -6.87 -56.17
CA TRP D 171 27.16 -6.07 -55.07
C TRP D 171 28.65 -6.38 -54.96
N LYS D 172 29.01 -7.68 -54.93
CA LYS D 172 30.42 -8.11 -54.76
C LYS D 172 31.28 -7.58 -55.92
N LYS D 173 30.77 -7.65 -57.14
CA LYS D 173 31.48 -7.17 -58.34
C LYS D 173 31.68 -5.64 -58.28
N GLU D 174 30.76 -4.89 -57.68
CA GLU D 174 30.85 -3.40 -57.62
C GLU D 174 31.70 -2.96 -56.41
N HIS D 175 32.18 -3.91 -55.58
CA HIS D 175 33.08 -3.59 -54.45
C HIS D 175 34.44 -4.22 -54.73
N ASN D 176 35.50 -3.55 -54.29
CA ASN D 176 36.88 -3.91 -54.68
C ASN D 176 37.66 -4.29 -53.41
N PHE D 177 37.62 -5.58 -53.06
CA PHE D 177 38.17 -6.11 -51.80
C PHE D 177 39.46 -6.87 -52.11
N SER D 178 40.48 -6.67 -51.29
CA SER D 178 41.75 -7.43 -51.35
C SER D 178 41.76 -8.47 -50.24
N GLU D 179 42.47 -9.58 -50.44
CA GLU D 179 42.66 -10.66 -49.45
C GLU D 179 43.73 -10.30 -48.41
N TYR D 180 44.44 -9.16 -48.58
CA TYR D 180 45.52 -8.70 -47.66
C TYR D 180 45.31 -7.23 -47.32
N ASN D 181 45.71 -6.82 -46.12
CA ASN D 181 45.60 -5.39 -45.71
C ASN D 181 46.87 -4.67 -46.19
N GLU D 182 46.99 -3.39 -45.84
CA GLU D 182 48.10 -2.52 -46.27
C GLU D 182 49.42 -3.11 -45.78
N LYS D 183 49.49 -3.63 -44.55
CA LYS D 183 50.75 -4.18 -43.99
C LYS D 183 51.07 -5.55 -44.59
N GLY D 184 50.13 -6.19 -45.28
CA GLY D 184 50.34 -7.48 -45.98
C GLY D 184 49.66 -8.67 -45.29
N TYR D 185 49.01 -8.46 -44.14
CA TYR D 185 48.34 -9.54 -43.36
C TYR D 185 47.08 -10.01 -44.06
N PRO D 186 46.73 -11.31 -43.95
CA PRO D 186 45.43 -11.80 -44.42
C PRO D 186 44.27 -11.06 -43.74
N VAL D 187 43.14 -10.92 -44.42
CA VAL D 187 41.93 -10.20 -43.90
C VAL D 187 40.67 -10.96 -44.29
N LEU D 188 39.59 -10.78 -43.52
CA LEU D 188 38.19 -11.08 -43.94
C LEU D 188 37.54 -9.76 -44.33
N ASN D 189 36.60 -9.77 -45.28
CA ASN D 189 35.97 -8.52 -45.80
C ASN D 189 34.48 -8.43 -45.47
N PHE D 190 33.87 -9.49 -44.92
CA PHE D 190 32.46 -9.48 -44.44
C PHE D 190 31.55 -8.98 -45.57
N GLU D 191 31.74 -9.56 -46.75
CA GLU D 191 30.97 -9.18 -47.96
C GLU D 191 29.47 -9.37 -47.70
N LYS D 192 29.08 -10.52 -47.18
CA LYS D 192 27.67 -10.89 -46.92
C LYS D 192 27.05 -9.82 -46.01
N GLU D 193 27.73 -9.47 -44.93
CA GLU D 193 27.17 -8.59 -43.88
C GLU D 193 27.00 -7.18 -44.43
N ASN D 194 27.99 -6.69 -45.17
CA ASN D 194 27.96 -5.32 -45.73
C ASN D 194 26.90 -5.26 -46.85
N PHE D 195 26.78 -6.31 -47.67
CA PHE D 195 25.68 -6.43 -48.67
C PHE D 195 24.31 -6.35 -47.96
N ILE D 196 24.13 -7.10 -46.88
CA ILE D 196 22.81 -7.19 -46.20
C ILE D 196 22.40 -5.80 -45.69
N ILE D 197 23.34 -5.02 -45.13
CA ILE D 197 23.06 -3.61 -44.72
C ILE D 197 22.51 -2.85 -45.94
N ASP D 198 23.23 -2.91 -47.06
CA ASP D 198 22.90 -2.13 -48.28
C ASP D 198 21.58 -2.64 -48.86
N TYR D 199 21.32 -3.93 -48.75
CA TYR D 199 20.12 -4.60 -49.31
C TYR D 199 18.86 -4.14 -48.56
N HIS D 200 18.91 -4.09 -47.22
CA HIS D 200 17.82 -3.51 -46.37
C HIS D 200 17.61 -2.05 -46.74
N ASN D 201 18.68 -1.26 -46.82
CA ASN D 201 18.62 0.15 -47.21
C ASN D 201 17.90 0.27 -48.57
N TRP D 202 18.31 -0.57 -49.54
CA TRP D 202 17.77 -0.52 -50.91
C TRP D 202 16.27 -0.84 -50.91
N TYR D 203 15.85 -1.93 -50.29
CA TYR D 203 14.44 -2.39 -50.41
C TYR D 203 13.51 -1.42 -49.70
N LEU D 204 13.87 -0.95 -48.49
CA LEU D 204 13.00 -0.01 -47.73
C LEU D 204 12.92 1.34 -48.48
N ASN D 205 14.03 1.82 -49.03
CA ASN D 205 14.07 3.08 -49.82
C ASN D 205 13.19 2.89 -51.08
N TRP D 206 13.26 1.72 -51.72
CA TRP D 206 12.43 1.40 -52.92
C TRP D 206 10.94 1.40 -52.54
N LEU D 207 10.57 0.77 -51.41
CA LEU D 207 9.18 0.77 -50.93
C LEU D 207 8.72 2.22 -50.70
N ALA D 208 9.56 3.04 -50.06
CA ALA D 208 9.22 4.45 -49.78
C ALA D 208 8.98 5.19 -51.11
N ASN D 209 9.86 4.99 -52.09
CA ASN D 209 9.77 5.63 -53.44
C ASN D 209 8.47 5.19 -54.12
N GLN D 210 8.09 3.91 -54.01
CA GLN D 210 6.85 3.37 -54.63
C GLN D 210 5.65 4.06 -54.00
N VAL D 211 5.56 4.11 -52.67
CA VAL D 211 4.43 4.81 -51.98
C VAL D 211 4.37 6.26 -52.48
N ARG D 212 5.52 6.94 -52.56
CA ARG D 212 5.60 8.39 -52.88
C ARG D 212 5.16 8.65 -54.34
N LEU D 213 5.12 7.64 -55.21
CA LEU D 213 4.54 7.78 -56.58
C LEU D 213 3.06 8.15 -56.47
N TYR D 214 2.35 7.70 -55.43
CA TYR D 214 0.87 7.80 -55.35
C TYR D 214 0.45 8.61 -54.12
N ASP D 215 1.31 8.81 -53.13
CA ASP D 215 0.93 9.54 -51.89
C ASP D 215 2.17 10.28 -51.34
N LYS D 216 2.14 11.61 -51.38
CA LYS D 216 3.22 12.47 -50.84
C LYS D 216 2.74 13.10 -49.53
N GLN D 217 1.57 12.72 -49.03
CA GLN D 217 0.88 13.43 -47.92
C GLN D 217 1.14 12.72 -46.58
N HIS D 218 1.25 11.38 -46.57
CA HIS D 218 1.18 10.61 -45.29
C HIS D 218 2.59 10.23 -44.84
N ASP D 219 2.76 10.20 -43.51
CA ASP D 219 4.00 9.72 -42.82
C ASP D 219 4.36 8.31 -43.33
N LEU D 220 5.64 8.06 -43.56
CA LEU D 220 6.21 6.71 -43.81
C LEU D 220 6.89 6.21 -42.52
N HIS D 221 6.62 4.95 -42.18
CA HIS D 221 6.96 4.31 -40.89
C HIS D 221 7.48 2.89 -41.15
N VAL D 222 8.32 2.36 -40.27
CA VAL D 222 8.73 0.92 -40.31
C VAL D 222 9.10 0.47 -38.89
N ASN D 223 8.94 -0.83 -38.57
CA ASN D 223 9.16 -1.40 -37.23
C ASN D 223 10.28 -2.42 -37.27
N PRO D 224 11.56 -2.03 -37.13
CA PRO D 224 12.64 -2.97 -36.85
C PRO D 224 12.32 -3.74 -35.57
N HIS D 225 12.81 -4.98 -35.50
CA HIS D 225 12.36 -5.95 -34.49
C HIS D 225 13.54 -6.77 -33.99
N ASN D 226 13.35 -7.45 -32.85
CA ASN D 226 14.35 -8.37 -32.29
C ASN D 226 15.72 -7.66 -32.31
N VAL D 227 15.74 -6.42 -31.84
CA VAL D 227 16.88 -5.50 -32.08
C VAL D 227 18.16 -5.99 -31.39
N PHE D 228 18.08 -6.80 -30.33
CA PHE D 228 19.30 -7.29 -29.64
C PHE D 228 19.96 -8.40 -30.47
N LYS D 229 19.27 -8.93 -31.49
CA LYS D 229 19.85 -9.92 -32.43
C LYS D 229 20.03 -9.33 -33.82
N LEU D 230 19.11 -8.48 -34.28
CA LEU D 230 19.04 -8.08 -35.72
C LEU D 230 19.61 -6.67 -35.95
N SER D 231 20.17 -6.01 -34.93
CA SER D 231 20.72 -4.65 -35.07
C SER D 231 21.83 -4.62 -36.13
N GLY D 232 22.52 -5.75 -36.35
CA GLY D 232 23.58 -5.85 -37.36
C GLY D 232 23.06 -5.87 -38.79
N LEU D 233 21.74 -5.87 -38.98
CA LEU D 233 21.04 -5.76 -40.30
C LEU D 233 20.67 -4.31 -40.59
N TYR D 234 20.70 -3.43 -39.59
CA TYR D 234 19.96 -2.15 -39.62
C TYR D 234 20.93 -0.95 -39.64
N ASP D 235 20.81 -0.14 -40.68
CA ASP D 235 21.54 1.16 -40.83
C ASP D 235 20.55 2.31 -40.61
N PHE D 236 20.25 2.63 -39.34
CA PHE D 236 19.16 3.57 -39.04
C PHE D 236 19.48 4.96 -39.60
N PRO D 237 20.72 5.48 -39.51
CA PRO D 237 21.04 6.77 -40.11
C PRO D 237 20.61 6.86 -41.59
N THR D 238 20.83 5.82 -42.40
CA THR D 238 20.35 5.82 -43.80
C THR D 238 18.82 5.81 -43.84
N TRP D 239 18.16 5.02 -42.99
CA TRP D 239 16.68 4.91 -43.03
C TRP D 239 16.02 6.27 -42.77
N ARG D 240 16.66 7.13 -41.97
CA ARG D 240 16.13 8.49 -41.65
C ARG D 240 15.86 9.26 -42.96
N THR D 241 16.61 9.00 -44.03
CA THR D 241 16.54 9.79 -45.28
C THR D 241 15.22 9.51 -46.00
N PHE D 242 14.46 8.46 -45.70
CA PHE D 242 13.19 8.17 -46.42
C PHE D 242 12.01 7.92 -45.46
N LEU D 243 12.22 7.98 -44.14
CA LEU D 243 11.11 7.82 -43.15
C LEU D 243 10.68 9.18 -42.61
N ASN D 244 9.45 9.27 -42.08
CA ASN D 244 8.99 10.40 -41.25
C ASN D 244 9.07 10.02 -39.77
N SER D 245 8.98 8.73 -39.44
CA SER D 245 9.10 8.23 -38.06
C SER D 245 9.73 6.84 -38.05
N LEU D 246 10.53 6.52 -37.05
CA LEU D 246 11.06 5.16 -36.82
C LEU D 246 10.16 4.46 -35.79
N GLY D 247 9.82 3.20 -36.08
CA GLY D 247 9.03 2.36 -35.19
C GLY D 247 9.86 1.26 -34.58
N GLY D 248 9.17 0.24 -34.06
CA GLY D 248 9.81 -0.92 -33.44
C GLY D 248 8.78 -1.93 -32.98
N SER D 249 9.19 -3.19 -33.03
CA SER D 249 8.56 -4.30 -32.28
C SER D 249 9.43 -4.55 -31.06
N ALA D 250 8.80 -4.67 -29.90
CA ALA D 250 9.46 -4.99 -28.61
C ALA D 250 8.50 -5.90 -27.85
N HIS D 251 8.50 -7.18 -28.20
CA HIS D 251 7.64 -8.23 -27.61
C HIS D 251 8.38 -9.01 -26.53
N ALA D 252 7.80 -9.06 -25.35
CA ALA D 252 8.31 -9.82 -24.19
C ALA D 252 8.54 -11.30 -24.57
N SER D 253 7.71 -11.89 -25.46
CA SER D 253 7.78 -13.34 -25.76
C SER D 253 8.75 -13.65 -26.92
N TRP D 254 9.23 -12.65 -27.66
CA TRP D 254 10.13 -12.88 -28.83
C TRP D 254 11.51 -12.27 -28.64
N HIS D 255 11.62 -11.09 -28.01
CA HIS D 255 12.79 -10.19 -28.18
C HIS D 255 13.64 -10.07 -26.93
N PHE D 256 13.18 -10.58 -25.79
CA PHE D 256 13.77 -10.28 -24.46
C PHE D 256 14.40 -11.54 -23.85
N GLY D 257 14.71 -12.55 -24.68
CA GLY D 257 15.32 -13.81 -24.24
C GLY D 257 16.63 -13.63 -23.49
N TYR D 258 17.36 -12.53 -23.68
CA TYR D 258 18.63 -12.28 -22.96
C TYR D 258 18.36 -11.89 -21.50
N PHE D 259 17.12 -11.72 -21.10
CA PHE D 259 16.74 -11.24 -19.74
C PHE D 259 15.76 -12.20 -19.09
N PRO D 260 15.75 -12.31 -17.75
CA PRO D 260 14.61 -12.89 -17.05
C PRO D 260 13.44 -11.88 -17.07
N ARG D 261 12.23 -12.38 -16.86
CA ARG D 261 10.98 -11.59 -16.91
C ARG D 261 11.07 -10.38 -15.94
N LYS D 262 11.70 -10.55 -14.78
CA LYS D 262 11.73 -9.44 -13.78
C LYS D 262 12.60 -8.29 -14.30
N ALA D 263 13.41 -8.50 -15.36
CA ALA D 263 14.24 -7.43 -15.96
C ALA D 263 13.71 -7.02 -17.35
N TYR D 264 12.46 -7.36 -17.68
CA TYR D 264 11.84 -6.87 -18.94
C TYR D 264 11.69 -5.35 -18.91
N THR D 265 11.69 -4.73 -17.72
CA THR D 265 11.80 -3.26 -17.57
C THR D 265 13.08 -2.75 -18.26
N VAL D 266 14.22 -3.32 -17.89
CA VAL D 266 15.55 -2.97 -18.44
C VAL D 266 15.56 -3.27 -19.95
N ALA D 267 15.02 -4.42 -20.36
CA ALA D 267 14.95 -4.84 -21.77
C ALA D 267 14.17 -3.79 -22.57
N MET D 268 13.00 -3.39 -22.09
CA MET D 268 12.15 -2.39 -22.79
C MET D 268 12.86 -1.02 -22.81
N SER D 269 13.51 -0.62 -21.73
CA SER D 269 14.26 0.65 -21.67
C SER D 269 15.40 0.66 -22.69
N ALA D 270 16.16 -0.41 -22.76
CA ALA D 270 17.29 -0.55 -23.73
C ALA D 270 16.71 -0.55 -25.16
N ASN D 271 15.63 -1.28 -25.39
CA ASN D 271 14.99 -1.39 -26.74
C ASN D 271 14.52 0.02 -27.15
N ALA D 272 13.89 0.77 -26.24
CA ALA D 272 13.44 2.14 -26.50
C ALA D 272 14.65 3.03 -26.79
N GLU D 273 15.72 2.90 -26.03
CA GLU D 273 16.93 3.74 -26.21
C GLU D 273 17.56 3.41 -27.56
N LEU D 274 17.58 2.14 -27.95
CA LEU D 274 18.24 1.70 -29.22
C LEU D 274 17.47 2.33 -30.40
N ILE D 275 16.14 2.29 -30.36
CA ILE D 275 15.28 2.88 -31.44
C ILE D 275 15.41 4.40 -31.40
N ARG D 276 15.36 5.01 -30.21
CA ARG D 276 15.52 6.48 -30.04
C ARG D 276 16.83 6.91 -30.72
N SER D 277 17.93 6.22 -30.45
CA SER D 277 19.25 6.50 -31.09
C SER D 277 19.12 6.38 -32.62
N GLY D 278 18.48 5.31 -33.12
CA GLY D 278 18.31 5.10 -34.57
C GLY D 278 17.50 6.20 -35.20
N ALA D 279 16.50 6.71 -34.48
CA ALA D 279 15.58 7.75 -35.00
C ALA D 279 16.34 9.07 -35.23
N GLY D 280 17.35 9.38 -34.44
CA GLY D 280 18.05 10.68 -34.52
C GLY D 280 17.09 11.84 -34.39
N GLU D 281 16.93 12.67 -35.43
CA GLU D 281 16.03 13.86 -35.35
C GLU D 281 14.59 13.47 -35.67
N LEU D 282 14.31 12.25 -36.14
CA LEU D 282 12.91 11.81 -36.42
C LEU D 282 12.23 11.46 -35.09
N PRO D 283 10.92 11.67 -34.98
CA PRO D 283 10.15 11.11 -33.89
C PRO D 283 10.15 9.58 -34.02
N TRP D 284 9.99 8.89 -32.87
CA TRP D 284 9.88 7.40 -32.87
C TRP D 284 8.68 6.99 -32.02
N LEU D 285 8.19 5.79 -32.27
CA LEU D 285 7.12 5.19 -31.43
C LEU D 285 7.26 3.67 -31.49
N MET D 286 6.66 2.98 -30.53
CA MET D 286 6.66 1.49 -30.52
C MET D 286 5.41 1.00 -31.26
N THR D 287 5.64 0.47 -32.46
CA THR D 287 4.60 0.02 -33.42
C THR D 287 3.96 -1.27 -32.95
N GLU D 288 4.68 -2.10 -32.18
CA GLU D 288 4.23 -3.48 -31.91
C GLU D 288 4.75 -3.94 -30.54
N LEU D 289 3.89 -3.88 -29.53
CA LEU D 289 4.09 -4.35 -28.14
C LEU D 289 3.20 -5.55 -27.89
N GLN D 290 3.53 -6.39 -26.91
CA GLN D 290 2.73 -7.61 -26.63
C GLN D 290 1.48 -7.23 -25.82
N GLY D 291 0.29 -7.47 -26.40
CA GLY D 291 -0.99 -7.07 -25.81
C GLY D 291 -1.69 -8.20 -25.06
N GLY D 292 -1.18 -9.42 -25.13
CA GLY D 292 -1.92 -10.59 -24.61
C GLY D 292 -1.14 -11.88 -24.62
N ASN D 293 -1.91 -12.97 -24.52
CA ASN D 293 -1.43 -14.28 -24.05
C ASN D 293 -0.77 -15.08 -25.19
N ASN D 294 0.33 -15.78 -24.88
CA ASN D 294 0.89 -16.86 -25.71
C ASN D 294 0.25 -18.18 -25.29
N LEU D 295 -0.45 -18.84 -26.21
CA LEU D 295 -0.95 -20.21 -25.98
C LEU D 295 0.13 -21.15 -26.53
N TYR D 296 0.24 -21.29 -27.85
CA TYR D 296 1.29 -22.10 -28.53
C TYR D 296 2.45 -21.22 -29.07
N SER D 297 2.27 -19.91 -29.20
CA SER D 297 3.25 -19.01 -29.90
C SER D 297 4.32 -18.49 -28.94
N GLY D 298 5.35 -17.88 -29.52
CA GLY D 298 6.39 -17.15 -28.78
C GLY D 298 7.54 -18.07 -28.39
N ALA D 299 8.70 -17.50 -28.12
CA ALA D 299 9.89 -18.23 -27.62
C ALA D 299 9.86 -18.28 -26.09
N ASN D 300 9.52 -17.16 -25.43
CA ASN D 300 9.51 -17.00 -23.95
C ASN D 300 8.09 -16.64 -23.57
N PRO D 301 7.14 -17.61 -23.60
CA PRO D 301 5.72 -17.27 -23.58
C PRO D 301 5.30 -16.65 -22.24
N LEU D 302 4.37 -15.70 -22.31
CA LEU D 302 3.72 -15.11 -21.12
C LEU D 302 2.34 -14.54 -21.49
N CYS D 303 1.61 -14.14 -20.49
CA CYS D 303 0.50 -13.18 -20.61
C CYS D 303 0.92 -11.96 -19.79
N PRO D 304 1.13 -10.79 -20.41
CA PRO D 304 1.53 -9.60 -19.67
C PRO D 304 0.52 -9.36 -18.53
N THR D 305 1.04 -8.95 -17.36
CA THR D 305 0.19 -8.45 -16.26
C THR D 305 -0.28 -7.04 -16.57
N ALA D 306 -1.35 -6.60 -15.90
CA ALA D 306 -1.79 -5.19 -15.96
C ALA D 306 -0.58 -4.30 -15.58
N GLU D 307 0.20 -4.72 -14.58
CA GLU D 307 1.35 -3.95 -14.06
C GLU D 307 2.42 -3.79 -15.17
N GLU D 308 2.68 -4.86 -15.94
CA GLU D 308 3.67 -4.85 -17.04
C GLU D 308 3.23 -3.90 -18.16
N ILE D 309 1.94 -3.90 -18.51
CA ILE D 309 1.39 -2.97 -19.54
C ILE D 309 1.73 -1.53 -19.17
N ILE D 310 1.51 -1.18 -17.90
CA ILE D 310 1.75 0.21 -17.38
C ILE D 310 3.26 0.49 -17.39
N GLN D 311 4.07 -0.44 -16.90
CA GLN D 311 5.54 -0.33 -16.90
C GLN D 311 6.03 -0.04 -18.33
N TRP D 312 5.57 -0.80 -19.32
CA TRP D 312 6.09 -0.69 -20.71
C TRP D 312 5.68 0.65 -21.35
N LEU D 313 4.43 1.08 -21.16
CA LEU D 313 3.97 2.37 -21.74
C LEU D 313 4.76 3.54 -21.13
N TRP D 314 4.96 3.56 -19.81
CA TRP D 314 5.70 4.67 -19.16
C TRP D 314 7.17 4.65 -19.58
N ILE D 315 7.79 3.48 -19.66
CA ILE D 315 9.23 3.38 -20.05
C ILE D 315 9.37 4.00 -21.44
N ASN D 316 8.50 3.65 -22.36
CA ASN D 316 8.59 4.11 -23.77
C ASN D 316 8.37 5.63 -23.81
N PHE D 317 7.33 6.14 -23.14
CA PHE D 317 7.01 7.59 -23.17
C PHE D 317 8.16 8.38 -22.52
N ALA D 318 8.76 7.85 -21.44
CA ALA D 318 9.91 8.47 -20.74
C ALA D 318 11.13 8.51 -21.65
N THR D 319 11.15 7.66 -22.71
CA THR D 319 12.26 7.55 -23.69
C THR D 319 11.83 8.20 -25.01
N GLU D 320 10.84 9.10 -24.98
CA GLU D 320 10.44 10.04 -26.07
C GLU D 320 9.48 9.38 -27.07
N ALA D 321 8.99 8.18 -26.81
CA ALA D 321 8.04 7.50 -27.72
C ALA D 321 6.81 8.39 -27.93
N LYS D 322 6.34 8.49 -29.18
CA LYS D 322 5.13 9.26 -29.56
C LYS D 322 3.92 8.32 -29.65
N GLY D 323 4.11 7.04 -29.28
CA GLY D 323 3.00 6.06 -29.30
C GLY D 323 3.45 4.72 -28.78
N GLY D 324 2.48 3.94 -28.31
CA GLY D 324 2.58 2.50 -28.05
C GLY D 324 1.40 1.78 -28.64
N ILE D 325 1.64 0.96 -29.66
CA ILE D 325 0.59 0.13 -30.34
C ILE D 325 0.80 -1.32 -29.93
N PHE D 326 -0.23 -1.92 -29.34
CA PHE D 326 -0.22 -3.34 -28.89
C PHE D 326 -0.67 -4.25 -30.04
N TRP D 327 0.12 -5.29 -30.29
CA TRP D 327 -0.34 -6.49 -31.01
C TRP D 327 -0.95 -7.43 -29.99
N SER D 328 -2.28 -7.61 -29.94
CA SER D 328 -3.26 -7.07 -30.86
C SER D 328 -4.53 -6.70 -30.05
N PHE D 329 -5.43 -5.88 -30.60
CA PHE D 329 -6.71 -5.59 -29.92
C PHE D 329 -7.52 -6.88 -29.86
N ASN D 330 -7.80 -7.46 -31.05
CA ASN D 330 -8.58 -8.70 -31.24
C ASN D 330 -7.65 -9.78 -31.80
N ALA D 331 -8.04 -11.05 -31.74
CA ALA D 331 -7.20 -12.19 -32.14
C ALA D 331 -7.49 -12.66 -33.57
N ARG D 332 -6.45 -13.22 -34.19
CA ARG D 332 -6.59 -14.10 -35.37
C ARG D 332 -7.49 -15.28 -34.98
N SER D 333 -8.21 -15.91 -35.93
CA SER D 333 -9.18 -17.00 -35.61
C SER D 333 -8.67 -18.38 -36.02
N THR D 334 -7.70 -18.51 -36.93
CA THR D 334 -7.32 -19.81 -37.52
C THR D 334 -5.81 -20.06 -37.42
N ALA D 335 -5.44 -21.23 -36.93
CA ALA D 335 -4.06 -21.78 -36.96
C ALA D 335 -3.13 -20.85 -36.15
N ALA D 336 -2.04 -20.39 -36.73
CA ALA D 336 -0.99 -19.64 -35.99
C ALA D 336 -1.60 -18.47 -35.23
N GLU D 337 -1.41 -18.48 -33.91
CA GLU D 337 -1.78 -17.41 -32.95
C GLU D 337 -3.31 -17.23 -32.89
N ALA D 338 -4.09 -18.27 -33.25
CA ALA D 338 -5.56 -18.22 -33.13
C ALA D 338 -5.94 -18.02 -31.64
N GLY D 339 -6.67 -16.93 -31.34
CA GLY D 339 -7.13 -16.58 -29.98
C GLY D 339 -5.96 -16.19 -29.07
N GLU D 340 -4.81 -15.80 -29.64
CA GLU D 340 -3.61 -15.41 -28.88
C GLU D 340 -3.38 -13.91 -29.05
N TRP D 341 -2.62 -13.30 -28.12
CA TRP D 341 -2.04 -11.92 -28.22
C TRP D 341 -3.08 -10.81 -27.94
N ALA D 342 -4.38 -11.12 -27.79
CA ALA D 342 -5.44 -10.10 -27.81
C ALA D 342 -5.58 -9.39 -26.45
N MET D 343 -5.89 -8.09 -26.49
CA MET D 343 -6.16 -7.27 -25.29
C MET D 343 -7.60 -7.45 -24.82
N ILE D 344 -8.52 -7.76 -25.73
CA ILE D 344 -9.92 -8.10 -25.37
C ILE D 344 -9.97 -9.60 -25.10
N ASN D 345 -10.93 -10.02 -24.28
CA ASN D 345 -11.21 -11.43 -23.93
C ASN D 345 -12.11 -12.04 -25.01
N PHE D 346 -12.50 -13.30 -24.86
CA PHE D 346 -13.23 -14.03 -25.92
C PHE D 346 -14.69 -13.54 -26.00
N LYS D 347 -15.17 -12.76 -25.02
CA LYS D 347 -16.48 -12.07 -25.10
C LYS D 347 -16.31 -10.64 -25.64
N ASN D 348 -15.12 -10.30 -26.15
CA ASN D 348 -14.86 -8.97 -26.80
C ASN D 348 -15.00 -7.85 -25.76
N LYS D 349 -14.74 -8.14 -24.49
CA LYS D 349 -14.69 -7.14 -23.40
C LYS D 349 -13.24 -6.97 -22.92
N SER D 350 -13.01 -5.94 -22.11
CA SER D 350 -11.68 -5.55 -21.61
C SER D 350 -11.07 -6.64 -20.71
N SER D 351 -9.86 -7.11 -21.01
CA SER D 351 -8.99 -7.79 -20.01
C SER D 351 -8.42 -6.72 -19.09
N ASP D 352 -7.70 -7.13 -18.04
CA ASP D 352 -7.05 -6.19 -17.11
C ASP D 352 -5.94 -5.43 -17.89
N ARG D 353 -5.46 -5.97 -19.00
CA ARG D 353 -4.40 -5.32 -19.83
C ARG D 353 -5.00 -4.12 -20.57
N LEU D 354 -6.19 -4.26 -21.14
CA LEU D 354 -6.85 -3.12 -21.83
C LEU D 354 -7.27 -2.07 -20.79
N ILE D 355 -7.80 -2.47 -19.64
CA ILE D 355 -8.15 -1.54 -18.54
C ILE D 355 -6.90 -0.75 -18.14
N ALA D 356 -5.75 -1.41 -17.97
CA ALA D 356 -4.47 -0.77 -17.60
C ALA D 356 -4.05 0.21 -18.72
N ALA D 357 -4.05 -0.21 -19.98
CA ALA D 357 -3.65 0.65 -21.10
C ALA D 357 -4.56 1.90 -21.15
N ALA D 358 -5.85 1.73 -20.88
CA ALA D 358 -6.86 2.81 -20.90
C ALA D 358 -6.51 3.89 -19.85
N THR D 359 -5.96 3.51 -18.70
CA THR D 359 -5.58 4.48 -17.65
C THR D 359 -4.48 5.39 -18.21
N ILE D 360 -3.62 4.87 -19.11
CA ILE D 360 -2.47 5.67 -19.62
C ILE D 360 -2.98 6.59 -20.72
N GLY D 361 -3.87 6.12 -21.59
CA GLY D 361 -4.58 7.00 -22.54
C GLY D 361 -5.29 8.13 -21.80
N LYS D 362 -5.96 7.82 -20.70
CA LYS D 362 -6.67 8.82 -19.86
C LYS D 362 -5.67 9.82 -19.29
N PHE D 363 -4.57 9.35 -18.70
CA PHE D 363 -3.52 10.23 -18.12
C PHE D 363 -3.03 11.22 -19.18
N ILE D 364 -2.79 10.74 -20.41
CA ILE D 364 -2.31 11.62 -21.52
C ILE D 364 -3.32 12.72 -21.78
N THR D 365 -4.61 12.40 -21.92
CA THR D 365 -5.67 13.40 -22.23
C THR D 365 -5.75 14.44 -21.10
N GLU D 366 -5.44 14.05 -19.86
CA GLU D 366 -5.51 14.94 -18.66
C GLU D 366 -4.20 15.69 -18.44
N ASN D 367 -3.13 15.35 -19.18
CA ASN D 367 -1.78 15.94 -18.97
C ASN D 367 -1.14 16.21 -20.35
N VAL D 368 -1.90 16.80 -21.28
CA VAL D 368 -1.51 16.91 -22.71
C VAL D 368 -0.18 17.66 -22.85
N LYS D 369 -0.06 18.80 -22.20
CA LYS D 369 1.11 19.68 -22.42
C LYS D 369 2.39 18.97 -21.95
N MET D 370 2.36 18.39 -20.75
CA MET D 370 3.49 17.58 -20.21
C MET D 370 3.82 16.45 -21.20
N MET D 371 2.82 15.67 -21.60
CA MET D 371 3.07 14.37 -22.28
C MET D 371 3.49 14.60 -23.74
N SER D 372 3.19 15.77 -24.32
CA SER D 372 3.47 16.10 -25.75
C SER D 372 4.92 16.58 -25.95
N ASN D 373 5.63 16.90 -24.85
CA ASN D 373 6.91 17.65 -24.94
C ASN D 373 8.03 16.94 -24.18
N ILE D 374 7.90 15.62 -23.98
CA ILE D 374 8.93 14.84 -23.22
C ILE D 374 10.25 14.83 -24.00
N LYS D 375 11.32 15.18 -23.31
CA LYS D 375 12.72 15.00 -23.74
C LYS D 375 13.41 14.17 -22.66
N THR D 376 14.02 13.05 -23.05
CA THR D 376 14.76 12.20 -22.09
C THR D 376 15.86 13.07 -21.46
N LEU D 377 16.08 12.93 -20.15
CA LEU D 377 17.21 13.62 -19.49
C LEU D 377 18.45 12.76 -19.71
N ASN D 378 19.27 13.13 -20.69
CA ASN D 378 20.52 12.40 -21.01
C ASN D 378 21.51 12.64 -19.87
N SER D 379 21.93 11.57 -19.19
CA SER D 379 22.97 11.62 -18.14
C SER D 379 24.29 12.12 -18.75
N GLY D 380 24.49 11.90 -20.05
CA GLY D 380 25.81 12.05 -20.72
C GLY D 380 26.57 10.72 -20.83
N ILE D 381 25.97 9.63 -20.36
CA ILE D 381 26.52 8.25 -20.54
C ILE D 381 25.91 7.68 -21.82
N SER D 382 26.76 7.23 -22.74
CA SER D 382 26.35 6.49 -23.97
C SER D 382 27.00 5.10 -23.99
N ILE D 383 26.20 4.05 -24.02
CA ILE D 383 26.68 2.65 -24.22
C ILE D 383 26.63 2.40 -25.72
N LEU D 384 27.78 2.16 -26.35
CA LEU D 384 27.87 2.02 -27.82
C LEU D 384 28.06 0.55 -28.20
N TYR D 385 27.33 0.13 -29.22
CA TYR D 385 27.53 -1.16 -29.92
C TYR D 385 27.90 -0.84 -31.37
N ASN D 386 28.54 -1.77 -32.06
CA ASN D 386 28.72 -1.59 -33.51
C ASN D 386 28.37 -2.89 -34.26
N HIS D 387 27.89 -2.73 -35.48
CA HIS D 387 27.59 -3.86 -36.40
C HIS D 387 28.79 -4.81 -36.41
N GLU D 388 30.01 -4.28 -36.54
CA GLU D 388 31.22 -5.06 -36.88
C GLU D 388 31.61 -5.98 -35.73
N SER D 389 31.40 -5.59 -34.46
CA SER D 389 31.65 -6.48 -33.30
C SER D 389 30.70 -7.69 -33.40
N MET D 390 29.45 -7.46 -33.79
CA MET D 390 28.49 -8.58 -33.97
C MET D 390 28.96 -9.49 -35.14
N TRP D 391 29.40 -8.91 -36.23
CA TRP D 391 29.81 -9.67 -37.44
C TRP D 391 31.08 -10.49 -37.16
N VAL D 392 32.06 -9.88 -36.51
CA VAL D 392 33.32 -10.60 -36.14
C VAL D 392 32.97 -11.70 -35.15
N GLU D 393 32.13 -11.42 -34.15
CA GLU D 393 31.74 -12.47 -33.17
C GLU D 393 31.11 -13.67 -33.90
N ALA D 394 30.23 -13.44 -34.86
CA ALA D 394 29.56 -14.53 -35.61
C ALA D 394 30.61 -15.38 -36.34
N ALA D 395 31.67 -14.77 -36.88
CA ALA D 395 32.75 -15.52 -37.57
C ALA D 395 33.58 -16.30 -36.55
N GLN D 396 33.92 -15.70 -35.40
CA GLN D 396 34.84 -16.34 -34.41
C GLN D 396 34.14 -17.44 -33.61
N THR D 397 32.84 -17.32 -33.35
CA THR D 397 32.10 -18.33 -32.54
C THR D 397 31.54 -19.41 -33.47
N ARG D 398 31.68 -19.24 -34.79
CA ARG D 398 31.14 -20.17 -35.83
C ARG D 398 29.64 -20.42 -35.55
N GLY D 399 28.92 -19.42 -35.03
CA GLY D 399 27.47 -19.46 -34.81
C GLY D 399 27.05 -20.31 -33.60
N LYS D 400 27.95 -20.65 -32.67
CA LYS D 400 27.54 -21.51 -31.51
C LYS D 400 26.64 -20.70 -30.55
N LEU D 401 25.74 -21.40 -29.88
CA LEU D 401 24.59 -20.87 -29.10
C LEU D 401 24.64 -21.49 -27.71
N ASN D 402 25.82 -21.43 -27.07
CA ASN D 402 26.09 -22.02 -25.71
C ASN D 402 25.84 -20.98 -24.61
N GLY D 403 25.33 -19.79 -24.96
CA GLY D 403 24.97 -18.70 -24.02
C GLY D 403 26.15 -18.08 -23.24
N ASN D 404 27.43 -18.28 -23.64
CA ASN D 404 28.61 -17.69 -22.96
C ASN D 404 29.33 -16.67 -23.90
N GLY D 405 30.51 -16.17 -23.51
CA GLY D 405 31.33 -15.28 -24.34
C GLY D 405 31.77 -15.94 -25.64
N ARG D 406 31.80 -17.27 -25.68
CA ARG D 406 32.19 -18.06 -26.90
C ARG D 406 30.97 -18.37 -27.76
N SER D 407 29.88 -17.63 -27.61
CA SER D 407 28.61 -17.82 -28.35
C SER D 407 28.13 -16.49 -28.95
N ILE D 408 27.29 -16.59 -29.96
CA ILE D 408 26.55 -15.44 -30.54
C ILE D 408 25.81 -14.75 -29.40
N GLY D 409 25.94 -13.43 -29.29
CA GLY D 409 25.09 -12.63 -28.38
C GLY D 409 25.91 -11.93 -27.29
N ALA D 410 27.14 -12.37 -27.02
CA ALA D 410 27.96 -11.79 -25.93
C ALA D 410 28.21 -10.29 -26.20
N VAL D 411 28.42 -9.91 -27.46
CA VAL D 411 28.70 -8.49 -27.82
C VAL D 411 27.46 -7.61 -27.59
N MET D 412 26.24 -8.16 -27.52
CA MET D 412 25.05 -7.36 -27.11
C MET D 412 24.75 -7.57 -25.61
N CYS D 413 24.91 -8.76 -25.07
CA CYS D 413 24.62 -9.03 -23.63
C CYS D 413 25.58 -8.22 -22.73
N SER D 414 26.82 -7.99 -23.16
CA SER D 414 27.83 -7.22 -22.37
C SER D 414 27.36 -5.77 -22.21
N PRO D 415 27.10 -4.99 -23.28
CA PRO D 415 26.62 -3.63 -23.10
C PRO D 415 25.25 -3.55 -22.40
N LEU D 416 24.36 -4.51 -22.65
CA LEU D 416 23.05 -4.59 -21.95
C LEU D 416 23.26 -4.76 -20.43
N SER D 417 24.33 -5.44 -20.02
CA SER D 417 24.65 -5.68 -18.59
C SER D 417 25.10 -4.37 -17.93
N TYR D 418 25.93 -3.57 -18.60
CA TYR D 418 26.26 -2.20 -18.14
C TYR D 418 24.98 -1.38 -18.03
N PHE D 419 24.12 -1.51 -19.04
CA PHE D 419 22.84 -0.77 -19.09
C PHE D 419 22.02 -1.12 -17.85
N GLU D 420 21.95 -2.40 -17.51
CA GLU D 420 21.19 -2.89 -16.33
C GLU D 420 21.82 -2.31 -15.05
N ALA D 421 23.13 -2.35 -14.91
CA ALA D 421 23.85 -1.86 -13.71
C ALA D 421 23.50 -0.38 -13.48
N LEU D 422 23.50 0.41 -14.55
CA LEU D 422 23.18 1.84 -14.49
C LEU D 422 21.69 2.05 -14.19
N SER D 423 20.79 1.24 -14.78
CA SER D 423 19.34 1.28 -14.49
C SER D 423 19.12 1.05 -12.99
N GLU D 424 19.88 0.12 -12.41
CA GLU D 424 19.77 -0.27 -10.97
C GLU D 424 20.47 0.79 -10.10
N THR D 425 21.09 1.79 -10.71
CA THR D 425 21.66 2.99 -10.02
C THR D 425 20.75 4.19 -10.24
N GLY D 426 19.66 4.02 -11.00
CA GLY D 426 18.70 5.09 -11.35
C GLY D 426 19.28 6.10 -12.31
N LEU D 427 20.29 5.72 -13.10
CA LEU D 427 20.93 6.59 -14.11
C LEU D 427 20.45 6.20 -15.52
N GLN D 428 20.00 7.19 -16.27
CA GLN D 428 19.75 7.09 -17.73
C GLN D 428 21.07 6.77 -18.44
N ALA D 429 21.01 5.97 -19.50
CA ALA D 429 22.13 5.75 -20.42
C ALA D 429 21.58 5.61 -21.84
N ASN D 430 22.24 6.23 -22.80
CA ASN D 430 21.94 6.01 -24.25
C ASN D 430 22.41 4.59 -24.60
N PHE D 431 21.76 3.99 -25.60
CA PHE D 431 22.16 2.71 -26.20
C PHE D 431 22.15 2.96 -27.72
N LYS D 432 23.35 3.03 -28.32
CA LYS D 432 23.54 3.63 -29.65
C LYS D 432 24.49 2.79 -30.49
N GLU D 433 24.22 2.68 -31.78
CA GLU D 433 25.23 2.18 -32.75
C GLU D 433 26.33 3.24 -32.84
N ILE D 434 27.58 2.84 -33.02
CA ILE D 434 28.73 3.80 -32.93
C ILE D 434 28.54 4.94 -33.94
N LYS D 435 27.96 4.68 -35.12
CA LYS D 435 27.79 5.72 -36.17
C LYS D 435 26.68 6.70 -35.79
N GLU D 436 25.85 6.39 -34.79
CA GLU D 436 24.77 7.29 -34.32
C GLU D 436 25.31 8.27 -33.27
N PHE D 437 26.53 8.07 -32.79
CA PHE D 437 27.18 8.98 -31.80
C PHE D 437 27.84 10.15 -32.57
N ASP D 438 27.60 11.37 -32.10
CA ASP D 438 28.18 12.58 -32.74
C ASP D 438 29.61 12.78 -32.21
N PHE D 439 30.62 12.44 -33.01
CA PHE D 439 32.05 12.56 -32.68
C PHE D 439 32.64 13.89 -33.16
N SER D 440 31.82 14.84 -33.62
CA SER D 440 32.28 16.06 -34.34
C SER D 440 32.43 17.27 -33.39
N LEU D 441 32.08 17.14 -32.10
CA LEU D 441 32.03 18.30 -31.17
C LEU D 441 33.45 18.68 -30.71
N ASN D 442 33.56 19.84 -30.08
CA ASN D 442 34.83 20.49 -29.65
C ASN D 442 35.13 20.16 -28.19
N ASP D 443 34.11 19.76 -27.43
CA ASP D 443 34.20 19.60 -25.96
C ASP D 443 33.34 18.39 -25.57
N TYR D 444 33.90 17.44 -24.81
CA TYR D 444 33.21 16.23 -24.31
C TYR D 444 33.41 16.10 -22.79
N THR D 445 33.78 17.22 -22.15
CA THR D 445 33.79 17.35 -20.67
C THR D 445 32.50 16.73 -20.13
N ASP D 446 32.61 15.93 -19.08
CA ASP D 446 31.41 15.35 -18.40
C ASP D 446 30.58 14.42 -19.33
N GLN D 447 31.10 13.99 -20.49
CA GLN D 447 30.44 12.91 -21.29
C GLN D 447 31.17 11.58 -21.06
N VAL D 448 30.45 10.45 -21.14
CA VAL D 448 31.01 9.09 -20.88
C VAL D 448 30.59 8.16 -22.03
N ILE D 449 31.55 7.45 -22.61
CA ILE D 449 31.29 6.34 -23.55
C ILE D 449 31.70 5.04 -22.86
N ILE D 450 30.82 4.05 -22.87
CA ILE D 450 31.12 2.66 -22.45
C ILE D 450 31.19 1.78 -23.70
N LEU D 451 32.35 1.17 -23.93
CA LEU D 451 32.58 0.13 -24.99
C LEU D 451 32.84 -1.19 -24.27
N SER D 452 31.78 -1.98 -24.10
CA SER D 452 31.78 -3.24 -23.33
C SER D 452 31.80 -4.41 -24.30
N HIS D 453 32.95 -5.07 -24.42
CA HIS D 453 33.14 -6.28 -25.26
C HIS D 453 32.72 -5.95 -26.70
N GLN D 454 33.08 -4.77 -27.19
CA GLN D 454 32.93 -4.41 -28.61
C GLN D 454 34.22 -4.84 -29.30
N ILE D 455 34.28 -6.10 -29.70
CA ILE D 455 35.53 -6.83 -30.04
C ILE D 455 36.15 -6.30 -31.34
N ALA D 456 35.42 -5.56 -32.17
CA ALA D 456 35.94 -5.01 -33.45
C ALA D 456 35.88 -3.49 -33.45
N LEU D 457 37.05 -2.85 -33.63
CA LEU D 457 37.19 -1.37 -33.80
C LEU D 457 38.23 -1.14 -34.89
N ASP D 458 37.97 -0.21 -35.82
CA ASP D 458 38.93 0.12 -36.91
C ASP D 458 39.67 1.43 -36.58
N ASN D 459 40.66 1.77 -37.40
CA ASN D 459 41.54 2.94 -37.19
C ASN D 459 40.68 4.21 -37.14
N LYS D 460 39.67 4.32 -38.01
CA LYS D 460 38.80 5.51 -38.10
C LYS D 460 38.09 5.74 -36.76
N VAL D 461 37.46 4.70 -36.21
CA VAL D 461 36.71 4.85 -34.93
C VAL D 461 37.71 5.10 -33.80
N ILE D 462 38.89 4.49 -33.82
CA ILE D 462 39.92 4.72 -32.75
C ILE D 462 40.32 6.22 -32.77
N LYS D 463 40.52 6.84 -33.93
CA LYS D 463 40.81 8.29 -34.03
C LYS D 463 39.64 9.08 -33.42
N GLN D 464 38.41 8.68 -33.70
CA GLN D 464 37.22 9.38 -33.12
C GLN D 464 37.24 9.27 -31.60
N LEU D 465 37.60 8.09 -31.06
CA LEU D 465 37.64 7.87 -29.59
C LEU D 465 38.79 8.70 -28.99
N GLU D 466 39.94 8.77 -29.67
CA GLU D 466 41.09 9.61 -29.26
C GLU D 466 40.63 11.08 -29.13
N SER D 467 39.96 11.59 -30.14
CA SER D 467 39.41 12.98 -30.18
C SER D 467 38.43 13.18 -29.02
N PHE D 468 37.51 12.22 -28.81
CA PHE D 468 36.50 12.28 -27.74
C PHE D 468 37.20 12.42 -26.38
N VAL D 469 38.19 11.58 -26.11
CA VAL D 469 38.87 11.55 -24.79
C VAL D 469 39.73 12.81 -24.66
N GLU D 470 40.52 13.14 -25.68
CA GLU D 470 41.41 14.33 -25.67
C GLU D 470 40.60 15.58 -25.28
N LYS D 471 39.35 15.68 -25.76
CA LYS D 471 38.46 16.84 -25.56
C LYS D 471 37.66 16.70 -24.27
N GLY D 472 38.04 15.81 -23.34
CA GLY D 472 37.46 15.76 -21.98
C GLY D 472 36.58 14.54 -21.72
N GLY D 473 36.33 13.70 -22.74
CA GLY D 473 35.51 12.48 -22.61
C GLY D 473 36.13 11.47 -21.65
N THR D 474 35.28 10.70 -20.95
CA THR D 474 35.66 9.50 -20.18
C THR D 474 35.27 8.25 -20.99
N LEU D 475 36.23 7.38 -21.27
CA LEU D 475 36.01 6.11 -21.99
C LEU D 475 36.21 4.95 -21.01
N ILE D 476 35.19 4.10 -20.86
CA ILE D 476 35.24 2.84 -20.09
C ILE D 476 35.20 1.67 -21.08
N ALA D 477 36.18 0.80 -21.03
CA ALA D 477 36.28 -0.37 -21.94
C ALA D 477 36.52 -1.63 -21.13
N ASP D 478 35.68 -2.66 -21.30
CA ASP D 478 35.94 -3.98 -20.67
C ASP D 478 35.83 -5.11 -21.71
N GLY D 479 36.11 -6.34 -21.30
CA GLY D 479 36.11 -7.53 -22.16
C GLY D 479 37.10 -7.38 -23.29
N LEU D 480 36.78 -7.96 -24.44
CA LEU D 480 37.72 -8.01 -25.58
C LEU D 480 37.55 -6.79 -26.49
N THR D 481 37.06 -5.66 -25.98
CA THR D 481 36.94 -4.40 -26.77
C THR D 481 38.27 -4.16 -27.53
N GLY D 482 38.19 -3.98 -28.85
CA GLY D 482 39.31 -3.61 -29.73
C GLY D 482 40.32 -4.73 -29.98
N TYR D 483 39.99 -5.98 -29.66
CA TYR D 483 40.89 -7.13 -29.91
C TYR D 483 41.11 -7.31 -31.42
N TYR D 484 40.07 -7.06 -32.23
CA TYR D 484 40.07 -7.20 -33.70
C TYR D 484 39.76 -5.85 -34.34
N ASP D 485 40.17 -5.71 -35.60
CA ASP D 485 39.70 -4.62 -36.49
C ASP D 485 38.48 -5.10 -37.29
N TYR D 486 38.04 -4.31 -38.26
CA TYR D 486 36.80 -4.58 -39.02
C TYR D 486 37.03 -5.68 -40.05
N GLN D 487 38.28 -6.16 -40.21
CA GLN D 487 38.64 -7.29 -41.08
C GLN D 487 38.98 -8.55 -40.27
N ALA D 488 38.63 -8.58 -38.98
CA ALA D 488 38.91 -9.70 -38.05
C ALA D 488 40.42 -9.91 -37.90
N HIS D 489 41.21 -8.89 -38.23
CA HIS D 489 42.67 -8.89 -37.99
C HIS D 489 42.91 -8.35 -36.57
N SER D 490 43.65 -9.09 -35.75
CA SER D 490 43.93 -8.69 -34.35
C SER D 490 45.18 -7.82 -34.31
N THR D 491 45.03 -6.51 -34.09
CA THR D 491 46.19 -5.61 -33.88
C THR D 491 46.85 -5.92 -32.54
N VAL D 492 46.16 -6.65 -31.63
CA VAL D 492 46.80 -7.15 -30.39
C VAL D 492 48.00 -8.02 -30.79
N VAL D 493 47.90 -8.75 -31.90
CA VAL D 493 49.01 -9.62 -32.41
C VAL D 493 50.02 -8.78 -33.21
N SER D 494 49.56 -7.93 -34.14
CA SER D 494 50.43 -7.26 -35.15
C SER D 494 51.00 -5.92 -34.66
N GLY D 495 50.42 -5.29 -33.63
CA GLY D 495 50.79 -3.95 -33.16
C GLY D 495 49.55 -3.16 -32.75
N PHE D 496 49.28 -3.09 -31.45
CA PHE D 496 47.96 -2.77 -30.85
C PHE D 496 47.55 -1.34 -31.22
N ALA D 497 46.42 -1.18 -31.92
CA ALA D 497 45.96 0.11 -32.45
C ALA D 497 45.50 1.02 -31.31
N LEU D 498 45.07 0.47 -30.17
CA LEU D 498 44.59 1.26 -29.01
C LEU D 498 45.73 1.55 -28.01
N GLU D 499 46.99 1.23 -28.32
CA GLU D 499 48.12 1.43 -27.37
C GLU D 499 48.19 2.92 -26.96
N ASN D 500 48.12 3.81 -27.94
CA ASN D 500 48.21 5.28 -27.72
C ASN D 500 47.10 5.70 -26.75
N LEU D 501 45.83 5.38 -27.05
CA LEU D 501 44.69 5.84 -26.22
C LEU D 501 44.73 5.20 -24.83
N PHE D 502 45.11 3.93 -24.72
CA PHE D 502 45.02 3.16 -23.46
C PHE D 502 46.29 3.35 -22.62
N GLY D 503 47.37 3.86 -23.22
CA GLY D 503 48.66 4.04 -22.53
C GLY D 503 49.19 2.72 -21.97
N SER D 504 48.94 1.62 -22.69
CA SER D 504 49.14 0.24 -22.19
C SER D 504 48.97 -0.74 -23.34
N TYR D 505 49.30 -2.00 -23.09
CA TYR D 505 49.40 -3.07 -24.10
C TYR D 505 48.92 -4.36 -23.47
N PRO D 506 48.09 -5.19 -24.16
CA PRO D 506 47.71 -6.48 -23.62
C PRO D 506 48.94 -7.39 -23.51
N ILE D 507 48.95 -8.27 -22.52
CA ILE D 507 50.02 -9.28 -22.33
C ILE D 507 49.44 -10.67 -22.68
N GLU D 508 48.42 -11.10 -21.95
CA GLU D 508 47.77 -12.42 -22.16
C GLU D 508 46.28 -12.34 -21.87
N TYR D 509 45.56 -13.27 -22.47
CA TYR D 509 44.27 -13.81 -21.99
C TYR D 509 44.46 -15.25 -21.56
N LYS D 510 43.84 -15.61 -20.44
CA LYS D 510 43.82 -16.98 -19.91
C LYS D 510 42.38 -17.31 -19.60
N ILE D 511 41.87 -18.37 -20.21
CA ILE D 511 40.48 -18.81 -19.99
C ILE D 511 40.41 -19.39 -18.57
N LYS D 512 39.34 -19.06 -17.86
CA LYS D 512 38.99 -19.52 -16.49
C LYS D 512 37.60 -20.16 -16.55
N GLU D 513 36.87 -20.21 -15.45
CA GLU D 513 35.50 -20.78 -15.43
C GLU D 513 34.52 -19.70 -15.94
N ASN D 514 33.27 -20.08 -16.15
CA ASN D 514 32.19 -19.14 -16.58
C ASN D 514 32.09 -17.96 -15.59
N LEU D 515 32.37 -18.19 -14.32
CA LEU D 515 32.35 -17.12 -13.28
C LEU D 515 33.63 -17.22 -12.43
N PHE D 516 34.41 -16.16 -12.39
CA PHE D 516 35.57 -16.05 -11.46
C PHE D 516 35.55 -14.63 -10.87
N SER D 517 36.42 -14.38 -9.89
CA SER D 517 36.53 -13.09 -9.17
C SER D 517 37.83 -12.38 -9.56
N LEU D 518 37.78 -11.14 -9.97
CA LEU D 518 38.99 -10.26 -10.03
C LEU D 518 39.10 -9.52 -8.71
N ASP D 519 40.12 -9.85 -7.92
CA ASP D 519 40.33 -9.31 -6.55
C ASP D 519 41.44 -8.25 -6.62
N PHE D 520 41.05 -6.97 -6.60
CA PHE D 520 42.00 -5.84 -6.72
C PHE D 520 42.88 -5.82 -5.46
N GLU D 521 44.13 -5.37 -5.63
CA GLU D 521 45.04 -4.95 -4.53
C GLU D 521 44.31 -3.96 -3.60
N LYS D 522 44.48 -4.17 -2.31
CA LYS D 522 43.93 -3.32 -1.22
C LYS D 522 42.42 -3.48 -1.07
N ASP D 523 41.80 -4.53 -1.63
CA ASP D 523 40.39 -4.96 -1.38
C ASP D 523 39.39 -3.91 -1.86
N ASN D 524 39.85 -2.96 -2.69
CA ASN D 524 39.03 -1.84 -3.26
C ASN D 524 37.79 -2.40 -3.97
N TYR D 525 37.88 -3.62 -4.55
CA TYR D 525 36.84 -4.25 -5.38
C TYR D 525 37.14 -5.77 -5.45
N LYS D 526 36.06 -6.56 -5.43
CA LYS D 526 36.02 -7.96 -5.93
C LYS D 526 34.97 -8.01 -7.04
N LEU D 527 35.43 -7.93 -8.29
CA LEU D 527 34.54 -7.87 -9.47
C LEU D 527 34.29 -9.25 -10.01
N PRO D 528 33.01 -9.68 -10.13
CA PRO D 528 32.68 -10.86 -10.92
C PRO D 528 33.18 -10.68 -12.36
N ALA D 529 33.74 -11.74 -12.95
CA ALA D 529 34.27 -11.73 -14.32
C ALA D 529 33.87 -13.05 -15.01
N HIS D 530 33.67 -12.97 -16.32
CA HIS D 530 33.23 -14.13 -17.15
C HIS D 530 34.36 -14.60 -18.06
N LEU D 531 34.73 -15.86 -17.92
CA LEU D 531 35.40 -16.73 -18.94
C LEU D 531 36.90 -16.43 -19.10
N TRP D 532 37.30 -15.18 -19.37
CA TRP D 532 38.71 -14.87 -19.73
C TRP D 532 39.28 -13.83 -18.76
N LYS D 533 40.48 -14.09 -18.22
CA LYS D 533 41.24 -13.09 -17.46
C LYS D 533 42.25 -12.41 -18.38
N GLY D 534 42.12 -11.09 -18.54
CA GLY D 534 43.06 -10.24 -19.30
C GLY D 534 44.15 -9.67 -18.38
N THR D 535 45.40 -9.71 -18.81
CA THR D 535 46.55 -9.03 -18.14
C THR D 535 47.17 -8.08 -19.16
N ILE D 536 47.76 -6.98 -18.67
CA ILE D 536 48.27 -5.87 -19.52
C ILE D 536 49.63 -5.42 -18.95
N GLU D 537 50.30 -4.59 -19.73
CA GLU D 537 51.52 -3.83 -19.30
C GLU D 537 51.26 -2.36 -19.56
N THR D 538 51.45 -1.50 -18.55
CA THR D 538 51.27 -0.04 -18.68
C THR D 538 52.58 0.60 -19.15
N SER D 539 52.47 1.65 -19.96
CA SER D 539 53.55 2.63 -20.24
C SER D 539 53.12 3.94 -19.59
N LYS D 540 52.22 4.70 -20.22
CA LYS D 540 51.75 6.02 -19.73
C LYS D 540 50.62 5.84 -18.69
N ALA D 541 49.87 4.74 -18.72
CA ALA D 541 48.70 4.56 -17.82
C ALA D 541 49.19 4.18 -16.41
N THR D 542 48.34 4.38 -15.41
CA THR D 542 48.54 3.93 -14.02
C THR D 542 48.03 2.49 -13.90
N PRO D 543 48.90 1.52 -13.55
CA PRO D 543 48.47 0.13 -13.45
C PRO D 543 47.62 -0.12 -12.21
N ILE D 544 46.67 -1.06 -12.33
CA ILE D 544 45.84 -1.61 -11.22
C ILE D 544 46.14 -3.10 -11.12
N MET D 545 46.61 -3.54 -9.97
CA MET D 545 47.12 -4.91 -9.75
C MET D 545 46.05 -5.69 -8.97
N ASP D 546 46.07 -7.02 -9.13
CA ASP D 546 45.17 -7.93 -8.38
C ASP D 546 46.00 -8.58 -7.28
N LYS D 547 45.38 -9.38 -6.43
CA LYS D 547 46.04 -9.98 -5.24
C LYS D 547 47.06 -11.05 -5.67
N GLU D 548 47.07 -11.48 -6.94
CA GLU D 548 48.09 -12.42 -7.45
C GLU D 548 49.27 -11.66 -8.03
N GLY D 549 49.28 -10.32 -7.93
CA GLY D 549 50.38 -9.49 -8.45
C GLY D 549 50.36 -9.36 -9.97
N GLU D 550 49.22 -9.57 -10.63
CA GLU D 550 49.09 -9.38 -12.11
C GLU D 550 48.42 -8.03 -12.40
N CYS D 551 48.76 -7.40 -13.51
CA CYS D 551 48.14 -6.12 -13.90
C CYS D 551 46.86 -6.38 -14.69
N ILE D 552 45.69 -6.05 -14.13
CA ILE D 552 44.35 -6.44 -14.68
C ILE D 552 43.56 -5.24 -15.18
N ALA D 553 44.08 -4.01 -15.02
CA ALA D 553 43.36 -2.80 -15.44
C ALA D 553 44.28 -1.58 -15.37
N CYS D 554 43.82 -0.45 -15.90
CA CYS D 554 44.59 0.80 -15.83
C CYS D 554 43.68 2.00 -16.07
N ILE D 555 44.15 3.16 -15.64
CA ILE D 555 43.56 4.49 -15.92
C ILE D 555 44.60 5.30 -16.69
N ASN D 556 44.24 5.75 -17.89
CA ASN D 556 45.12 6.60 -18.71
C ASN D 556 44.54 8.00 -18.73
N GLN D 557 45.34 9.01 -18.42
CA GLN D 557 45.00 10.44 -18.63
C GLN D 557 45.40 10.75 -20.07
N TYR D 558 44.46 11.16 -20.89
CA TYR D 558 44.72 11.40 -22.33
C TYR D 558 44.11 12.75 -22.69
N GLY D 559 44.96 13.76 -22.92
CA GLY D 559 44.50 15.16 -23.00
C GLY D 559 43.71 15.51 -21.75
N LYS D 560 42.51 16.05 -21.91
CA LYS D 560 41.64 16.47 -20.77
C LYS D 560 40.77 15.30 -20.29
N GLY D 561 40.77 14.16 -20.96
CA GLY D 561 39.86 13.05 -20.60
C GLY D 561 40.58 11.90 -19.90
N LYS D 562 39.85 10.81 -19.69
CA LYS D 562 40.36 9.60 -19.00
C LYS D 562 39.89 8.32 -19.70
N VAL D 563 40.69 7.28 -19.60
CA VAL D 563 40.34 5.90 -20.04
C VAL D 563 40.45 5.00 -18.83
N PHE D 564 39.40 4.22 -18.56
CA PHE D 564 39.47 3.05 -17.67
C PHE D 564 39.34 1.81 -18.55
N TRP D 565 40.36 0.96 -18.53
CA TRP D 565 40.44 -0.28 -19.36
C TRP D 565 40.63 -1.46 -18.42
N ILE D 566 39.74 -2.42 -18.54
CA ILE D 566 39.83 -3.70 -17.79
C ILE D 566 39.48 -4.82 -18.79
N PRO D 567 40.49 -5.46 -19.41
CA PRO D 567 40.24 -6.42 -20.48
C PRO D 567 39.63 -7.76 -20.10
N SER D 568 39.19 -7.97 -18.87
CA SER D 568 38.34 -9.14 -18.49
C SER D 568 36.87 -8.74 -18.66
N PRO D 569 35.96 -9.66 -19.03
CA PRO D 569 34.55 -9.29 -19.15
C PRO D 569 33.84 -9.16 -17.79
N ILE D 570 33.79 -7.94 -17.26
CA ILE D 570 33.19 -7.68 -15.92
C ILE D 570 31.69 -7.42 -16.08
N ALA D 571 31.23 -6.80 -17.17
CA ALA D 571 29.79 -6.70 -17.45
C ALA D 571 29.19 -8.11 -17.61
N LEU D 572 29.85 -9.00 -18.36
CA LEU D 572 29.35 -10.39 -18.49
C LEU D 572 29.51 -11.15 -17.17
N GLY D 573 30.48 -10.78 -16.34
CA GLY D 573 30.64 -11.37 -14.99
C GLY D 573 29.45 -11.00 -14.12
N ALA D 574 29.02 -9.75 -14.16
CA ALA D 574 27.80 -9.28 -13.47
C ALA D 574 26.59 -10.10 -13.96
N ARG D 575 26.44 -10.25 -15.29
CA ARG D 575 25.35 -11.06 -15.88
C ARG D 575 25.37 -12.50 -15.33
N GLU D 576 26.54 -13.13 -15.37
CA GLU D 576 26.68 -14.55 -14.99
C GLU D 576 26.41 -14.72 -13.50
N SER D 577 26.87 -13.79 -12.67
CA SER D 577 26.70 -13.85 -11.20
C SER D 577 25.29 -13.37 -10.80
N LYS D 578 24.51 -12.82 -11.74
CA LYS D 578 23.18 -12.22 -11.45
C LYS D 578 23.30 -11.15 -10.37
N ASP D 579 24.39 -10.39 -10.39
CA ASP D 579 24.69 -9.35 -9.39
C ASP D 579 25.40 -8.20 -10.07
N PHE D 580 24.71 -7.08 -10.23
CA PHE D 580 25.23 -5.86 -10.92
C PHE D 580 25.78 -4.83 -9.90
N SER D 581 25.82 -5.15 -8.62
CA SER D 581 26.11 -4.17 -7.53
C SER D 581 27.53 -3.66 -7.66
N GLU D 582 28.52 -4.54 -7.84
CA GLU D 582 29.93 -4.12 -7.93
C GLU D 582 30.17 -3.35 -9.22
N LEU D 583 29.56 -3.77 -10.33
CA LEU D 583 29.68 -3.04 -11.62
C LEU D 583 29.10 -1.63 -11.44
N SER D 584 27.96 -1.49 -10.77
CA SER D 584 27.35 -0.19 -10.42
C SER D 584 28.37 0.68 -9.65
N LYS D 585 28.89 0.16 -8.55
CA LYS D 585 29.81 0.92 -7.65
C LYS D 585 31.04 1.38 -8.44
N LEU D 586 31.70 0.48 -9.17
CA LEU D 586 32.91 0.82 -9.97
C LEU D 586 32.57 1.90 -10.98
N THR D 587 31.45 1.75 -11.71
CA THR D 587 31.08 2.70 -12.80
C THR D 587 30.83 4.09 -12.19
N VAL D 588 30.09 4.16 -11.08
CA VAL D 588 29.77 5.44 -10.39
C VAL D 588 31.08 6.15 -10.00
N SER D 589 32.05 5.40 -9.50
CA SER D 589 33.37 5.93 -9.06
C SER D 589 34.10 6.57 -10.24
N LEU D 590 33.77 6.20 -11.48
CA LEU D 590 34.49 6.69 -12.69
C LEU D 590 33.72 7.85 -13.36
N LEU D 591 32.49 8.14 -12.94
CA LEU D 591 31.64 9.15 -13.62
C LEU D 591 32.11 10.55 -13.21
N PRO D 592 32.15 11.52 -14.13
CA PRO D 592 32.38 12.92 -13.78
C PRO D 592 31.35 13.39 -12.74
N ASN D 593 31.79 14.22 -11.80
CA ASN D 593 30.97 14.72 -10.66
C ASN D 593 29.71 15.38 -11.21
N LYS D 594 29.81 16.12 -12.32
CA LYS D 594 28.67 16.89 -12.85
C LYS D 594 27.49 15.95 -13.13
N ILE D 595 27.76 14.72 -13.59
CA ILE D 595 26.65 13.76 -13.92
C ILE D 595 25.89 13.44 -12.62
N LEU D 596 26.60 13.13 -11.54
CA LEU D 596 25.99 12.76 -10.25
C LEU D 596 25.35 13.98 -9.58
N ASN D 597 25.89 15.19 -9.79
CA ASN D 597 25.35 16.43 -9.17
C ASN D 597 24.04 16.84 -9.85
N ASP D 598 23.94 16.73 -11.18
CA ASP D 598 22.83 17.32 -11.97
C ASP D 598 21.70 16.32 -12.27
N ASN D 599 21.92 15.01 -12.14
CA ASN D 599 20.93 13.97 -12.54
C ASN D 599 20.38 13.29 -11.30
N PRO D 600 19.05 13.23 -11.13
CA PRO D 600 18.47 12.37 -10.11
C PRO D 600 18.94 10.92 -10.37
N HIS D 601 19.32 10.23 -9.31
CA HIS D 601 19.82 8.83 -9.31
C HIS D 601 19.63 8.27 -7.91
N PHE D 602 19.91 7.00 -7.70
CA PHE D 602 19.80 6.34 -6.37
C PHE D 602 21.09 6.64 -5.59
N ASP D 603 20.97 6.79 -4.28
CA ASP D 603 22.10 7.04 -3.33
C ASP D 603 23.04 5.82 -3.34
N LYS D 604 22.54 4.66 -3.75
CA LYS D 604 23.32 3.41 -3.85
C LYS D 604 22.64 2.48 -4.86
N HIS D 605 23.25 1.33 -5.12
CA HIS D 605 22.70 0.30 -6.03
C HIS D 605 21.46 -0.32 -5.40
N TYR D 606 20.38 -0.50 -6.18
CA TYR D 606 19.18 -1.26 -5.78
C TYR D 606 18.89 -2.35 -6.81
N LYS D 607 19.03 -3.59 -6.40
CA LYS D 607 18.70 -4.79 -7.21
C LYS D 607 17.23 -4.72 -7.60
N ASP D 608 16.95 -4.88 -8.90
CA ASP D 608 15.59 -5.05 -9.46
C ASP D 608 14.75 -3.78 -9.25
N VAL D 609 15.39 -2.61 -9.20
CA VAL D 609 14.68 -1.31 -9.26
C VAL D 609 15.28 -0.52 -10.41
N MET D 610 14.46 0.22 -11.13
CA MET D 610 14.98 1.12 -12.19
C MET D 610 14.43 2.52 -11.99
N MET D 611 15.20 3.50 -12.46
CA MET D 611 14.74 4.90 -12.60
C MET D 611 15.41 5.51 -13.82
N LYS D 612 14.62 6.30 -14.54
CA LYS D 612 15.05 7.13 -15.68
C LYS D 612 14.31 8.46 -15.54
N SER D 613 15.00 9.56 -15.85
CA SER D 613 14.43 10.91 -15.68
C SER D 613 14.20 11.55 -17.06
N PHE D 614 13.27 12.47 -17.12
CA PHE D 614 12.94 13.24 -18.34
C PHE D 614 12.49 14.66 -17.98
N LYS D 615 12.41 15.51 -18.98
CA LYS D 615 11.96 16.92 -18.86
C LYS D 615 10.83 17.16 -19.86
N SER D 616 9.90 18.03 -19.50
CA SER D 616 8.86 18.55 -20.41
C SER D 616 8.58 20.00 -20.06
N ASN D 617 8.84 20.91 -21.01
CA ASN D 617 8.58 22.36 -20.89
C ASN D 617 9.31 22.88 -19.66
N GLY D 618 10.57 22.48 -19.44
CA GLY D 618 11.43 22.98 -18.35
C GLY D 618 11.25 22.23 -17.03
N THR D 619 10.17 21.47 -16.82
CA THR D 619 9.96 20.68 -15.57
C THR D 619 10.61 19.29 -15.68
N MET D 620 11.30 18.86 -14.61
CA MET D 620 11.97 17.55 -14.53
C MET D 620 11.03 16.54 -13.87
N TYR D 621 11.06 15.30 -14.37
CA TYR D 621 10.27 14.15 -13.86
C TYR D 621 11.18 12.94 -13.72
N SER D 622 10.80 12.00 -12.87
CA SER D 622 11.47 10.69 -12.78
C SER D 622 10.44 9.56 -12.83
N LEU D 623 10.80 8.51 -13.56
CA LEU D 623 10.05 7.23 -13.61
C LEU D 623 10.79 6.23 -12.74
N ILE D 624 10.09 5.59 -11.81
CA ILE D 624 10.67 4.56 -10.90
C ILE D 624 9.77 3.33 -11.00
N ILE D 625 10.38 2.17 -11.19
CA ILE D 625 9.68 0.86 -11.20
C ILE D 625 10.43 -0.08 -10.26
N ASN D 626 9.69 -0.77 -9.40
CA ASN D 626 10.17 -1.79 -8.46
C ASN D 626 9.81 -3.17 -9.03
N LYS D 627 10.81 -3.98 -9.37
CA LYS D 627 10.62 -5.35 -9.91
C LYS D 627 11.08 -6.39 -8.89
N SER D 628 11.48 -5.95 -7.70
CA SER D 628 11.85 -6.86 -6.58
C SER D 628 10.58 -7.45 -5.98
N ALA D 629 10.74 -8.47 -5.15
CA ALA D 629 9.64 -9.16 -4.44
C ALA D 629 9.19 -8.35 -3.20
N SER D 630 9.88 -7.27 -2.82
CA SER D 630 9.59 -6.54 -1.56
C SER D 630 9.41 -5.05 -1.80
N VAL D 631 8.65 -4.41 -0.91
CA VAL D 631 8.55 -2.94 -0.84
C VAL D 631 9.98 -2.42 -0.70
N GLN D 632 10.32 -1.37 -1.41
CA GLN D 632 11.69 -0.79 -1.39
C GLN D 632 11.55 0.67 -0.98
N THR D 633 12.50 1.17 -0.20
CA THR D 633 12.64 2.62 0.02
C THR D 633 13.89 3.08 -0.71
N VAL D 634 13.71 3.89 -1.73
CA VAL D 634 14.79 4.34 -2.63
C VAL D 634 15.09 5.80 -2.29
N ASP D 635 16.33 6.09 -1.90
CA ASP D 635 16.81 7.46 -1.59
C ASP D 635 17.28 8.10 -2.90
N ILE D 636 16.54 9.07 -3.41
CA ILE D 636 16.88 9.77 -4.67
C ILE D 636 17.70 11.02 -4.33
N VAL D 637 18.83 11.20 -5.02
CA VAL D 637 19.76 12.34 -4.83
C VAL D 637 20.16 12.83 -6.22
N GLY D 638 20.68 14.07 -6.28
CA GLY D 638 21.12 14.70 -7.54
C GLY D 638 20.00 15.51 -8.15
N GLY D 639 20.35 16.47 -9.01
CA GLY D 639 19.40 17.47 -9.53
C GLY D 639 18.83 18.31 -8.39
N LYS D 640 17.68 18.94 -8.63
CA LYS D 640 17.07 19.94 -7.74
C LYS D 640 15.56 19.68 -7.70
N GLY D 641 14.92 19.99 -6.57
CA GLY D 641 13.45 20.01 -6.45
C GLY D 641 12.96 19.01 -5.43
N LYS D 642 11.67 19.08 -5.12
CA LYS D 642 11.01 18.22 -4.10
C LYS D 642 9.99 17.33 -4.81
N ALA D 643 9.90 16.07 -4.39
CA ALA D 643 9.02 15.04 -5.01
C ALA D 643 7.55 15.42 -4.86
N PHE D 644 6.83 15.50 -5.98
CA PHE D 644 5.36 15.42 -6.01
C PHE D 644 4.97 14.17 -6.81
N ILE D 645 4.29 13.22 -6.17
CA ILE D 645 3.90 11.94 -6.85
C ILE D 645 2.71 12.24 -7.78
N LEU D 646 2.94 12.18 -9.09
CA LEU D 646 1.96 12.52 -10.15
C LEU D 646 1.23 11.24 -10.59
N PHE D 647 1.92 10.11 -10.57
CA PHE D 647 1.37 8.78 -10.96
C PHE D 647 1.95 7.74 -10.04
N ALA D 648 1.11 6.86 -9.52
CA ALA D 648 1.51 5.74 -8.65
C ALA D 648 0.38 4.71 -8.53
N ASN D 649 0.52 3.54 -9.15
CA ASN D 649 -0.64 2.62 -9.33
C ASN D 649 -0.81 1.72 -8.11
N LYS D 650 0.08 1.83 -7.10
CA LYS D 650 -0.10 1.09 -5.82
C LYS D 650 0.11 2.03 -4.62
N ASN D 651 -0.19 3.33 -4.75
CA ASN D 651 -0.22 4.31 -3.63
C ASN D 651 1.17 4.45 -2.96
N ALA D 652 2.24 4.46 -3.75
CA ALA D 652 3.60 4.88 -3.30
C ALA D 652 3.48 6.18 -2.48
N HIS D 653 4.42 6.38 -1.56
CA HIS D 653 4.55 7.66 -0.78
C HIS D 653 6.00 8.04 -0.68
N SER D 654 6.31 9.33 -0.55
CA SER D 654 7.70 9.81 -0.31
C SER D 654 7.78 10.59 1.02
N THR D 655 8.94 10.54 1.65
CA THR D 655 9.33 11.31 2.86
C THR D 655 10.65 11.97 2.50
N ALA D 656 10.67 13.29 2.35
CA ALA D 656 11.83 14.02 1.76
C ALA D 656 11.97 13.38 0.35
N ASN D 657 13.15 13.01 -0.09
CA ASN D 657 13.22 12.43 -1.46
C ASN D 657 13.50 10.92 -1.33
N LYS D 658 12.84 10.29 -0.37
CA LYS D 658 12.94 8.82 -0.13
C LYS D 658 11.59 8.22 -0.54
N LEU D 659 11.56 7.43 -1.62
CA LEU D 659 10.32 6.88 -2.22
C LEU D 659 10.12 5.44 -1.74
N THR D 660 8.98 5.18 -1.13
CA THR D 660 8.50 3.84 -0.73
C THR D 660 7.61 3.33 -1.86
N ILE D 661 8.07 2.31 -2.57
CA ILE D 661 7.43 1.83 -3.84
C ILE D 661 7.21 0.32 -3.71
N SER D 662 6.02 -0.14 -4.07
CA SER D 662 5.59 -1.54 -3.90
C SER D 662 6.08 -2.39 -5.07
N PRO D 663 6.14 -3.73 -4.89
CA PRO D 663 6.43 -4.65 -5.99
C PRO D 663 5.51 -4.41 -7.19
N GLU D 664 6.11 -4.24 -8.38
CA GLU D 664 5.45 -4.13 -9.71
C GLU D 664 4.84 -2.74 -9.91
N GLU D 665 5.04 -1.82 -8.95
CA GLU D 665 4.47 -0.46 -9.01
C GLU D 665 5.31 0.37 -9.98
N THR D 666 4.64 1.23 -10.74
CA THR D 666 5.23 2.30 -11.58
C THR D 666 4.91 3.65 -10.95
N VAL D 667 5.91 4.52 -10.77
CA VAL D 667 5.75 5.86 -10.13
C VAL D 667 6.33 6.93 -11.06
N ILE D 668 5.58 8.02 -11.26
CA ILE D 668 6.12 9.26 -11.85
C ILE D 668 6.17 10.32 -10.74
N ILE D 669 7.37 10.82 -10.49
CA ILE D 669 7.60 12.00 -9.61
C ILE D 669 7.76 13.21 -10.51
N LYS D 670 7.01 14.27 -10.21
CA LYS D 670 7.24 15.65 -10.71
C LYS D 670 8.11 16.39 -9.69
N TRP D 671 9.25 16.94 -10.11
CA TRP D 671 10.21 17.66 -9.23
C TRP D 671 9.81 19.14 -9.21
N LYS D 672 9.32 19.64 -8.07
CA LYS D 672 8.83 21.05 -7.94
C LYS D 672 9.95 21.92 -7.36
N ASN D 673 10.22 23.06 -8.02
CA ASN D 673 11.13 24.17 -7.61
C ASN D 673 12.53 23.61 -7.30
N PRO E 21 30.90 57.19 24.07
CA PRO E 21 31.06 55.76 24.44
C PRO E 21 29.78 55.21 25.05
N ALA E 22 29.49 53.91 24.83
CA ALA E 22 28.26 53.20 25.28
C ALA E 22 28.62 52.01 26.16
N GLU E 23 27.99 51.88 27.33
CA GLU E 23 28.11 50.65 28.17
C GLU E 23 27.50 49.48 27.39
N ARG E 24 28.15 48.32 27.44
CA ARG E 24 27.66 47.01 26.93
C ARG E 24 27.29 46.18 28.15
N ILE E 25 26.07 45.65 28.22
CA ILE E 25 25.66 44.80 29.37
C ILE E 25 26.50 43.52 29.33
N SER E 26 26.80 42.98 30.50
CA SER E 26 27.52 41.69 30.66
C SER E 26 26.95 40.98 31.90
N LYS E 27 27.38 39.75 32.13
CA LYS E 27 26.99 38.94 33.32
C LYS E 27 27.62 39.53 34.60
N GLN E 28 28.49 40.54 34.48
CA GLN E 28 29.14 41.24 35.62
C GLN E 28 28.56 42.64 35.83
N SER E 29 27.55 43.05 35.04
CA SER E 29 26.94 44.40 35.18
C SER E 29 26.29 44.52 36.56
N THR E 30 26.30 45.73 37.10
CA THR E 30 25.54 46.08 38.33
C THR E 30 24.06 46.11 37.92
N PRO E 31 23.19 45.34 38.57
CA PRO E 31 21.75 45.37 38.24
C PRO E 31 21.16 46.75 38.56
N PHE E 32 20.13 47.13 37.82
CA PHE E 32 19.41 48.43 38.01
C PHE E 32 17.92 48.16 38.27
N VAL E 33 17.30 49.11 38.95
CA VAL E 33 15.83 49.27 39.03
C VAL E 33 15.48 50.44 38.11
N GLY E 34 14.41 50.30 37.32
CA GLY E 34 14.02 51.33 36.34
C GLY E 34 12.54 51.33 36.10
N ALA E 35 12.09 52.24 35.26
CA ALA E 35 10.65 52.36 34.93
C ALA E 35 10.47 52.96 33.53
N GLN E 36 9.36 52.60 32.89
CA GLN E 36 8.92 53.27 31.64
C GLN E 36 8.72 54.74 31.94
N ILE E 37 9.22 55.62 31.08
CA ILE E 37 8.78 57.04 31.05
C ILE E 37 7.88 57.18 29.83
N PHE E 38 6.59 57.40 30.07
CA PHE E 38 5.58 57.43 29.00
C PHE E 38 5.52 58.86 28.44
N ILE E 39 5.96 59.00 27.19
CA ILE E 39 6.06 60.29 26.47
C ILE E 39 4.97 60.33 25.39
N GLU E 40 4.10 61.35 25.45
CA GLU E 40 3.08 61.62 24.42
C GLU E 40 2.92 63.14 24.33
N PRO E 41 2.35 63.65 23.21
CA PRO E 41 2.08 65.08 23.09
C PRO E 41 1.12 65.56 24.18
N GLY E 42 1.25 66.81 24.59
CA GLY E 42 0.41 67.47 25.61
C GLY E 42 1.14 67.64 26.91
N GLN E 43 2.11 66.78 27.22
CA GLN E 43 2.89 66.86 28.49
C GLN E 43 3.73 68.15 28.50
N THR E 44 3.97 68.74 29.67
CA THR E 44 4.83 69.94 29.83
C THR E 44 6.28 69.55 30.18
N GLN E 45 7.23 70.40 29.79
CA GLN E 45 8.65 70.33 30.22
C GLN E 45 8.73 70.12 31.74
N GLU E 46 7.96 70.89 32.51
CA GLU E 46 7.99 70.90 34.00
C GLU E 46 7.57 69.51 34.52
N GLN E 47 6.49 68.94 33.97
CA GLN E 47 5.99 67.60 34.36
C GLN E 47 7.09 66.57 34.10
N ILE E 48 7.69 66.59 32.90
CA ILE E 48 8.68 65.55 32.48
C ILE E 48 9.91 65.66 33.39
N GLU E 49 10.36 66.87 33.67
CA GLU E 49 11.51 67.08 34.58
C GLU E 49 11.19 66.52 35.98
N GLN E 50 10.01 66.81 36.53
CA GLN E 50 9.53 66.25 37.81
C GLN E 50 9.66 64.72 37.80
N TRP E 51 9.31 64.05 36.69
CA TRP E 51 9.37 62.56 36.61
C TRP E 51 10.82 62.11 36.73
N PHE E 52 11.73 62.66 35.92
CA PHE E 52 13.16 62.26 35.90
C PHE E 52 13.80 62.57 37.26
N LYS E 53 13.46 63.71 37.85
CA LYS E 53 13.98 64.10 39.19
C LYS E 53 13.60 63.04 40.22
N LEU E 54 12.32 62.65 40.27
CA LEU E 54 11.82 61.68 41.27
C LEU E 54 12.37 60.27 40.96
N LEU E 55 12.47 59.92 39.67
CA LEU E 55 13.06 58.63 39.23
C LEU E 55 14.49 58.53 39.79
N ALA E 56 15.33 59.55 39.59
CA ALA E 56 16.71 59.61 40.10
C ALA E 56 16.73 59.51 41.63
N GLU E 57 15.84 60.24 42.30
CA GLU E 57 15.78 60.26 43.79
C GLU E 57 15.27 58.92 44.32
N SER E 58 14.65 58.09 43.49
CA SER E 58 14.12 56.76 43.87
C SER E 58 15.16 55.66 43.60
N ASN E 59 16.42 56.03 43.38
CA ASN E 59 17.58 55.10 43.20
C ASN E 59 17.36 54.25 41.93
N MET E 60 16.65 54.79 40.94
CA MET E 60 16.48 54.17 39.61
C MET E 60 17.50 54.85 38.68
N THR E 61 18.19 54.07 37.85
CA THR E 61 19.27 54.57 36.96
C THR E 61 18.81 54.56 35.51
N THR E 62 17.66 53.94 35.22
CA THR E 62 17.32 53.52 33.85
C THR E 62 15.82 53.75 33.60
N CYS E 63 15.50 54.20 32.39
CA CYS E 63 14.10 54.29 31.92
C CYS E 63 13.99 53.57 30.58
N ARG E 64 12.75 53.29 30.18
CA ARG E 64 12.44 52.81 28.83
C ARG E 64 11.46 53.81 28.21
N ILE E 65 11.69 54.15 26.96
CA ILE E 65 10.86 55.15 26.23
C ILE E 65 10.44 54.52 24.91
N ARG E 66 9.14 54.55 24.66
CA ARG E 66 8.54 54.11 23.38
C ARG E 66 8.72 55.22 22.35
N MET E 67 9.51 54.98 21.31
CA MET E 67 9.91 55.99 20.29
C MET E 67 8.80 56.07 19.22
N PHE E 68 7.59 56.44 19.64
CA PHE E 68 6.38 56.42 18.78
C PHE E 68 6.65 57.15 17.45
N GLY E 69 6.66 56.42 16.33
CA GLY E 69 6.69 57.00 15.00
C GLY E 69 5.56 58.02 14.83
N LYS E 70 4.39 57.75 15.41
CA LYS E 70 3.21 58.65 15.28
C LYS E 70 3.56 60.05 15.79
N TYR E 71 4.39 60.17 16.83
CA TYR E 71 4.66 61.48 17.50
C TYR E 71 5.96 62.10 16.98
N MET E 72 6.45 61.63 15.83
CA MET E 72 7.61 62.21 15.11
C MET E 72 7.27 62.53 13.65
N LYS E 73 6.22 61.95 13.07
CA LYS E 73 5.85 62.16 11.64
C LYS E 73 5.28 63.57 11.49
N THR E 74 5.69 64.30 10.45
CA THR E 74 5.19 65.66 10.09
C THR E 74 4.29 65.53 8.86
N PRO E 75 3.43 66.54 8.60
CA PRO E 75 2.62 66.57 7.37
C PRO E 75 3.39 66.20 6.09
N SER E 76 4.63 66.68 5.96
CA SER E 76 5.45 66.57 4.73
C SER E 76 6.18 65.22 4.65
N GLY E 77 6.19 64.44 5.74
CA GLY E 77 6.83 63.10 5.78
C GLY E 77 8.24 63.12 6.34
N THR E 78 8.77 64.29 6.74
CA THR E 78 10.06 64.40 7.46
C THR E 78 9.84 63.93 8.91
N TYR E 79 10.94 63.66 9.62
CA TYR E 79 10.95 63.25 11.05
C TYR E 79 11.24 64.49 11.90
N ASP E 80 10.33 64.81 12.82
CA ASP E 80 10.55 65.82 13.89
C ASP E 80 10.80 65.05 15.20
N PHE E 81 12.00 65.15 15.75
CA PHE E 81 12.48 64.36 16.90
C PHE E 81 12.23 65.11 18.21
N THR E 82 11.68 66.33 18.16
CA THR E 82 11.59 67.30 19.30
C THR E 82 11.05 66.63 20.57
N LEU E 83 9.94 65.90 20.45
CA LEU E 83 9.25 65.35 21.65
C LEU E 83 10.20 64.41 22.39
N PHE E 84 10.96 63.62 21.66
CA PHE E 84 11.87 62.59 22.24
C PHE E 84 13.22 63.23 22.61
N ASP E 85 13.69 64.22 21.86
CA ASP E 85 14.90 65.01 22.25
C ASP E 85 14.69 65.57 23.66
N ARG E 86 13.54 66.19 23.91
CA ARG E 86 13.20 66.81 25.20
C ARG E 86 13.35 65.77 26.32
N ALA E 87 12.86 64.55 26.10
CA ALA E 87 12.88 63.48 27.12
C ALA E 87 14.31 62.96 27.28
N PHE E 88 15.03 62.66 26.19
CA PHE E 88 16.41 62.14 26.26
C PHE E 88 17.31 63.15 27.00
N LYS E 89 17.13 64.45 26.75
CA LYS E 89 17.98 65.52 27.35
C LYS E 89 17.69 65.63 28.84
N LEU E 90 16.43 65.53 29.24
CA LEU E 90 16.05 65.54 30.68
C LEU E 90 16.58 64.26 31.34
N ALA E 91 16.49 63.11 30.68
CA ALA E 91 17.08 61.86 31.21
C ALA E 91 18.58 62.09 31.46
N ASP E 92 19.29 62.63 30.47
CA ASP E 92 20.76 62.83 30.53
C ASP E 92 21.09 63.76 31.70
N LYS E 93 20.34 64.85 31.85
CA LYS E 93 20.53 65.83 32.93
C LYS E 93 20.51 65.12 34.30
N TYR E 94 19.65 64.12 34.48
CA TYR E 94 19.49 63.39 35.77
C TYR E 94 20.28 62.08 35.77
N HIS E 95 21.18 61.89 34.80
CA HIS E 95 22.08 60.72 34.67
C HIS E 95 21.27 59.43 34.54
N ILE E 96 20.16 59.48 33.81
CA ILE E 96 19.27 58.31 33.56
C ILE E 96 19.57 57.78 32.16
N LYS E 97 19.88 56.49 32.04
CA LYS E 97 20.14 55.84 30.75
C LYS E 97 18.80 55.32 30.19
N VAL E 98 18.74 55.16 28.87
CA VAL E 98 17.46 54.93 28.14
C VAL E 98 17.53 53.61 27.37
N TYR E 99 16.54 52.74 27.62
CA TYR E 99 16.13 51.66 26.69
C TYR E 99 15.13 52.29 25.73
N ALA E 100 15.47 52.35 24.44
CA ALA E 100 14.63 52.98 23.39
C ALA E 100 13.93 51.89 22.60
N THR E 101 12.59 51.86 22.64
CA THR E 101 11.81 50.85 21.90
C THR E 101 11.50 51.36 20.49
N LEU E 102 11.90 50.59 19.48
CA LEU E 102 11.50 50.83 18.07
C LEU E 102 9.99 50.54 17.96
N PHE E 103 9.22 51.57 17.65
CA PHE E 103 7.74 51.52 17.65
C PHE E 103 7.26 52.40 16.50
N PRO E 104 7.24 51.86 15.27
CA PRO E 104 6.84 52.64 14.09
C PRO E 104 5.38 53.12 14.21
N ASP E 105 5.01 54.05 13.34
CA ASP E 105 3.66 54.66 13.28
C ASP E 105 2.64 53.51 13.32
N THR E 106 1.63 53.64 14.16
CA THR E 106 0.54 52.65 14.32
C THR E 106 -0.66 53.37 14.97
N GLU E 107 -1.83 52.74 14.86
CA GLU E 107 -3.09 53.31 15.37
C GLU E 107 -2.90 53.64 16.85
N PHE E 108 -3.45 54.77 17.28
CA PHE E 108 -3.46 55.19 18.70
C PHE E 108 -4.01 54.07 19.60
N THR E 109 -5.01 53.31 19.13
CA THR E 109 -5.71 52.26 19.93
C THR E 109 -4.83 51.01 20.11
N ASP E 110 -3.70 50.90 19.41
CA ASP E 110 -2.82 49.71 19.51
C ASP E 110 -1.91 49.85 20.75
N VAL E 111 -2.28 49.24 21.86
CA VAL E 111 -1.60 49.40 23.18
C VAL E 111 -0.20 48.75 23.13
N GLY E 112 -0.07 47.60 22.49
CA GLY E 112 1.17 46.79 22.54
C GLY E 112 2.07 46.93 21.33
N GLY E 113 1.52 47.36 20.18
CA GLY E 113 2.22 47.44 18.89
C GLY E 113 1.95 46.27 17.97
N PHE E 114 2.09 46.48 16.65
CA PHE E 114 2.00 45.42 15.62
C PHE E 114 3.23 44.50 15.75
N LYS E 115 3.05 43.24 15.37
CA LYS E 115 4.04 42.16 15.62
C LYS E 115 4.81 41.86 14.33
N PHE E 116 4.25 42.18 13.16
CA PHE E 116 4.89 41.96 11.83
C PHE E 116 4.44 43.04 10.86
N PRO E 117 5.23 43.32 9.79
CA PRO E 117 4.78 44.24 8.74
C PRO E 117 3.48 43.73 8.11
N HIS E 118 2.60 44.66 7.72
CA HIS E 118 1.27 44.40 7.08
C HIS E 118 1.49 44.07 5.60
N SER E 119 2.54 44.60 4.98
CA SER E 119 2.80 44.60 3.50
C SER E 119 4.25 44.93 3.21
N ARG E 120 4.72 44.67 1.98
CA ARG E 120 6.10 45.02 1.53
C ARG E 120 6.28 46.52 1.69
N GLU E 121 5.25 47.31 1.35
CA GLU E 121 5.33 48.78 1.44
C GLU E 121 5.43 49.20 2.91
N HIS E 122 4.69 48.54 3.80
CA HIS E 122 4.81 48.79 5.26
C HIS E 122 6.23 48.44 5.72
N GLN E 123 6.80 47.35 5.23
CA GLN E 123 8.20 46.97 5.59
C GLN E 123 9.15 48.11 5.22
N LYS E 124 8.96 48.74 4.05
CA LYS E 124 9.81 49.87 3.59
C LYS E 124 9.61 51.07 4.53
N GLU E 125 8.40 51.32 5.02
CA GLU E 125 8.15 52.43 5.96
C GLU E 125 8.90 52.13 7.27
N VAL E 126 8.92 50.88 7.70
CA VAL E 126 9.66 50.50 8.95
C VAL E 126 11.16 50.72 8.72
N GLU E 127 11.71 50.34 7.56
CA GLU E 127 13.14 50.56 7.19
C GLU E 127 13.49 52.05 7.34
N ASP E 128 12.63 52.92 6.81
CA ASP E 128 12.80 54.39 6.84
C ASP E 128 12.76 54.87 8.30
N TYR E 129 11.79 54.37 9.08
CA TYR E 129 11.65 54.71 10.52
C TYR E 129 12.94 54.35 11.25
N ILE E 130 13.46 53.15 11.05
CA ILE E 130 14.68 52.68 11.76
C ILE E 130 15.87 53.58 11.37
N LYS E 131 16.08 53.81 10.08
CA LYS E 131 17.18 54.68 9.56
C LYS E 131 17.16 56.00 10.31
N ASN E 132 16.02 56.68 10.32
CA ASN E 132 15.86 58.04 10.89
C ASN E 132 16.05 57.99 12.41
N VAL E 133 15.38 57.08 13.11
CA VAL E 133 15.35 57.08 14.60
C VAL E 133 16.72 56.61 15.13
N VAL E 134 17.27 55.53 14.57
CA VAL E 134 18.56 54.99 15.08
C VAL E 134 19.69 56.00 14.74
N SER E 135 19.73 56.56 13.54
CA SER E 135 20.77 57.52 13.11
C SER E 135 20.79 58.71 14.09
N HIS E 136 19.62 59.21 14.48
CA HIS E 136 19.50 60.38 15.40
C HIS E 136 19.81 59.97 16.85
N PHE E 137 19.10 59.00 17.43
CA PHE E 137 19.14 58.80 18.90
C PHE E 137 20.39 58.01 19.31
N SER E 138 21.07 57.33 18.38
CA SER E 138 22.34 56.61 18.65
C SER E 138 23.40 57.59 19.16
N GLN E 139 23.21 58.89 18.91
CA GLN E 139 24.20 59.98 19.21
C GLN E 139 24.07 60.42 20.66
N TYR E 140 23.00 60.05 21.38
CA TYR E 140 22.86 60.40 22.82
C TYR E 140 23.77 59.49 23.65
N LYS E 141 24.56 60.09 24.53
CA LYS E 141 25.53 59.32 25.36
C LYS E 141 24.80 58.51 26.43
N ASN E 142 23.53 58.83 26.75
CA ASN E 142 22.74 58.11 27.77
C ASN E 142 21.86 57.01 27.14
N LEU E 143 21.97 56.72 25.85
CA LEU E 143 21.27 55.55 25.23
C LEU E 143 21.95 54.26 25.69
N ALA E 144 21.20 53.37 26.33
CA ALA E 144 21.72 52.08 26.87
C ALA E 144 21.39 50.92 25.93
N ALA E 145 20.26 50.96 25.23
CA ALA E 145 19.84 49.80 24.41
C ALA E 145 18.73 50.17 23.44
N TRP E 146 18.67 49.43 22.35
CA TRP E 146 17.53 49.39 21.40
C TRP E 146 16.69 48.18 21.76
N VAL E 147 15.40 48.39 22.05
CA VAL E 147 14.42 47.29 22.13
C VAL E 147 13.84 47.13 20.72
N LEU E 148 14.18 46.05 20.03
CA LEU E 148 13.93 45.82 18.59
C LEU E 148 12.44 45.94 18.27
N ILE E 149 11.61 45.43 19.17
CA ILE E 149 10.13 45.45 19.05
C ILE E 149 9.57 45.25 20.45
N ASN E 150 8.49 45.93 20.81
CA ASN E 150 7.79 45.68 22.09
C ASN E 150 7.01 44.37 21.98
N GLU E 151 7.28 43.43 22.88
CA GLU E 151 6.45 42.22 23.07
C GLU E 151 6.27 41.49 21.74
N PRO E 152 7.33 40.92 21.16
CA PRO E 152 7.18 40.08 19.98
C PRO E 152 6.23 38.92 20.31
N GLY E 153 5.48 38.47 19.32
CA GLY E 153 4.53 37.37 19.43
C GLY E 153 3.12 37.84 19.76
N THR E 154 2.13 37.10 19.24
CA THR E 154 0.70 37.31 19.60
C THR E 154 -0.05 35.99 19.49
N PRO E 155 -1.12 35.78 20.28
CA PRO E 155 -2.01 34.63 20.09
C PRO E 155 -2.79 34.70 18.75
N ASN E 156 -2.96 35.89 18.16
CA ASN E 156 -3.74 36.10 16.92
C ASN E 156 -2.82 36.54 15.78
N LEU E 157 -2.13 35.60 15.13
CA LEU E 157 -1.13 35.92 14.08
C LEU E 157 -1.86 36.37 12.81
N PRO E 158 -1.40 37.42 12.11
CA PRO E 158 -2.14 38.00 10.98
C PRO E 158 -1.99 37.24 9.65
N PHE E 159 -2.52 36.00 9.60
CA PHE E 159 -2.47 35.14 8.39
C PHE E 159 -3.29 35.76 7.23
N ASN E 160 -4.23 36.65 7.58
CA ASN E 160 -5.13 37.38 6.63
C ASN E 160 -4.36 38.42 5.81
N GLU E 161 -3.28 39.00 6.34
CA GLU E 161 -2.57 40.18 5.73
C GLU E 161 -1.61 39.72 4.65
N PRO E 162 -1.39 40.53 3.58
CA PRO E 162 -0.56 40.13 2.44
C PRO E 162 0.90 39.72 2.76
N PHE E 163 1.59 40.44 3.63
CA PHE E 163 3.01 40.16 3.95
C PHE E 163 3.13 38.78 4.59
N THR E 164 2.31 38.48 5.60
CA THR E 164 2.33 37.16 6.29
C THR E 164 1.85 36.07 5.33
N LYS E 165 0.76 36.29 4.60
CA LYS E 165 0.22 35.33 3.59
C LYS E 165 1.34 34.90 2.63
N GLU E 166 2.09 35.87 2.08
CA GLU E 166 3.16 35.62 1.09
C GLU E 166 4.33 34.86 1.77
N ARG E 167 4.74 35.29 2.96
CA ARG E 167 5.87 34.66 3.69
C ARG E 167 5.51 33.18 3.95
N PHE E 168 4.27 32.89 4.32
CA PHE E 168 3.81 31.51 4.66
C PHE E 168 3.81 30.66 3.38
N SER E 169 3.31 31.20 2.26
CA SER E 169 3.34 30.54 0.91
C SER E 169 4.77 30.17 0.51
N ASP E 170 5.68 31.14 0.57
CA ASP E 170 7.13 30.95 0.25
C ASP E 170 7.71 29.86 1.15
N TRP E 171 7.47 29.97 2.46
CA TRP E 171 7.97 29.00 3.46
C TRP E 171 7.53 27.59 3.08
N LYS E 172 6.26 27.39 2.75
CA LYS E 172 5.67 26.07 2.40
C LYS E 172 6.36 25.52 1.15
N LYS E 173 6.61 26.36 0.15
CA LYS E 173 7.28 25.95 -1.10
C LYS E 173 8.73 25.52 -0.80
N GLU E 174 9.40 26.12 0.17
CA GLU E 174 10.81 25.79 0.50
C GLU E 174 10.88 24.59 1.47
N HIS E 175 9.75 24.05 1.92
CA HIS E 175 9.72 22.86 2.82
C HIS E 175 9.05 21.69 2.09
N ASN E 176 9.42 20.48 2.48
CA ASN E 176 9.00 19.24 1.81
C ASN E 176 8.31 18.35 2.85
N PHE E 177 6.99 18.45 2.97
CA PHE E 177 6.19 17.68 3.95
C PHE E 177 5.35 16.63 3.22
N SER E 178 5.24 15.43 3.76
CA SER E 178 4.43 14.32 3.21
C SER E 178 3.25 14.06 4.17
N GLU E 179 2.17 13.45 3.69
CA GLU E 179 0.96 13.13 4.51
C GLU E 179 1.14 11.82 5.28
N TYR E 180 2.24 11.08 5.04
CA TYR E 180 2.51 9.78 5.68
C TYR E 180 3.96 9.75 6.18
N ASN E 181 4.24 9.02 7.25
CA ASN E 181 5.62 8.85 7.76
C ASN E 181 6.27 7.70 6.97
N GLU E 182 7.51 7.38 7.30
CA GLU E 182 8.30 6.38 6.52
C GLU E 182 7.59 5.02 6.60
N LYS E 183 7.03 4.65 7.77
CA LYS E 183 6.36 3.34 7.95
C LYS E 183 5.01 3.31 7.23
N GLY E 184 4.45 4.46 6.84
CA GLY E 184 3.21 4.54 6.05
C GLY E 184 2.04 5.11 6.84
N TYR E 185 2.20 5.37 8.15
CA TYR E 185 1.11 5.93 8.98
C TYR E 185 0.81 7.38 8.59
N PRO E 186 -0.48 7.82 8.70
CA PRO E 186 -0.82 9.22 8.55
C PRO E 186 -0.07 10.09 9.56
N VAL E 187 0.22 11.34 9.21
CA VAL E 187 0.93 12.31 10.09
C VAL E 187 0.28 13.69 10.00
N LEU E 188 0.45 14.51 11.04
CA LEU E 188 0.29 15.99 10.98
C LEU E 188 1.69 16.59 10.87
N ASN E 189 1.85 17.73 10.18
CA ASN E 189 3.19 18.34 9.98
C ASN E 189 3.36 19.68 10.68
N PHE E 190 2.29 20.26 11.23
CA PHE E 190 2.36 21.50 12.03
C PHE E 190 3.08 22.59 11.22
N GLU E 191 2.71 22.75 9.96
CA GLU E 191 3.34 23.73 9.03
C GLU E 191 3.18 25.14 9.61
N LYS E 192 1.97 25.51 10.04
CA LYS E 192 1.67 26.84 10.61
C LYS E 192 2.63 27.13 11.78
N GLU E 193 2.76 26.17 12.70
CA GLU E 193 3.52 26.37 13.97
C GLU E 193 5.02 26.50 13.67
N ASN E 194 5.52 25.67 12.76
CA ASN E 194 6.96 25.70 12.37
C ASN E 194 7.26 26.99 11.59
N PHE E 195 6.35 27.42 10.71
CA PHE E 195 6.48 28.71 10.00
C PHE E 195 6.56 29.84 11.02
N ILE E 196 5.67 29.84 12.01
CA ILE E 196 5.58 30.97 12.98
C ILE E 196 6.91 31.09 13.75
N ILE E 197 7.52 29.98 14.17
CA ILE E 197 8.88 30.00 14.80
C ILE E 197 9.85 30.73 13.87
N ASP E 198 9.90 30.29 12.59
CA ASP E 198 10.90 30.79 11.61
C ASP E 198 10.60 32.26 11.31
N TYR E 199 9.30 32.64 11.30
CA TYR E 199 8.84 34.01 10.97
C TYR E 199 9.27 34.99 12.07
N HIS E 200 9.09 34.63 13.33
CA HIS E 200 9.59 35.42 14.50
C HIS E 200 11.11 35.56 14.40
N ASN E 201 11.81 34.45 14.18
CA ASN E 201 13.29 34.47 14.01
C ASN E 201 13.65 35.47 12.91
N TRP E 202 12.98 35.36 11.75
CA TRP E 202 13.31 36.19 10.57
C TRP E 202 13.08 37.68 10.91
N TYR E 203 11.92 38.07 11.44
CA TYR E 203 11.57 39.51 11.59
C TYR E 203 12.48 40.15 12.65
N LEU E 204 12.70 39.48 13.78
CA LEU E 204 13.56 40.06 14.86
C LEU E 204 15.01 40.16 14.34
N ASN E 205 15.50 39.17 13.60
CA ASN E 205 16.87 39.18 13.00
C ASN E 205 16.95 40.33 11.99
N TRP E 206 15.88 40.53 11.21
CA TRP E 206 15.81 41.64 10.22
C TRP E 206 15.87 42.99 10.93
N LEU E 207 15.09 43.15 12.00
CA LEU E 207 15.10 44.41 12.80
C LEU E 207 16.52 44.65 13.33
N ALA E 208 17.16 43.60 13.87
CA ALA E 208 18.54 43.72 14.41
C ALA E 208 19.51 44.17 13.30
N ASN E 209 19.40 43.55 12.12
CA ASN E 209 20.25 43.87 10.93
C ASN E 209 20.02 45.33 10.53
N GLN E 210 18.77 45.81 10.54
CA GLN E 210 18.45 47.21 10.17
C GLN E 210 19.11 48.17 11.16
N VAL E 211 18.96 47.95 12.46
CA VAL E 211 19.61 48.81 13.49
C VAL E 211 21.13 48.82 13.22
N ARG E 212 21.70 47.65 12.95
CA ARG E 212 23.18 47.45 12.81
C ARG E 212 23.71 48.18 11.56
N LEU E 213 22.86 48.53 10.59
CA LEU E 213 23.26 49.39 9.44
C LEU E 213 23.75 50.74 9.94
N TYR E 214 23.20 51.25 11.05
CA TYR E 214 23.44 52.64 11.51
C TYR E 214 24.11 52.67 12.89
N ASP E 215 24.05 51.59 13.66
CA ASP E 215 24.58 51.62 15.05
C ASP E 215 25.11 50.23 15.39
N LYS E 216 26.44 50.12 15.53
CA LYS E 216 27.10 48.85 15.92
C LYS E 216 27.51 48.92 17.41
N GLN E 217 27.17 50.00 18.09
CA GLN E 217 27.70 50.31 19.45
C GLN E 217 26.75 49.79 20.54
N HIS E 218 25.44 49.95 20.37
CA HIS E 218 24.48 49.82 21.50
C HIS E 218 23.88 48.40 21.53
N ASP E 219 23.61 47.95 22.75
CA ASP E 219 22.95 46.66 23.04
C ASP E 219 21.64 46.57 22.24
N LEU E 220 21.36 45.38 21.70
CA LEU E 220 20.03 45.02 21.15
C LEU E 220 19.32 44.10 22.15
N HIS E 221 18.05 44.41 22.39
CA HIS E 221 17.21 43.82 23.45
C HIS E 221 15.80 43.52 22.88
N VAL E 222 15.11 42.54 23.44
CA VAL E 222 13.67 42.30 23.11
C VAL E 222 12.98 41.66 24.32
N ASN E 223 11.66 41.89 24.49
CA ASN E 223 10.90 41.41 25.68
C ASN E 223 9.80 40.43 25.23
N PRO E 224 10.09 39.12 25.10
CA PRO E 224 9.03 38.12 24.96
C PRO E 224 8.10 38.20 26.18
N HIS E 225 6.83 37.84 25.98
CA HIS E 225 5.76 38.10 26.96
C HIS E 225 4.80 36.92 27.05
N ASN E 226 3.99 36.90 28.10
CA ASN E 226 2.93 35.88 28.30
C ASN E 226 3.54 34.50 28.06
N VAL E 227 4.70 34.25 28.67
CA VAL E 227 5.58 33.11 28.24
C VAL E 227 4.92 31.76 28.52
N PHE E 228 4.00 31.66 29.47
CA PHE E 228 3.32 30.37 29.78
C PHE E 228 2.31 30.04 28.68
N LYS E 229 1.94 31.01 27.86
CA LYS E 229 1.06 30.75 26.66
C LYS E 229 1.84 30.84 25.36
N LEU E 230 2.79 31.75 25.22
CA LEU E 230 3.40 32.10 23.90
C LEU E 230 4.79 31.48 23.69
N SER E 231 5.27 30.64 24.62
N SER E 231 5.27 30.64 24.64
CA SER E 231 6.63 30.04 24.51
CA SER E 231 6.60 29.98 24.55
C SER E 231 6.74 29.18 23.23
C SER E 231 6.73 29.18 23.24
N GLY E 232 5.61 28.69 22.71
CA GLY E 232 5.57 27.92 21.46
C GLY E 232 5.82 28.75 20.21
N LEU E 233 5.91 30.07 20.34
CA LEU E 233 6.27 31.05 19.27
C LEU E 233 7.77 31.36 19.30
N TYR E 234 8.48 30.98 20.36
CA TYR E 234 9.80 31.59 20.71
C TYR E 234 10.94 30.57 20.60
N ASP E 235 11.91 30.87 19.72
CA ASP E 235 13.15 30.07 19.53
C ASP E 235 14.31 30.88 20.13
N PHE E 236 14.49 30.84 21.44
CA PHE E 236 15.45 31.74 22.13
C PHE E 236 16.88 31.41 21.68
N PRO E 237 17.28 30.15 21.52
CA PRO E 237 18.64 29.85 21.02
C PRO E 237 18.96 30.61 19.72
N THR E 238 18.03 30.69 18.77
CA THR E 238 18.27 31.48 17.53
C THR E 238 18.36 32.96 17.87
N TRP E 239 17.49 33.48 18.75
CA TRP E 239 17.47 34.93 19.07
C TRP E 239 18.82 35.37 19.64
N ARG E 240 19.52 34.48 20.37
CA ARG E 240 20.84 34.79 20.97
C ARG E 240 21.81 35.27 19.89
N THR E 241 21.64 34.83 18.64
CA THR E 241 22.61 35.12 17.55
C THR E 241 22.56 36.60 17.17
N PHE E 242 21.52 37.38 17.54
CA PHE E 242 21.43 38.80 17.15
C PHE E 242 21.13 39.71 18.33
N LEU E 243 21.01 39.20 19.55
CA LEU E 243 20.79 40.01 20.77
C LEU E 243 22.08 40.18 21.56
N ASN E 244 22.15 41.23 22.38
CA ASN E 244 23.17 41.39 23.44
C ASN E 244 22.56 41.01 24.80
N SER E 245 21.24 41.15 24.95
CA SER E 245 20.53 40.73 26.18
C SER E 245 19.12 40.24 25.83
N LEU E 246 18.61 39.26 26.58
CA LEU E 246 17.19 38.83 26.47
C LEU E 246 16.38 39.53 27.55
N GLY E 247 15.20 40.05 27.18
CA GLY E 247 14.28 40.68 28.13
C GLY E 247 13.05 39.85 28.37
N GLY E 248 12.02 40.49 28.91
CA GLY E 248 10.75 39.83 29.21
C GLY E 248 9.74 40.80 29.78
N SER E 249 8.47 40.55 29.49
CA SER E 249 7.33 41.09 30.23
C SER E 249 6.81 39.98 31.15
N ALA E 250 6.58 40.32 32.40
CA ALA E 250 6.02 39.42 33.43
C ALA E 250 5.08 40.26 34.29
N HIS E 251 3.87 40.46 33.78
CA HIS E 251 2.80 41.25 34.43
C HIS E 251 1.83 40.37 35.21
N ALA E 252 1.65 40.68 36.48
CA ALA E 252 0.71 39.97 37.37
C ALA E 252 -0.71 39.98 36.77
N SER E 253 -1.12 41.03 36.06
CA SER E 253 -2.53 41.19 35.58
C SER E 253 -2.74 40.53 34.20
N TRP E 254 -1.67 40.14 33.49
CA TRP E 254 -1.79 39.57 32.11
C TRP E 254 -1.28 38.14 32.03
N HIS E 255 -0.22 37.78 32.74
CA HIS E 255 0.60 36.59 32.39
C HIS E 255 0.50 35.45 33.40
N PHE E 256 -0.14 35.67 34.55
CA PHE E 256 -0.06 34.74 35.71
C PHE E 256 -1.42 34.09 35.98
N GLY E 257 -2.32 34.09 34.99
CA GLY E 257 -3.69 33.54 35.14
C GLY E 257 -3.73 32.06 35.53
N TYR E 258 -2.66 31.31 35.29
CA TYR E 258 -2.58 29.89 35.69
C TYR E 258 -2.35 29.76 37.22
N PHE E 259 -2.17 30.86 37.93
CA PHE E 259 -1.85 30.85 39.38
C PHE E 259 -2.82 31.73 40.15
N PRO E 260 -3.09 31.43 41.44
CA PRO E 260 -3.69 32.42 42.34
C PRO E 260 -2.65 33.48 42.70
N ARG E 261 -3.10 34.66 43.14
CA ARG E 261 -2.24 35.80 43.50
C ARG E 261 -1.19 35.37 44.54
N LYS E 262 -1.56 34.51 45.49
CA LYS E 262 -0.61 34.12 46.59
C LYS E 262 0.56 33.31 46.00
N ALA E 263 0.45 32.81 44.76
CA ALA E 263 1.53 32.04 44.12
C ALA E 263 2.16 32.83 42.95
N TYR E 264 1.95 34.15 42.89
CA TYR E 264 2.65 35.00 41.90
C TYR E 264 4.16 35.00 42.16
N THR E 265 4.60 34.63 43.36
CA THR E 265 6.03 34.37 43.67
C THR E 265 6.55 33.25 42.77
N VAL E 266 5.86 32.12 42.76
CA VAL E 266 6.20 30.93 41.96
C VAL E 266 6.11 31.30 40.45
N ALA E 267 5.08 32.05 40.06
CA ALA E 267 4.89 32.49 38.66
C ALA E 267 6.09 33.32 38.23
N MET E 268 6.49 34.31 39.03
CA MET E 268 7.63 35.20 38.71
C MET E 268 8.93 34.39 38.68
N SER E 269 9.12 33.46 39.61
CA SER E 269 10.35 32.60 39.66
C SER E 269 10.43 31.75 38.38
N ALA E 270 9.34 31.12 37.98
CA ALA E 270 9.27 30.30 36.76
C ALA E 270 9.49 31.18 35.51
N ASN E 271 8.89 32.35 35.47
CA ASN E 271 9.03 33.29 34.34
C ASN E 271 10.49 33.72 34.22
N ALA E 272 11.13 34.03 35.36
CA ALA E 272 12.57 34.42 35.40
C ALA E 272 13.42 33.23 34.91
N GLU E 273 13.11 32.02 35.36
CA GLU E 273 13.90 30.82 34.99
C GLU E 273 13.74 30.57 33.49
N LEU E 274 12.52 30.75 32.96
CA LEU E 274 12.24 30.48 31.52
C LEU E 274 13.07 31.44 30.67
N ILE E 275 13.12 32.72 31.03
CA ILE E 275 13.90 33.75 30.30
C ILE E 275 15.40 33.48 30.47
N ARG E 276 15.83 33.21 31.70
CA ARG E 276 17.24 32.86 31.99
C ARG E 276 17.70 31.70 31.09
N SER E 277 16.91 30.64 30.98
CA SER E 277 17.20 29.50 30.09
C SER E 277 17.29 29.98 28.64
N GLY E 278 16.35 30.82 28.20
CA GLY E 278 16.37 31.34 26.81
C GLY E 278 17.61 32.17 26.54
N ALA E 279 18.08 32.92 27.54
CA ALA E 279 19.23 33.83 27.41
C ALA E 279 20.52 33.01 27.15
N GLY E 280 20.62 31.81 27.71
CA GLY E 280 21.88 31.00 27.62
C GLY E 280 23.05 31.79 28.20
N GLU E 281 24.06 32.07 27.40
CA GLU E 281 25.26 32.83 27.87
C GLU E 281 25.02 34.33 27.81
N LEU E 282 23.93 34.84 27.23
CA LEU E 282 23.62 36.29 27.27
C LEU E 282 23.10 36.68 28.65
N PRO E 283 23.38 37.91 29.12
CA PRO E 283 22.68 38.45 30.26
C PRO E 283 21.19 38.64 29.92
N TRP E 284 20.34 38.61 30.94
CA TRP E 284 18.89 38.87 30.81
C TRP E 284 18.43 39.88 31.85
N LEU E 285 17.31 40.54 31.59
CA LEU E 285 16.66 41.41 32.60
C LEU E 285 15.15 41.44 32.31
N MET E 286 14.36 41.85 33.28
CA MET E 286 12.89 41.94 33.12
C MET E 286 12.58 43.37 32.64
N THR E 287 12.23 43.49 31.36
CA THR E 287 12.00 44.78 30.65
C THR E 287 10.68 45.40 31.09
N GLU E 288 9.73 44.59 31.56
CA GLU E 288 8.33 45.10 31.75
C GLU E 288 7.64 44.33 32.89
N LEU E 289 7.62 44.94 34.07
CA LEU E 289 6.94 44.47 35.30
C LEU E 289 5.77 45.39 35.61
N GLN E 290 4.78 44.92 36.35
CA GLN E 290 3.57 45.75 36.68
C GLN E 290 3.91 46.73 37.81
N GLY E 291 3.83 48.03 37.53
CA GLY E 291 4.22 49.11 38.47
C GLY E 291 3.04 49.70 39.23
N GLY E 292 1.81 49.33 38.88
CA GLY E 292 0.62 50.05 39.40
C GLY E 292 -0.69 49.42 39.03
N ASN E 293 -1.74 50.23 39.18
CA ASN E 293 -3.12 49.78 39.34
C ASN E 293 -3.80 49.50 37.98
N ASN E 294 -4.61 48.44 37.93
CA ASN E 294 -5.60 48.20 36.86
C ASN E 294 -6.92 48.85 37.26
N LEU E 295 -7.38 49.79 36.46
CA LEU E 295 -8.74 50.36 36.62
C LEU E 295 -9.66 49.54 35.72
N TYR E 296 -9.62 49.74 34.41
CA TYR E 296 -10.38 48.94 33.40
C TYR E 296 -9.51 47.88 32.71
N SER E 297 -8.17 47.95 32.79
CA SER E 297 -7.25 47.09 32.00
C SER E 297 -6.96 45.77 32.73
N GLY E 298 -6.33 44.85 32.01
CA GLY E 298 -5.79 43.60 32.56
C GLY E 298 -6.82 42.49 32.56
N ALA E 299 -6.36 41.24 32.60
CA ALA E 299 -7.21 40.03 32.68
C ALA E 299 -7.48 39.69 34.16
N ASN E 300 -6.45 39.77 35.01
CA ASN E 300 -6.52 39.44 36.45
C ASN E 300 -6.13 40.70 37.20
N PRO E 301 -7.02 41.71 37.27
CA PRO E 301 -6.61 43.04 37.68
C PRO E 301 -6.17 43.09 39.15
N LEU E 302 -5.16 43.91 39.43
CA LEU E 302 -4.70 44.21 40.81
C LEU E 302 -4.03 45.59 40.85
N CYS E 303 -3.73 46.03 42.06
CA CYS E 303 -2.67 47.02 42.33
C CYS E 303 -1.61 46.31 43.15
N PRO E 304 -0.39 46.13 42.64
CA PRO E 304 0.66 45.44 43.39
C PRO E 304 0.81 46.13 44.75
N THR E 305 1.02 45.34 45.80
CA THR E 305 1.38 45.85 47.14
C THR E 305 2.86 46.24 47.13
N ALA E 306 3.27 47.10 48.07
CA ALA E 306 4.70 47.39 48.30
C ALA E 306 5.45 46.06 48.47
N GLU E 307 4.86 45.11 49.17
CA GLU E 307 5.47 43.79 49.49
C GLU E 307 5.72 43.00 48.19
N GLU E 308 4.77 43.05 47.25
CA GLU E 308 4.86 42.34 45.94
C GLU E 308 5.99 42.95 45.10
N ILE E 309 6.13 44.27 45.10
CA ILE E 309 7.22 44.96 44.35
C ILE E 309 8.57 44.40 44.81
N ILE E 310 8.76 44.29 46.13
CA ILE E 310 10.02 43.80 46.74
C ILE E 310 10.21 42.32 46.38
N GLN E 311 9.17 41.51 46.53
CA GLN E 311 9.18 40.06 46.18
C GLN E 311 9.66 39.89 44.74
N TRP E 312 9.08 40.64 43.80
CA TRP E 312 9.37 40.44 42.34
C TRP E 312 10.80 40.86 42.01
N LEU E 313 11.26 42.00 42.55
CA LEU E 313 12.64 42.47 42.28
C LEU E 313 13.65 41.43 42.79
N TRP E 314 13.49 40.92 44.00
CA TRP E 314 14.46 39.97 44.58
C TRP E 314 14.40 38.64 43.83
N ILE E 315 13.21 38.17 43.45
CA ILE E 315 13.08 36.88 42.70
C ILE E 315 13.89 37.01 41.42
N ASN E 316 13.72 38.11 40.69
CA ASN E 316 14.40 38.30 39.39
C ASN E 316 15.92 38.38 39.63
N PHE E 317 16.38 39.18 40.58
CA PHE E 317 17.84 39.36 40.84
C PHE E 317 18.45 38.02 41.27
N ALA E 318 17.74 37.23 42.08
CA ALA E 318 18.19 35.91 42.57
C ALA E 318 18.29 34.93 41.39
N THR E 319 17.60 35.23 40.28
CA THR E 319 17.58 34.39 39.06
C THR E 319 18.44 35.05 37.97
N GLU E 320 19.38 35.93 38.36
CA GLU E 320 20.46 36.50 37.51
C GLU E 320 20.02 37.72 36.70
N ALA E 321 18.82 38.24 36.91
CA ALA E 321 18.35 39.45 36.19
C ALA E 321 19.35 40.60 36.42
N LYS E 322 19.65 41.34 35.36
CA LYS E 322 20.53 42.53 35.39
C LYS E 322 19.68 43.80 35.48
N GLY E 323 18.36 43.65 35.62
CA GLY E 323 17.46 44.81 35.74
C GLY E 323 16.04 44.38 35.98
N GLY E 324 15.27 45.31 36.54
CA GLY E 324 13.80 45.25 36.62
C GLY E 324 13.25 46.61 36.24
N ILE E 325 12.56 46.69 35.09
CA ILE E 325 11.90 47.93 34.60
C ILE E 325 10.39 47.78 34.77
N PHE E 326 9.77 48.70 35.52
CA PHE E 326 8.32 48.72 35.77
C PHE E 326 7.61 49.50 34.67
N TRP E 327 6.58 48.90 34.09
CA TRP E 327 5.52 49.63 33.35
C TRP E 327 4.48 50.06 34.39
N SER E 328 4.38 51.35 34.75
CA SER E 328 5.10 52.47 34.17
C SER E 328 5.42 53.47 35.29
N PHE E 329 6.37 54.39 35.07
CA PHE E 329 6.64 55.44 36.09
C PHE E 329 5.40 56.35 36.18
N ASN E 330 5.03 56.93 35.04
CA ASN E 330 3.88 57.86 34.87
C ASN E 330 2.84 57.19 33.96
N ALA E 331 1.60 57.67 33.96
CA ALA E 331 0.47 57.06 33.22
C ALA E 331 0.25 57.72 31.85
N ARG E 332 -0.29 56.94 30.92
CA ARG E 332 -0.99 57.43 29.72
C ARG E 332 -2.15 58.32 30.19
N SER E 333 -2.58 59.29 29.36
CA SER E 333 -3.66 60.25 29.73
C SER E 333 -5.00 59.95 29.04
N THR E 334 -5.06 59.24 27.94
CA THR E 334 -6.31 59.14 27.12
C THR E 334 -6.68 57.68 26.82
N ALA E 335 -7.94 57.32 27.07
CA ALA E 335 -8.55 56.04 26.67
C ALA E 335 -7.78 54.88 27.33
N ALA E 336 -7.31 53.90 26.56
CA ALA E 336 -6.73 52.64 27.12
C ALA E 336 -5.64 52.99 28.13
N GLU E 337 -5.83 52.50 29.37
CA GLU E 337 -4.87 52.54 30.50
C GLU E 337 -4.62 53.98 30.95
N ALA E 338 -5.55 54.91 30.68
CA ALA E 338 -5.44 56.31 31.15
C ALA E 338 -5.44 56.31 32.70
N GLY E 339 -4.36 56.83 33.29
CA GLY E 339 -4.19 56.90 34.77
C GLY E 339 -4.00 55.54 35.41
N GLU E 340 -3.62 54.52 34.63
CA GLU E 340 -3.39 53.14 35.12
C GLU E 340 -1.91 52.81 35.08
N TRP E 341 -1.49 51.79 35.86
CA TRP E 341 -0.14 51.13 35.78
C TRP E 341 0.97 51.96 36.45
N ALA E 342 0.73 53.19 36.87
CA ALA E 342 1.81 54.14 37.22
C ALA E 342 2.31 53.92 38.66
N MET E 343 3.61 54.10 38.86
CA MET E 343 4.27 54.01 40.19
C MET E 343 4.09 55.31 40.97
N ILE E 344 4.00 56.43 40.28
CA ILE E 344 3.70 57.74 40.91
C ILE E 344 2.18 57.89 40.98
N ASN E 345 1.74 58.69 41.95
CA ASN E 345 0.31 58.99 42.20
C ASN E 345 -0.07 60.17 41.30
N PHE E 346 -1.32 60.62 41.38
CA PHE E 346 -1.86 61.66 40.48
C PHE E 346 -1.27 63.05 40.83
N LYS E 347 -0.59 63.19 41.98
CA LYS E 347 0.19 64.42 42.31
C LYS E 347 1.66 64.24 41.88
N ASN E 348 1.99 63.19 41.14
CA ASN E 348 3.37 62.95 40.62
C ASN E 348 4.35 62.72 41.76
N LYS E 349 3.88 62.20 42.90
CA LYS E 349 4.72 61.81 44.06
C LYS E 349 4.71 60.28 44.21
N SER E 350 5.55 59.78 45.10
CA SER E 350 5.80 58.32 45.30
C SER E 350 4.55 57.65 45.88
N SER E 351 4.07 56.57 45.24
CA SER E 351 3.19 55.57 45.89
C SER E 351 4.07 54.69 46.78
N ASP E 352 3.46 53.80 47.57
CA ASP E 352 4.21 52.84 48.41
C ASP E 352 5.00 51.89 47.48
N ARG E 353 4.58 51.75 46.22
CA ARG E 353 5.29 50.85 45.24
C ARG E 353 6.62 51.49 44.84
N LEU E 354 6.66 52.79 44.60
CA LEU E 354 7.92 53.47 44.24
C LEU E 354 8.84 53.53 45.48
N ILE E 355 8.30 53.80 46.67
CA ILE E 355 9.08 53.79 47.94
C ILE E 355 9.72 52.41 48.12
N ALA E 356 8.95 51.33 47.91
CA ALA E 356 9.45 49.95 47.99
C ALA E 356 10.58 49.72 46.97
N ALA E 357 10.35 50.07 45.70
CA ALA E 357 11.34 49.85 44.63
C ALA E 357 12.64 50.62 44.98
N ALA E 358 12.51 51.82 45.53
CA ALA E 358 13.64 52.69 45.90
C ALA E 358 14.52 52.01 46.96
N THR E 359 13.94 51.22 47.88
CA THR E 359 14.74 50.51 48.92
C THR E 359 15.65 49.50 48.21
N ILE E 360 15.23 48.94 47.07
CA ILE E 360 16.00 47.88 46.36
C ILE E 360 17.11 48.55 45.55
N GLY E 361 16.81 49.67 44.89
CA GLY E 361 17.85 50.52 44.27
C GLY E 361 18.91 50.92 45.29
N LYS E 362 18.50 51.31 46.49
CA LYS E 362 19.41 51.72 47.59
C LYS E 362 20.27 50.52 48.00
N PHE E 363 19.66 49.36 48.23
CA PHE E 363 20.39 48.14 48.59
C PHE E 363 21.49 47.85 47.57
N ILE E 364 21.19 47.97 46.29
CA ILE E 364 22.16 47.68 45.20
C ILE E 364 23.36 48.62 45.33
N THR E 365 23.13 49.93 45.48
CA THR E 365 24.22 50.93 45.57
C THR E 365 25.10 50.65 46.79
N GLU E 366 24.54 50.07 47.87
CA GLU E 366 25.27 49.77 49.14
C GLU E 366 25.92 48.37 49.09
N ASN E 367 25.62 47.57 48.07
CA ASN E 367 26.07 46.15 48.00
C ASN E 367 26.51 45.84 46.57
N VAL E 368 27.26 46.73 45.93
CA VAL E 368 27.53 46.67 44.46
C VAL E 368 28.23 45.36 44.12
N LYS E 369 29.28 44.98 44.86
CA LYS E 369 30.11 43.82 44.45
C LYS E 369 29.27 42.55 44.53
N MET E 370 28.53 42.34 45.63
CA MET E 370 27.59 41.20 45.77
C MET E 370 26.58 41.21 44.60
N MET E 371 25.92 42.33 44.36
CA MET E 371 24.71 42.37 43.49
C MET E 371 25.12 42.28 42.01
N SER E 372 26.38 42.61 41.67
CA SER E 372 26.90 42.63 40.29
C SER E 372 27.30 41.22 39.82
N ASN E 373 27.42 40.24 40.72
CA ASN E 373 28.10 38.95 40.41
C ASN E 373 27.22 37.76 40.80
N ILE E 374 25.91 37.96 40.88
CA ILE E 374 24.94 36.88 41.24
C ILE E 374 24.97 35.79 40.16
N LYS E 375 25.14 34.55 40.62
CA LYS E 375 24.95 33.32 39.83
C LYS E 375 23.95 32.47 40.58
N THR E 376 22.85 32.09 39.92
CA THR E 376 21.84 31.21 40.56
C THR E 376 22.54 29.91 40.97
N LEU E 377 22.23 29.40 42.16
CA LEU E 377 22.74 28.08 42.60
C LEU E 377 21.86 27.01 41.97
N ASN E 378 22.32 26.40 40.87
CA ASN E 378 21.56 25.35 40.17
C ASN E 378 21.55 24.10 41.06
N SER E 379 20.39 23.63 41.46
CA SER E 379 20.20 22.36 42.20
C SER E 379 20.70 21.18 41.36
N GLY E 380 20.68 21.30 40.03
CA GLY E 380 20.83 20.18 39.09
C GLY E 380 19.50 19.61 38.61
N ILE E 381 18.38 20.14 39.11
CA ILE E 381 17.01 19.80 38.62
C ILE E 381 16.66 20.74 37.46
N SER E 382 16.31 20.19 36.31
CA SER E 382 15.77 20.94 35.14
C SER E 382 14.37 20.44 34.80
N ILE E 383 13.36 21.32 34.83
CA ILE E 383 12.00 21.02 34.32
C ILE E 383 11.94 21.46 32.86
N LEU E 384 11.74 20.52 31.95
CA LEU E 384 11.80 20.78 30.50
C LEU E 384 10.39 20.81 29.89
N TYR E 385 10.16 21.80 29.04
CA TYR E 385 8.96 21.90 28.17
C TYR E 385 9.45 21.89 26.72
N ASN E 386 8.59 21.52 25.79
CA ASN E 386 8.96 21.67 24.36
C ASN E 386 7.79 22.30 23.58
N HIS E 387 8.15 23.06 22.56
CA HIS E 387 7.19 23.64 21.59
C HIS E 387 6.16 22.57 21.19
N GLU E 388 6.64 21.36 20.84
CA GLU E 388 5.83 20.35 20.11
C GLU E 388 4.72 19.80 21.00
N SER E 389 4.95 19.66 22.31
CA SER E 389 3.88 19.23 23.25
C SER E 389 2.76 20.29 23.24
N MET E 390 3.11 21.57 23.20
CA MET E 390 2.09 22.64 23.13
C MET E 390 1.33 22.56 21.80
N TRP E 391 2.03 22.32 20.70
CA TRP E 391 1.41 22.28 19.34
C TRP E 391 0.47 21.08 19.23
N VAL E 392 0.92 19.91 19.68
CA VAL E 392 0.10 18.67 19.63
C VAL E 392 -1.11 18.87 20.54
N GLU E 393 -0.92 19.41 21.75
CA GLU E 393 -2.06 19.66 22.67
C GLU E 393 -3.12 20.55 21.98
N ALA E 394 -2.70 21.61 21.30
CA ALA E 394 -3.66 22.54 20.65
C ALA E 394 -4.46 21.77 19.58
N ALA E 395 -3.85 20.83 18.87
CA ALA E 395 -4.58 20.01 17.86
C ALA E 395 -5.54 19.03 18.56
N GLN E 396 -5.12 18.38 19.65
CA GLN E 396 -5.91 17.31 20.32
C GLN E 396 -7.05 17.88 21.16
N THR E 397 -6.90 19.06 21.74
CA THR E 397 -7.96 19.69 22.58
C THR E 397 -8.88 20.54 21.70
N ARG E 398 -8.55 20.70 20.41
CA ARG E 398 -9.30 21.54 19.44
C ARG E 398 -9.51 22.95 20.04
N GLY E 399 -8.55 23.44 20.83
CA GLY E 399 -8.56 24.80 21.40
C GLY E 399 -9.53 24.99 22.57
N LYS E 400 -10.01 23.93 23.22
CA LYS E 400 -10.95 24.04 24.39
C LYS E 400 -10.23 24.68 25.59
N LEU E 401 -10.97 25.49 26.37
CA LEU E 401 -10.44 26.37 27.45
C LEU E 401 -11.20 26.07 28.73
N ASN E 402 -11.34 24.78 29.07
CA ASN E 402 -12.13 24.25 30.22
C ASN E 402 -11.23 24.10 31.47
N GLY E 403 -9.97 24.55 31.41
CA GLY E 403 -9.00 24.55 32.54
C GLY E 403 -8.60 23.16 33.06
N ASN E 404 -8.81 22.05 32.32
CA ASN E 404 -8.41 20.68 32.73
C ASN E 404 -7.32 20.12 31.78
N GLY E 405 -6.97 18.84 31.90
CA GLY E 405 -6.00 18.17 30.99
C GLY E 405 -6.50 18.13 29.56
N ARG E 406 -7.82 18.23 29.36
CA ARG E 406 -8.46 18.22 28.01
C ARG E 406 -8.58 19.65 27.46
N SER E 407 -7.78 20.58 27.95
CA SER E 407 -7.79 22.00 27.54
C SER E 407 -6.38 22.51 27.23
N ILE E 408 -6.31 23.57 26.44
CA ILE E 408 -5.05 24.31 26.15
C ILE E 408 -4.45 24.70 27.51
N GLY E 409 -3.16 24.42 27.71
CA GLY E 409 -2.45 24.92 28.90
C GLY E 409 -1.97 23.83 29.83
N ALA E 410 -2.51 22.62 29.75
CA ALA E 410 -2.12 21.51 30.67
C ALA E 410 -0.63 21.20 30.50
N VAL E 411 -0.09 21.25 29.28
CA VAL E 411 1.35 20.94 29.02
C VAL E 411 2.26 22.01 29.66
N MET E 412 1.78 23.20 29.97
CA MET E 412 2.58 24.19 30.74
C MET E 412 2.20 24.15 32.24
N CYS E 413 0.92 23.97 32.58
CA CYS E 413 0.48 23.93 34.00
C CYS E 413 1.10 22.74 34.73
N SER E 414 1.33 21.61 34.04
CA SER E 414 1.92 20.39 34.63
C SER E 414 3.36 20.68 35.07
N PRO E 415 4.30 21.11 34.19
CA PRO E 415 5.65 21.43 34.65
C PRO E 415 5.70 22.57 35.68
N LEU E 416 4.83 23.58 35.55
CA LEU E 416 4.75 24.68 36.55
C LEU E 416 4.35 24.13 37.92
N SER E 417 3.56 23.05 37.97
CA SER E 417 3.11 22.42 39.24
C SER E 417 4.28 21.70 39.90
N TYR E 418 5.12 20.99 39.16
CA TYR E 418 6.38 20.44 39.69
C TYR E 418 7.25 21.57 40.21
N PHE E 419 7.32 22.66 39.45
CA PHE E 419 8.13 23.82 39.82
C PHE E 419 7.65 24.36 41.17
N GLU E 420 6.33 24.47 41.35
CA GLU E 420 5.73 24.97 42.62
C GLU E 420 6.07 24.02 43.77
N ALA E 421 5.96 22.70 43.55
CA ALA E 421 6.23 21.69 44.61
C ALA E 421 7.67 21.86 45.11
N LEU E 422 8.61 22.03 44.18
CA LEU E 422 10.05 22.20 44.50
C LEU E 422 10.27 23.56 45.17
N SER E 423 9.60 24.63 44.72
CA SER E 423 9.68 25.97 45.35
C SER E 423 9.26 25.86 46.82
N GLU E 424 8.22 25.07 47.09
CA GLU E 424 7.65 24.88 48.44
C GLU E 424 8.52 23.89 49.24
N THR E 425 9.56 23.33 48.62
CA THR E 425 10.61 22.52 49.29
C THR E 425 11.87 23.37 49.47
N GLY E 426 11.87 24.62 48.99
CA GLY E 426 13.02 25.54 49.02
C GLY E 426 14.14 25.11 48.07
N LEU E 427 13.82 24.34 47.02
CA LEU E 427 14.79 23.89 46.00
C LEU E 427 14.62 24.71 44.72
N GLN E 428 15.73 25.26 44.23
CA GLN E 428 15.85 25.83 42.86
C GLN E 428 15.57 24.73 41.83
N ALA E 429 14.94 25.12 40.73
CA ALA E 429 14.79 24.25 39.52
C ALA E 429 14.89 25.13 38.29
N ASN E 430 15.57 24.65 37.26
CA ASN E 430 15.58 25.30 35.94
C ASN E 430 14.20 25.06 35.29
N PHE E 431 13.81 25.98 34.41
CA PHE E 431 12.60 25.86 33.55
C PHE E 431 13.07 26.20 32.15
N LYS E 432 13.14 25.19 31.28
CA LYS E 432 13.90 25.26 30.02
C LYS E 432 13.12 24.62 28.89
N GLU E 433 13.21 25.21 27.69
CA GLU E 433 12.79 24.53 26.45
C GLU E 433 13.79 23.40 26.20
N ILE E 434 13.36 22.27 25.66
CA ILE E 434 14.20 21.05 25.57
C ILE E 434 15.50 21.36 24.78
N LYS E 435 15.45 22.23 23.78
CA LYS E 435 16.63 22.55 22.95
C LYS E 435 17.62 23.44 23.71
N GLU E 436 17.23 24.02 24.83
CA GLU E 436 18.10 24.87 25.67
C GLU E 436 18.91 24.01 26.67
N PHE E 437 18.57 22.72 26.78
CA PHE E 437 19.29 21.78 27.65
C PHE E 437 20.51 21.23 26.89
N ASP E 438 21.67 21.25 27.51
CA ASP E 438 22.92 20.73 26.88
C ASP E 438 22.98 19.22 27.07
N PHE E 439 22.68 18.45 26.02
CA PHE E 439 22.68 16.97 26.02
C PHE E 439 24.02 16.39 25.54
N SER E 440 25.06 17.21 25.39
CA SER E 440 26.35 16.80 24.75
C SER E 440 27.41 16.39 25.79
N LEU E 441 27.12 16.42 27.10
CA LEU E 441 28.13 16.16 28.16
C LEU E 441 28.37 14.65 28.29
N ASN E 442 29.43 14.29 29.03
CA ASN E 442 29.93 12.90 29.22
C ASN E 442 29.37 12.30 30.50
N ASP E 443 28.94 13.14 31.43
CA ASP E 443 28.58 12.75 32.81
C ASP E 443 27.37 13.58 33.25
N TYR E 444 26.30 12.95 33.74
CA TYR E 444 25.06 13.60 34.26
C TYR E 444 24.74 13.05 35.65
N THR E 445 25.73 12.43 36.31
CA THR E 445 25.65 12.03 37.74
C THR E 445 25.03 13.19 38.54
N ASP E 446 24.08 12.90 39.40
CA ASP E 446 23.44 13.91 40.28
C ASP E 446 22.71 15.03 39.50
N GLN E 447 22.43 14.88 38.19
CA GLN E 447 21.53 15.81 37.44
C GLN E 447 20.15 15.16 37.31
N VAL E 448 19.07 15.96 37.27
CA VAL E 448 17.66 15.48 37.22
C VAL E 448 16.93 16.24 36.12
N ILE E 449 16.25 15.52 35.23
CA ILE E 449 15.28 16.11 34.27
C ILE E 449 13.88 15.65 34.68
N ILE E 450 12.96 16.60 34.75
CA ILE E 450 11.50 16.32 34.93
C ILE E 450 10.79 16.64 33.60
N LEU E 451 10.16 15.63 33.02
CA LEU E 451 9.27 15.73 31.82
C LEU E 451 7.84 15.44 32.27
N SER E 452 7.11 16.53 32.58
CA SER E 452 5.76 16.46 33.17
C SER E 452 4.72 16.76 32.09
N HIS E 453 4.01 15.74 31.63
CA HIS E 453 2.93 15.84 30.63
C HIS E 453 3.48 16.57 29.40
N GLN E 454 4.70 16.24 28.98
CA GLN E 454 5.26 16.69 27.69
C GLN E 454 4.86 15.62 26.66
N ILE E 455 3.65 15.77 26.13
CA ILE E 455 2.90 14.71 25.39
C ILE E 455 3.56 14.37 24.06
N ALA E 456 4.44 15.22 23.52
CA ALA E 456 5.11 14.98 22.21
C ALA E 456 6.63 14.90 22.41
N LEU E 457 7.20 13.76 22.03
CA LEU E 457 8.68 13.53 22.00
C LEU E 457 9.00 12.76 20.71
N ASP E 458 10.07 13.15 20.01
CA ASP E 458 10.51 12.44 18.77
C ASP E 458 11.71 11.53 19.08
N ASN E 459 12.10 10.73 18.09
CA ASN E 459 13.20 9.75 18.20
C ASN E 459 14.48 10.47 18.63
N LYS E 460 14.76 11.64 18.06
CA LYS E 460 16.01 12.39 18.31
C LYS E 460 16.09 12.74 19.79
N VAL E 461 15.03 13.32 20.35
CA VAL E 461 15.03 13.74 21.78
C VAL E 461 15.07 12.49 22.67
N ILE E 462 14.40 11.40 22.29
CA ILE E 462 14.44 10.13 23.09
C ILE E 462 15.91 9.61 23.16
N LYS E 463 16.65 9.65 22.04
CA LYS E 463 18.09 9.25 22.05
C LYS E 463 18.86 10.16 23.01
N GLN E 464 18.59 11.46 23.01
CA GLN E 464 19.27 12.41 23.94
C GLN E 464 18.95 12.03 25.39
N LEU E 465 17.69 11.67 25.67
CA LEU E 465 17.27 11.29 27.04
C LEU E 465 17.94 9.96 27.44
N GLU E 466 18.04 9.01 26.52
CA GLU E 466 18.74 7.71 26.74
C GLU E 466 20.19 8.00 27.15
N SER E 467 20.88 8.85 26.40
CA SER E 467 22.29 9.25 26.66
C SER E 467 22.37 9.91 28.04
N PHE E 468 21.46 10.84 28.35
CA PHE E 468 21.42 11.56 29.64
C PHE E 468 21.35 10.55 30.79
N VAL E 469 20.42 9.59 30.71
CA VAL E 469 20.19 8.61 31.81
C VAL E 469 21.38 7.63 31.87
N GLU E 470 21.80 7.10 30.74
CA GLU E 470 22.94 6.14 30.64
C GLU E 470 24.16 6.73 31.35
N LYS E 471 24.38 8.04 31.22
CA LYS E 471 25.56 8.75 31.77
C LYS E 471 25.31 9.24 33.19
N GLY E 472 24.28 8.74 33.89
CA GLY E 472 24.08 9.00 35.34
C GLY E 472 22.87 9.86 35.67
N GLY E 473 22.20 10.41 34.65
CA GLY E 473 21.01 11.27 34.84
C GLY E 473 19.84 10.53 35.48
N THR E 474 19.04 11.25 36.26
CA THR E 474 17.74 10.79 36.78
C THR E 474 16.62 11.48 35.97
N LEU E 475 15.75 10.69 35.37
CA LEU E 475 14.60 11.18 34.56
C LEU E 475 13.30 10.87 35.31
N ILE E 476 12.50 11.89 35.60
CA ILE E 476 11.14 11.76 36.19
C ILE E 476 10.12 12.16 35.12
N ALA E 477 9.20 11.28 34.81
CA ALA E 477 8.17 11.49 33.75
C ALA E 477 6.80 11.16 34.32
N ASP E 478 5.85 12.11 34.25
CA ASP E 478 4.45 11.84 34.65
C ASP E 478 3.48 12.29 33.54
N GLY E 479 2.19 12.04 33.73
CA GLY E 479 1.14 12.36 32.76
C GLY E 479 1.37 11.65 31.46
N LEU E 480 0.97 12.27 30.35
CA LEU E 480 0.99 11.61 29.01
C LEU E 480 2.34 11.90 28.33
N THR E 481 3.43 12.16 29.07
CA THR E 481 4.79 12.35 28.46
C THR E 481 5.05 11.25 27.44
N GLY E 482 5.41 11.61 26.21
CA GLY E 482 5.81 10.69 25.13
C GLY E 482 4.67 9.87 24.51
N TYR E 483 3.40 10.24 24.76
CA TYR E 483 2.25 9.54 24.16
C TYR E 483 2.26 9.72 22.63
N TYR E 484 2.68 10.88 22.14
CA TYR E 484 2.73 11.24 20.71
C TYR E 484 4.17 11.58 20.31
N ASP E 485 4.45 11.48 19.00
CA ASP E 485 5.69 12.04 18.39
C ASP E 485 5.39 13.45 17.87
N TYR E 486 6.34 14.04 17.14
CA TYR E 486 6.27 15.45 16.69
C TYR E 486 5.30 15.58 15.51
N GLN E 487 4.77 14.48 14.99
CA GLN E 487 3.72 14.46 13.94
C GLN E 487 2.34 14.04 14.51
N ALA E 488 2.17 14.07 15.84
CA ALA E 488 0.91 13.70 16.54
C ALA E 488 0.60 12.22 16.31
N HIS E 489 1.59 11.43 15.90
CA HIS E 489 1.46 9.96 15.74
C HIS E 489 1.80 9.31 17.08
N SER E 490 0.90 8.47 17.59
CA SER E 490 1.11 7.84 18.92
C SER E 490 1.92 6.56 18.77
N THR E 491 3.17 6.54 19.20
CA THR E 491 3.98 5.28 19.21
C THR E 491 3.44 4.34 20.30
N VAL E 492 2.65 4.83 21.24
CA VAL E 492 1.95 3.97 22.23
C VAL E 492 1.07 2.99 21.44
N VAL E 493 0.50 3.42 20.32
CA VAL E 493 -0.36 2.58 19.44
C VAL E 493 0.52 1.73 18.51
N SER E 494 1.50 2.32 17.83
CA SER E 494 2.24 1.66 16.71
C SER E 494 3.46 0.86 17.21
N GLY E 495 3.98 1.11 18.40
CA GLY E 495 5.23 0.51 18.92
C GLY E 495 6.03 1.52 19.72
N PHE E 496 5.93 1.45 21.05
CA PHE E 496 6.28 2.56 21.99
C PHE E 496 7.76 2.89 21.91
N ALA E 497 8.08 4.14 21.53
CA ALA E 497 9.46 4.60 21.28
C ALA E 497 10.24 4.67 22.60
N LEU E 498 9.57 4.86 23.74
CA LEU E 498 10.25 4.98 25.06
C LEU E 498 10.35 3.62 25.78
N GLU E 499 10.01 2.50 25.12
CA GLU E 499 10.02 1.18 25.82
C GLU E 499 11.43 0.88 26.37
N ASN E 500 12.47 1.09 25.56
CA ASN E 500 13.87 0.82 25.93
C ASN E 500 14.22 1.63 27.19
N LEU E 501 14.02 2.95 27.17
CA LEU E 501 14.43 3.83 28.30
C LEU E 501 13.59 3.52 29.54
N PHE E 502 12.30 3.25 29.38
CA PHE E 502 11.36 3.10 30.54
C PHE E 502 11.39 1.66 31.07
N GLY E 503 11.91 0.71 30.29
CA GLY E 503 11.94 -0.72 30.66
C GLY E 503 10.54 -1.24 30.94
N SER E 504 9.55 -0.74 30.19
CA SER E 504 8.12 -0.97 30.45
C SER E 504 7.30 -0.45 29.25
N TYR E 505 6.01 -0.75 29.26
CA TYR E 505 5.08 -0.53 28.14
C TYR E 505 3.73 -0.08 28.71
N PRO E 506 3.06 0.94 28.14
CA PRO E 506 1.72 1.31 28.60
C PRO E 506 0.74 0.18 28.30
N ILE E 507 -0.28 0.03 29.13
CA ILE E 507 -1.37 -0.97 28.94
C ILE E 507 -2.65 -0.19 28.60
N GLU E 508 -3.12 0.67 29.51
CA GLU E 508 -4.38 1.45 29.33
C GLU E 508 -4.24 2.82 29.97
N TYR E 509 -5.02 3.76 29.45
CA TYR E 509 -5.50 4.96 30.18
C TYR E 509 -7.01 4.82 30.36
N LYS E 510 -7.49 5.17 31.55
CA LYS E 510 -8.92 5.17 31.88
C LYS E 510 -9.22 6.51 32.54
N ILE E 511 -10.17 7.22 31.95
CA ILE E 511 -10.56 8.55 32.48
C ILE E 511 -11.31 8.29 33.80
N LYS E 512 -11.02 9.13 34.79
CA LYS E 512 -11.65 9.17 36.15
C LYS E 512 -12.22 10.58 36.35
N GLU E 513 -12.37 11.01 37.60
CA GLU E 513 -12.85 12.37 37.91
C GLU E 513 -11.67 13.36 37.77
N ASN E 514 -11.95 14.66 37.85
CA ASN E 514 -10.90 15.73 37.83
C ASN E 514 -9.86 15.47 38.93
N LEU E 515 -10.27 14.88 40.05
CA LEU E 515 -9.33 14.56 41.16
C LEU E 515 -9.60 13.14 41.65
N PHE E 516 -8.58 12.28 41.65
CA PHE E 516 -8.62 10.94 42.27
C PHE E 516 -7.28 10.73 42.98
N SER E 517 -7.14 9.64 43.72
CA SER E 517 -5.95 9.33 44.55
C SER E 517 -5.24 8.12 43.96
N LEU E 518 -3.93 8.19 43.70
CA LEU E 518 -3.11 7.00 43.41
C LEU E 518 -2.46 6.55 44.71
N ASP E 519 -2.89 5.42 45.26
CA ASP E 519 -2.47 4.93 46.61
C ASP E 519 -1.48 3.77 46.41
N PHE E 520 -0.20 4.02 46.63
CA PHE E 520 0.87 3.01 46.45
C PHE E 520 0.70 1.85 47.44
N GLU E 521 1.02 0.64 47.00
CA GLU E 521 1.09 -0.58 47.82
C GLU E 521 2.11 -0.37 48.95
N LYS E 522 3.26 0.20 48.63
CA LYS E 522 4.43 0.40 49.53
C LYS E 522 4.63 1.89 49.79
N ASP E 523 5.38 2.24 50.85
CA ASP E 523 5.92 3.59 51.16
C ASP E 523 4.80 4.61 51.44
N ASN E 524 3.54 4.20 51.39
CA ASN E 524 2.38 4.96 51.90
C ASN E 524 2.26 6.32 51.19
N TYR E 525 2.73 6.45 49.93
CA TYR E 525 2.37 7.62 49.08
C TYR E 525 0.91 7.49 48.65
N LYS E 526 0.16 8.59 48.78
CA LYS E 526 -1.24 8.73 48.29
C LYS E 526 -1.23 10.04 47.48
N LEU E 527 -0.99 9.90 46.19
CA LEU E 527 -0.70 11.02 45.27
C LEU E 527 -2.00 11.49 44.65
N PRO E 528 -2.35 12.79 44.80
CA PRO E 528 -3.45 13.37 44.03
C PRO E 528 -3.12 13.20 42.54
N ALA E 529 -4.12 12.85 41.73
CA ALA E 529 -3.96 12.62 40.29
C ALA E 529 -5.15 13.24 39.56
N HIS E 530 -4.91 13.74 38.35
CA HIS E 530 -5.92 14.47 37.54
C HIS E 530 -6.33 13.63 36.34
N LEU E 531 -7.63 13.33 36.25
CA LEU E 531 -8.38 13.02 35.01
C LEU E 531 -8.14 11.59 34.52
N TRP E 532 -6.90 11.17 34.28
CA TRP E 532 -6.61 9.87 33.62
C TRP E 532 -5.72 8.99 34.52
N LYS E 533 -6.10 7.72 34.69
CA LYS E 533 -5.25 6.72 35.38
C LYS E 533 -4.52 5.90 34.32
N GLY E 534 -3.19 5.94 34.34
CA GLY E 534 -2.33 5.14 33.46
C GLY E 534 -1.93 3.83 34.15
N THR E 535 -2.02 2.70 33.45
CA THR E 535 -1.48 1.39 33.88
C THR E 535 -0.43 0.93 32.86
N ILE E 536 0.57 0.19 33.32
CA ILE E 536 1.74 -0.23 32.51
C ILE E 536 2.04 -1.69 32.80
N GLU E 537 2.93 -2.26 31.99
CA GLU E 537 3.56 -3.58 32.20
C GLU E 537 5.08 -3.39 32.19
N THR E 538 5.78 -3.90 33.21
CA THR E 538 7.26 -3.81 33.30
C THR E 538 7.90 -5.02 32.61
N SER E 539 9.05 -4.81 31.97
CA SER E 539 9.99 -5.86 31.55
C SER E 539 11.24 -5.71 32.42
N LYS E 540 12.13 -4.76 32.10
CA LYS E 540 13.39 -4.54 32.85
C LYS E 540 13.17 -3.67 34.08
N ALA E 541 12.13 -2.84 34.12
CA ALA E 541 11.90 -1.91 35.25
C ALA E 541 11.33 -2.67 36.46
N THR E 542 11.50 -2.11 37.65
CA THR E 542 10.84 -2.58 38.90
C THR E 542 9.42 -2.00 38.96
N PRO E 543 8.37 -2.84 38.98
CA PRO E 543 6.98 -2.33 39.00
C PRO E 543 6.62 -1.75 40.37
N ILE E 544 5.76 -0.73 40.35
CA ILE E 544 5.16 -0.09 41.55
C ILE E 544 3.67 -0.29 41.42
N MET E 545 3.07 -0.95 42.41
CA MET E 545 1.66 -1.35 42.38
C MET E 545 0.89 -0.39 43.27
N ASP E 546 -0.39 -0.20 42.99
CA ASP E 546 -1.31 0.57 43.84
C ASP E 546 -2.14 -0.42 44.68
N LYS E 547 -2.97 0.08 45.58
CA LYS E 547 -3.75 -0.74 46.54
C LYS E 547 -4.84 -1.53 45.81
N GLU E 548 -5.14 -1.22 44.54
CA GLU E 548 -6.11 -2.00 43.73
C GLU E 548 -5.37 -3.10 42.96
N GLY E 549 -4.07 -3.27 43.19
CA GLY E 549 -3.26 -4.31 42.53
C GLY E 549 -2.96 -4.00 41.07
N GLU E 550 -3.01 -2.72 40.65
CA GLU E 550 -2.66 -2.32 39.26
C GLU E 550 -1.23 -1.78 39.23
N CYS E 551 -0.52 -1.96 38.11
CA CYS E 551 0.84 -1.40 37.96
C CYS E 551 0.73 0.04 37.44
N ILE E 552 1.08 1.04 38.25
CA ILE E 552 0.82 2.48 37.99
C ILE E 552 2.11 3.25 37.77
N ALA E 553 3.27 2.62 37.98
CA ALA E 553 4.56 3.32 37.92
C ALA E 553 5.70 2.29 37.89
N CYS E 554 6.92 2.78 37.68
CA CYS E 554 8.13 1.92 37.71
C CYS E 554 9.39 2.77 37.85
N ILE E 555 10.46 2.11 38.31
CA ILE E 555 11.84 2.64 38.33
C ILE E 555 12.67 1.74 37.43
N ASN E 556 13.28 2.31 36.39
CA ASN E 556 14.18 1.57 35.49
C ASN E 556 15.61 2.00 35.76
N GLN E 557 16.50 1.04 35.99
CA GLN E 557 17.96 1.30 36.08
C GLN E 557 18.47 1.22 34.66
N TYR E 558 19.04 2.31 34.14
CA TYR E 558 19.44 2.39 32.73
C TYR E 558 20.86 2.95 32.68
N GLY E 559 21.84 2.09 32.39
CA GLY E 559 23.26 2.44 32.58
C GLY E 559 23.49 2.92 34.01
N LYS E 560 24.11 4.07 34.19
CA LYS E 560 24.43 4.62 35.55
C LYS E 560 23.25 5.43 36.11
N GLY E 561 22.18 5.66 35.33
CA GLY E 561 21.08 6.54 35.78
C GLY E 561 19.83 5.77 36.14
N LYS E 562 18.75 6.50 36.44
CA LYS E 562 17.43 5.85 36.68
C LYS E 562 16.29 6.69 36.08
N VAL E 563 15.20 5.98 35.78
CA VAL E 563 13.93 6.57 35.30
C VAL E 563 12.85 6.25 36.32
N PHE E 564 12.11 7.25 36.77
CA PHE E 564 10.82 7.10 37.46
C PHE E 564 9.72 7.53 36.50
N TRP E 565 8.83 6.61 36.14
CA TRP E 565 7.72 6.83 35.18
C TRP E 565 6.40 6.53 35.90
N ILE E 566 5.51 7.52 35.90
CA ILE E 566 4.14 7.37 36.42
C ILE E 566 3.18 8.03 35.43
N PRO E 567 2.57 7.26 34.51
CA PRO E 567 1.78 7.83 33.42
C PRO E 567 0.42 8.46 33.80
N SER E 568 0.09 8.62 35.07
CA SER E 568 -1.06 9.44 35.52
C SER E 568 -0.57 10.85 35.77
N PRO E 569 -1.39 11.91 35.54
CA PRO E 569 -0.94 13.27 35.81
C PRO E 569 -0.94 13.64 37.31
N ILE E 570 0.21 13.45 37.97
CA ILE E 570 0.30 13.72 39.44
C ILE E 570 0.66 15.19 39.69
N ALA E 571 1.43 15.83 38.83
CA ALA E 571 1.65 17.30 38.92
C ALA E 571 0.31 18.03 38.73
N LEU E 572 -0.50 17.63 37.75
CA LEU E 572 -1.84 18.26 37.56
C LEU E 572 -2.78 17.87 38.71
N GLY E 573 -2.58 16.70 39.32
CA GLY E 573 -3.34 16.29 40.52
C GLY E 573 -3.04 17.21 41.68
N ALA E 574 -1.77 17.52 41.90
CA ALA E 574 -1.33 18.49 42.93
C ALA E 574 -2.01 19.85 42.66
N ARG E 575 -1.97 20.32 41.41
CA ARG E 575 -2.63 21.59 41.01
C ARG E 575 -4.13 21.56 41.37
N GLU E 576 -4.82 20.50 40.96
CA GLU E 576 -6.29 20.41 41.10
C GLU E 576 -6.64 20.33 42.59
N SER E 577 -5.86 19.60 43.39
CA SER E 577 -6.11 19.42 44.85
C SER E 577 -5.62 20.64 45.63
N LYS E 578 -4.91 21.58 44.99
CA LYS E 578 -4.26 22.74 45.66
C LYS E 578 -3.37 22.26 46.81
N ASP E 579 -2.69 21.14 46.61
CA ASP E 579 -1.82 20.51 47.63
C ASP E 579 -0.61 19.88 46.93
N PHE E 580 0.55 20.50 47.09
CA PHE E 580 1.83 20.07 46.45
C PHE E 580 2.68 19.21 47.41
N SER E 581 2.17 18.91 48.62
CA SER E 581 2.98 18.28 49.71
C SER E 581 3.41 16.89 49.29
N GLU E 582 2.51 16.05 48.77
CA GLU E 582 2.85 14.66 48.39
C GLU E 582 3.80 14.67 47.19
N LEU E 583 3.57 15.55 46.21
CA LEU E 583 4.46 15.65 45.03
C LEU E 583 5.87 16.04 45.52
N SER E 584 5.98 16.99 46.46
CA SER E 584 7.26 17.38 47.11
C SER E 584 7.95 16.13 47.70
N LYS E 585 7.25 15.42 48.59
CA LYS E 585 7.81 14.25 49.32
C LYS E 585 8.30 13.21 48.31
N LEU E 586 7.47 12.82 47.35
CA LEU E 586 7.83 11.79 46.33
C LEU E 586 9.08 12.25 45.57
N THR E 587 9.11 13.51 45.13
CA THR E 587 10.21 14.02 44.27
C THR E 587 11.51 14.00 45.09
N VAL E 588 11.47 14.44 46.34
CA VAL E 588 12.66 14.50 47.24
C VAL E 588 13.22 13.08 47.39
N SER E 589 12.36 12.08 47.56
CA SER E 589 12.76 10.65 47.72
C SER E 589 13.49 10.15 46.47
N LEU E 590 13.32 10.79 45.30
CA LEU E 590 13.95 10.35 44.02
C LEU E 590 15.22 11.14 43.72
N LEU E 591 15.51 12.21 44.46
CA LEU E 591 16.66 13.10 44.15
C LEU E 591 17.96 12.43 44.58
N PRO E 592 19.05 12.54 43.78
CA PRO E 592 20.37 12.11 44.23
C PRO E 592 20.76 12.81 45.53
N ASN E 593 21.43 12.09 46.43
CA ASN E 593 21.78 12.59 47.79
C ASN E 593 22.55 13.91 47.69
N LYS E 594 23.45 14.01 46.72
CA LYS E 594 24.35 15.17 46.56
C LYS E 594 23.50 16.46 46.47
N ILE E 595 22.33 16.41 45.81
CA ILE E 595 21.49 17.62 45.65
C ILE E 595 21.03 18.08 47.04
N LEU E 596 20.51 17.16 47.86
CA LEU E 596 19.99 17.51 49.21
C LEU E 596 21.15 17.87 50.17
N ASN E 597 22.34 17.29 49.97
CA ASN E 597 23.48 17.56 50.88
C ASN E 597 24.07 18.95 50.59
N ASP E 598 24.17 19.35 49.31
CA ASP E 598 24.94 20.56 48.90
C ASP E 598 24.07 21.82 48.75
N ASN E 599 22.73 21.68 48.65
CA ASN E 599 21.84 22.83 48.38
C ASN E 599 21.02 23.16 49.62
N PRO E 600 21.02 24.42 50.10
CA PRO E 600 20.06 24.82 51.11
C PRO E 600 18.64 24.55 50.58
N HIS E 601 17.79 24.00 51.45
CA HIS E 601 16.38 23.65 51.16
C HIS E 601 15.65 23.57 52.49
N PHE E 602 14.33 23.37 52.47
CA PHE E 602 13.52 23.24 53.71
C PHE E 602 13.65 21.80 54.23
N ASP E 603 13.63 21.64 55.56
CA ASP E 603 13.68 20.31 56.24
C ASP E 603 12.43 19.50 55.88
N LYS E 604 11.37 20.17 55.45
CA LYS E 604 10.12 19.51 54.98
C LYS E 604 9.37 20.46 54.04
N HIS E 605 8.25 20.02 53.49
CA HIS E 605 7.38 20.84 52.61
C HIS E 605 6.73 21.96 53.42
N TYR E 606 6.74 23.20 52.90
CA TYR E 606 6.00 24.35 53.48
C TYR E 606 5.06 24.94 52.43
N LYS E 607 3.75 24.79 52.64
CA LYS E 607 2.71 25.40 51.79
C LYS E 607 2.90 26.92 51.75
N ASP E 608 2.94 27.51 50.55
CA ASP E 608 2.93 28.98 50.33
C ASP E 608 4.19 29.64 50.91
N VAL E 609 5.30 28.91 50.93
CA VAL E 609 6.64 29.51 51.20
C VAL E 609 7.53 29.13 50.03
N MET E 610 8.41 30.04 49.62
CA MET E 610 9.43 29.68 48.60
C MET E 610 10.82 30.05 49.10
N MET E 611 11.80 29.32 48.59
CA MET E 611 13.23 29.69 48.74
C MET E 611 13.97 29.24 47.47
N LYS E 612 14.91 30.09 47.07
CA LYS E 612 15.87 29.85 45.98
C LYS E 612 17.20 30.42 46.44
N SER E 613 18.29 29.74 46.12
CA SER E 613 19.64 30.15 46.59
C SER E 613 20.49 30.63 45.40
N PHE E 614 21.48 31.46 45.69
CA PHE E 614 22.44 31.98 44.70
C PHE E 614 23.81 32.18 45.36
N LYS E 615 24.81 32.44 44.52
CA LYS E 615 26.20 32.74 44.96
C LYS E 615 26.63 34.05 44.32
N SER E 616 27.51 34.78 44.99
CA SER E 616 28.22 35.94 44.43
C SER E 616 29.64 35.98 45.05
N ASN E 617 30.65 35.85 44.20
CA ASN E 617 32.08 35.96 44.57
C ASN E 617 32.39 34.96 45.68
N GLY E 618 31.90 33.73 45.57
CA GLY E 618 32.21 32.63 46.50
C GLY E 618 31.28 32.57 47.71
N THR E 619 30.52 33.63 48.03
CA THR E 619 29.55 33.62 49.16
C THR E 619 28.18 33.11 48.69
N MET E 620 27.54 32.25 49.48
CA MET E 620 26.20 31.70 49.19
C MET E 620 25.13 32.55 49.90
N TYR E 621 23.98 32.74 49.25
CA TYR E 621 22.83 33.50 49.77
C TYR E 621 21.55 32.70 49.51
N SER E 622 20.51 32.96 50.30
CA SER E 622 19.17 32.39 50.05
C SER E 622 18.13 33.52 50.10
N LEU E 623 17.16 33.42 49.17
CA LEU E 623 15.94 34.26 49.15
C LEU E 623 14.80 33.43 49.70
N ILE E 624 14.06 33.97 50.67
CA ILE E 624 12.89 33.28 51.26
C ILE E 624 11.74 34.29 51.24
N ILE E 625 10.58 33.84 50.78
CA ILE E 625 9.33 34.64 50.78
C ILE E 625 8.23 33.77 51.40
N ASN E 626 7.49 34.38 52.33
CA ASN E 626 6.31 33.77 52.99
C ASN E 626 5.04 34.36 52.36
N LYS E 627 4.25 33.52 51.70
CA LYS E 627 2.97 33.95 51.07
C LYS E 627 1.80 33.33 51.82
N SER E 628 2.06 32.64 52.95
CA SER E 628 1.01 32.08 53.82
C SER E 628 0.40 33.22 54.64
N ALA E 629 -0.72 32.93 55.28
CA ALA E 629 -1.47 33.87 56.14
C ALA E 629 -0.80 33.99 57.53
N SER E 630 0.19 33.16 57.85
CA SER E 630 0.75 33.10 59.23
C SER E 630 2.28 33.23 59.22
N VAL E 631 2.82 33.72 60.34
CA VAL E 631 4.28 33.70 60.60
C VAL E 631 4.71 32.25 60.47
N GLN E 632 5.84 32.00 59.82
CA GLN E 632 6.35 30.63 59.61
C GLN E 632 7.73 30.58 60.24
N THR E 633 8.09 29.45 60.82
CA THR E 633 9.48 29.15 61.18
C THR E 633 9.96 28.05 60.24
N VAL E 634 10.89 28.40 59.36
CA VAL E 634 11.38 27.47 58.30
C VAL E 634 12.76 26.99 58.69
N ASP E 635 12.91 25.68 58.83
CA ASP E 635 14.20 25.02 59.17
C ASP E 635 14.96 24.78 57.88
N ILE E 636 16.04 25.50 57.67
CA ILE E 636 16.86 25.39 56.43
C ILE E 636 18.00 24.40 56.71
N VAL E 637 18.18 23.43 55.81
CA VAL E 637 19.22 22.36 55.90
C VAL E 637 19.86 22.22 54.52
N GLY E 638 21.06 21.64 54.48
CA GLY E 638 21.84 21.45 53.24
C GLY E 638 22.78 22.61 53.03
N GLY E 639 23.84 22.38 52.23
CA GLY E 639 24.97 23.32 52.09
C GLY E 639 25.63 23.59 53.45
N LYS E 640 26.32 24.72 53.59
CA LYS E 640 27.17 25.05 54.75
C LYS E 640 26.96 26.50 55.16
N GLY E 641 27.15 26.83 56.43
CA GLY E 641 27.29 28.21 56.91
C GLY E 641 26.20 28.56 57.90
N LYS E 642 26.29 29.76 58.49
CA LYS E 642 25.35 30.27 59.51
C LYS E 642 24.57 31.44 58.92
N ALA E 643 23.26 31.47 59.17
CA ALA E 643 22.33 32.50 58.64
C ALA E 643 22.67 33.87 59.23
N PHE E 644 23.00 34.84 58.36
CA PHE E 644 23.01 36.29 58.70
C PHE E 644 21.95 36.95 57.81
N ILE E 645 20.95 37.60 58.42
CA ILE E 645 19.88 38.32 57.69
C ILE E 645 20.45 39.62 57.14
N LEU E 646 20.59 39.68 55.81
CA LEU E 646 21.15 40.85 55.09
C LEU E 646 20.02 41.77 54.64
N PHE E 647 18.84 41.20 54.35
CA PHE E 647 17.64 41.97 53.91
C PHE E 647 16.42 41.33 54.54
N ALA E 648 15.53 42.15 55.12
CA ALA E 648 14.23 41.72 55.68
C ALA E 648 13.35 42.96 55.84
N ASN E 649 12.14 42.94 55.26
CA ASN E 649 11.29 44.16 55.25
C ASN E 649 10.26 44.09 56.39
N LYS E 650 10.20 43.01 57.16
CA LYS E 650 9.27 42.93 58.32
C LYS E 650 9.97 42.36 59.57
N ASN E 651 11.26 42.65 59.77
CA ASN E 651 12.02 42.30 61.00
C ASN E 651 12.10 40.79 61.23
N ALA E 652 12.27 39.98 60.18
CA ALA E 652 12.58 38.54 60.31
C ALA E 652 13.76 38.38 61.29
N HIS E 653 13.84 37.23 61.95
CA HIS E 653 15.00 36.83 62.82
C HIS E 653 15.27 35.34 62.60
N SER E 654 16.52 34.92 62.75
CA SER E 654 16.91 33.48 62.69
C SER E 654 17.55 33.07 64.03
N THR E 655 17.38 31.81 64.40
CA THR E 655 18.13 31.10 65.46
C THR E 655 18.70 29.85 64.82
N ALA E 656 20.01 29.81 64.58
CA ALA E 656 20.72 28.64 64.03
C ALA E 656 20.01 28.03 62.82
N ASN E 657 19.75 28.81 61.76
CA ASN E 657 19.26 28.30 60.45
C ASN E 657 17.76 27.94 60.52
N LYS E 658 17.05 28.40 61.54
CA LYS E 658 15.58 28.38 61.63
C LYS E 658 15.13 29.84 61.47
N LEU E 659 14.48 30.16 60.35
CA LEU E 659 14.10 31.55 59.99
C LEU E 659 12.62 31.77 60.34
N THR E 660 12.36 32.79 61.16
CA THR E 660 11.00 33.26 61.49
C THR E 660 10.69 34.42 60.54
N ILE E 661 9.72 34.19 59.64
CA ILE E 661 9.43 35.13 58.51
C ILE E 661 7.93 35.42 58.51
N SER E 662 7.58 36.70 58.39
CA SER E 662 6.18 37.19 58.50
C SER E 662 5.46 37.04 57.17
N PRO E 663 4.12 37.03 57.17
CA PRO E 663 3.34 37.04 55.93
C PRO E 663 3.77 38.20 55.01
N GLU E 664 4.09 37.88 53.75
CA GLU E 664 4.42 38.82 52.64
C GLU E 664 5.85 39.34 52.78
N GLU E 665 6.60 38.86 53.77
CA GLU E 665 8.00 39.31 53.99
C GLU E 665 8.92 38.65 52.95
N THR E 666 9.89 39.41 52.46
CA THR E 666 11.02 38.94 51.64
C THR E 666 12.31 39.00 52.50
N VAL E 667 13.06 37.91 52.54
CA VAL E 667 14.32 37.82 53.35
C VAL E 667 15.46 37.36 52.45
N ILE E 668 16.61 38.03 52.55
CA ILE E 668 17.90 37.51 52.03
C ILE E 668 18.79 37.12 53.21
N ILE E 669 19.17 35.85 53.27
CA ILE E 669 20.18 35.30 54.20
C ILE E 669 21.51 35.25 53.46
N LYS E 670 22.54 35.81 54.08
CA LYS E 670 23.97 35.59 53.75
C LYS E 670 24.48 34.43 54.63
N TRP E 671 25.06 33.40 54.01
CA TRP E 671 25.60 32.22 54.72
C TRP E 671 27.07 32.49 55.05
N LYS E 672 27.42 32.72 56.32
CA LYS E 672 28.81 33.05 56.76
C LYS E 672 29.59 31.75 57.06
N ALA F 22 -60.49 66.63 17.31
CA ALA F 22 -59.62 65.63 18.01
C ALA F 22 -59.24 66.18 19.39
N GLU F 23 -59.44 65.39 20.46
CA GLU F 23 -58.93 65.76 21.80
C GLU F 23 -57.40 65.77 21.77
N ARG F 24 -56.77 66.76 22.39
CA ARG F 24 -55.30 66.95 22.45
C ARG F 24 -54.88 66.71 23.90
N ILE F 25 -53.89 65.85 24.12
CA ILE F 25 -53.43 65.53 25.49
C ILE F 25 -52.80 66.80 26.06
N SER F 26 -52.91 66.98 27.37
CA SER F 26 -52.23 68.07 28.13
C SER F 26 -51.86 67.55 29.51
N LYS F 27 -51.15 68.35 30.30
CA LYS F 27 -50.76 68.02 31.69
C LYS F 27 -52.00 68.02 32.60
N GLN F 28 -53.18 68.43 32.11
CA GLN F 28 -54.46 68.45 32.86
C GLN F 28 -55.39 67.32 32.40
N SER F 29 -54.98 66.48 31.45
CA SER F 29 -55.84 65.38 30.95
C SER F 29 -56.12 64.39 32.09
N THR F 30 -57.27 63.74 32.03
CA THR F 30 -57.63 62.61 32.93
C THR F 30 -56.77 61.42 32.52
N PRO F 31 -56.00 60.82 33.45
CA PRO F 31 -55.20 59.63 33.10
C PRO F 31 -56.12 58.45 32.75
N PHE F 32 -55.65 57.57 31.88
CA PHE F 32 -56.39 56.37 31.45
C PHE F 32 -55.58 55.11 31.75
N VAL F 33 -56.31 54.01 31.92
CA VAL F 33 -55.77 52.63 31.84
C VAL F 33 -56.21 52.07 30.50
N GLY F 34 -55.29 51.41 29.78
CA GLY F 34 -55.55 50.91 28.42
C GLY F 34 -54.75 49.67 28.13
N ALA F 35 -54.91 49.13 26.92
CA ALA F 35 -54.24 47.88 26.52
C ALA F 35 -54.10 47.83 25.01
N GLN F 36 -53.07 47.16 24.54
CA GLN F 36 -52.93 46.82 23.11
C GLN F 36 -54.11 45.95 22.71
N ILE F 37 -54.72 46.24 21.57
CA ILE F 37 -55.65 45.28 20.91
C ILE F 37 -54.87 44.73 19.71
N PHE F 38 -54.52 43.45 19.77
CA PHE F 38 -53.66 42.81 18.74
C PHE F 38 -54.56 42.31 17.61
N ILE F 39 -54.43 42.96 16.45
CA ILE F 39 -55.25 42.68 15.24
C ILE F 39 -54.36 42.00 14.20
N GLU F 40 -54.78 40.81 13.76
CA GLU F 40 -54.14 40.06 12.66
C GLU F 40 -55.24 39.32 11.91
N PRO F 41 -54.96 38.89 10.67
CA PRO F 41 -55.95 38.13 9.89
C PRO F 41 -56.32 36.83 10.59
N GLY F 42 -57.57 36.38 10.38
CA GLY F 42 -58.09 35.11 10.92
C GLY F 42 -59.00 35.30 12.11
N GLN F 43 -58.87 36.42 12.82
CA GLN F 43 -59.76 36.76 13.97
C GLN F 43 -61.19 36.95 13.47
N THR F 44 -62.20 36.64 14.27
CA THR F 44 -63.64 36.83 13.91
C THR F 44 -64.14 38.17 14.46
N GLN F 45 -65.15 38.74 13.78
CA GLN F 45 -65.93 39.92 14.26
C GLN F 45 -66.33 39.71 15.73
N GLU F 46 -66.87 38.54 16.05
CA GLU F 46 -67.44 38.20 17.38
C GLU F 46 -66.32 38.27 18.43
N GLN F 47 -65.15 37.68 18.14
CA GLN F 47 -63.98 37.69 19.06
C GLN F 47 -63.58 39.15 19.33
N ILE F 48 -63.44 39.96 18.28
CA ILE F 48 -62.91 41.35 18.41
C ILE F 48 -63.91 42.18 19.22
N GLU F 49 -65.21 42.01 18.96
CA GLU F 49 -66.26 42.72 19.73
C GLU F 49 -66.16 42.32 21.21
N GLN F 50 -66.03 41.04 21.52
CA GLN F 50 -65.89 40.54 22.93
C GLN F 50 -64.69 41.22 23.59
N TRP F 51 -63.59 41.46 22.88
CA TRP F 51 -62.39 42.13 23.46
C TRP F 51 -62.76 43.57 23.84
N PHE F 52 -63.32 44.36 22.92
CA PHE F 52 -63.66 45.78 23.15
C PHE F 52 -64.74 45.88 24.25
N LYS F 53 -65.69 44.96 24.26
CA LYS F 53 -66.76 44.93 25.30
C LYS F 53 -66.11 44.75 26.67
N LEU F 54 -65.22 43.77 26.83
CA LEU F 54 -64.57 43.48 28.13
C LEU F 54 -63.60 44.62 28.51
N LEU F 55 -62.90 45.18 27.53
CA LEU F 55 -61.98 46.34 27.73
C LEU F 55 -62.81 47.49 28.35
N ALA F 56 -63.95 47.86 27.75
CA ALA F 56 -64.86 48.93 28.25
C ALA F 56 -65.36 48.58 29.65
N GLU F 57 -65.75 47.33 29.89
CA GLU F 57 -66.28 46.89 31.19
C GLU F 57 -65.19 46.88 32.26
N SER F 58 -63.91 46.89 31.85
CA SER F 58 -62.75 46.87 32.77
C SER F 58 -62.27 48.30 33.05
N ASN F 59 -63.09 49.31 32.73
CA ASN F 59 -62.83 50.75 33.04
C ASN F 59 -61.59 51.23 32.27
N MET F 60 -61.31 50.62 31.13
CA MET F 60 -60.24 51.07 30.21
C MET F 60 -60.90 51.92 29.12
N THR F 61 -60.28 53.05 28.75
CA THR F 61 -60.85 54.02 27.80
C THR F 61 -60.08 54.00 26.48
N THR F 62 -58.94 53.32 26.44
CA THR F 62 -57.92 53.53 25.36
C THR F 62 -57.30 52.19 24.97
N CYS F 63 -57.05 52.02 23.68
CA CYS F 63 -56.28 50.86 23.15
C CYS F 63 -55.16 51.39 22.26
N ARG F 64 -54.21 50.52 21.98
CA ARG F 64 -53.19 50.77 20.95
C ARG F 64 -53.30 49.66 19.91
N ILE F 65 -53.24 50.02 18.64
CA ILE F 65 -53.35 49.06 17.51
C ILE F 65 -52.15 49.27 16.60
N ARG F 66 -51.44 48.18 16.32
CA ARG F 66 -50.32 48.13 15.36
C ARG F 66 -50.92 48.07 13.95
N MET F 67 -50.69 49.11 13.15
CA MET F 67 -51.32 49.29 11.82
C MET F 67 -50.46 48.54 10.77
N PHE F 68 -50.36 47.22 10.92
CA PHE F 68 -49.43 46.37 10.12
C PHE F 68 -49.63 46.63 8.61
N GLY F 69 -48.65 47.22 7.94
CA GLY F 69 -48.63 47.33 6.47
C GLY F 69 -48.86 45.99 5.81
N LYS F 70 -48.30 44.93 6.39
CA LYS F 70 -48.40 43.56 5.84
C LYS F 70 -49.86 43.16 5.67
N TYR F 71 -50.75 43.57 6.58
CA TYR F 71 -52.16 43.09 6.62
C TYR F 71 -53.09 44.12 5.93
N MET F 72 -52.53 45.04 5.16
CA MET F 72 -53.28 45.99 4.30
C MET F 72 -52.83 45.92 2.84
N LYS F 73 -51.63 45.43 2.54
CA LYS F 73 -51.11 45.31 1.15
C LYS F 73 -51.88 44.19 0.44
N THR F 74 -52.30 44.44 -0.81
CA THR F 74 -53.05 43.49 -1.69
C THR F 74 -52.12 42.97 -2.76
N PRO F 75 -52.46 41.85 -3.45
CA PRO F 75 -51.67 41.36 -4.57
C PRO F 75 -51.23 42.45 -5.57
N SER F 76 -52.12 43.40 -5.89
CA SER F 76 -51.92 44.43 -6.94
C SER F 76 -51.11 45.62 -6.40
N GLY F 77 -50.89 45.73 -5.09
CA GLY F 77 -50.11 46.81 -4.46
C GLY F 77 -50.97 47.95 -3.91
N THR F 78 -52.30 47.89 -4.07
CA THR F 78 -53.24 48.87 -3.46
C THR F 78 -53.36 48.58 -1.97
N TYR F 79 -53.90 49.52 -1.18
CA TYR F 79 -54.15 49.38 0.28
C TYR F 79 -55.60 48.97 0.51
N ASP F 80 -55.81 47.83 1.17
CA ASP F 80 -57.13 47.38 1.67
C ASP F 80 -57.12 47.57 3.20
N PHE F 81 -57.97 48.46 3.71
CA PHE F 81 -57.96 48.93 5.12
C PHE F 81 -58.93 48.09 5.97
N THR F 82 -59.63 47.13 5.37
CA THR F 82 -60.81 46.40 5.95
C THR F 82 -60.52 45.91 7.36
N LEU F 83 -59.39 45.23 7.54
CA LEU F 83 -59.08 44.54 8.82
C LEU F 83 -59.03 45.58 9.94
N PHE F 84 -58.46 46.75 9.69
CA PHE F 84 -58.29 47.81 10.71
C PHE F 84 -59.56 48.68 10.82
N ASP F 85 -60.30 48.88 9.71
CA ASP F 85 -61.63 49.53 9.76
C ASP F 85 -62.50 48.79 10.77
N ARG F 86 -62.56 47.46 10.66
CA ARG F 86 -63.38 46.60 11.54
C ARG F 86 -63.04 46.89 13.02
N ALA F 87 -61.75 46.99 13.33
CA ALA F 87 -61.27 47.20 14.72
C ALA F 87 -61.59 48.64 15.16
N PHE F 88 -61.29 49.65 14.34
CA PHE F 88 -61.55 51.06 14.69
C PHE F 88 -63.05 51.27 14.95
N LYS F 89 -63.92 50.64 14.14
CA LYS F 89 -65.39 50.81 14.24
C LYS F 89 -65.89 50.15 15.52
N LEU F 90 -65.37 48.97 15.87
CA LEU F 90 -65.74 48.30 17.13
C LEU F 90 -65.21 49.12 18.32
N ALA F 91 -64.00 49.68 18.23
CA ALA F 91 -63.48 50.56 19.28
C ALA F 91 -64.47 51.73 19.48
N ASP F 92 -64.86 52.37 18.37
CA ASP F 92 -65.72 53.58 18.40
C ASP F 92 -67.07 53.21 19.05
N LYS F 93 -67.65 52.09 18.67
CA LYS F 93 -68.92 51.57 19.23
C LYS F 93 -68.85 51.52 20.76
N TYR F 94 -67.70 51.12 21.33
CA TYR F 94 -67.54 50.95 22.80
C TYR F 94 -66.86 52.18 23.43
N HIS F 95 -66.77 53.29 22.68
CA HIS F 95 -66.23 54.60 23.13
C HIS F 95 -64.75 54.44 23.56
N ILE F 96 -64.00 53.61 22.82
CA ILE F 96 -62.55 53.37 23.07
C ILE F 96 -61.74 54.19 22.06
N LYS F 97 -60.82 55.02 22.55
CA LYS F 97 -59.94 55.83 21.67
C LYS F 97 -58.68 55.02 21.34
N VAL F 98 -58.04 55.35 20.22
CA VAL F 98 -56.99 54.50 19.60
C VAL F 98 -55.68 55.28 19.50
N TYR F 99 -54.62 54.71 20.05
CA TYR F 99 -53.21 55.00 19.69
C TYR F 99 -52.88 54.10 18.50
N ALA F 100 -52.61 54.69 17.33
CA ALA F 100 -52.34 53.95 16.09
C ALA F 100 -50.83 53.95 15.81
N THR F 101 -50.20 52.79 15.82
CA THR F 101 -48.74 52.69 15.56
C THR F 101 -48.48 52.53 14.06
N LEU F 102 -47.71 53.45 13.49
CA LEU F 102 -47.16 53.34 12.13
C LEU F 102 -46.15 52.18 12.11
N PHE F 103 -46.48 51.16 11.34
CA PHE F 103 -45.75 49.86 11.31
C PHE F 103 -45.80 49.36 9.88
N PRO F 104 -44.91 49.87 9.00
CA PRO F 104 -44.88 49.48 7.60
C PRO F 104 -44.63 47.97 7.42
N ASP F 105 -44.87 47.49 6.20
CA ASP F 105 -44.67 46.08 5.81
C ASP F 105 -43.29 45.65 6.33
N THR F 106 -43.21 44.48 6.95
CA THR F 106 -41.97 43.91 7.52
C THR F 106 -42.18 42.41 7.71
N GLU F 107 -41.08 41.66 7.84
CA GLU F 107 -41.10 40.20 8.03
C GLU F 107 -42.02 39.88 9.22
N PHE F 108 -42.83 38.84 9.07
CA PHE F 108 -43.74 38.33 10.12
C PHE F 108 -42.93 38.09 11.42
N THR F 109 -41.68 37.62 11.31
CA THR F 109 -40.82 37.23 12.46
C THR F 109 -40.29 38.45 13.21
N ASP F 110 -40.46 39.66 12.69
CA ASP F 110 -39.97 40.90 13.35
C ASP F 110 -40.97 41.34 14.42
N VAL F 111 -40.72 40.99 15.68
CA VAL F 111 -41.67 41.20 16.82
C VAL F 111 -41.81 42.70 17.10
N GLY F 112 -40.71 43.46 17.06
CA GLY F 112 -40.66 44.87 17.51
C GLY F 112 -40.80 45.89 16.39
N GLY F 113 -40.43 45.51 15.16
CA GLY F 113 -40.37 46.40 13.98
C GLY F 113 -38.95 46.91 13.68
N PHE F 114 -38.69 47.27 12.43
CA PHE F 114 -37.40 47.86 11.99
C PHE F 114 -37.28 49.29 12.55
N LYS F 115 -36.05 49.72 12.78
CA LYS F 115 -35.77 50.96 13.54
C LYS F 115 -35.38 52.10 12.60
N PHE F 116 -34.94 51.79 11.38
CA PHE F 116 -34.55 52.75 10.33
C PHE F 116 -34.84 52.13 8.96
N PRO F 117 -35.01 52.94 7.90
CA PRO F 117 -35.17 52.39 6.55
C PRO F 117 -33.91 51.60 6.15
N HIS F 118 -34.08 50.54 5.38
CA HIS F 118 -33.01 49.64 4.87
C HIS F 118 -32.26 50.32 3.71
N SER F 119 -32.96 51.16 2.94
CA SER F 119 -32.52 51.73 1.62
C SER F 119 -33.40 52.92 1.24
N ARG F 120 -32.94 53.73 0.28
CA ARG F 120 -33.71 54.89 -0.27
C ARG F 120 -35.05 54.37 -0.80
N GLU F 121 -35.04 53.21 -1.46
CA GLU F 121 -36.25 52.59 -2.05
C GLU F 121 -37.20 52.23 -0.92
N HIS F 122 -36.66 51.65 0.17
CA HIS F 122 -37.48 51.30 1.36
C HIS F 122 -38.07 52.59 1.95
N GLN F 123 -37.28 53.68 2.04
CA GLN F 123 -37.79 54.97 2.57
C GLN F 123 -39.01 55.41 1.76
N LYS F 124 -38.99 55.25 0.44
CA LYS F 124 -40.12 55.63 -0.46
C LYS F 124 -41.33 54.73 -0.17
N GLU F 125 -41.11 53.44 0.11
CA GLU F 125 -42.22 52.52 0.48
C GLU F 125 -42.84 53.02 1.78
N VAL F 126 -42.03 53.48 2.73
CA VAL F 126 -42.54 53.96 4.04
C VAL F 126 -43.37 55.24 3.79
N GLU F 127 -42.90 56.15 2.93
CA GLU F 127 -43.62 57.41 2.55
C GLU F 127 -45.01 57.07 2.04
N ASP F 128 -45.10 56.08 1.15
CA ASP F 128 -46.36 55.61 0.52
C ASP F 128 -47.26 55.04 1.62
N TYR F 129 -46.71 54.21 2.51
CA TYR F 129 -47.45 53.59 3.64
C TYR F 129 -48.05 54.72 4.50
N ILE F 130 -47.25 55.72 4.87
CA ILE F 130 -47.73 56.81 5.76
C ILE F 130 -48.86 57.57 5.06
N LYS F 131 -48.67 57.96 3.81
CA LYS F 131 -49.68 58.69 3.00
C LYS F 131 -51.03 57.95 3.09
N ASN F 132 -51.03 56.66 2.75
CA ASN F 132 -52.25 55.82 2.66
C ASN F 132 -52.88 55.67 4.04
N VAL F 133 -52.10 55.29 5.06
CA VAL F 133 -52.65 54.91 6.39
C VAL F 133 -53.10 56.18 7.13
N VAL F 134 -52.31 57.24 7.11
CA VAL F 134 -52.67 58.49 7.87
C VAL F 134 -53.88 59.14 7.17
N SER F 135 -53.89 59.22 5.83
CA SER F 135 -55.00 59.84 5.06
C SER F 135 -56.31 59.16 5.42
N HIS F 136 -56.31 57.83 5.52
CA HIS F 136 -57.53 57.04 5.82
C HIS F 136 -57.89 57.14 7.31
N PHE F 137 -57.01 56.77 8.24
CA PHE F 137 -57.41 56.53 9.65
C PHE F 137 -57.53 57.87 10.42
N SER F 138 -56.96 58.96 9.91
CA SER F 138 -57.09 60.31 10.51
C SER F 138 -58.57 60.72 10.56
N GLN F 139 -59.43 60.07 9.76
CA GLN F 139 -60.86 60.43 9.60
C GLN F 139 -61.69 59.81 10.71
N TYR F 140 -61.16 58.86 11.49
CA TYR F 140 -61.91 58.24 12.62
C TYR F 140 -61.91 59.22 13.80
N LYS F 141 -63.09 59.46 14.36
CA LYS F 141 -63.27 60.43 15.47
C LYS F 141 -62.70 59.85 16.77
N ASN F 142 -62.45 58.54 16.85
CA ASN F 142 -61.88 57.91 18.08
C ASN F 142 -60.35 57.75 17.99
N LEU F 143 -59.69 58.29 16.95
CA LEU F 143 -58.20 58.30 16.88
C LEU F 143 -57.67 59.32 17.89
N ALA F 144 -56.83 58.87 18.83
CA ALA F 144 -56.26 59.71 19.91
C ALA F 144 -54.83 60.14 19.58
N ALA F 145 -54.05 59.31 18.88
CA ALA F 145 -52.62 59.59 18.67
C ALA F 145 -52.05 58.70 17.57
N TRP F 146 -51.04 59.23 16.89
CA TRP F 146 -50.12 58.48 16.01
C TRP F 146 -48.87 58.13 16.84
N VAL F 147 -48.56 56.84 16.93
CA VAL F 147 -47.23 56.40 17.45
C VAL F 147 -46.32 56.29 16.22
N LEU F 148 -45.35 57.21 16.12
CA LEU F 148 -44.53 57.43 14.89
C LEU F 148 -43.78 56.15 14.51
N ILE F 149 -43.32 55.41 15.51
CA ILE F 149 -42.57 54.14 15.34
C ILE F 149 -42.65 53.39 16.68
N ASN F 150 -42.80 52.06 16.64
CA ASN F 150 -42.76 51.26 17.89
C ASN F 150 -41.31 51.14 18.36
N GLU F 151 -41.03 51.56 19.59
CA GLU F 151 -39.74 51.26 20.27
C GLU F 151 -38.58 51.74 19.40
N PRO F 152 -38.42 53.06 19.18
CA PRO F 152 -37.23 53.56 18.50
C PRO F 152 -35.97 53.16 19.27
N GLY F 153 -34.90 52.90 18.52
CA GLY F 153 -33.61 52.48 19.07
C GLY F 153 -33.47 50.98 19.13
N THR F 154 -32.23 50.53 19.01
CA THR F 154 -31.87 49.10 19.18
C THR F 154 -30.41 49.02 19.65
N PRO F 155 -30.03 47.96 20.43
CA PRO F 155 -28.63 47.73 20.74
C PRO F 155 -27.80 47.35 19.49
N ASN F 156 -28.44 46.82 18.43
CA ASN F 156 -27.78 46.29 17.21
C ASN F 156 -28.13 47.18 16.00
N LEU F 157 -27.44 48.30 15.87
CA LEU F 157 -27.77 49.35 14.86
C LEU F 157 -27.30 48.86 13.50
N PRO F 158 -28.11 49.04 12.42
CA PRO F 158 -27.79 48.45 11.12
C PRO F 158 -26.75 49.22 10.29
N PHE F 159 -25.51 49.31 10.78
CA PHE F 159 -24.37 49.98 10.09
C PHE F 159 -24.02 49.24 8.79
N ASN F 160 -24.42 47.97 8.68
CA ASN F 160 -24.21 47.09 7.48
C ASN F 160 -25.07 47.54 6.28
N GLU F 161 -26.25 48.15 6.52
CA GLU F 161 -27.28 48.43 5.48
C GLU F 161 -26.94 49.71 4.73
N PRO F 162 -27.29 49.81 3.43
CA PRO F 162 -26.92 50.97 2.61
C PRO F 162 -27.43 52.34 3.11
N PHE F 163 -28.68 52.41 3.59
CA PHE F 163 -29.27 53.69 4.04
C PHE F 163 -28.45 54.26 5.21
N THR F 164 -28.20 53.43 6.23
CA THR F 164 -27.45 53.84 7.44
C THR F 164 -25.98 54.12 7.08
N LYS F 165 -25.36 53.25 6.29
CA LYS F 165 -23.95 53.40 5.83
C LYS F 165 -23.78 54.79 5.19
N GLU F 166 -24.69 55.18 4.29
CA GLU F 166 -24.61 56.48 3.56
C GLU F 166 -24.84 57.63 4.54
N ARG F 167 -25.84 57.53 5.42
CA ARG F 167 -26.14 58.61 6.39
C ARG F 167 -24.91 58.87 7.27
N PHE F 168 -24.21 57.79 7.69
CA PHE F 168 -23.03 57.89 8.58
C PHE F 168 -21.88 58.56 7.83
N SER F 169 -21.65 58.17 6.56
CA SER F 169 -20.62 58.78 5.67
C SER F 169 -20.86 60.28 5.54
N ASP F 170 -22.09 60.69 5.18
CA ASP F 170 -22.49 62.10 5.04
C ASP F 170 -22.26 62.85 6.35
N TRP F 171 -22.71 62.27 7.47
CA TRP F 171 -22.55 62.88 8.82
C TRP F 171 -21.06 63.18 9.07
N LYS F 172 -20.19 62.21 8.82
CA LYS F 172 -18.72 62.34 9.07
C LYS F 172 -18.14 63.46 8.20
N LYS F 173 -18.55 63.55 6.94
CA LYS F 173 -18.09 64.61 6.00
C LYS F 173 -18.51 65.98 6.52
N GLU F 174 -19.67 66.11 7.16
CA GLU F 174 -20.17 67.43 7.63
C GLU F 174 -19.61 67.76 9.03
N HIS F 175 -18.82 66.88 9.64
CA HIS F 175 -18.18 67.13 10.98
C HIS F 175 -16.66 67.15 10.79
N ASN F 176 -15.97 67.95 11.58
CA ASN F 176 -14.52 68.20 11.47
C ASN F 176 -13.91 67.91 12.85
N PHE F 177 -13.36 66.71 13.05
CA PHE F 177 -12.78 66.28 14.36
C PHE F 177 -11.26 66.27 14.29
N SER F 178 -10.57 66.68 15.35
CA SER F 178 -9.08 66.60 15.45
C SER F 178 -8.69 65.42 16.35
N GLU F 179 -7.52 64.82 16.12
CA GLU F 179 -7.05 63.66 16.91
C GLU F 179 -6.29 64.15 18.16
N TYR F 180 -6.16 65.47 18.38
CA TYR F 180 -5.54 66.05 19.59
C TYR F 180 -6.42 67.16 20.16
N ASN F 181 -6.38 67.38 21.49
CA ASN F 181 -7.16 68.47 22.13
C ASN F 181 -6.33 69.75 22.09
N GLU F 182 -6.86 70.81 22.70
CA GLU F 182 -6.23 72.16 22.70
C GLU F 182 -4.83 72.05 23.33
N LYS F 183 -4.67 71.30 24.41
CA LYS F 183 -3.36 71.22 25.12
C LYS F 183 -2.39 70.32 24.34
N GLY F 184 -2.86 69.54 23.36
CA GLY F 184 -2.00 68.68 22.51
C GLY F 184 -2.12 67.18 22.81
N TYR F 185 -2.91 66.79 23.82
CA TYR F 185 -3.11 65.36 24.20
C TYR F 185 -3.94 64.63 23.15
N PRO F 186 -3.68 63.33 22.92
CA PRO F 186 -4.55 62.50 22.08
C PRO F 186 -5.99 62.48 22.62
N VAL F 187 -6.98 62.33 21.74
CA VAL F 187 -8.43 62.29 22.11
C VAL F 187 -9.15 61.18 21.35
N LEU F 188 -10.28 60.70 21.89
CA LEU F 188 -11.33 59.97 21.13
C LEU F 188 -12.47 60.96 20.84
N ASN F 189 -13.18 60.82 19.72
CA ASN F 189 -14.23 61.79 19.31
C ASN F 189 -15.65 61.19 19.29
N PHE F 190 -15.79 59.88 19.47
CA PHE F 190 -17.12 59.22 19.61
C PHE F 190 -18.03 59.60 18.43
N GLU F 191 -17.48 59.53 17.23
CA GLU F 191 -18.22 59.88 15.98
C GLU F 191 -19.46 58.98 15.85
N LYS F 192 -19.32 57.67 16.02
CA LYS F 192 -20.43 56.69 15.90
C LYS F 192 -21.56 57.10 16.86
N GLU F 193 -21.23 57.39 18.12
CA GLU F 193 -22.24 57.65 19.19
C GLU F 193 -22.98 58.96 18.89
N ASN F 194 -22.25 59.99 18.46
CA ASN F 194 -22.83 61.33 18.17
C ASN F 194 -23.69 61.22 16.89
N PHE F 195 -23.25 60.47 15.88
CA PHE F 195 -24.07 60.19 14.67
C PHE F 195 -25.37 59.50 15.10
N ILE F 196 -25.29 58.48 15.96
CA ILE F 196 -26.50 57.68 16.32
C ILE F 196 -27.54 58.59 16.99
N ILE F 197 -27.12 59.51 17.88
CA ILE F 197 -28.06 60.50 18.47
C ILE F 197 -28.76 61.27 17.34
N ASP F 198 -27.99 61.81 16.40
CA ASP F 198 -28.49 62.71 15.32
C ASP F 198 -29.39 61.90 14.39
N TYR F 199 -29.06 60.62 14.18
CA TYR F 199 -29.78 59.70 13.26
C TYR F 199 -31.18 59.39 13.82
N HIS F 200 -31.27 59.09 15.12
CA HIS F 200 -32.57 58.90 15.82
C HIS F 200 -33.39 60.19 15.72
N ASN F 201 -32.79 61.33 16.04
CA ASN F 201 -33.45 62.65 15.94
C ASN F 201 -34.01 62.81 14.53
N TRP F 202 -33.18 62.55 13.52
CA TRP F 202 -33.55 62.76 12.10
C TRP F 202 -34.74 61.86 11.72
N TYR F 203 -34.69 60.56 12.00
CA TYR F 203 -35.73 59.63 11.50
C TYR F 203 -37.07 59.91 12.18
N LEU F 204 -37.07 60.13 13.50
CA LEU F 204 -38.32 60.42 14.24
C LEU F 204 -38.92 61.76 13.77
N ASN F 205 -38.07 62.77 13.56
CA ASN F 205 -38.51 64.11 13.07
C ASN F 205 -39.08 63.94 11.65
N TRP F 206 -38.44 63.11 10.81
CA TRP F 206 -38.91 62.82 9.42
C TRP F 206 -40.28 62.13 9.47
N LEU F 207 -40.45 61.14 10.33
CA LEU F 207 -41.75 60.44 10.50
C LEU F 207 -42.81 61.47 10.92
N ALA F 208 -42.49 62.35 11.87
CA ALA F 208 -43.44 63.38 12.35
C ALA F 208 -43.84 64.29 11.17
N ASN F 209 -42.86 64.72 10.37
CA ASN F 209 -43.08 65.60 9.19
C ASN F 209 -43.97 64.86 8.18
N GLN F 210 -43.74 63.57 7.95
CA GLN F 210 -44.54 62.76 7.00
C GLN F 210 -46.00 62.70 7.46
N VAL F 211 -46.25 62.37 8.73
CA VAL F 211 -47.63 62.34 9.28
C VAL F 211 -48.27 63.73 9.06
N ARG F 212 -47.53 64.79 9.35
CA ARG F 212 -48.05 66.19 9.34
C ARG F 212 -48.40 66.63 7.90
N LEU F 213 -47.90 65.95 6.86
CA LEU F 213 -48.33 66.20 5.46
C LEU F 213 -49.82 65.91 5.32
N TYR F 214 -50.37 64.96 6.08
CA TYR F 214 -51.75 64.45 5.88
C TYR F 214 -52.63 64.68 7.10
N ASP F 215 -52.06 64.96 8.27
CA ASP F 215 -52.85 65.10 9.52
C ASP F 215 -52.13 66.07 10.45
N LYS F 216 -52.71 67.24 10.69
CA LYS F 216 -52.17 68.26 11.63
C LYS F 216 -53.04 68.28 12.90
N GLN F 217 -53.98 67.34 13.03
CA GLN F 217 -55.01 67.38 14.10
C GLN F 217 -54.58 66.49 15.28
N HIS F 218 -53.89 65.38 15.05
CA HIS F 218 -53.74 64.33 16.10
C HIS F 218 -52.37 64.42 16.79
N ASP F 219 -52.36 64.11 18.07
CA ASP F 219 -51.12 63.98 18.90
C ASP F 219 -50.13 63.02 18.23
N LEU F 220 -48.85 63.39 18.24
CA LEU F 220 -47.72 62.50 17.86
C LEU F 220 -47.02 62.00 19.13
N HIS F 221 -46.74 60.70 19.14
CA HIS F 221 -46.28 59.92 20.32
C HIS F 221 -45.16 58.96 19.89
N VAL F 222 -44.26 58.61 20.79
CA VAL F 222 -43.26 57.53 20.55
C VAL F 222 -42.87 56.89 21.90
N ASN F 223 -42.49 55.61 21.90
CA ASN F 223 -42.19 54.84 23.15
C ASN F 223 -40.74 54.39 23.16
N PRO F 224 -39.78 55.23 23.65
CA PRO F 224 -38.42 54.76 23.92
C PRO F 224 -38.49 53.61 24.93
N HIS F 225 -37.52 52.71 24.87
CA HIS F 225 -37.59 51.40 25.57
C HIS F 225 -36.22 51.02 26.12
N ASN F 226 -36.20 50.06 27.04
CA ASN F 226 -34.95 49.49 27.63
C ASN F 226 -34.06 50.66 28.05
N VAL F 227 -34.64 51.64 28.75
CA VAL F 227 -34.01 52.98 28.92
C VAL F 227 -32.73 52.88 29.76
N PHE F 228 -32.56 51.88 30.62
CA PHE F 228 -31.33 51.75 31.45
C PHE F 228 -30.16 51.30 30.58
N LYS F 229 -30.43 50.81 29.37
CA LYS F 229 -29.37 50.40 28.40
C LYS F 229 -29.32 51.38 27.22
N LEU F 230 -30.47 51.87 26.72
CA LEU F 230 -30.54 52.59 25.43
C LEU F 230 -30.66 54.11 25.60
N SER F 231 -30.56 54.64 26.82
CA SER F 231 -30.65 56.10 27.08
C SER F 231 -29.55 56.85 26.29
N GLY F 232 -28.43 56.19 25.97
CA GLY F 232 -27.33 56.82 25.20
C GLY F 232 -27.64 56.98 23.72
N LEU F 233 -28.80 56.46 23.26
CA LEU F 233 -29.35 56.63 21.89
C LEU F 233 -30.30 57.85 21.84
N TYR F 234 -30.74 58.35 23.00
CA TYR F 234 -31.98 59.17 23.09
C TYR F 234 -31.65 60.61 23.49
N ASP F 235 -32.02 61.56 22.61
CA ASP F 235 -31.91 63.02 22.86
C ASP F 235 -33.34 63.57 23.09
N PHE F 236 -33.88 63.39 24.29
CA PHE F 236 -35.30 63.72 24.55
C PHE F 236 -35.56 65.21 24.36
N PRO F 237 -34.67 66.13 24.80
CA PRO F 237 -34.90 67.55 24.55
C PRO F 237 -35.18 67.85 23.07
N THR F 238 -34.45 67.25 22.13
CA THR F 238 -34.74 67.44 20.68
C THR F 238 -36.10 66.82 20.32
N TRP F 239 -36.42 65.64 20.85
CA TRP F 239 -37.70 64.94 20.48
C TRP F 239 -38.91 65.81 20.86
N ARG F 240 -38.79 66.60 21.93
CA ARG F 240 -39.88 67.51 22.39
C ARG F 240 -40.34 68.41 21.25
N THR F 241 -39.45 68.78 20.33
CA THR F 241 -39.73 69.77 19.27
C THR F 241 -40.71 69.19 18.24
N PHE F 242 -40.96 67.89 18.18
CA PHE F 242 -41.88 67.31 17.15
C PHE F 242 -42.91 66.35 17.77
N LEU F 243 -42.90 66.14 19.09
CA LEU F 243 -43.91 65.28 19.76
C LEU F 243 -44.95 66.16 20.46
N ASN F 244 -46.13 65.58 20.71
CA ASN F 244 -47.14 66.16 21.62
C ASN F 244 -47.07 65.45 22.97
N SER F 245 -46.61 64.20 23.00
CA SER F 245 -46.42 63.44 24.26
C SER F 245 -45.23 62.48 24.11
N LEU F 246 -44.50 62.27 25.19
CA LEU F 246 -43.44 61.23 25.26
C LEU F 246 -44.03 59.97 25.90
N GLY F 247 -43.74 58.82 25.31
CA GLY F 247 -44.16 57.51 25.82
C GLY F 247 -42.99 56.72 26.35
N GLY F 248 -43.20 55.42 26.50
CA GLY F 248 -42.19 54.49 27.02
C GLY F 248 -42.70 53.07 27.03
N SER F 249 -41.80 52.12 26.80
CA SER F 249 -41.94 50.71 27.19
C SER F 249 -41.17 50.52 28.50
N ALA F 250 -41.82 49.86 29.47
CA ALA F 250 -41.21 49.49 30.76
C ALA F 250 -41.74 48.09 31.10
N HIS F 251 -41.13 47.07 30.51
CA HIS F 251 -41.49 45.65 30.68
C HIS F 251 -40.62 44.97 31.72
N ALA F 252 -41.24 44.35 32.69
CA ALA F 252 -40.56 43.59 33.77
C ALA F 252 -39.67 42.50 33.16
N SER F 253 -40.05 41.89 32.03
CA SER F 253 -39.31 40.72 31.47
C SER F 253 -38.19 41.16 30.50
N TRP F 254 -38.13 42.42 30.09
CA TRP F 254 -37.11 42.91 29.13
C TRP F 254 -36.17 43.94 29.75
N HIS F 255 -36.65 44.84 30.60
CA HIS F 255 -35.98 46.15 30.85
C HIS F 255 -35.39 46.26 32.27
N PHE F 256 -35.71 45.32 33.16
CA PHE F 256 -35.47 45.47 34.62
C PHE F 256 -34.39 44.50 35.11
N GLY F 257 -33.57 43.97 34.19
CA GLY F 257 -32.54 42.96 34.49
C GLY F 257 -31.51 43.45 35.50
N TYR F 258 -31.34 44.76 35.68
CA TYR F 258 -30.41 45.32 36.69
C TYR F 258 -30.97 45.15 38.11
N PHE F 259 -32.20 44.67 38.26
CA PHE F 259 -32.90 44.58 39.57
C PHE F 259 -33.43 43.17 39.79
N PRO F 260 -33.55 42.73 41.06
CA PRO F 260 -34.38 41.57 41.38
C PRO F 260 -35.86 41.97 41.32
N ARG F 261 -36.73 40.98 41.15
CA ARG F 261 -38.20 41.19 40.99
C ARG F 261 -38.75 42.01 42.16
N LYS F 262 -38.26 41.79 43.39
CA LYS F 262 -38.81 42.51 44.57
C LYS F 262 -38.49 44.01 44.47
N ALA F 263 -37.58 44.44 43.59
CA ALA F 263 -37.24 45.87 43.41
C ALA F 263 -37.75 46.38 42.05
N TYR F 264 -38.67 45.69 41.40
CA TYR F 264 -39.29 46.20 40.14
C TYR F 264 -40.13 47.46 40.45
N THR F 265 -40.50 47.68 41.72
CA THR F 265 -41.08 48.97 42.19
C THR F 265 -40.09 50.11 41.89
N VAL F 266 -38.86 49.95 42.36
CA VAL F 266 -37.77 50.95 42.19
C VAL F 266 -37.48 51.10 40.69
N ALA F 267 -37.39 49.99 39.96
CA ALA F 267 -37.13 49.96 38.51
C ALA F 267 -38.20 50.80 37.79
N MET F 268 -39.48 50.54 38.10
CA MET F 268 -40.60 51.26 37.44
C MET F 268 -40.56 52.75 37.83
N SER F 269 -40.28 53.07 39.08
CA SER F 269 -40.19 54.48 39.56
C SER F 269 -39.08 55.22 38.82
N ALA F 270 -37.90 54.60 38.69
CA ALA F 270 -36.75 55.21 37.98
C ALA F 270 -37.09 55.36 36.49
N ASN F 271 -37.71 54.36 35.89
CA ASN F 271 -38.06 54.39 34.45
C ASN F 271 -39.06 55.53 34.22
N ALA F 272 -40.06 55.67 35.12
CA ALA F 272 -41.06 56.76 35.04
C ALA F 272 -40.35 58.11 35.20
N GLU F 273 -39.41 58.22 36.15
CA GLU F 273 -38.70 59.49 36.40
C GLU F 273 -37.86 59.84 35.17
N LEU F 274 -37.20 58.84 34.55
CA LEU F 274 -36.31 59.07 33.38
C LEU F 274 -37.16 59.63 32.22
N ILE F 275 -38.33 59.06 31.96
CA ILE F 275 -39.24 59.49 30.86
C ILE F 275 -39.82 60.87 31.22
N ARG F 276 -40.26 61.05 32.46
CA ARG F 276 -40.79 62.34 32.94
C ARG F 276 -39.75 63.43 32.66
N SER F 277 -38.49 63.21 33.02
CA SER F 277 -37.39 64.17 32.75
C SER F 277 -37.28 64.43 31.25
N GLY F 278 -37.31 63.37 30.43
CA GLY F 278 -37.20 63.48 28.96
C GLY F 278 -38.34 64.31 28.38
N ALA F 279 -39.52 64.18 28.95
CA ALA F 279 -40.75 64.85 28.45
C ALA F 279 -40.64 66.37 28.63
N GLY F 280 -39.97 66.84 29.68
CA GLY F 280 -39.91 68.28 29.99
C GLY F 280 -41.31 68.88 30.10
N GLU F 281 -41.68 69.84 29.24
CA GLU F 281 -43.00 70.50 29.29
C GLU F 281 -44.09 69.64 28.62
N LEU F 282 -43.74 68.57 27.89
CA LEU F 282 -44.76 67.68 27.28
C LEU F 282 -45.34 66.76 28.35
N PRO F 283 -46.63 66.38 28.22
CA PRO F 283 -47.16 65.28 29.00
C PRO F 283 -46.47 63.97 28.60
N TRP F 284 -46.42 63.00 29.52
CA TRP F 284 -45.87 61.65 29.22
C TRP F 284 -46.84 60.57 29.70
N LEU F 285 -46.73 59.38 29.12
CA LEU F 285 -47.50 58.20 29.59
C LEU F 285 -46.69 56.94 29.26
N MET F 286 -47.02 55.84 29.91
CA MET F 286 -46.35 54.54 29.64
C MET F 286 -47.17 53.79 28.57
N THR F 287 -46.62 53.76 27.36
CA THR F 287 -47.24 53.19 26.15
C THR F 287 -47.29 51.66 26.22
N GLU F 288 -46.36 51.04 26.96
CA GLU F 288 -46.17 49.57 26.82
C GLU F 288 -45.65 48.99 28.14
N LEU F 289 -46.56 48.41 28.93
CA LEU F 289 -46.32 47.72 30.22
C LEU F 289 -46.62 46.23 30.03
N GLN F 290 -46.06 45.37 30.89
CA GLN F 290 -46.26 43.90 30.74
C GLN F 290 -47.62 43.51 31.31
N GLY F 291 -48.52 42.98 30.47
CA GLY F 291 -49.89 42.65 30.85
C GLY F 291 -50.09 41.19 31.21
N GLY F 292 -49.09 40.33 30.99
CA GLY F 292 -49.28 38.88 31.09
C GLY F 292 -48.01 38.07 31.00
N ASN F 293 -48.20 36.80 30.70
CA ASN F 293 -47.24 35.72 30.98
C ASN F 293 -46.19 35.60 29.86
N ASN F 294 -44.95 35.34 30.25
CA ASN F 294 -43.88 34.85 29.34
C ASN F 294 -43.90 33.31 29.35
N LEU F 295 -44.15 32.71 28.19
CA LEU F 295 -44.02 31.24 28.03
C LEU F 295 -42.58 30.99 27.53
N TYR F 296 -42.28 31.27 26.26
CA TYR F 296 -40.92 31.18 25.68
C TYR F 296 -40.22 32.56 25.58
N SER F 297 -40.94 33.66 25.65
CA SER F 297 -40.40 35.03 25.39
C SER F 297 -39.76 35.65 26.64
N GLY F 298 -39.05 36.75 26.44
CA GLY F 298 -38.54 37.61 27.52
C GLY F 298 -37.17 37.17 27.99
N ALA F 299 -36.43 38.06 28.63
CA ALA F 299 -35.08 37.80 29.18
C ALA F 299 -35.22 37.35 30.63
N ASN F 300 -36.09 38.01 31.41
CA ASN F 300 -36.33 37.72 32.84
C ASN F 300 -37.80 37.36 32.98
N PRO F 301 -38.20 36.16 32.53
CA PRO F 301 -39.61 35.86 32.33
C PRO F 301 -40.41 35.85 33.64
N LEU F 302 -41.64 36.33 33.57
CA LEU F 302 -42.61 36.27 34.71
C LEU F 302 -44.03 36.28 34.17
N CYS F 303 -44.97 36.05 35.08
CA CYS F 303 -46.37 36.51 34.91
C CYS F 303 -46.65 37.52 36.02
N PRO F 304 -46.89 38.80 35.71
CA PRO F 304 -47.15 39.81 36.74
C PRO F 304 -48.27 39.30 37.67
N THR F 305 -48.12 39.55 38.96
CA THR F 305 -49.21 39.35 39.96
C THR F 305 -50.22 40.50 39.83
N ALA F 306 -51.45 40.26 40.29
CA ALA F 306 -52.46 41.32 40.45
C ALA F 306 -51.84 42.49 41.21
N GLU F 307 -51.06 42.19 42.25
CA GLU F 307 -50.44 43.20 43.14
C GLU F 307 -49.46 44.07 42.34
N GLU F 308 -48.66 43.45 41.45
CA GLU F 308 -47.66 44.15 40.61
C GLU F 308 -48.37 45.10 39.64
N ILE F 309 -49.48 44.68 39.04
CA ILE F 309 -50.26 45.53 38.10
C ILE F 309 -50.64 46.83 38.82
N ILE F 310 -51.14 46.72 40.05
CA ILE F 310 -51.58 47.89 40.87
C ILE F 310 -50.38 48.75 41.24
N GLN F 311 -49.30 48.12 41.69
CA GLN F 311 -48.03 48.82 42.03
C GLN F 311 -47.56 49.65 40.83
N TRP F 312 -47.53 49.07 39.64
CA TRP F 312 -46.96 49.76 38.44
C TRP F 312 -47.86 50.93 38.02
N LEU F 313 -49.18 50.75 38.00
CA LEU F 313 -50.10 51.85 37.60
C LEU F 313 -49.97 53.02 38.57
N TRP F 314 -49.93 52.77 39.89
CA TRP F 314 -49.84 53.86 40.89
C TRP F 314 -48.47 54.54 40.80
N ILE F 315 -47.38 53.79 40.60
CA ILE F 315 -46.02 54.39 40.50
C ILE F 315 -46.03 55.37 39.31
N ASN F 316 -46.57 54.95 38.18
CA ASN F 316 -46.56 55.78 36.95
C ASN F 316 -47.41 57.06 37.20
N PHE F 317 -48.62 56.90 37.73
CA PHE F 317 -49.55 58.04 37.93
C PHE F 317 -48.93 59.02 38.94
N ALA F 318 -48.28 58.49 39.99
CA ALA F 318 -47.61 59.30 41.04
C ALA F 318 -46.45 60.09 40.43
N THR F 319 -45.95 59.65 39.27
CA THR F 319 -44.80 60.25 38.55
C THR F 319 -45.33 61.00 37.31
N GLU F 320 -46.61 61.40 37.32
CA GLU F 320 -47.27 62.36 36.37
C GLU F 320 -47.74 61.67 35.08
N ALA F 321 -47.66 60.35 34.98
CA ALA F 321 -48.11 59.63 33.77
C ALA F 321 -49.58 59.98 33.49
N LYS F 322 -49.90 60.19 32.21
CA LYS F 322 -51.28 60.45 31.72
C LYS F 322 -51.93 59.16 31.23
N GLY F 323 -51.24 58.03 31.38
CA GLY F 323 -51.76 56.74 30.92
C GLY F 323 -50.84 55.59 31.25
N GLY F 324 -51.40 54.39 31.39
CA GLY F 324 -50.68 53.10 31.35
C GLY F 324 -51.38 52.17 30.38
N ILE F 325 -50.70 51.82 29.30
CA ILE F 325 -51.18 50.85 28.26
C ILE F 325 -50.41 49.54 28.41
N PHE F 326 -51.13 48.44 28.63
CA PHE F 326 -50.55 47.08 28.78
C PHE F 326 -50.43 46.40 27.43
N TRP F 327 -49.23 45.89 27.15
CA TRP F 327 -49.05 44.85 26.10
C TRP F 327 -49.27 43.51 26.78
N SER F 328 -50.38 42.79 26.50
CA SER F 328 -51.41 43.11 25.52
C SER F 328 -52.77 42.72 26.10
N PHE F 329 -53.88 43.24 25.56
CA PHE F 329 -55.23 42.80 26.02
C PHE F 329 -55.40 41.33 25.63
N ASN F 330 -55.27 41.04 24.33
CA ASN F 330 -55.40 39.68 23.73
C ASN F 330 -54.03 39.26 23.19
N ALA F 331 -53.84 37.97 22.92
CA ALA F 331 -52.53 37.41 22.48
C ALA F 331 -52.44 37.29 20.95
N ARG F 332 -51.22 37.41 20.44
CA ARG F 332 -50.82 36.87 19.11
C ARG F 332 -51.16 35.37 19.07
N SER F 333 -51.42 34.80 17.90
CA SER F 333 -51.83 33.38 17.75
C SER F 333 -50.71 32.46 17.22
N THR F 334 -49.70 32.98 16.52
CA THR F 334 -48.73 32.15 15.76
C THR F 334 -47.30 32.51 16.13
N ALA F 335 -46.50 31.48 16.43
CA ALA F 335 -45.02 31.57 16.58
C ALA F 335 -44.69 32.54 17.72
N ALA F 336 -43.83 33.53 17.51
CA ALA F 336 -43.26 34.36 18.59
C ALA F 336 -44.39 34.96 19.42
N GLU F 337 -44.39 34.67 20.72
CA GLU F 337 -45.30 35.23 21.75
C GLU F 337 -46.73 34.75 21.53
N ALA F 338 -46.96 33.66 20.81
CA ALA F 338 -48.31 33.06 20.64
C ALA F 338 -48.88 32.68 22.02
N GLY F 339 -50.02 33.28 22.40
CA GLY F 339 -50.69 33.02 23.69
C GLY F 339 -49.93 33.57 24.87
N GLU F 340 -49.02 34.52 24.62
CA GLU F 340 -48.21 35.16 25.68
C GLU F 340 -48.65 36.62 25.87
N TRP F 341 -48.34 37.21 27.03
CA TRP F 341 -48.43 38.67 27.33
C TRP F 341 -49.87 39.13 27.62
N ALA F 342 -50.91 38.31 27.44
CA ALA F 342 -52.31 38.79 27.38
C ALA F 342 -52.89 38.97 28.80
N MET F 343 -53.73 40.00 28.95
CA MET F 343 -54.45 40.29 30.22
C MET F 343 -55.70 39.41 30.35
N ILE F 344 -56.30 39.03 29.22
CA ILE F 344 -57.43 38.06 29.20
C ILE F 344 -56.84 36.66 29.14
N ASN F 345 -57.61 35.69 29.63
CA ASN F 345 -57.26 34.24 29.63
C ASN F 345 -57.67 33.64 28.28
N PHE F 346 -57.47 32.33 28.10
CA PHE F 346 -57.70 31.68 26.78
C PHE F 346 -59.21 31.54 26.53
N LYS F 347 -60.08 31.78 27.52
CA LYS F 347 -61.56 31.87 27.31
C LYS F 347 -61.96 33.34 27.08
N ASN F 348 -61.02 34.25 26.90
CA ASN F 348 -61.29 35.69 26.60
C ASN F 348 -62.02 36.35 27.79
N LYS F 349 -61.80 35.87 29.01
CA LYS F 349 -62.31 36.48 30.25
C LYS F 349 -61.16 37.07 31.06
N SER F 350 -61.48 37.83 32.10
CA SER F 350 -60.51 38.58 32.93
C SER F 350 -59.59 37.62 33.70
N SER F 351 -58.27 37.78 33.57
CA SER F 351 -57.28 37.26 34.56
C SER F 351 -57.34 38.16 35.79
N ASP F 352 -56.64 37.80 36.86
CA ASP F 352 -56.57 38.64 38.09
C ASP F 352 -55.84 39.95 37.74
N ARG F 353 -55.07 39.99 36.65
CA ARG F 353 -54.32 41.20 36.21
C ARG F 353 -55.32 42.22 35.63
N LEU F 354 -56.27 41.77 34.81
CA LEU F 354 -57.29 42.69 34.25
C LEU F 354 -58.24 43.16 35.36
N ILE F 355 -58.66 42.27 36.27
CA ILE F 355 -59.48 42.64 37.47
C ILE F 355 -58.76 43.73 38.26
N ALA F 356 -57.46 43.56 38.52
CA ALA F 356 -56.65 44.55 39.26
C ALA F 356 -56.60 45.88 38.49
N ALA F 357 -56.30 45.86 37.19
CA ALA F 357 -56.21 47.08 36.37
C ALA F 357 -57.56 47.82 36.40
N ALA F 358 -58.66 47.08 36.35
CA ALA F 358 -60.04 47.62 36.36
C ALA F 358 -60.31 48.40 37.65
N THR F 359 -59.75 48.00 38.80
CA THR F 359 -59.93 48.74 40.07
C THR F 359 -59.31 50.12 39.94
N ILE F 360 -58.25 50.26 39.14
CA ILE F 360 -57.52 51.55 39.02
C ILE F 360 -58.28 52.45 38.04
N GLY F 361 -58.79 51.89 36.94
CA GLY F 361 -59.70 52.61 36.05
C GLY F 361 -60.92 53.11 36.83
N LYS F 362 -61.48 52.29 37.71
CA LYS F 362 -62.66 52.66 38.54
C LYS F 362 -62.29 53.80 39.47
N PHE F 363 -61.16 53.68 40.17
CA PHE F 363 -60.68 54.76 41.08
C PHE F 363 -60.59 56.09 40.32
N ILE F 364 -60.04 56.07 39.11
CA ILE F 364 -59.86 57.33 38.31
C ILE F 364 -61.25 57.95 38.05
N THR F 365 -62.23 57.18 37.61
CA THR F 365 -63.58 57.71 37.27
C THR F 365 -64.24 58.30 38.53
N GLU F 366 -63.93 57.77 39.72
CA GLU F 366 -64.49 58.22 41.02
C GLU F 366 -63.68 59.39 41.61
N ASN F 367 -62.50 59.71 41.06
CA ASN F 367 -61.58 60.72 41.63
C ASN F 367 -60.98 61.57 40.51
N VAL F 368 -61.81 62.01 39.56
CA VAL F 368 -61.34 62.64 38.29
C VAL F 368 -60.51 63.88 38.60
N LYS F 369 -60.98 64.78 39.46
CA LYS F 369 -60.30 66.08 39.63
C LYS F 369 -58.89 65.85 40.24
N MET F 370 -58.80 65.02 41.28
CA MET F 370 -57.49 64.64 41.88
C MET F 370 -56.59 64.02 40.80
N MET F 371 -57.08 63.04 40.07
CA MET F 371 -56.22 62.18 39.22
C MET F 371 -55.79 62.92 37.95
N SER F 372 -56.53 63.96 37.55
CA SER F 372 -56.25 64.74 36.30
C SER F 372 -55.14 65.78 36.52
N ASN F 373 -54.75 66.06 37.78
CA ASN F 373 -53.91 67.25 38.10
C ASN F 373 -52.70 66.83 38.94
N ILE F 374 -52.28 65.58 38.86
CA ILE F 374 -51.11 65.11 39.66
C ILE F 374 -49.84 65.82 39.19
N LYS F 375 -49.09 66.37 40.14
CA LYS F 375 -47.73 66.90 40.01
C LYS F 375 -46.85 66.17 41.03
N THR F 376 -45.73 65.60 40.61
CA THR F 376 -44.82 64.90 41.55
C THR F 376 -44.33 65.94 42.57
N LEU F 377 -44.22 65.58 43.83
CA LEU F 377 -43.62 66.45 44.87
C LEU F 377 -42.10 66.30 44.79
N ASN F 378 -41.43 67.22 44.11
CA ASN F 378 -39.95 67.17 43.92
C ASN F 378 -39.30 67.46 45.26
N SER F 379 -38.53 66.51 45.79
CA SER F 379 -37.73 66.67 47.02
C SER F 379 -36.70 67.80 46.83
N GLY F 380 -36.28 68.05 45.59
CA GLY F 380 -35.12 68.89 45.24
C GLY F 380 -33.85 68.06 45.02
N ILE F 381 -33.95 66.73 45.14
CA ILE F 381 -32.83 65.80 44.83
C ILE F 381 -32.97 65.38 43.37
N SER F 382 -31.91 65.58 42.58
CA SER F 382 -31.82 65.12 41.17
C SER F 382 -30.62 64.17 41.03
N ILE F 383 -30.87 62.93 40.62
CA ILE F 383 -29.80 61.98 40.21
C ILE F 383 -29.58 62.16 38.71
N LEU F 384 -28.39 62.58 38.31
CA LEU F 384 -28.10 62.89 36.89
C LEU F 384 -27.22 61.79 36.27
N TYR F 385 -27.56 61.41 35.04
CA TYR F 385 -26.73 60.54 34.16
C TYR F 385 -26.39 61.34 32.92
N ASN F 386 -25.34 60.96 32.20
CA ASN F 386 -25.10 61.60 30.88
C ASN F 386 -24.76 60.55 29.83
N HIS F 387 -25.10 60.85 28.58
CA HIS F 387 -24.75 60.02 27.41
C HIS F 387 -23.26 59.67 27.48
N GLU F 388 -22.41 60.66 27.75
CA GLU F 388 -20.94 60.57 27.55
C GLU F 388 -20.31 59.58 28.55
N SER F 389 -20.82 59.50 29.78
CA SER F 389 -20.33 58.49 30.76
C SER F 389 -20.63 57.09 30.21
N MET F 390 -21.80 56.89 29.61
CA MET F 390 -22.15 55.58 29.00
C MET F 390 -21.19 55.29 27.83
N TRP F 391 -20.93 56.28 26.98
CA TRP F 391 -20.09 56.11 25.77
C TRP F 391 -18.63 55.82 26.16
N VAL F 392 -18.09 56.58 27.10
CA VAL F 392 -16.70 56.37 27.59
C VAL F 392 -16.62 54.99 28.24
N GLU F 393 -17.59 54.61 29.08
CA GLU F 393 -17.60 53.28 29.72
C GLU F 393 -17.53 52.17 28.63
N ALA F 394 -18.32 52.28 27.58
CA ALA F 394 -18.35 51.26 26.50
C ALA F 394 -16.96 51.14 25.86
N ALA F 395 -16.25 52.25 25.68
CA ALA F 395 -14.88 52.23 25.11
C ALA F 395 -13.89 51.61 26.12
N GLN F 396 -13.97 51.95 27.39
CA GLN F 396 -12.98 51.50 28.42
C GLN F 396 -13.19 50.04 28.82
N THR F 397 -14.42 49.54 28.82
CA THR F 397 -14.72 48.14 29.21
C THR F 397 -14.64 47.23 27.98
N ARG F 398 -14.45 47.79 26.78
CA ARG F 398 -14.41 47.06 25.49
C ARG F 398 -15.65 46.14 25.39
N GLY F 399 -16.80 46.58 25.93
CA GLY F 399 -18.08 45.87 25.83
C GLY F 399 -18.20 44.63 26.73
N LYS F 400 -17.36 44.46 27.75
CA LYS F 400 -17.43 43.28 28.66
C LYS F 400 -18.73 43.30 29.50
N LEU F 401 -19.28 42.12 29.77
CA LEU F 401 -20.60 41.92 30.41
C LEU F 401 -20.40 41.00 31.63
N ASN F 402 -19.44 41.37 32.49
CA ASN F 402 -19.04 40.63 33.74
C ASN F 402 -19.82 41.15 34.96
N GLY F 403 -20.83 42.01 34.76
CA GLY F 403 -21.75 42.49 35.81
C GLY F 403 -21.13 43.42 36.86
N ASN F 404 -19.86 43.87 36.75
CA ASN F 404 -19.17 44.71 37.78
C ASN F 404 -18.88 46.13 37.24
N GLY F 405 -18.10 46.94 37.96
CA GLY F 405 -17.66 48.27 37.53
C GLY F 405 -16.85 48.23 36.24
N ARG F 406 -16.23 47.09 35.93
CA ARG F 406 -15.40 46.90 34.70
C ARG F 406 -16.25 46.34 33.55
N SER F 407 -17.57 46.52 33.62
CA SER F 407 -18.51 46.03 32.59
C SER F 407 -19.48 47.13 32.18
N ILE F 408 -20.08 46.96 31.02
CA ILE F 408 -21.17 47.83 30.51
C ILE F 408 -22.27 47.85 31.58
N GLY F 409 -22.74 49.03 31.96
CA GLY F 409 -23.93 49.14 32.81
C GLY F 409 -23.65 49.78 34.16
N ALA F 410 -22.39 49.83 34.60
CA ALA F 410 -22.04 50.36 35.94
C ALA F 410 -22.45 51.84 36.04
N VAL F 411 -22.30 52.60 34.96
CA VAL F 411 -22.64 54.06 34.97
C VAL F 411 -24.17 54.27 35.11
N MET F 412 -25.00 53.28 34.82
CA MET F 412 -26.45 53.38 35.09
C MET F 412 -26.80 52.66 36.41
N CYS F 413 -26.18 51.52 36.72
CA CYS F 413 -26.46 50.78 37.97
C CYS F 413 -26.09 51.63 39.20
N SER F 414 -25.04 52.46 39.11
CA SER F 414 -24.59 53.32 40.23
C SER F 414 -25.68 54.34 40.59
N PRO F 415 -26.13 55.22 39.66
CA PRO F 415 -27.20 56.16 39.99
C PRO F 415 -28.51 55.49 40.38
N LEU F 416 -28.85 54.35 39.76
CA LEU F 416 -30.06 53.56 40.14
C LEU F 416 -29.95 53.08 41.59
N SER F 417 -28.74 52.81 42.08
CA SER F 417 -28.51 52.32 43.46
C SER F 417 -28.74 53.47 44.46
N TYR F 418 -28.27 54.68 44.17
CA TYR F 418 -28.65 55.87 44.97
C TYR F 418 -30.17 56.04 44.95
N PHE F 419 -30.76 55.88 43.79
CA PHE F 419 -32.22 56.02 43.61
C PHE F 419 -32.94 55.04 44.54
N GLU F 420 -32.46 53.80 44.60
CA GLU F 420 -33.04 52.76 45.48
C GLU F 420 -32.87 53.15 46.96
N ALA F 421 -31.71 53.63 47.35
CA ALA F 421 -31.43 54.03 48.76
C ALA F 421 -32.42 55.11 49.19
N LEU F 422 -32.67 56.09 48.31
CA LEU F 422 -33.62 57.19 48.59
C LEU F 422 -35.06 56.65 48.59
N SER F 423 -35.41 55.73 47.68
CA SER F 423 -36.74 55.08 47.67
C SER F 423 -36.99 54.39 49.01
N GLU F 424 -35.97 53.75 49.56
CA GLU F 424 -36.06 53.00 50.84
C GLU F 424 -35.99 53.98 52.02
N THR F 425 -35.80 55.26 51.76
CA THR F 425 -35.91 56.36 52.77
C THR F 425 -37.25 57.09 52.60
N GLY F 426 -38.05 56.70 51.60
CA GLY F 426 -39.34 57.34 51.29
C GLY F 426 -39.18 58.73 50.70
N LEU F 427 -38.03 59.01 50.08
CA LEU F 427 -37.75 60.31 49.43
C LEU F 427 -37.87 60.16 47.90
N GLN F 428 -38.64 61.05 47.28
CA GLN F 428 -38.66 61.25 45.83
C GLN F 428 -37.27 61.72 45.38
N ALA F 429 -36.85 61.29 44.19
CA ALA F 429 -35.65 61.81 43.51
C ALA F 429 -35.93 61.83 42.01
N ASN F 430 -35.50 62.90 41.35
CA ASN F 430 -35.51 62.96 39.86
C ASN F 430 -34.42 62.02 39.33
N PHE F 431 -34.61 61.51 38.13
CA PHE F 431 -33.61 60.74 37.36
C PHE F 431 -33.58 61.37 35.98
N LYS F 432 -32.50 62.08 35.66
CA LYS F 432 -32.45 63.03 34.53
C LYS F 432 -31.14 62.90 33.75
N GLU F 433 -31.20 63.06 32.43
CA GLU F 433 -29.97 63.28 31.61
C GLU F 433 -29.45 64.68 31.97
N ILE F 434 -28.15 64.89 31.97
CA ILE F 434 -27.56 66.16 32.49
C ILE F 434 -28.13 67.37 31.72
N LYS F 435 -28.40 67.22 30.42
CA LYS F 435 -28.92 68.35 29.59
C LYS F 435 -30.39 68.65 29.94
N GLU F 436 -31.07 67.77 30.66
CA GLU F 436 -32.50 67.98 31.06
C GLU F 436 -32.56 68.77 32.37
N PHE F 437 -31.43 68.97 33.05
CA PHE F 437 -31.36 69.76 34.30
C PHE F 437 -31.23 71.24 33.94
N ASP F 438 -32.04 72.08 34.58
CA ASP F 438 -32.02 73.55 34.38
C ASP F 438 -30.87 74.14 35.22
N PHE F 439 -29.76 74.49 34.58
CA PHE F 439 -28.57 75.09 35.25
C PHE F 439 -28.61 76.63 35.19
N SER F 440 -29.72 77.25 34.77
CA SER F 440 -29.80 78.70 34.45
C SER F 440 -30.31 79.53 35.62
N LEU F 441 -30.67 78.93 36.76
CA LEU F 441 -31.31 79.66 37.89
C LEU F 441 -30.26 80.45 38.70
N ASN F 442 -30.76 81.34 39.57
CA ASN F 442 -29.96 82.28 40.40
C ASN F 442 -29.73 81.68 41.78
N ASP F 443 -30.56 80.73 42.18
CA ASP F 443 -30.58 80.22 43.58
C ASP F 443 -30.83 78.70 43.52
N TYR F 444 -29.98 77.92 44.18
CA TYR F 444 -30.07 76.43 44.28
C TYR F 444 -30.00 76.02 45.73
N THR F 445 -30.23 76.96 46.66
CA THR F 445 -30.43 76.68 48.10
C THR F 445 -31.34 75.47 48.22
N ASP F 446 -30.99 74.50 49.07
CA ASP F 446 -31.84 73.33 49.35
C ASP F 446 -32.11 72.45 48.08
N GLN F 447 -31.37 72.61 46.98
CA GLN F 447 -31.36 71.63 45.86
C GLN F 447 -30.12 70.72 45.99
N VAL F 448 -30.24 69.47 45.54
CA VAL F 448 -29.16 68.44 45.63
C VAL F 448 -29.00 67.76 44.27
N ILE F 449 -27.77 67.72 43.76
CA ILE F 449 -27.41 66.89 42.57
C ILE F 449 -26.52 65.75 43.06
N ILE F 450 -26.87 64.53 42.64
CA ILE F 450 -26.06 63.31 42.87
C ILE F 450 -25.48 62.91 41.51
N LEU F 451 -24.14 62.88 41.43
CA LEU F 451 -23.36 62.36 40.28
C LEU F 451 -22.63 61.12 40.76
N SER F 452 -23.25 59.96 40.53
CA SER F 452 -22.76 58.64 41.00
C SER F 452 -22.11 57.89 39.83
N HIS F 453 -20.78 57.83 39.85
CA HIS F 453 -19.98 57.09 38.83
C HIS F 453 -20.35 57.61 37.44
N GLN F 454 -20.50 58.93 37.29
CA GLN F 454 -20.64 59.57 35.97
C GLN F 454 -19.21 59.91 35.49
N ILE F 455 -18.56 58.93 34.89
CA ILE F 455 -17.08 58.89 34.69
C ILE F 455 -16.62 59.95 33.69
N ALA F 456 -17.52 60.51 32.85
CA ALA F 456 -17.17 61.55 31.85
C ALA F 456 -17.91 62.87 32.16
N LEU F 457 -17.13 63.94 32.38
CA LEU F 457 -17.64 65.31 32.54
C LEU F 457 -16.70 66.24 31.77
N ASP F 458 -17.24 67.22 31.03
CA ASP F 458 -16.42 68.20 30.29
C ASP F 458 -16.37 69.54 31.04
N ASN F 459 -15.54 70.45 30.52
CA ASN F 459 -15.31 71.78 31.15
C ASN F 459 -16.65 72.53 31.26
N LYS F 460 -17.49 72.46 30.23
CA LYS F 460 -18.79 73.18 30.19
C LYS F 460 -19.67 72.73 31.37
N VAL F 461 -19.84 71.42 31.54
CA VAL F 461 -20.71 70.87 32.62
C VAL F 461 -20.06 71.18 33.98
N ILE F 462 -18.73 71.13 34.11
CA ILE F 462 -18.05 71.49 35.39
C ILE F 462 -18.35 72.95 35.75
N LYS F 463 -18.32 73.88 34.80
CA LYS F 463 -18.71 75.31 35.04
C LYS F 463 -20.16 75.35 35.54
N GLN F 464 -21.06 74.58 34.94
CA GLN F 464 -22.48 74.54 35.35
C GLN F 464 -22.57 74.04 36.80
N LEU F 465 -21.80 73.02 37.16
CA LEU F 465 -21.82 72.44 38.52
C LEU F 465 -21.24 73.47 39.51
N GLU F 466 -20.18 74.19 39.13
CA GLU F 466 -19.57 75.26 39.96
C GLU F 466 -20.64 76.32 40.26
N SER F 467 -21.35 76.78 39.23
CA SER F 467 -22.46 77.78 39.36
C SER F 467 -23.54 77.24 40.28
N PHE F 468 -23.95 75.99 40.09
CA PHE F 468 -25.01 75.32 40.90
C PHE F 468 -24.60 75.35 42.38
N VAL F 469 -23.36 74.94 42.69
CA VAL F 469 -22.89 74.84 44.10
C VAL F 469 -22.71 76.26 44.67
N GLU F 470 -22.06 77.15 43.93
CA GLU F 470 -21.80 78.56 44.37
C GLU F 470 -23.12 79.19 44.80
N LYS F 471 -24.21 78.89 44.08
CA LYS F 471 -25.55 79.50 44.31
C LYS F 471 -26.35 78.69 45.34
N GLY F 472 -25.72 77.81 46.13
CA GLY F 472 -26.36 77.17 47.29
C GLY F 472 -26.60 75.67 47.12
N GLY F 473 -26.33 75.12 45.92
CA GLY F 473 -26.51 73.68 45.63
C GLY F 473 -25.61 72.80 46.47
N THR F 474 -26.10 71.60 46.79
CA THR F 474 -25.33 70.49 47.39
C THR F 474 -25.02 69.47 46.29
N LEU F 475 -23.74 69.17 46.08
CA LEU F 475 -23.27 68.17 45.09
C LEU F 475 -22.71 66.95 45.84
N ILE F 476 -23.27 65.78 45.58
CA ILE F 476 -22.77 64.48 46.10
C ILE F 476 -22.19 63.70 44.91
N ALA F 477 -20.91 63.33 44.99
CA ALA F 477 -20.20 62.62 43.90
C ALA F 477 -19.51 61.39 44.49
N ASP F 478 -19.80 60.19 43.96
CA ASP F 478 -19.06 58.97 44.33
C ASP F 478 -18.53 58.25 43.08
N GLY F 479 -17.80 57.17 43.29
CA GLY F 479 -17.18 56.36 42.22
C GLY F 479 -16.25 57.23 41.38
N LEU F 480 -16.12 56.90 40.10
CA LEU F 480 -15.11 57.53 39.21
C LEU F 480 -15.71 58.77 38.54
N THR F 481 -16.70 59.42 39.14
CA THR F 481 -17.28 60.69 38.60
C THR F 481 -16.14 61.64 38.21
N GLY F 482 -16.14 62.13 36.96
CA GLY F 482 -15.20 63.14 36.45
C GLY F 482 -13.79 62.63 36.20
N TYR F 483 -13.57 61.32 36.18
CA TYR F 483 -12.23 60.74 35.91
C TYR F 483 -11.78 61.08 34.48
N TYR F 484 -12.72 61.11 33.53
CA TYR F 484 -12.50 61.39 32.09
C TYR F 484 -13.31 62.61 31.67
N ASP F 485 -12.89 63.23 30.57
CA ASP F 485 -13.68 64.25 29.84
C ASP F 485 -14.46 63.56 28.72
N TYR F 486 -15.10 64.34 27.85
CA TYR F 486 -16.01 63.84 26.79
C TYR F 486 -15.20 63.22 25.65
N GLN F 487 -13.88 63.36 25.67
CA GLN F 487 -12.96 62.73 24.67
C GLN F 487 -12.18 61.55 25.30
N ALA F 488 -12.61 61.04 26.45
CA ALA F 488 -11.97 59.93 27.19
C ALA F 488 -10.55 60.30 27.60
N HIS F 489 -10.25 61.60 27.67
CA HIS F 489 -8.99 62.13 28.22
C HIS F 489 -9.16 62.31 29.74
N SER F 490 -8.27 61.73 30.54
CA SER F 490 -8.35 61.82 32.01
C SER F 490 -7.64 63.09 32.50
N THR F 491 -8.39 64.08 32.97
CA THR F 491 -7.78 65.29 33.60
C THR F 491 -7.22 64.90 34.97
N VAL F 492 -7.60 63.75 35.52
CA VAL F 492 -6.96 63.21 36.75
C VAL F 492 -5.45 63.05 36.48
N VAL F 493 -5.09 62.70 35.24
CA VAL F 493 -3.66 62.53 34.82
C VAL F 493 -3.06 63.90 34.46
N SER F 494 -3.72 64.70 33.63
CA SER F 494 -3.13 65.91 32.99
C SER F 494 -3.30 67.17 33.86
N GLY F 495 -4.23 67.21 34.82
CA GLY F 495 -4.54 68.42 35.62
C GLY F 495 -6.02 68.47 35.92
N PHE F 496 -6.43 68.04 37.11
CA PHE F 496 -7.81 67.64 37.47
C PHE F 496 -8.76 68.83 37.34
N ALA F 497 -9.75 68.71 36.45
CA ALA F 497 -10.68 69.81 36.10
C ALA F 497 -11.61 70.11 37.29
N LEU F 498 -11.87 69.14 38.17
CA LEU F 498 -12.78 69.34 39.33
C LEU F 498 -12.00 69.76 40.59
N GLU F 499 -10.71 70.08 40.49
CA GLU F 499 -9.90 70.45 41.69
C GLU F 499 -10.53 71.66 42.39
N ASN F 500 -10.88 72.69 41.62
CA ASN F 500 -11.48 73.95 42.15
C ASN F 500 -12.75 73.61 42.93
N LEU F 501 -13.70 72.90 42.30
CA LEU F 501 -15.01 72.61 42.93
C LEU F 501 -14.84 71.68 44.14
N PHE F 502 -13.96 70.69 44.05
CA PHE F 502 -13.84 69.63 45.09
C PHE F 502 -12.90 70.09 46.22
N GLY F 503 -12.09 71.14 45.98
CA GLY F 503 -11.11 71.63 46.96
C GLY F 503 -10.13 70.54 47.37
N SER F 504 -9.78 69.68 46.43
CA SER F 504 -9.03 68.42 46.67
C SER F 504 -8.61 67.81 45.34
N TYR F 505 -7.78 66.78 45.40
CA TYR F 505 -7.08 66.18 44.24
C TYR F 505 -7.02 64.68 44.47
N PRO F 506 -7.30 63.83 43.45
CA PRO F 506 -7.13 62.38 43.60
C PRO F 506 -5.65 62.06 43.81
N ILE F 507 -5.38 60.99 44.56
CA ILE F 507 -4.00 60.47 44.77
C ILE F 507 -3.88 59.13 44.03
N GLU F 508 -4.68 58.13 44.42
CA GLU F 508 -4.65 56.78 43.80
C GLU F 508 -6.05 56.18 43.76
N TYR F 509 -6.22 55.26 42.83
CA TYR F 509 -7.17 54.13 42.88
C TYR F 509 -6.39 52.83 43.04
N LYS F 510 -6.90 51.96 43.90
CA LYS F 510 -6.35 50.61 44.08
C LYS F 510 -7.53 49.66 44.03
N ILE F 511 -7.46 48.70 43.12
CA ILE F 511 -8.50 47.68 42.96
C ILE F 511 -8.43 46.76 44.18
N LYS F 512 -9.61 46.42 44.70
CA LYS F 512 -9.85 45.50 45.85
C LYS F 512 -10.79 44.40 45.36
N GLU F 513 -11.52 43.75 46.25
CA GLU F 513 -12.50 42.71 45.88
C GLU F 513 -13.80 43.39 45.40
N ASN F 514 -14.73 42.60 44.87
CA ASN F 514 -16.05 43.11 44.40
C ASN F 514 -16.76 43.83 45.57
N LEU F 515 -16.55 43.40 46.81
CA LEU F 515 -17.16 44.05 48.00
C LEU F 515 -16.08 44.25 49.07
N PHE F 516 -15.85 45.49 49.51
CA PHE F 516 -14.98 45.81 50.67
C PHE F 516 -15.70 46.88 51.50
N SER F 517 -15.14 47.20 52.66
CA SER F 517 -15.72 48.16 53.63
C SER F 517 -14.86 49.42 53.68
N LEU F 518 -15.46 50.60 53.52
CA LEU F 518 -14.79 51.89 53.88
C LEU F 518 -15.20 52.23 55.31
N ASP F 519 -14.27 52.16 56.26
CA ASP F 519 -14.54 52.34 57.71
C ASP F 519 -14.03 53.73 58.12
N PHE F 520 -14.94 54.68 58.31
CA PHE F 520 -14.59 56.08 58.67
C PHE F 520 -13.95 56.10 60.07
N GLU F 521 -12.98 56.99 60.27
CA GLU F 521 -12.25 57.12 61.56
C GLU F 521 -13.24 57.57 62.63
N LYS F 522 -14.10 58.53 62.28
CA LYS F 522 -15.15 59.14 63.14
C LYS F 522 -16.52 58.59 62.72
N ASP F 523 -17.40 58.32 63.70
CA ASP F 523 -18.69 57.58 63.53
C ASP F 523 -18.39 56.11 63.20
N TYR F 525 -19.50 55.45 60.37
CA TYR F 525 -20.01 54.83 59.12
C TYR F 525 -19.04 53.71 58.71
N LYS F 526 -19.62 52.58 58.30
CA LYS F 526 -18.92 51.49 57.58
C LYS F 526 -19.68 51.29 56.27
N LEU F 527 -19.18 51.88 55.21
CA LEU F 527 -19.85 51.94 53.90
C LEU F 527 -19.38 50.77 53.06
N PRO F 528 -20.32 49.91 52.57
CA PRO F 528 -19.99 48.95 51.52
C PRO F 528 -19.45 49.71 50.30
N ALA F 529 -18.41 49.19 49.67
CA ALA F 529 -17.78 49.79 48.47
C ALA F 529 -17.44 48.69 47.47
N HIS F 530 -17.52 49.02 46.18
CA HIS F 530 -17.30 48.07 45.07
C HIS F 530 -15.97 48.37 44.35
N LEU F 531 -15.09 47.37 44.33
CA LEU F 531 -14.03 47.17 43.32
C LEU F 531 -12.82 48.07 43.54
N TRP F 532 -12.98 49.40 43.62
CA TRP F 532 -11.83 50.35 43.65
C TRP F 532 -11.91 51.21 44.92
N LYS F 533 -10.78 51.32 45.62
CA LYS F 533 -10.65 52.29 46.74
C LYS F 533 -9.95 53.55 46.21
N GLY F 534 -10.63 54.69 46.29
CA GLY F 534 -10.09 56.02 45.94
C GLY F 534 -9.51 56.70 47.17
N THR F 535 -8.32 57.29 47.03
CA THR F 535 -7.69 58.16 48.05
C THR F 535 -7.42 59.52 47.42
N ILE F 536 -7.47 60.57 48.24
CA ILE F 536 -7.40 61.98 47.79
C ILE F 536 -6.47 62.75 48.72
N GLU F 537 -6.14 63.98 48.31
CA GLU F 537 -5.47 64.98 49.15
C GLU F 537 -6.32 66.25 49.15
N THR F 538 -6.63 66.80 50.32
CA THR F 538 -7.44 68.04 50.45
C THR F 538 -6.54 69.28 50.43
N SER F 539 -7.01 70.37 49.83
CA SER F 539 -6.46 71.74 49.96
C SER F 539 -7.49 72.55 50.74
N LYS F 540 -8.55 73.02 50.09
CA LYS F 540 -9.60 73.85 50.74
C LYS F 540 -10.64 72.96 51.45
N ALA F 541 -10.83 71.71 51.02
CA ALA F 541 -11.89 70.84 51.60
C ALA F 541 -11.45 70.31 52.97
N THR F 542 -12.42 69.91 53.78
CA THR F 542 -12.20 69.19 55.07
C THR F 542 -12.02 67.70 54.77
N PRO F 543 -10.86 67.10 55.12
CA PRO F 543 -10.63 65.68 54.84
C PRO F 543 -11.44 64.78 55.77
N ILE F 544 -11.84 63.62 55.25
CA ILE F 544 -12.48 62.51 56.02
C ILE F 544 -11.55 61.30 55.90
N MET F 545 -11.09 60.80 57.05
CA MET F 545 -10.06 59.73 57.10
C MET F 545 -10.74 58.42 57.44
N ASP F 546 -10.16 57.30 57.00
CA ASP F 546 -10.64 55.94 57.34
C ASP F 546 -9.73 55.41 58.46
N LYS F 547 -10.06 54.23 58.98
CA LYS F 547 -9.34 53.64 60.15
C LYS F 547 -7.94 53.21 59.75
N GLU F 548 -7.60 53.18 58.45
CA GLU F 548 -6.22 52.85 57.99
C GLU F 548 -5.41 54.14 57.84
N GLY F 549 -5.98 55.28 58.21
CA GLY F 549 -5.30 56.59 58.15
C GLY F 549 -5.19 57.14 56.74
N GLU F 550 -6.05 56.70 55.80
CA GLU F 550 -6.05 57.19 54.40
C GLU F 550 -7.19 58.21 54.23
N CYS F 551 -7.02 59.20 53.37
CA CYS F 551 -8.07 60.21 53.11
C CYS F 551 -9.00 59.68 51.99
N ILE F 552 -10.25 59.36 52.32
CA ILE F 552 -11.18 58.63 51.40
C ILE F 552 -12.35 59.52 50.98
N ALA F 553 -12.48 60.72 51.53
CA ALA F 553 -13.61 61.61 51.21
C ALA F 553 -13.34 63.02 51.70
N CYS F 554 -14.21 63.96 51.33
CA CYS F 554 -14.08 65.35 51.82
C CYS F 554 -15.40 66.11 51.62
N ILE F 555 -15.56 67.19 52.39
CA ILE F 555 -16.64 68.20 52.24
C ILE F 555 -15.99 69.54 51.91
N ASN F 556 -16.34 70.11 50.76
CA ASN F 556 -15.82 71.41 50.33
C ASN F 556 -16.96 72.43 50.44
N GLN F 557 -16.72 73.55 51.12
CA GLN F 557 -17.67 74.70 51.15
C GLN F 557 -17.31 75.55 49.96
N TYR F 558 -18.23 75.75 49.02
CA TYR F 558 -17.93 76.45 47.75
C TYR F 558 -19.03 77.47 47.52
N GLY F 559 -18.70 78.76 47.69
CA GLY F 559 -19.73 79.81 47.78
C GLY F 559 -20.75 79.45 48.86
N LYS F 560 -22.05 79.47 48.54
CA LYS F 560 -23.13 79.18 49.51
C LYS F 560 -23.43 77.68 49.56
N GLY F 561 -22.82 76.85 48.70
CA GLY F 561 -23.15 75.41 48.62
C GLY F 561 -22.09 74.52 49.22
N LYS F 562 -22.28 73.20 49.11
CA LYS F 562 -21.28 72.23 49.59
C LYS F 562 -21.14 71.06 48.61
N VAL F 563 -19.97 70.43 48.65
CA VAL F 563 -19.62 69.23 47.85
C VAL F 563 -19.22 68.15 48.84
N PHE F 564 -19.83 66.98 48.72
CA PHE F 564 -19.37 65.73 49.36
C PHE F 564 -18.81 64.84 48.24
N TRP F 565 -17.53 64.51 48.33
CA TRP F 565 -16.82 63.68 47.32
C TRP F 565 -16.25 62.45 48.02
N ILE F 566 -16.61 61.27 47.51
CA ILE F 566 -16.05 59.98 47.97
C ILE F 566 -15.73 59.15 46.72
N PRO F 567 -14.48 59.18 46.23
CA PRO F 567 -14.16 58.55 44.95
C PRO F 567 -14.15 57.02 44.90
N SER F 568 -14.59 56.32 45.93
CA SER F 568 -14.85 54.85 45.88
C SER F 568 -16.31 54.65 45.48
N PRO F 569 -16.68 53.58 44.75
CA PRO F 569 -18.08 53.36 44.39
C PRO F 569 -18.91 52.82 45.56
N ILE F 570 -19.56 53.72 46.30
CA ILE F 570 -20.36 53.34 47.49
C ILE F 570 -21.79 53.00 47.07
N ALA F 571 -22.36 53.64 46.06
CA ALA F 571 -23.65 53.22 45.47
C ALA F 571 -23.51 51.79 44.91
N LEU F 572 -22.45 51.49 44.16
CA LEU F 572 -22.25 50.11 43.64
C LEU F 572 -21.92 49.14 44.80
N GLY F 573 -21.31 49.63 45.88
CA GLY F 573 -21.07 48.82 47.09
C GLY F 573 -22.38 48.41 47.73
N ALA F 574 -23.32 49.35 47.84
CA ALA F 574 -24.68 49.08 48.35
C ALA F 574 -25.32 48.00 47.47
N ARG F 575 -25.25 48.16 46.14
CA ARG F 575 -25.81 47.18 45.17
C ARG F 575 -25.21 45.80 45.42
N GLU F 576 -23.89 45.72 45.50
CA GLU F 576 -23.15 44.44 45.60
C GLU F 576 -23.49 43.76 46.93
N SER F 577 -23.59 44.54 48.02
CA SER F 577 -23.87 44.01 49.38
C SER F 577 -25.37 43.75 49.55
N LYS F 578 -26.22 44.17 48.60
CA LYS F 578 -27.70 44.09 48.69
C LYS F 578 -28.19 44.78 49.97
N ASP F 579 -27.56 45.89 50.33
CA ASP F 579 -27.85 46.64 51.58
C ASP F 579 -27.65 48.12 51.32
N PHE F 580 -28.75 48.88 51.25
CA PHE F 580 -28.74 50.34 50.95
C PHE F 580 -28.83 51.16 52.25
N SER F 581 -28.80 50.53 53.43
CA SER F 581 -29.09 51.19 54.73
C SER F 581 -28.04 52.26 55.02
N GLU F 582 -26.75 51.95 54.89
CA GLU F 582 -25.66 52.90 55.19
C GLU F 582 -25.67 54.04 54.15
N LEU F 583 -25.91 53.74 52.87
CA LEU F 583 -25.99 54.79 51.83
C LEU F 583 -27.15 55.73 52.16
N SER F 584 -28.31 55.20 52.56
CA SER F 584 -29.48 55.99 53.04
C SER F 584 -29.04 56.95 54.18
N LYS F 585 -28.46 56.38 55.25
CA LYS F 585 -28.08 57.16 56.46
C LYS F 585 -27.11 58.28 56.07
N LEU F 586 -26.04 57.95 55.33
CA LEU F 586 -25.02 58.95 54.91
C LEU F 586 -25.71 60.04 54.10
N THR F 587 -26.55 59.69 53.13
CA THR F 587 -27.15 60.66 52.19
C THR F 587 -28.06 61.61 53.00
N VAL F 588 -28.88 61.08 53.91
CA VAL F 588 -29.82 61.88 54.75
C VAL F 588 -29.00 62.90 55.56
N SER F 589 -27.86 62.49 56.12
CA SER F 589 -26.96 63.37 56.93
C SER F 589 -26.44 64.54 56.08
N LEU F 590 -26.42 64.42 54.75
CA LEU F 590 -25.86 65.47 53.84
C LEU F 590 -26.97 66.34 53.24
N LEU F 591 -28.23 66.00 53.43
CA LEU F 591 -29.36 66.74 52.79
C LEU F 591 -29.57 68.04 53.55
N PRO F 592 -29.87 69.16 52.85
CA PRO F 592 -30.34 70.38 53.52
C PRO F 592 -31.56 70.08 54.40
N ASN F 593 -31.62 70.69 55.61
CA ASN F 593 -32.73 70.44 56.56
C ASN F 593 -34.08 70.69 55.91
N LYS F 594 -34.19 71.70 55.04
CA LYS F 594 -35.48 72.08 54.43
C LYS F 594 -36.09 70.88 53.70
N ILE F 595 -35.26 70.04 53.06
CA ILE F 595 -35.79 68.87 52.30
C ILE F 595 -36.47 67.92 53.29
N LEU F 596 -35.81 67.61 54.41
CA LEU F 596 -36.33 66.67 55.42
C LEU F 596 -37.53 67.29 56.17
N ASN F 597 -37.55 68.60 56.36
CA ASN F 597 -38.63 69.29 57.11
C ASN F 597 -39.90 69.35 56.26
N ASP F 598 -39.80 69.59 54.95
CA ASP F 598 -40.96 69.92 54.07
C ASP F 598 -41.49 68.67 53.32
N ASN F 599 -40.73 67.59 53.22
CA ASN F 599 -41.12 66.40 52.41
C ASN F 599 -41.46 65.23 53.31
N PRO F 600 -42.64 64.60 53.15
CA PRO F 600 -42.89 63.33 53.83
C PRO F 600 -41.80 62.33 53.40
N HIS F 601 -41.28 61.58 54.37
CA HIS F 601 -40.24 60.54 54.21
C HIS F 601 -40.32 59.60 55.41
N PHE F 602 -39.53 58.53 55.41
CA PHE F 602 -39.49 57.55 56.52
C PHE F 602 -38.61 58.11 57.63
N ASP F 603 -38.95 57.83 58.89
CA ASP F 603 -38.19 58.23 60.11
C ASP F 603 -36.81 57.57 60.08
N LYS F 604 -36.69 56.46 59.35
CA LYS F 604 -35.41 55.72 59.20
C LYS F 604 -35.47 54.90 57.90
N HIS F 605 -34.37 54.20 57.58
CA HIS F 605 -34.30 53.33 56.38
C HIS F 605 -35.21 52.12 56.56
N TYR F 606 -35.99 51.76 55.54
CA TYR F 606 -36.79 50.50 55.50
C TYR F 606 -36.41 49.71 54.24
N LYS F 607 -35.76 48.56 54.44
CA LYS F 607 -35.42 47.61 53.35
C LYS F 607 -36.70 47.16 52.66
N ASP F 608 -36.75 47.25 51.34
CA ASP F 608 -37.84 46.71 50.48
C ASP F 608 -39.17 47.41 50.77
N VAL F 609 -39.12 48.68 51.17
CA VAL F 609 -40.33 49.55 51.18
C VAL F 609 -40.01 50.78 50.35
N MET F 610 -40.98 51.28 49.60
CA MET F 610 -40.79 52.57 48.89
C MET F 610 -41.92 53.53 49.26
N MET F 611 -41.61 54.81 49.18
CA MET F 611 -42.62 55.89 49.20
C MET F 611 -42.14 57.01 48.29
N LYS F 612 -43.09 57.57 47.56
CA LYS F 612 -42.93 58.78 46.75
C LYS F 612 -44.19 59.64 46.98
N SER F 613 -44.02 60.95 47.04
CA SER F 613 -45.16 61.86 47.33
C SER F 613 -45.50 62.68 46.08
N PHE F 614 -46.74 63.11 45.98
CA PHE F 614 -47.26 63.95 44.87
C PHE F 614 -48.34 64.90 45.40
N LYS F 615 -48.75 65.84 44.57
CA LYS F 615 -49.74 66.91 44.90
C LYS F 615 -50.75 66.96 43.76
N SER F 616 -51.97 67.36 44.06
CA SER F 616 -53.03 67.62 43.06
C SER F 616 -53.95 68.71 43.64
N ASN F 617 -54.01 69.86 42.97
CA ASN F 617 -54.94 70.98 43.30
C ASN F 617 -54.74 71.38 44.77
N GLY F 618 -53.48 71.53 45.19
CA GLY F 618 -53.11 72.03 46.53
C GLY F 618 -53.15 70.99 47.64
N THR F 619 -53.57 69.75 47.38
CA THR F 619 -53.54 68.66 48.37
C THR F 619 -52.31 67.77 48.12
N MET F 620 -51.62 67.36 49.18
CA MET F 620 -50.44 66.45 49.12
C MET F 620 -50.90 65.01 49.37
N TYR F 621 -50.27 64.07 48.68
CA TYR F 621 -50.54 62.60 48.78
C TYR F 621 -49.20 61.85 48.87
N SER F 622 -49.22 60.64 49.43
CA SER F 622 -48.04 59.74 49.40
C SER F 622 -48.45 58.34 48.89
N LEU F 623 -47.57 57.76 48.07
CA LEU F 623 -47.69 56.36 47.58
C LEU F 623 -46.69 55.53 48.40
N ILE F 624 -47.14 54.44 49.00
CA ILE F 624 -46.30 53.52 49.80
C ILE F 624 -46.54 52.11 49.27
N ILE F 625 -45.45 51.38 49.01
CA ILE F 625 -45.51 49.96 48.60
C ILE F 625 -44.55 49.18 49.48
N ASN F 626 -45.02 48.06 50.00
CA ASN F 626 -44.24 47.11 50.83
C ASN F 626 -43.86 45.92 49.95
N LYS F 627 -42.57 45.71 49.70
CA LYS F 627 -42.06 44.58 48.89
C LYS F 627 -41.31 43.59 49.80
N SER F 628 -41.32 43.83 51.11
CA SER F 628 -40.72 42.91 52.11
C SER F 628 -41.67 41.71 52.28
N ALA F 629 -41.18 40.66 52.94
CA ALA F 629 -41.96 39.44 53.26
C ALA F 629 -42.84 39.65 54.49
N SER F 630 -42.76 40.79 55.17
CA SER F 630 -43.46 40.99 56.48
C SER F 630 -44.31 42.26 56.47
N VAL F 631 -45.36 42.26 57.28
CA VAL F 631 -46.14 43.49 57.59
C VAL F 631 -45.14 44.50 58.15
N GLN F 632 -45.22 45.75 57.71
CA GLN F 632 -44.29 46.80 58.16
C GLN F 632 -45.13 47.91 58.80
N THR F 633 -44.60 48.53 59.85
CA THR F 633 -45.15 49.80 60.37
C THR F 633 -44.14 50.89 60.05
N VAL F 634 -44.52 51.80 59.15
CA VAL F 634 -43.61 52.85 58.63
C VAL F 634 -44.02 54.17 59.28
N ASP F 635 -43.10 54.79 60.00
CA ASP F 635 -43.29 56.10 60.66
C ASP F 635 -42.96 57.18 59.63
N ILE F 636 -43.97 57.91 59.18
CA ILE F 636 -43.82 59.00 58.18
C ILE F 636 -43.65 60.32 58.93
N VAL F 637 -42.63 61.09 58.57
CA VAL F 637 -42.28 62.39 59.18
C VAL F 637 -41.97 63.36 58.04
N GLY F 638 -42.04 64.66 58.33
CA GLY F 638 -41.81 65.72 57.34
C GLY F 638 -43.11 66.15 56.69
N GLY F 639 -43.12 67.35 56.14
CA GLY F 639 -44.34 68.02 55.64
C GLY F 639 -45.30 68.25 56.78
N LYS F 640 -46.57 68.44 56.45
CA LYS F 640 -47.64 68.72 57.45
C LYS F 640 -48.89 67.93 57.04
N GLY F 641 -49.72 67.57 58.02
CA GLY F 641 -51.04 66.96 57.77
C GLY F 641 -51.14 65.62 58.44
N LYS F 642 -52.34 65.07 58.46
CA LYS F 642 -52.69 63.77 59.10
C LYS F 642 -53.08 62.78 58.01
N ALA F 643 -52.61 61.54 58.14
CA ALA F 643 -52.81 60.47 57.13
C ALA F 643 -54.28 60.07 57.07
N PHE F 644 -54.87 60.15 55.88
CA PHE F 644 -56.15 59.50 55.55
C PHE F 644 -55.86 58.51 54.42
N ILE F 645 -56.13 57.23 54.63
CA ILE F 645 -55.95 56.17 53.59
C ILE F 645 -57.04 56.29 52.52
N LEU F 646 -56.65 56.72 51.33
CA LEU F 646 -57.57 56.93 50.17
C LEU F 646 -57.64 55.66 49.31
N PHE F 647 -56.54 54.92 49.24
CA PHE F 647 -56.45 53.64 48.48
C PHE F 647 -55.59 52.67 49.28
N ALA F 648 -56.04 51.42 49.41
CA ALA F 648 -55.31 50.30 50.05
C ALA F 648 -55.95 49.00 49.59
N ASN F 649 -55.15 48.07 49.02
CA ASN F 649 -55.73 46.83 48.44
C ASN F 649 -55.62 45.67 49.43
N LYS F 650 -55.04 45.85 50.61
CA LYS F 650 -54.96 44.77 51.64
C LYS F 650 -55.28 45.31 53.05
N ASN F 651 -56.20 46.27 53.16
CA ASN F 651 -56.74 46.77 54.46
C ASN F 651 -55.64 47.42 55.32
N ALA F 652 -54.70 48.15 54.74
CA ALA F 652 -53.76 49.01 55.50
C ALA F 652 -54.55 49.86 56.50
N HIS F 653 -53.92 50.24 57.62
CA HIS F 653 -54.48 51.17 58.62
C HIS F 653 -53.36 52.07 59.13
N SER F 654 -53.68 53.29 59.55
CA SER F 654 -52.71 54.26 60.11
C SER F 654 -53.14 54.72 61.50
N THR F 655 -52.18 55.02 62.37
CA THR F 655 -52.37 55.70 63.67
C THR F 655 -51.35 56.84 63.69
N ALA F 656 -51.81 58.09 63.56
CA ALA F 656 -50.95 59.30 63.70
C ALA F 656 -49.69 59.21 62.84
N ASN F 657 -49.82 58.94 61.53
CA ASN F 657 -48.71 58.98 60.55
C ASN F 657 -47.78 57.78 60.69
N LYS F 658 -48.21 56.71 61.37
CA LYS F 658 -47.55 55.39 61.38
C LYS F 658 -48.45 54.46 60.57
N LEU F 659 -47.98 54.02 59.40
CA LEU F 659 -48.77 53.22 58.43
C LEU F 659 -48.39 51.75 58.59
N THR F 660 -49.39 50.91 58.84
CA THR F 660 -49.27 49.43 58.86
C THR F 660 -49.67 48.95 57.46
N ILE F 661 -48.70 48.39 56.72
CA ILE F 661 -48.87 48.01 55.29
C ILE F 661 -48.43 46.56 55.11
N SER F 662 -49.23 45.77 54.41
CA SER F 662 -49.01 44.32 54.23
C SER F 662 -48.05 44.07 53.06
N PRO F 663 -47.42 42.88 53.01
CA PRO F 663 -46.58 42.49 51.86
C PRO F 663 -47.36 42.65 50.54
N GLU F 664 -46.75 43.36 49.57
CA GLU F 664 -47.24 43.54 48.17
C GLU F 664 -48.39 44.55 48.11
N GLU F 665 -48.75 45.16 49.24
CA GLU F 665 -49.85 46.14 49.29
C GLU F 665 -49.37 47.48 48.71
N THR F 666 -50.24 48.15 47.99
CA THR F 666 -50.09 49.55 47.51
C THR F 666 -51.06 50.44 48.32
N VAL F 667 -50.54 51.54 48.87
CA VAL F 667 -51.34 52.50 49.69
C VAL F 667 -51.18 53.91 49.12
N ILE F 668 -52.29 54.63 48.98
CA ILE F 668 -52.28 56.11 48.77
C ILE F 668 -52.82 56.76 50.04
N ILE F 669 -52.00 57.58 50.68
CA ILE F 669 -52.40 58.47 51.82
C ILE F 669 -52.70 59.86 51.23
N LYS F 670 -53.86 60.41 51.58
CA LYS F 670 -54.22 61.83 51.44
C LYS F 670 -53.88 62.54 52.75
N TRP F 671 -53.08 63.61 52.70
CA TRP F 671 -52.65 64.39 53.88
C TRP F 671 -53.68 65.50 54.14
N LYS F 672 -54.40 65.44 55.26
CA LYS F 672 -55.45 66.47 55.60
C LYS F 672 -54.86 67.58 56.47
C1 EDO G . -0.03 -40.48 -17.91
O1 EDO G . 0.51 -39.78 -16.82
C2 EDO G . 0.94 -40.79 -18.97
O2 EDO G . 2.00 -39.86 -19.07
H11 EDO G . -0.73 -39.94 -18.32
H12 EDO G . -0.40 -41.34 -17.59
HO1 EDO G . -0.09 -39.64 -16.25
H21 EDO G . 0.48 -40.80 -19.83
H22 EDO G . 1.35 -41.66 -18.79
HO2 EDO G . 1.90 -39.25 -18.50
C1 EDO H . 9.06 -50.77 -32.75
O1 EDO H . 8.17 -51.72 -32.12
C2 EDO H . 8.50 -49.75 -33.65
O2 EDO H . 7.46 -48.94 -33.10
H11 EDO H . 9.70 -51.28 -33.31
H12 EDO H . 9.53 -50.27 -32.07
HO1 EDO H . 8.62 -52.24 -31.63
H21 EDO H . 8.13 -50.19 -34.45
H22 EDO H . 9.22 -49.14 -33.93
HO2 EDO H . 7.31 -49.18 -32.31
CL CL I . 7.58 -60.55 -38.32
C1 EDO J . -14.23 -50.95 -25.93
O1 EDO J . -13.55 -49.75 -26.18
C2 EDO J . -15.68 -50.72 -25.65
O2 EDO J . -16.30 -49.95 -26.67
H11 EDO J . -13.83 -51.38 -25.14
H12 EDO J . -14.15 -51.54 -26.70
HO1 EDO J . -12.73 -49.91 -26.34
H21 EDO J . -15.76 -50.24 -24.80
H22 EDO J . -16.13 -51.58 -25.59
HO2 EDO J . -15.72 -49.77 -27.26
O1 TLA K . -10.48 -79.74 -18.63
O11 TLA K . -8.46 -79.02 -18.15
C1 TLA K . -9.68 -78.80 -18.40
C2 TLA K . -10.18 -77.37 -18.39
O2 TLA K . -9.08 -76.46 -18.23
C3 TLA K . -11.15 -77.19 -17.24
O3 TLA K . -10.48 -77.39 -16.01
C4 TLA K . -11.71 -75.78 -17.22
O4 TLA K . -11.66 -75.15 -16.14
O41 TLA K . -12.19 -75.30 -18.25
H2 TLA K . -10.70 -77.18 -19.33
HA TLA K . -8.63 -76.65 -17.38
H3 TLA K . -11.98 -77.90 -17.36
HB TLA K . -9.77 -76.75 -15.91
O1 TLA L . 16.90 -47.24 -40.56
O11 TLA L . 18.13 -49.02 -40.65
C1 TLA L . 17.16 -48.40 -40.19
C2 TLA L . 16.28 -49.08 -39.16
O2 TLA L . 16.54 -50.47 -39.13
C3 TLA L . 14.79 -48.90 -39.52
O3 TLA L . 14.53 -49.36 -40.86
C4 TLA L . 13.96 -49.68 -38.55
O4 TLA L . 14.11 -49.37 -37.31
O41 TLA L . 13.17 -50.58 -39.05
H2 TLA L . 16.46 -48.59 -38.19
HA TLA L . 16.35 -50.86 -40.00
H3 TLA L . 14.52 -47.85 -39.46
HB TLA L . 14.74 -50.30 -40.94
C1 EDO M . 12.61 -51.13 -34.60
O1 EDO M . 13.97 -51.03 -35.10
C2 EDO M . 11.60 -51.63 -35.63
O2 EDO M . 11.30 -50.72 -36.70
H11 EDO M . 12.30 -50.25 -34.31
H12 EDO M . 12.59 -51.76 -33.85
HO1 EDO M . 14.47 -50.75 -34.48
H21 EDO M . 10.75 -51.83 -35.18
H22 EDO M . 11.95 -52.45 -36.05
HO2 EDO M . 11.74 -50.01 -36.60
C1 VKN N . 8.96 -55.39 -33.46
C2 VKN N . 9.47 -55.84 -34.83
C7 VKN N . 10.10 -54.72 -32.68
C5 VKN N . 11.35 -55.60 -32.56
C6 VKN N . 12.37 -55.01 -31.60
O6 VKN N . 12.90 -53.76 -32.08
C4 VKN N . 11.89 -55.90 -33.96
O4 VKN N . 13.00 -56.81 -33.93
C3 VKN N . 10.82 -56.55 -34.85
O3 VKN N . 11.30 -56.50 -36.18
O2 VKN N . 9.64 -54.70 -35.69
O5 VKN N . 10.39 -53.54 -33.41
H1 VKN N . 8.26 -54.70 -33.60
H2 VKN N . 8.78 -56.47 -35.20
H6 VKN N . 9.76 -54.53 -31.76
H5 VKN N . 11.07 -56.46 -32.16
H61 VKN N . 13.12 -55.63 -31.48
H62 VKN N . 11.96 -54.87 -30.72
HO6 VKN N . 13.46 -53.46 -31.52
H4 VKN N . 12.19 -55.05 -34.37
HO4 VKN N . 12.74 -57.52 -33.57
H3 VKN N . 10.66 -57.48 -34.54
HO3 VKN N . 10.74 -56.86 -36.69
HO2 VKN N . 10.43 -54.70 -35.98
HO5 VKN N . 10.95 -53.08 -32.96
C1 EDO O . -34.59 11.58 31.75
O1 EDO O . -34.95 12.50 32.78
C2 EDO O . -34.09 12.27 30.54
O2 EDO O . -33.24 13.35 30.86
H11 EDO O . -35.38 11.06 31.50
H12 EDO O . -33.89 10.99 32.08
HO1 EDO O . -35.22 12.07 33.45
H21 EDO O . -34.85 12.60 30.02
H22 EDO O . -33.58 11.63 30.00
HO2 EDO O . -33.18 13.42 31.70
CL CL P . -17.18 2.99 9.54
O1 TLA Q . -29.77 -23.51 23.43
O11 TLA Q . -30.08 -23.64 21.25
C1 TLA Q . -29.43 -23.92 22.28
C2 TLA Q . -28.20 -24.82 22.12
O2 TLA Q . -27.58 -24.96 23.40
C3 TLA Q . -27.17 -24.30 21.11
O3 TLA Q . -26.73 -22.98 21.47
C4 TLA Q . -25.95 -25.22 21.03
O4 TLA Q . -26.13 -26.41 20.73
O41 TLA Q . -24.78 -24.83 21.25
H2 TLA Q . -28.57 -25.79 21.75
HA TLA Q . -27.24 -24.10 23.69
H3 TLA Q . -27.63 -24.25 20.11
HB TLA Q . -26.31 -23.00 22.34
C1 EDO R . -17.26 12.49 16.27
O1 EDO R . -15.97 13.06 16.34
C2 EDO R . -17.63 11.90 14.96
O2 EDO R . -18.46 12.67 14.10
H11 EDO R . -17.92 13.18 16.47
H12 EDO R . -17.32 11.77 16.93
HO1 EDO R . -15.85 13.37 17.12
H21 EDO R . -18.12 11.06 15.12
H22 EDO R . -16.81 11.72 14.46
HO2 EDO R . -18.65 13.40 14.46
C1 EDO S . -20.73 10.44 17.33
O1 EDO S . -21.32 9.14 17.44
C2 EDO S . -21.44 11.42 16.45
O2 EDO S . -22.82 11.59 16.76
H11 EDO S . -19.83 10.35 16.95
H12 EDO S . -20.69 10.85 18.22
HO1 EDO S . -20.84 8.66 17.94
H21 EDO S . -21.39 11.12 15.52
H22 EDO S . -21.02 12.30 16.54
HO2 EDO S . -23.03 11.10 17.41
O1 TLA T . -14.60 19.02 12.04
O11 TLA T . -12.73 17.92 11.82
C1 TLA T . -13.92 17.98 12.18
C2 TLA T . -14.52 16.79 12.90
O2 TLA T . -13.67 15.63 12.89
C3 TLA T . -15.85 16.41 12.28
O3 TLA T . -15.69 16.11 10.90
C4 TLA T . -16.35 15.20 13.04
O4 TLA T . -16.41 15.29 14.29
O41 TLA T . -16.68 14.18 12.40
H2 TLA T . -14.68 17.07 13.95
HA TLA T . -13.54 15.33 11.98
H3 TLA T . -16.59 17.23 12.40
HB TLA T . -15.05 15.39 10.80
C1 VKN U . -18.72 6.81 15.56
C2 VKN U . -17.98 6.99 14.24
C7 VKN U . -18.04 7.52 16.71
C5 VKN U . -16.56 7.21 16.84
C6 VKN U . -15.93 7.75 18.10
O6 VKN U . -15.90 9.18 18.10
C4 VKN U . -15.88 7.67 15.56
O4 VKN U . -14.48 7.41 15.69
C3 VKN U . -16.45 6.92 14.36
O3 VKN U . -15.91 7.49 13.18
O2 VKN U . -18.30 8.27 13.67
O5 VKN U . -18.19 8.92 16.51
H1 VKN U . -19.63 7.19 15.46
H2 VKN U . -18.28 6.27 13.63
H6 VKN U . -18.50 7.24 17.55
H5 VKN U . -16.48 6.22 16.89
H61 VKN U . -15.01 7.41 18.17
H62 VKN U . -16.42 7.44 18.89
HO6 VKN U . -15.53 9.46 18.81
H4 VKN U . -16.03 8.66 15.45
HO4 VKN U . -14.37 6.58 15.80
H3 VKN U . -16.21 5.96 14.43
HO3 VKN U . -16.23 7.08 12.52
HO2 VKN U . -17.59 8.69 13.53
HO5 VKN U . -17.95 9.32 17.21
C1 EDO V . 39.18 -42.60 -18.34
O1 EDO V . 38.20 -43.03 -17.41
C2 EDO V . 38.65 -42.58 -19.72
O2 EDO V . 37.56 -41.67 -19.85
H11 EDO V . 39.95 -43.21 -18.30
H12 EDO V . 39.47 -41.69 -18.09
HO1 EDO V . 38.54 -43.02 -16.63
H21 EDO V . 38.33 -43.48 -19.95
H22 EDO V . 39.36 -42.30 -20.33
HO2 EDO V . 37.41 -41.30 -19.10
C1 EDO W . 55.67 -51.80 -26.37
O1 EDO W . 55.29 -52.82 -27.29
C2 EDO W . 55.17 -50.46 -26.75
O2 EDO W . 53.84 -50.46 -27.23
H11 EDO W . 56.64 -51.75 -26.34
H12 EDO W . 55.32 -52.01 -25.48
HO1 EDO W . 55.60 -53.56 -27.02
H21 EDO W . 55.74 -50.09 -27.45
H22 EDO W . 55.19 -49.88 -25.95
HO2 EDO W . 53.53 -51.24 -27.24
C1 EDO X . 43.83 -47.54 -52.81
O1 EDO X . 43.50 -48.69 -52.11
C2 EDO X . 43.04 -46.42 -52.31
O2 EDO X . 42.30 -45.79 -53.31
H11 EDO X . 43.69 -47.62 -53.79
H12 EDO X . 44.78 -47.37 -52.61
HO1 EDO X . 43.96 -49.34 -52.40
H21 EDO X . 43.64 -45.77 -51.91
H22 EDO X . 42.41 -46.76 -51.64
HO2 EDO X . 42.45 -46.17 -54.06
CL CL Y . 52.09 -27.26 -39.90
C1 EDO Z . 42.95 -30.69 -34.11
O1 EDO Z . 44.12 -31.11 -33.37
C2 EDO Z . 42.23 -31.73 -34.89
O2 EDO Z . 42.21 -32.97 -34.23
H11 EDO Z . 43.23 -30.00 -34.76
H12 EDO Z . 42.31 -30.30 -33.48
HO1 EDO Z . 44.46 -30.46 -32.97
H21 EDO Z . 42.67 -31.85 -35.75
H22 EDO Z . 41.30 -31.44 -35.03
HO2 EDO Z . 42.63 -32.91 -33.50
O1 TLA AA . 76.55 -31.21 -20.25
O11 TLA AA . 78.29 -32.43 -20.56
C1 TLA AA . 77.06 -32.33 -20.46
C2 TLA AA . 76.21 -33.59 -20.61
O2 TLA AA . 74.79 -33.37 -20.52
C3 TLA AA . 76.55 -34.57 -19.52
O3 TLA AA . 76.41 -33.87 -18.30
C4 TLA AA . 75.64 -35.77 -19.58
O4 TLA AA . 74.92 -36.03 -18.59
O41 TLA AA . 75.62 -36.48 -20.62
H2 TLA AA . 76.45 -34.05 -21.58
HA TLA AA . 74.58 -33.00 -19.65
H3 TLA AA . 77.59 -34.90 -19.72
HB TLA AA . 75.49 -33.57 -18.21
C1 EDO BA . 42.40 -28.02 -37.02
O1 EDO BA . 41.58 -28.87 -37.81
C2 EDO BA . 41.69 -27.42 -35.84
O2 EDO BA . 40.61 -26.57 -36.23
H11 EDO BA . 42.72 -27.28 -37.58
H12 EDO BA . 43.16 -28.54 -36.68
HO1 EDO BA . 42.03 -29.17 -38.46
H21 EDO BA . 42.32 -26.89 -35.32
H22 EDO BA . 41.32 -28.14 -35.29
HO2 EDO BA . 40.57 -26.55 -37.07
O1 TLA CA . 39.11 -27.24 -38.59
O11 TLA CA . 40.58 -27.40 -40.22
C1 TLA CA . 39.42 -27.15 -39.80
C2 TLA CA . 38.33 -26.75 -40.78
O2 TLA CA . 38.77 -26.83 -42.16
C3 TLA CA . 37.81 -25.33 -40.49
O3 TLA CA . 38.90 -24.38 -40.50
C4 TLA CA . 36.76 -24.95 -41.52
O4 TLA CA . 35.87 -25.80 -41.75
O41 TLA CA . 36.78 -23.85 -42.12
H2 TLA CA . 37.49 -27.45 -40.65
HA TLA CA . 39.47 -26.18 -42.31
H3 TLA CA . 37.36 -25.30 -39.49
HB TLA CA . 39.31 -24.37 -41.37
C1 VKN DA . 47.05 -28.56 -34.94
C2 VKN DA . 47.15 -27.93 -36.33
C7 VKN DA . 45.98 -27.92 -34.07
C5 VKN DA . 46.08 -26.39 -34.02
C6 VKN DA . 45.11 -25.78 -33.01
O6 VKN DA . 43.77 -25.80 -33.45
C4 VKN DA . 46.01 -25.82 -35.43
O4 VKN DA . 46.20 -24.41 -35.40
C3 VKN DA . 47.10 -26.42 -36.35
O3 VKN DA . 46.81 -26.01 -37.70
O2 VKN DA . 46.02 -28.37 -37.15
O5 VKN DA . 44.72 -28.33 -34.60
H1 VKN DA . 46.83 -29.52 -35.03
H2 VKN DA . 48.00 -28.23 -36.72
H6 VKN DA . 46.07 -28.27 -33.15
H5 VKN DA . 46.97 -26.17 -33.66
H61 VKN DA . 45.36 -24.84 -32.83
H62 VKN DA . 45.17 -26.27 -32.16
HO6 VKN DA . 43.27 -25.44 -32.85
H4 VKN DA . 45.11 -26.02 -35.81
HO4 VKN DA . 46.96 -24.25 -35.07
H3 VKN DA . 47.98 -26.08 -36.07
HO3 VKN DA . 47.41 -26.33 -38.20
HO2 VKN DA . 45.61 -27.70 -37.44
HO5 VKN DA . 44.36 -28.83 -34.04
C1 EDO EA . 21.53 -8.18 -18.93
O1 EDO EA . 22.57 -8.85 -18.29
C2 EDO EA . 21.36 -8.65 -20.30
O2 EDO EA . 21.45 -10.03 -20.42
H11 EDO EA . 21.74 -7.21 -18.95
H12 EDO EA . 20.71 -8.32 -18.43
HO1 EDO EA . 22.66 -8.56 -17.49
H21 EDO EA . 22.05 -8.25 -20.87
H22 EDO EA . 20.48 -8.37 -20.63
HO2 EDO EA . 21.60 -10.36 -19.65
C1 EDO FA . 21.77 -2.67 -53.14
O1 EDO FA . 23.14 -2.90 -53.27
C2 EDO FA . 21.07 -3.94 -52.95
O2 EDO FA . 21.31 -4.87 -53.98
H11 EDO FA . 21.45 -2.23 -53.95
H12 EDO FA . 21.63 -2.08 -52.37
HO1 EDO FA . 23.54 -2.17 -53.38
H21 EDO FA . 20.10 -3.77 -52.91
H22 EDO FA . 21.38 -4.35 -52.11
HO2 EDO FA . 21.83 -4.52 -54.55
C1 EDO GA . 53.11 -3.88 -14.54
O1 EDO GA . 52.07 -3.05 -14.13
C2 EDO GA . 53.44 -3.51 -15.92
O2 EDO GA . 52.61 -2.46 -16.36
H11 EDO GA . 52.81 -4.81 -14.49
H12 EDO GA . 53.87 -3.73 -13.95
HO1 EDO GA . 51.85 -3.23 -13.34
H21 EDO GA . 53.31 -4.29 -16.51
H22 EDO GA . 54.37 -3.23 -15.96
HO2 EDO GA . 52.09 -2.25 -15.74
CL CL HA . 0.78 -5.26 -39.74
C1 EDO IA . 9.61 -11.31 -34.88
O1 EDO IA . 10.88 -10.79 -34.44
C2 EDO IA . 8.50 -11.23 -33.85
O2 EDO IA . 8.15 -9.90 -33.38
H11 EDO IA . 9.71 -12.26 -35.09
H12 EDO IA . 9.30 -10.81 -35.66
HO1 EDO IA . 11.44 -10.87 -35.06
H21 EDO IA . 8.75 -11.74 -33.06
H22 EDO IA . 7.68 -11.60 -34.25
HO2 EDO IA . 8.64 -9.33 -33.76
C1 EDO JA . 6.52 -13.14 -36.89
O1 EDO JA . 7.48 -13.39 -37.92
C2 EDO JA . 6.66 -14.04 -35.72
O2 EDO JA . 6.04 -15.30 -35.92
H11 EDO JA . 5.62 -13.27 -37.25
H12 EDO JA . 6.63 -12.22 -36.57
HO1 EDO JA . 7.35 -12.86 -38.55
H21 EDO JA . 6.24 -13.61 -34.95
H22 EDO JA . 7.61 -14.18 -35.54
HO2 EDO JA . 5.69 -15.33 -36.69
O1 TLA KA . 5.52 -19.96 -41.87
O11 TLA KA . 7.65 -20.29 -41.33
C1 TLA KA . 6.56 -19.65 -41.22
C2 TLA KA . 6.44 -18.48 -40.27
O2 TLA KA . 5.11 -17.96 -40.21
C3 TLA KA . 7.36 -17.34 -40.65
O3 TLA KA . 7.10 -16.77 -41.95
C4 TLA KA . 7.16 -16.25 -39.61
O4 TLA KA . 6.65 -15.18 -40.00
O41 TLA KA . 7.52 -16.46 -38.43
H2 TLA KA . 6.73 -18.85 -39.27
HA TLA KA . 4.86 -17.61 -41.08
H3 TLA KA . 8.42 -17.65 -40.63
HB TLA KA . 6.20 -16.45 -41.99
O1 TLA LA . -1.88 19.41 -18.63
O11 TLA LA . -2.06 20.19 -20.65
C1 TLA LA . -2.57 19.88 -19.56
C2 TLA LA . -4.03 20.09 -19.25
O2 TLA LA . -4.25 19.61 -17.91
C3 TLA LA . -4.99 19.41 -20.25
O3 TLA LA . -4.57 18.09 -20.52
C4 TLA LA . -6.42 19.35 -19.76
O4 TLA LA . -6.87 20.27 -19.03
O41 TLA LA . -7.14 18.37 -20.07
H2 TLA LA . -4.22 21.17 -19.28
HA TLA LA . -4.09 18.65 -17.88
H3 TLA LA . -4.97 19.99 -21.19
HB TLA LA . -4.61 17.56 -19.71
C1 EDO MA . 15.84 16.17 -6.72
O1 EDO MA . 15.87 16.86 -5.47
C2 EDO MA . 16.08 14.72 -6.62
O2 EDO MA . 17.34 14.40 -6.06
H11 EDO MA . 16.54 16.54 -7.30
H12 EDO MA . 14.97 16.30 -7.13
HO1 EDO MA . 15.73 17.68 -5.60
H21 EDO MA . 16.04 14.32 -7.51
H22 EDO MA . 15.39 14.32 -6.05
HO2 EDO MA . 17.75 15.13 -5.88
C1 EDO NA . 20.87 10.39 -27.55
O1 EDO NA . 21.82 10.62 -28.56
C2 EDO NA . 19.97 9.23 -27.90
O2 EDO NA . 20.66 8.09 -28.33
H11 EDO NA . 20.33 11.19 -27.43
H12 EDO NA . 21.35 10.17 -26.71
HO1 EDO NA . 22.32 11.26 -28.34
H21 EDO NA . 19.38 9.51 -28.64
H22 EDO NA . 19.44 8.99 -27.12
HO2 EDO NA . 21.50 8.23 -28.31
C1 VKN OA . 4.63 -8.94 -34.74
C2 VKN OA . 4.02 -9.23 -36.11
C7 VKN OA . 4.56 -10.18 -33.84
C5 VKN OA . 3.15 -10.77 -33.77
C6 VKN OA . 3.02 -11.92 -32.78
O6 VKN OA . 3.96 -12.94 -33.11
C4 VKN OA . 2.69 -11.19 -35.17
O4 VKN OA . 1.38 -11.76 -35.11
C3 VKN OA . 2.68 -9.97 -36.07
O3 VKN OA . 2.38 -10.47 -37.38
O2 VKN OA . 4.95 -10.05 -36.84
O5 VKN OA . 5.48 -11.13 -34.38
H1 VKN OA . 5.58 -8.71 -34.86
H2 VKN OA . 3.89 -8.37 -36.58
H6 VKN OA . 4.83 -9.92 -32.92
H5 VKN OA . 2.54 -10.06 -33.46
H61 VKN OA . 2.11 -12.27 -32.80
H62 VKN OA . 3.21 -11.58 -31.87
HO6 VKN OA . 3.88 -13.57 -32.55
H4 VKN OA . 3.30 -11.88 -35.53
HO4 VKN OA . 0.85 -11.18 -34.79
H3 VKN OA . 2.00 -9.34 -35.76
HO3 VKN OA . 2.36 -9.83 -37.92
HO2 VKN OA . 4.57 -10.75 -37.09
HO5 VKN OA . 5.87 -11.50 -33.74
C1 EDO PA . -0.76 5.98 1.73
O1 EDO PA . 0.52 5.65 1.29
C2 EDO PA . -1.81 5.11 1.16
O2 EDO PA . -2.57 5.75 0.15
H11 EDO PA . -0.97 6.90 1.47
H12 EDO PA . -0.80 5.90 2.70
HO1 EDO PA . 1.08 6.17 1.64
H21 EDO PA . -2.43 4.83 1.87
H22 EDO PA . -1.39 4.32 0.76
HO2 EDO PA . -2.29 6.53 0.06
C1 EDO QA . 0.91 25.72 39.44
O1 EDO QA . 0.16 24.55 39.67
C2 EDO QA . 0.68 26.20 38.05
O2 EDO QA . -0.69 26.52 37.86
H11 EDO QA . 1.85 25.50 39.56
H12 EDO QA . 0.63 26.40 40.08
HO1 EDO QA . 0.29 24.27 40.46
H21 EDO QA . 0.93 25.50 37.42
H22 EDO QA . 1.22 27.00 37.91
HO2 EDO QA . -1.12 26.37 38.58
C1 EDO RA . 20.53 27.06 33.41
O1 EDO RA . 20.70 26.11 32.37
C2 EDO RA . 19.36 27.96 33.20
O2 EDO RA . 18.29 27.26 32.59
H11 EDO RA . 21.34 27.62 33.46
H12 EDO RA . 20.40 26.58 34.26
HO1 EDO RA . 21.38 25.62 32.54
H21 EDO RA . 19.63 28.70 32.62
H22 EDO RA . 19.06 28.30 34.06
HO2 EDO RA . 18.53 26.45 32.46
CL CL SA . 7.90 50.49 24.82
C1 EDO TA . 0.80 42.16 28.04
O1 EDO TA . 2.08 42.34 28.64
C2 EDO TA . 0.79 41.47 26.74
O2 EDO TA . 1.06 40.07 26.82
H11 EDO TA . 0.40 43.03 27.90
H12 EDO TA . 0.24 41.62 28.64
HO1 EDO TA . 2.00 42.73 29.38
H21 EDO TA . 1.49 41.87 26.16
H22 EDO TA . -0.08 41.58 26.32
HO2 EDO TA . 1.18 39.86 27.63
O1 TLA UA . 28.88 51.63 47.96
O11 TLA UA . 30.97 51.28 48.27
C1 TLA UA . 29.85 50.85 47.92
C2 TLA UA . 29.67 49.43 47.47
O2 TLA UA . 28.27 49.17 47.34
C3 TLA UA . 30.27 48.40 48.44
O3 TLA UA . 29.63 48.55 49.69
C4 TLA UA . 30.14 46.97 47.92
O4 TLA UA . 29.45 46.13 48.54
O41 TLA UA . 30.75 46.65 46.88
H2 TLA UA . 30.18 49.32 46.49
HA TLA UA . 27.85 49.25 48.20
H3 TLA UA . 31.34 48.62 48.58
HB TLA UA . 28.69 48.33 49.60
C1 EDO VA . -0.75 45.17 25.38
O1 EDO VA . -0.86 44.35 24.21
C2 EDO VA . -1.86 45.02 26.35
O2 EDO VA . -3.09 45.58 25.87
H11 EDO VA . -0.73 46.12 25.11
H12 EDO VA . 0.08 44.94 25.86
HO1 EDO VA . -0.19 44.49 23.71
H21 EDO VA . -1.62 45.46 27.19
H22 EDO VA . -2.01 44.06 26.51
HO2 EDO VA . -2.96 45.92 25.11
O1 TLA WA . -3.92 44.94 23.08
O11 TLA WA . -2.15 45.62 21.94
C1 TLA WA . -3.38 45.36 22.02
C2 TLA WA . -4.30 45.49 20.80
O2 TLA WA . -3.66 46.04 19.62
C3 TLA WA . -5.46 46.37 21.26
O3 TLA WA . -4.87 47.59 21.76
C4 TLA WA . -6.48 46.53 20.13
O4 TLA WA . -6.93 47.66 19.90
O41 TLA WA . -6.86 45.54 19.47
H2 TLA WA . -4.69 44.50 20.51
HA TLA WA . -3.31 46.91 19.82
H3 TLA WA . -5.96 45.89 22.12
HB TLA WA . -4.40 48.04 21.05
C1 EDO XA . 11.40 32.98 7.34
O1 EDO XA . 11.19 31.69 6.87
C2 EDO XA . 10.12 33.65 7.50
O2 EDO XA . 9.52 33.94 6.26
H11 EDO XA . 11.95 33.46 6.71
H12 EDO XA . 11.85 32.92 8.22
HO1 EDO XA . 11.93 31.29 6.78
H21 EDO XA . 10.26 34.49 7.98
H22 EDO XA . 9.50 33.07 8.00
HO2 EDO XA . 10.03 33.67 5.63
C1 VKN YA . 3.34 45.95 28.23
C2 VKN YA . 3.32 46.90 27.03
C7 VKN YA . 2.00 45.91 28.91
C5 VKN YA . 1.48 47.28 29.32
C6 VKN YA . 0.23 47.19 30.16
O6 VKN YA . -0.80 46.51 29.47
C4 VKN YA . 1.31 48.08 28.03
O4 VKN YA . 0.77 49.36 28.32
C3 VKN YA . 2.63 48.22 27.30
O3 VKN YA . 2.35 48.81 26.06
O2 VKN YA . 2.57 46.28 25.96
O5 VKN YA . 1.09 45.28 28.00
H1 VKN YA . 3.55 45.03 27.90
H2 VKN YA . 4.25 47.08 26.74
H6 VKN YA . 2.09 45.36 29.74
H5 VKN YA . 2.20 47.71 29.85
H61 VKN YA . -0.07 48.10 30.39
H62 VKN YA . 0.44 46.72 31.00
HO6 VKN YA . -1.49 46.47 29.96
H4 VKN YA . 0.65 47.61 27.44
HO4 VKN YA . 1.30 49.77 28.82
H3 VKN YA . 3.24 48.78 27.86
HO3 VKN YA . 3.06 48.91 25.63
HO2 VKN YA . 1.93 46.78 25.74
HO5 VKN YA . 0.85 44.54 28.33
C1 EDO ZA . -29.66 48.88 40.31
O1 EDO ZA . -29.21 47.62 39.96
C2 EDO ZA . -30.17 48.89 41.70
O2 EDO ZA . -29.11 48.83 42.62
H11 EDO ZA . -30.39 49.14 39.70
H12 EDO ZA . -28.93 49.53 40.24
HO1 EDO ZA . -28.91 47.64 39.16
H21 EDO ZA . -30.76 48.11 41.82
H22 EDO ZA . -30.68 49.71 41.84
HO2 EDO ZA . -28.37 48.80 42.21
C1 EDO AB . -46.32 63.46 57.07
O1 EDO AB . -45.31 63.51 58.08
C2 EDO AB . -47.25 64.62 57.10
O2 EDO AB . -47.65 64.96 58.42
H11 EDO AB . -46.85 62.64 57.20
H12 EDO AB . -45.89 63.43 56.19
HO1 EDO AB . -44.82 62.83 58.02
H21 EDO AB . -48.05 64.41 56.59
H22 EDO AB . -46.80 65.40 56.70
HO2 EDO AB . -47.27 64.43 58.97
CL CL BB . -47.64 48.67 18.26
O1 TLA CB . -68.07 62.99 39.60
O11 TLA CB . -67.40 60.89 39.73
C1 TLA CB . -67.15 62.13 39.68
C2 TLA CB . -65.73 62.66 39.75
O2 TLA CB . -64.76 61.58 39.68
C3 TLA CB . -65.54 63.40 41.06
O3 TLA CB . -65.83 62.46 42.11
C4 TLA CB . -64.13 63.92 41.17
O4 TLA CB . -63.43 63.49 42.09
O41 TLA CB . -63.67 64.73 40.34
H2 TLA CB . -65.57 63.36 38.93
HA TLA CB . -64.90 60.98 40.42
H3 TLA CB . -66.24 64.25 41.09
HB TLA CB . -65.23 61.71 42.06
C1 EDO DB . -39.20 41.95 21.55
O1 EDO DB . -38.79 40.78 20.81
C2 EDO DB . -39.49 43.13 20.72
O2 EDO DB . -38.36 43.73 20.11
H11 EDO DB . -38.49 42.19 22.18
H12 EDO DB . -40.02 41.72 22.04
HO1 EDO DB . -38.64 40.15 21.35
H21 EDO DB . -39.91 43.82 21.28
H22 EDO DB . -40.10 42.87 19.99
HO2 EDO DB . -37.66 43.30 20.33
O1 TLA EB . -36.69 38.32 14.41
O11 TLA EB . -34.76 39.05 15.22
C1 TLA EB . -36.01 38.90 15.30
C2 TLA EB . -36.70 39.52 16.50
O2 TLA EB . -38.11 39.32 16.45
C3 TLA EB . -36.41 41.01 16.49
O3 TLA EB . -36.79 41.51 15.20
C4 TLA EB . -37.18 41.69 17.60
O4 TLA EB . -38.02 42.60 17.33
O41 TLA EB . -36.94 41.33 18.76
H2 TLA EB . -36.26 39.08 17.42
HA TLA EB . -38.46 39.71 15.64
H3 TLA EB . -35.34 41.18 16.64
HB TLA EB . -37.74 41.37 15.06
C1 EDO FB . -37.57 45.57 23.53
O1 EDO FB . -36.77 46.46 24.28
C2 EDO FB . -38.73 44.98 24.28
O2 EDO FB . -39.67 45.88 24.87
H11 EDO FB . -37.02 44.83 23.22
H12 EDO FB . -37.95 46.06 22.77
HO1 EDO FB . -36.14 46.76 23.80
H21 EDO FB . -38.37 44.44 25.03
H22 EDO FB . -39.25 44.42 23.67
HO2 EDO FB . -39.44 46.68 24.71
C1 VKN GB . -43.20 45.73 22.95
C2 VKN GB . -43.45 45.57 21.45
C7 VKN GB . -42.76 44.42 23.59
C5 VKN GB . -43.71 43.27 23.24
C6 VKN GB . -43.35 41.97 23.95
O6 VKN GB . -42.04 41.51 23.63
C4 VKN GB . -43.83 43.10 21.74
O4 VKN GB . -44.76 42.06 21.39
C3 VKN GB . -44.31 44.38 21.11
O3 VKN GB . -44.40 44.21 19.70
O2 VKN GB . -42.22 45.48 20.73
O5 VKN GB . -41.43 44.18 23.13
H1 VKN GB . -42.49 46.40 23.10
H2 VKN GB . -43.89 46.40 21.12
H6 VKN GB . -42.75 44.54 24.58
H5 VKN GB . -44.59 43.50 23.63
H61 VKN GB . -43.99 41.28 23.71
H62 VKN GB . -43.41 42.10 24.92
HO6 VKN GB . -41.88 40.80 24.05
H4 VKN GB . -42.94 42.85 21.36
HO4 VKN GB . -45.52 42.27 21.71
H3 VKN GB . -45.23 44.57 21.43
HO3 VKN GB . -44.67 44.93 19.36
HO2 VKN GB . -42.21 44.79 20.26
HO5 VKN GB . -41.42 43.43 22.74
#